data_2B5L
#
_entry.id   2B5L
#
_cell.length_a   62.758
_cell.length_b   240.792
_cell.length_c   117.177
_cell.angle_alpha   90.00
_cell.angle_beta   101.787
_cell.angle_gamma   90.00
#
_symmetry.space_group_name_H-M   'P 1 21 1'
#
loop_
_entity.id
_entity.type
_entity.pdbx_description
1 polymer 'damage-specific DNA binding protein 1'
2 polymer 'Nonstructural protein V'
3 non-polymer 'ZINC ION'
#
loop_
_entity_poly.entity_id
_entity_poly.type
_entity_poly.pdbx_seq_one_letter_code
_entity_poly.pdbx_strand_id
1 'polypeptide(L)'
;MSYNYVVTAQKPTAVNGCVTGHFTSAEDLNLLIAKNTRLEIYVVTAEGLRPVKEVGMYGKIAVMELFRPKGESKDLLFIL
TAKYNACILEYKQSGESIDIITRAHGNVQDRIGRPSETGIIGIIDPECRMIGLRLYDGLFKVIPLDRDNKELKAFNIRLE
ELHVIDVKFLYGCQAPTICFVYQDPQGRHVKTYEVSLREKEFNKGPWKQENVEAEASMVIAVPEPFGGAIIIGQESITYH
NGDKYLAIAPPIIKQSTIVCHNRVDPNGSRYLLGDMEGRLFMLLLEKEEQMDGTVTLKDLRVELLGETSIAECLTYLDNG
VVFVGSRLGDSQLVKLNVDSNEQGSYVVAMETFTNLGPIVDMCVVDLERQGQGQLVTCSGAFKEGSLRIIRNGIGIHEHA
SIDLPGIKGLWPLRSDPNRETYDTLVLSFVGQTRVLMLNGEEVEETELMGFVDDQQTFFCGNVAHQQLIQITSASVRLVS
QEPKALVSEWKEPQAKNISVASCNSSQVVVAVGRALYYLQIHPQELRQISHTEMEHEVACLDITPLGDSNGLSPLCAIGL
WTDISARILKLPSFELLHKEMLGGEIIPRSILMTTFESSHYLLCALGDGALFYFGLNIETGLLSDRKKVTLGTQPTVLRT
FRSLSTTNVFACSDRPTVIYSSNHKLVFSNVNLKEVNYMCPLNSDGYPDSLALANNSTLTIGTIDEIQKLHIRTVPLYES
PRKICYQEVSQCFGVLSSRIEVQDTSGGTTALRPSASTQALSSSVSSSKLFSSSTAPHETSFGEEVEVHNLLIIDQHTFE
VLHAHQFLQNEYALSLVSCKLGKDPNTYFIVGTAMVYPEEAEPKQGRIVVFQYSDGKLQTVAEKEVKGAVYSMVEFNGKL
LASINSTVRLYEWTTEKDVRTECNHYNNIMALYLKTKGDFILVGDLMRSVLLLAYKPMEGNFEEIARDFNPNWMSAVEIL
DDDNFLGAENAFNLFVCQKDSAATTDEERQHLQEVGLFHLGEFVNVFCHGSLVMQNLGETSTPTQGSVLFGTVNGMIGLV
TSLSESWYNLLLDMQNRLNKVIKSVGKIEHSFWRSFHTERKTEPATGFIDGDLIESFLDISRPKMQEVVANLQYDDGSGM
KREATADDLIKVVEELTRIH
;
A,B
2 'polypeptide(L)'
;MDPTDLSFSPDEINKLIETGLNTVEYFTSQQVTGTSSLGKNTIPPGVTGLLTNAAEAKIQESTNHQKGSVGGGAKPKKPR
PKIAIVPADDKTVPGKPIPNPLLGLDSTPSTQTVLDLSGKTLPSGSYKGVKLAKFGKENLMTRFIEEPRENPIATSSPID
FKRGRDTGGFHRREYSIGWVGDEVKVTEWCNPSCSPITAAARRFECTCHQCPVTCSECERDT
;
C,D
#
# COMPACT_ATOMS: atom_id res chain seq x y z
N MET A 1 17.64 11.51 10.19
CA MET A 1 16.80 10.33 10.58
C MET A 1 15.28 10.60 10.59
N SER A 2 14.83 11.40 11.54
CA SER A 2 13.40 11.71 11.69
C SER A 2 13.04 13.13 11.27
N TYR A 3 11.86 13.29 10.65
CA TYR A 3 11.43 14.60 10.20
C TYR A 3 9.96 14.88 10.47
N ASN A 4 9.69 15.51 11.60
CA ASN A 4 8.32 15.82 11.95
C ASN A 4 8.01 17.30 12.08
N TYR A 5 6.73 17.64 11.95
CA TYR A 5 6.23 19.00 12.01
C TYR A 5 5.15 19.09 13.09
N VAL A 6 5.11 20.17 13.86
CA VAL A 6 4.09 20.32 14.91
C VAL A 6 3.39 21.67 14.90
N VAL A 7 2.08 21.70 14.67
CA VAL A 7 1.35 22.97 14.70
C VAL A 7 0.17 22.96 15.63
N THR A 8 -0.15 24.13 16.18
CA THR A 8 -1.27 24.30 17.06
C THR A 8 -2.54 24.44 16.23
N ALA A 9 -3.50 23.56 16.43
CA ALA A 9 -4.74 23.67 15.70
C ALA A 9 -5.71 24.52 16.55
N GLN A 10 -5.54 24.43 17.87
CA GLN A 10 -6.35 25.15 18.83
C GLN A 10 -5.50 25.62 19.99
N LYS A 11 -5.42 26.92 20.19
CA LYS A 11 -4.63 27.45 21.29
C LYS A 11 -5.25 27.08 22.63
N PRO A 12 -4.41 26.93 23.66
CA PRO A 12 -4.86 26.59 25.01
C PRO A 12 -6.00 27.52 25.42
N THR A 13 -7.05 26.94 25.98
CA THR A 13 -8.22 27.71 26.40
C THR A 13 -8.37 27.82 27.91
N ALA A 14 -7.68 26.95 28.63
CA ALA A 14 -7.75 26.93 30.07
C ALA A 14 -7.03 28.16 30.64
N VAL A 15 -7.63 28.79 31.65
CA VAL A 15 -7.04 29.97 32.27
C VAL A 15 -6.22 29.60 33.50
N ASN A 16 -4.92 29.84 33.41
CA ASN A 16 -3.96 29.53 34.46
C ASN A 16 -3.78 30.68 35.44
N GLY A 17 -4.13 31.89 34.99
CA GLY A 17 -3.94 33.03 35.88
C GLY A 17 -4.52 34.29 35.28
N CYS A 18 -4.90 35.22 36.15
CA CYS A 18 -5.47 36.45 35.69
C CYS A 18 -5.30 37.49 36.78
N VAL A 19 -4.60 38.57 36.45
CA VAL A 19 -4.36 39.63 37.40
C VAL A 19 -5.01 40.88 36.82
N THR A 20 -5.10 41.93 37.61
CA THR A 20 -5.71 43.16 37.13
C THR A 20 -4.95 44.41 37.58
N GLY A 21 -4.98 45.46 36.76
CA GLY A 21 -4.27 46.68 37.11
C GLY A 21 -4.21 47.73 36.01
N HIS A 22 -3.17 48.56 36.02
CA HIS A 22 -3.02 49.63 35.03
C HIS A 22 -1.72 49.48 34.25
N PHE A 23 -1.78 48.65 33.21
CA PHE A 23 -0.64 48.31 32.36
C PHE A 23 -0.56 49.10 31.05
N THR A 24 -1.69 49.30 30.41
CA THR A 24 -1.77 50.03 29.15
C THR A 24 -1.70 51.55 29.34
N SER A 25 -2.19 52.01 30.49
CA SER A 25 -2.20 53.42 30.84
C SER A 25 -2.60 53.56 32.31
N ALA A 26 -2.04 54.54 33.00
CA ALA A 26 -2.37 54.72 34.42
C ALA A 26 -3.86 54.99 34.63
N GLU A 27 -4.53 55.47 33.58
CA GLU A 27 -5.95 55.76 33.67
C GLU A 27 -6.77 54.73 32.92
N ASP A 28 -6.37 53.47 33.03
CA ASP A 28 -7.08 52.36 32.40
C ASP A 28 -7.08 51.16 33.32
N LEU A 29 -8.19 50.44 33.33
CA LEU A 29 -8.25 49.25 34.14
C LEU A 29 -7.99 48.11 33.15
N ASN A 30 -6.88 47.40 33.33
CA ASN A 30 -6.59 46.30 32.44
C ASN A 30 -6.83 44.97 33.13
N LEU A 31 -7.17 43.99 32.30
CA LEU A 31 -7.35 42.65 32.79
C LEU A 31 -6.35 41.80 32.00
N LEU A 32 -5.39 41.23 32.71
CA LEU A 32 -4.39 40.36 32.10
C LEU A 32 -4.75 38.91 32.41
N ILE A 33 -4.89 38.10 31.36
CA ILE A 33 -5.23 36.68 31.51
C ILE A 33 -4.13 35.81 30.98
N ALA A 34 -3.73 34.81 31.76
CA ALA A 34 -2.68 33.93 31.34
C ALA A 34 -3.28 32.60 30.90
N LYS A 35 -3.05 32.26 29.68
CA LYS A 35 -3.51 30.94 29.42
C LYS A 35 -2.35 30.03 29.93
N ASN A 36 -1.46 29.58 29.10
CA ASN A 36 -0.31 28.82 29.52
C ASN A 36 0.86 29.59 28.94
N THR A 37 0.93 29.55 27.62
CA THR A 37 1.94 30.29 26.89
C THR A 37 1.38 31.58 26.31
N ARG A 38 0.08 31.80 26.46
CA ARG A 38 -0.56 33.00 25.94
C ARG A 38 -0.81 34.03 27.02
N LEU A 39 -0.68 35.29 26.63
CA LEU A 39 -0.91 36.42 27.52
C LEU A 39 -1.92 37.30 26.84
N GLU A 40 -3.10 37.45 27.43
CA GLU A 40 -4.14 38.28 26.83
C GLU A 40 -4.28 39.55 27.68
N ILE A 41 -4.37 40.68 27.01
CA ILE A 41 -4.51 41.98 27.66
C ILE A 41 -5.84 42.61 27.24
N TYR A 42 -6.59 43.10 28.21
CA TYR A 42 -7.87 43.75 27.94
C TYR A 42 -7.98 45.08 28.69
N VAL A 43 -9.04 45.81 28.36
CA VAL A 43 -9.36 47.07 29.01
C VAL A 43 -10.78 46.89 29.49
N VAL A 44 -11.02 47.16 30.77
CA VAL A 44 -12.34 47.00 31.37
C VAL A 44 -13.19 48.26 31.13
N THR A 45 -14.43 48.07 30.68
CA THR A 45 -15.29 49.22 30.40
C THR A 45 -16.78 48.94 30.56
N ALA A 46 -17.58 49.72 29.85
CA ALA A 46 -19.03 49.58 29.88
C ALA A 46 -19.41 48.17 29.42
N GLU A 47 -19.20 47.89 28.14
CA GLU A 47 -19.50 46.57 27.59
C GLU A 47 -18.73 45.55 28.43
N GLY A 48 -17.59 45.99 28.94
CA GLY A 48 -16.78 45.10 29.75
C GLY A 48 -15.37 44.91 29.24
N LEU A 49 -15.18 43.89 28.42
CA LEU A 49 -13.86 43.59 27.88
C LEU A 49 -13.57 43.97 26.43
N ARG A 50 -12.55 44.80 26.27
CA ARG A 50 -12.11 45.26 24.95
C ARG A 50 -10.69 44.74 24.69
N PRO A 51 -10.58 43.73 23.81
CA PRO A 51 -9.31 43.10 23.44
C PRO A 51 -8.38 44.19 22.94
N VAL A 52 -7.19 44.26 23.52
CA VAL A 52 -6.20 45.25 23.13
C VAL A 52 -5.00 44.60 22.43
N LYS A 53 -4.35 43.64 23.10
CA LYS A 53 -3.20 42.96 22.53
C LYS A 53 -3.09 41.54 23.08
N GLU A 54 -2.71 40.59 22.22
CA GLU A 54 -2.52 39.21 22.64
C GLU A 54 -1.16 38.74 22.18
N VAL A 55 -0.41 38.08 23.03
CA VAL A 55 0.92 37.63 22.64
C VAL A 55 1.22 36.24 23.17
N GLY A 56 2.36 35.72 22.76
CA GLY A 56 2.78 34.41 23.21
C GLY A 56 4.13 34.56 23.88
N MET A 57 4.59 33.52 24.56
CA MET A 57 5.88 33.59 25.17
C MET A 57 6.47 32.26 24.85
N TYR A 58 7.79 32.16 24.93
CA TYR A 58 8.46 30.92 24.65
C TYR A 58 8.64 30.23 25.98
N GLY A 59 7.52 29.88 26.60
CA GLY A 59 7.52 29.23 27.89
C GLY A 59 6.18 29.31 28.59
N LYS A 60 6.01 28.50 29.64
CA LYS A 60 4.76 28.47 30.38
C LYS A 60 4.74 29.53 31.47
N ILE A 61 3.73 30.41 31.46
CA ILE A 61 3.62 31.44 32.47
C ILE A 61 3.29 30.84 33.85
N ALA A 62 4.20 31.00 34.80
CA ALA A 62 4.04 30.46 36.14
C ALA A 62 3.72 31.56 37.14
N VAL A 63 4.36 32.72 36.99
CA VAL A 63 4.09 33.86 37.85
C VAL A 63 3.76 35.04 36.95
N MET A 64 2.81 35.84 37.41
CA MET A 64 2.38 37.02 36.67
C MET A 64 1.80 38.07 37.63
N GLU A 65 2.58 39.12 37.89
CA GLU A 65 2.18 40.22 38.78
C GLU A 65 2.48 41.61 38.23
N LEU A 66 1.50 42.49 38.29
CA LEU A 66 1.71 43.86 37.87
C LEU A 66 2.25 44.59 39.10
N PHE A 67 3.07 45.62 38.91
CA PHE A 67 3.61 46.35 40.05
C PHE A 67 4.08 47.71 39.58
N ARG A 68 4.35 48.62 40.51
CA ARG A 68 4.78 49.94 40.09
C ARG A 68 5.93 50.56 40.86
N PRO A 69 7.14 50.56 40.27
CA PRO A 69 8.27 51.15 41.00
C PRO A 69 8.15 52.67 41.01
N LYS A 70 8.63 53.27 42.09
CA LYS A 70 8.57 54.72 42.22
C LYS A 70 9.24 55.34 40.99
N GLY A 71 8.53 56.23 40.31
CA GLY A 71 9.08 56.88 39.14
C GLY A 71 8.55 56.41 37.81
N GLU A 72 7.60 55.47 37.84
CA GLU A 72 7.02 54.95 36.60
C GLU A 72 5.64 55.55 36.38
N SER A 73 5.35 55.95 35.15
CA SER A 73 4.05 56.51 34.81
C SER A 73 2.92 55.50 35.01
N LYS A 74 3.14 54.28 34.52
CA LYS A 74 2.15 53.21 34.66
C LYS A 74 2.78 51.96 35.20
N ASP A 75 1.99 50.89 35.31
CA ASP A 75 2.49 49.62 35.85
C ASP A 75 3.42 48.82 34.93
N LEU A 76 4.23 47.98 35.55
CA LEU A 76 5.14 47.11 34.81
C LEU A 76 4.65 45.68 35.08
N LEU A 77 5.05 44.72 34.24
CA LEU A 77 4.60 43.34 34.40
C LEU A 77 5.70 42.35 34.69
N PHE A 78 5.49 41.51 35.70
CA PHE A 78 6.47 40.50 36.03
C PHE A 78 5.97 39.13 35.54
N ILE A 79 6.89 38.35 34.99
CA ILE A 79 6.54 37.04 34.49
C ILE A 79 7.67 36.06 34.69
N LEU A 80 7.35 34.91 35.26
CA LEU A 80 8.33 33.87 35.47
C LEU A 80 7.85 32.62 34.77
N THR A 81 8.71 32.08 33.92
CA THR A 81 8.38 30.89 33.19
C THR A 81 8.68 29.67 34.05
N ALA A 82 8.07 28.54 33.69
CA ALA A 82 8.28 27.29 34.38
C ALA A 82 9.73 26.80 34.17
N LYS A 83 10.37 27.27 33.10
CA LYS A 83 11.77 26.91 32.86
C LYS A 83 12.66 27.95 33.53
N TYR A 84 12.02 28.80 34.33
CA TYR A 84 12.66 29.84 35.12
C TYR A 84 13.17 31.05 34.41
N ASN A 85 12.57 31.36 33.27
CA ASN A 85 12.94 32.55 32.53
C ASN A 85 12.20 33.69 33.24
N ALA A 86 12.93 34.68 33.72
CA ALA A 86 12.31 35.82 34.42
C ALA A 86 12.36 37.11 33.63
N CYS A 87 11.37 37.96 33.82
CA CYS A 87 11.40 39.23 33.09
C CYS A 87 10.40 40.29 33.54
N ILE A 88 10.73 41.53 33.24
CA ILE A 88 9.91 42.70 33.56
C ILE A 88 9.53 43.33 32.23
N LEU A 89 8.22 43.40 31.99
CA LEU A 89 7.71 43.92 30.74
C LEU A 89 7.03 45.26 30.81
N GLU A 90 7.15 46.01 29.72
CA GLU A 90 6.54 47.32 29.62
C GLU A 90 5.67 47.37 28.38
N TYR A 91 4.46 47.91 28.55
CA TYR A 91 3.52 48.06 27.45
C TYR A 91 3.83 49.41 26.78
N LYS A 92 4.38 49.37 25.57
CA LYS A 92 4.74 50.59 24.86
C LYS A 92 4.02 50.70 23.52
N GLN A 93 3.20 51.74 23.36
CA GLN A 93 2.44 51.92 22.13
C GLN A 93 2.66 53.30 21.49
N SER A 94 3.20 53.30 20.28
CA SER A 94 3.43 54.55 19.55
C SER A 94 2.18 54.89 18.73
N GLY A 95 1.95 54.12 17.66
CA GLY A 95 0.77 54.36 16.83
C GLY A 95 -0.19 53.17 16.84
N GLU A 96 -0.64 52.76 15.67
CA GLU A 96 -1.51 51.60 15.57
C GLU A 96 -0.63 50.40 15.86
N SER A 97 0.64 50.68 16.14
CA SER A 97 1.61 49.65 16.47
C SER A 97 1.79 49.56 17.99
N ILE A 98 1.67 48.34 18.48
CA ILE A 98 1.80 48.07 19.91
C ILE A 98 2.90 47.06 20.13
N ASP A 99 3.70 47.30 21.15
CA ASP A 99 4.78 46.38 21.49
C ASP A 99 4.94 46.23 23.00
N ILE A 100 5.38 45.06 23.43
CA ILE A 100 5.62 44.83 24.84
C ILE A 100 7.13 44.71 24.94
N ILE A 101 7.77 45.80 25.33
CA ILE A 101 9.22 45.80 25.45
C ILE A 101 9.67 45.17 26.74
N THR A 102 10.94 44.82 26.80
CA THR A 102 11.52 44.19 27.98
C THR A 102 12.41 45.15 28.74
N ARG A 103 12.12 45.39 30.02
CA ARG A 103 12.93 46.31 30.82
C ARG A 103 14.05 45.56 31.51
N ALA A 104 13.84 44.27 31.74
CA ALA A 104 14.84 43.45 32.39
C ALA A 104 14.55 41.97 32.15
N HIS A 105 15.57 41.13 32.28
CA HIS A 105 15.36 39.71 32.09
C HIS A 105 16.57 38.88 32.50
N GLY A 106 16.29 37.63 32.85
CA GLY A 106 17.31 36.71 33.27
C GLY A 106 16.65 35.41 33.66
N ASN A 107 17.44 34.34 33.79
CA ASN A 107 16.93 33.03 34.18
C ASN A 107 17.39 32.81 35.62
N VAL A 108 16.42 32.77 36.53
CA VAL A 108 16.69 32.60 37.96
C VAL A 108 16.82 31.16 38.42
N GLN A 109 17.08 30.26 37.49
CA GLN A 109 17.24 28.86 37.85
C GLN A 109 18.44 28.67 38.76
N ASP A 110 18.36 27.63 39.60
CA ASP A 110 19.43 27.28 40.53
C ASP A 110 19.99 25.96 39.98
N ARG A 111 21.26 25.68 40.23
CA ARG A 111 21.84 24.45 39.72
C ARG A 111 21.20 23.26 40.44
N ILE A 112 21.16 23.33 41.75
CA ILE A 112 20.56 22.26 42.53
C ILE A 112 19.30 22.80 43.22
N GLY A 113 18.71 22.01 44.10
CA GLY A 113 17.52 22.50 44.76
C GLY A 113 16.28 21.72 44.41
N ARG A 114 15.51 21.39 45.43
CA ARG A 114 14.28 20.62 45.30
C ARG A 114 13.06 21.51 45.07
N PRO A 115 12.43 21.40 43.89
CA PRO A 115 11.25 22.18 43.54
C PRO A 115 10.22 21.87 44.61
N SER A 116 9.72 22.89 45.28
CA SER A 116 8.74 22.72 46.34
C SER A 116 7.39 22.24 45.86
N GLU A 117 6.65 21.53 46.73
CA GLU A 117 5.30 21.10 46.40
C GLU A 117 4.60 22.47 46.33
N THR A 118 3.30 22.53 46.20
CA THR A 118 2.65 23.84 46.12
C THR A 118 3.38 24.81 45.17
N GLY A 119 4.33 24.25 44.41
CA GLY A 119 5.12 24.98 43.41
C GLY A 119 5.72 26.37 43.59
N ILE A 120 5.95 26.99 42.43
CA ILE A 120 6.55 28.31 42.33
C ILE A 120 5.72 29.46 42.87
N ILE A 121 6.22 30.14 43.90
CA ILE A 121 5.49 31.28 44.43
C ILE A 121 6.29 32.51 44.04
N GLY A 122 5.64 33.51 43.46
CA GLY A 122 6.35 34.71 43.08
C GLY A 122 5.61 35.91 43.62
N ILE A 123 6.17 36.55 44.64
CA ILE A 123 5.53 37.71 45.24
C ILE A 123 6.36 38.96 45.09
N ILE A 124 5.69 40.11 45.10
CA ILE A 124 6.37 41.40 45.00
C ILE A 124 6.03 42.34 46.16
N ASP A 125 7.08 42.91 46.74
CA ASP A 125 6.97 43.84 47.85
C ASP A 125 6.08 45.05 47.54
N PRO A 126 5.30 45.50 48.53
CA PRO A 126 4.41 46.65 48.34
C PRO A 126 5.20 47.92 48.01
N GLU A 127 6.39 48.04 48.61
CA GLU A 127 7.26 49.20 48.39
C GLU A 127 7.97 49.08 47.05
N CYS A 128 7.90 47.90 46.44
CA CYS A 128 8.54 47.61 45.16
C CYS A 128 10.05 47.67 45.32
N ARG A 129 10.50 47.28 46.51
CA ARG A 129 11.91 47.26 46.81
C ARG A 129 12.55 45.97 46.34
N MET A 130 11.74 44.93 46.14
CA MET A 130 12.28 43.65 45.71
C MET A 130 11.22 42.65 45.29
N ILE A 131 11.69 41.57 44.67
CA ILE A 131 10.83 40.48 44.23
C ILE A 131 11.25 39.24 45.01
N GLY A 132 10.26 38.50 45.51
CA GLY A 132 10.56 37.29 46.25
C GLY A 132 10.15 36.07 45.48
N LEU A 133 10.99 35.05 45.49
CA LEU A 133 10.72 33.83 44.75
C LEU A 133 10.97 32.60 45.59
N ARG A 134 9.93 31.80 45.80
CA ARG A 134 10.11 30.58 46.54
C ARG A 134 10.08 29.55 45.44
N LEU A 135 11.27 29.15 45.00
CA LEU A 135 11.41 28.20 43.93
C LEU A 135 11.78 26.85 44.47
N TYR A 136 12.56 26.85 45.54
CA TYR A 136 12.99 25.61 46.14
C TYR A 136 12.85 25.63 47.65
N ASP A 137 12.76 24.44 48.24
CA ASP A 137 12.63 24.32 49.69
C ASP A 137 13.92 24.75 50.38
N GLY A 138 13.78 25.43 51.50
CA GLY A 138 14.94 25.89 52.25
C GLY A 138 15.57 27.13 51.67
N LEU A 139 15.12 27.55 50.49
CA LEU A 139 15.68 28.72 49.85
C LEU A 139 14.62 29.74 49.51
N PHE A 140 14.98 31.01 49.60
CA PHE A 140 14.09 32.10 49.24
C PHE A 140 14.97 32.99 48.38
N LYS A 141 14.61 33.14 47.10
CA LYS A 141 15.40 33.94 46.16
C LYS A 141 14.99 35.40 46.18
N VAL A 142 15.97 36.29 46.24
CA VAL A 142 15.69 37.73 46.26
C VAL A 142 16.29 38.45 45.07
N ILE A 143 15.51 39.37 44.50
CA ILE A 143 15.94 40.17 43.36
C ILE A 143 15.71 41.66 43.63
N PRO A 144 16.79 42.42 43.84
CA PRO A 144 16.72 43.87 44.11
C PRO A 144 16.06 44.61 42.95
N LEU A 145 15.52 45.80 43.20
CA LEU A 145 14.86 46.53 42.13
C LEU A 145 15.44 47.86 41.69
N ASP A 146 16.76 48.00 41.75
CA ASP A 146 17.41 49.23 41.30
C ASP A 146 17.29 49.26 39.79
N ARG A 147 16.95 50.42 39.23
CA ARG A 147 16.82 50.58 37.77
C ARG A 147 18.14 50.21 37.13
N ASP A 148 19.03 49.69 37.96
CA ASP A 148 20.38 49.27 37.57
C ASP A 148 20.42 47.78 37.25
N ASN A 149 19.77 47.00 38.11
CA ASN A 149 19.73 45.55 37.95
C ASN A 149 18.76 45.10 36.86
N LYS A 150 19.22 45.17 35.61
CA LYS A 150 18.40 44.79 34.47
C LYS A 150 18.63 43.32 34.07
N GLU A 151 19.74 42.75 34.52
CA GLU A 151 20.02 41.36 34.21
C GLU A 151 19.36 40.47 35.26
N LEU A 152 18.61 41.09 36.17
CA LEU A 152 17.91 40.40 37.25
C LEU A 152 18.84 39.58 38.13
N LYS A 153 19.88 40.22 38.64
CA LYS A 153 20.81 39.54 39.53
C LYS A 153 20.02 39.19 40.77
N ALA A 154 20.40 38.10 41.44
CA ALA A 154 19.67 37.70 42.64
C ALA A 154 20.51 36.85 43.59
N PHE A 155 20.15 36.91 44.87
CA PHE A 155 20.85 36.11 45.87
C PHE A 155 19.83 35.21 46.61
N ASN A 156 20.33 34.15 47.23
CA ASN A 156 19.50 33.17 47.95
C ASN A 156 19.66 33.22 49.46
N ILE A 157 18.66 33.74 50.16
CA ILE A 157 18.71 33.77 51.62
C ILE A 157 18.20 32.40 52.07
N ARG A 158 18.94 31.73 52.95
CA ARG A 158 18.51 30.43 53.41
C ARG A 158 17.26 30.50 54.29
N LEU A 159 16.44 29.45 54.23
CA LEU A 159 15.21 29.35 55.03
C LEU A 159 15.23 28.07 55.83
N GLU A 160 15.02 28.20 57.14
CA GLU A 160 15.01 27.06 58.04
C GLU A 160 13.85 26.13 57.67
N GLU A 161 12.64 26.69 57.68
CA GLU A 161 11.42 25.96 57.35
C GLU A 161 11.50 25.40 55.93
N LEU A 162 11.73 24.09 55.84
CA LEU A 162 11.86 23.38 54.56
C LEU A 162 10.56 23.00 53.87
N HIS A 163 9.43 23.50 54.37
CA HIS A 163 8.15 23.15 53.77
C HIS A 163 7.16 24.28 53.89
N VAL A 164 7.28 25.28 53.03
CA VAL A 164 6.36 26.39 53.09
C VAL A 164 5.12 26.13 52.27
N ILE A 165 3.98 26.58 52.78
CA ILE A 165 2.70 26.38 52.11
C ILE A 165 2.44 27.56 51.21
N ASP A 166 2.45 28.76 51.78
CA ASP A 166 2.21 29.99 51.03
C ASP A 166 3.01 31.15 51.62
N VAL A 167 3.13 32.23 50.85
CA VAL A 167 3.89 33.41 51.28
C VAL A 167 3.41 34.72 50.65
N LYS A 168 3.50 35.80 51.41
CA LYS A 168 3.09 37.11 50.94
C LYS A 168 3.90 38.16 51.69
N PHE A 169 3.99 39.36 51.12
CA PHE A 169 4.69 40.45 51.77
C PHE A 169 3.61 41.17 52.57
N LEU A 170 3.99 41.79 53.67
CA LEU A 170 3.02 42.50 54.49
C LEU A 170 3.07 43.98 54.19
N TYR A 171 2.02 44.68 54.57
CA TYR A 171 1.98 46.11 54.35
C TYR A 171 2.42 46.83 55.63
N GLY A 172 2.67 48.14 55.50
CA GLY A 172 3.08 48.95 56.62
C GLY A 172 4.28 48.38 57.36
N CYS A 173 5.38 48.19 56.64
CA CYS A 173 6.56 47.64 57.27
C CYS A 173 7.85 48.33 56.81
N GLN A 174 8.37 49.19 57.69
CA GLN A 174 9.59 49.95 57.44
C GLN A 174 10.61 49.06 56.74
N ALA A 175 10.53 47.77 57.07
CA ALA A 175 11.42 46.78 56.49
C ALA A 175 10.58 45.69 55.83
N PRO A 176 10.85 45.38 54.55
CA PRO A 176 10.08 44.34 53.86
C PRO A 176 10.04 43.05 54.69
N THR A 177 8.83 42.61 55.00
CA THR A 177 8.64 41.40 55.80
C THR A 177 7.72 40.36 55.16
N ILE A 178 8.21 39.12 55.21
CA ILE A 178 7.54 37.98 54.66
C ILE A 178 6.76 37.21 55.73
N CYS A 179 5.49 36.96 55.45
CA CYS A 179 4.60 36.26 56.37
C CYS A 179 4.09 34.99 55.69
N PHE A 180 4.57 33.84 56.12
CA PHE A 180 4.16 32.58 55.48
C PHE A 180 3.66 31.47 56.40
N VAL A 181 3.12 30.41 55.82
CA VAL A 181 2.64 29.27 56.58
C VAL A 181 3.55 28.07 56.31
N TYR A 182 3.94 27.34 57.35
CA TYR A 182 4.81 26.18 57.16
C TYR A 182 4.39 24.96 57.96
N GLN A 183 5.05 23.83 57.69
CA GLN A 183 4.73 22.58 58.38
C GLN A 183 5.90 21.70 58.72
N ASP A 184 6.20 21.59 60.01
CA ASP A 184 7.29 20.75 60.50
C ASP A 184 6.68 19.64 61.39
N PRO A 185 7.49 18.98 62.24
CA PRO A 185 6.91 17.93 63.09
C PRO A 185 5.77 18.40 63.98
N GLN A 186 5.92 19.57 64.59
CA GLN A 186 4.93 20.13 65.50
C GLN A 186 3.59 20.56 64.86
N GLY A 187 3.52 20.54 63.53
CA GLY A 187 2.29 20.93 62.86
C GLY A 187 2.47 22.11 61.92
N ARG A 188 1.42 22.91 61.73
CA ARG A 188 1.50 24.08 60.87
C ARG A 188 1.45 25.35 61.67
N HIS A 189 2.37 26.26 61.37
CA HIS A 189 2.46 27.53 62.08
C HIS A 189 2.55 28.64 61.06
N VAL A 190 2.87 29.83 61.53
CA VAL A 190 3.00 30.96 60.63
C VAL A 190 3.87 32.03 61.27
N LYS A 191 5.06 32.23 60.73
CA LYS A 191 5.97 33.24 61.26
C LYS A 191 6.27 34.33 60.26
N THR A 192 7.24 35.16 60.62
CA THR A 192 7.65 36.26 59.78
C THR A 192 9.16 36.50 59.86
N TYR A 193 9.65 37.26 58.89
CA TYR A 193 11.05 37.62 58.78
C TYR A 193 11.11 38.96 58.06
N GLU A 194 12.21 39.66 58.22
CA GLU A 194 12.40 40.93 57.54
C GLU A 194 13.43 40.60 56.47
N VAL A 195 13.40 41.29 55.34
CA VAL A 195 14.39 41.02 54.29
C VAL A 195 15.28 42.24 54.07
N SER A 196 16.54 42.15 54.46
CA SER A 196 17.46 43.28 54.29
C SER A 196 18.28 43.20 53.00
N LEU A 197 18.01 44.11 52.05
CA LEU A 197 18.76 44.11 50.80
C LEU A 197 20.23 44.41 51.09
N ARG A 198 20.46 45.25 52.09
CA ARG A 198 21.80 45.65 52.48
C ARG A 198 22.63 44.46 52.95
N GLU A 199 22.30 43.96 54.14
CA GLU A 199 23.02 42.83 54.70
C GLU A 199 22.83 41.54 53.92
N LYS A 200 21.70 41.44 53.22
CA LYS A 200 21.35 40.26 52.42
C LYS A 200 21.09 39.02 53.27
N GLU A 201 20.37 39.21 54.37
CA GLU A 201 20.01 38.13 55.27
C GLU A 201 18.59 38.38 55.72
N PHE A 202 18.07 37.47 56.55
CA PHE A 202 16.72 37.47 57.11
C PHE A 202 16.84 37.43 58.63
N ASN A 203 16.46 38.47 59.33
CA ASN A 203 16.59 38.52 60.80
C ASN A 203 15.61 37.67 61.62
N LYS A 204 14.58 38.39 62.06
CA LYS A 204 13.49 37.94 62.88
C LYS A 204 12.41 38.95 62.70
N GLY A 205 11.12 38.58 62.60
CA GLY A 205 10.09 39.58 62.30
C GLY A 205 9.12 39.91 63.44
N PRO A 206 8.28 40.94 63.18
CA PRO A 206 7.24 41.49 64.04
C PRO A 206 6.46 40.47 64.87
N TRP A 207 5.74 39.57 64.22
CA TRP A 207 4.96 38.59 64.97
C TRP A 207 5.10 37.13 64.58
N LYS A 208 4.62 36.27 65.47
CA LYS A 208 4.66 34.83 65.28
C LYS A 208 3.40 34.20 65.89
N GLN A 209 2.95 33.10 65.31
CA GLN A 209 1.77 32.43 65.80
C GLN A 209 1.83 30.98 65.43
N GLU A 210 2.17 30.14 66.39
CA GLU A 210 2.26 28.71 66.14
C GLU A 210 0.91 28.01 66.21
N ASN A 211 0.84 26.89 65.49
CA ASN A 211 -0.34 26.05 65.42
C ASN A 211 -1.66 26.66 64.98
N VAL A 212 -1.75 26.98 63.70
CA VAL A 212 -2.97 27.52 63.11
C VAL A 212 -3.63 26.22 62.68
N GLU A 213 -4.77 26.29 62.01
CA GLU A 213 -5.44 25.07 61.59
C GLU A 213 -4.49 24.15 60.84
N ALA A 214 -4.73 22.85 60.93
CA ALA A 214 -3.88 21.88 60.27
C ALA A 214 -4.03 21.95 58.73
N GLU A 215 -5.09 22.59 58.26
CA GLU A 215 -5.32 22.72 56.83
C GLU A 215 -5.15 24.16 56.35
N ALA A 216 -4.41 24.95 57.12
CA ALA A 216 -4.14 26.33 56.75
C ALA A 216 -3.42 26.25 55.40
N SER A 217 -3.98 26.88 54.37
CA SER A 217 -3.36 26.83 53.05
C SER A 217 -3.10 28.16 52.34
N MET A 218 -3.86 29.21 52.67
CA MET A 218 -3.67 30.51 52.02
C MET A 218 -3.29 31.62 52.96
N VAL A 219 -2.52 32.56 52.44
CA VAL A 219 -2.09 33.70 53.22
C VAL A 219 -2.53 34.96 52.49
N ILE A 220 -2.86 35.99 53.23
CA ILE A 220 -3.30 37.21 52.59
C ILE A 220 -2.85 38.45 53.34
N ALA A 221 -2.11 39.29 52.66
CA ALA A 221 -1.67 40.50 53.31
C ALA A 221 -2.80 41.51 53.14
N VAL A 222 -3.29 42.03 54.26
CA VAL A 222 -4.35 43.03 54.24
C VAL A 222 -3.63 44.39 54.17
N PRO A 223 -4.10 45.28 53.29
CA PRO A 223 -3.55 46.63 53.05
C PRO A 223 -3.49 47.62 54.21
N GLU A 224 -2.71 48.68 53.98
CA GLU A 224 -2.48 49.78 54.93
C GLU A 224 -3.44 49.97 56.10
N PRO A 225 -4.73 50.22 55.80
CA PRO A 225 -5.70 50.41 56.90
C PRO A 225 -5.51 49.44 58.08
N PHE A 226 -5.73 48.16 57.83
CA PHE A 226 -5.62 47.14 58.87
C PHE A 226 -4.20 46.58 59.07
N GLY A 227 -3.51 46.29 57.97
CA GLY A 227 -2.18 45.72 58.06
C GLY A 227 -2.34 44.26 58.47
N GLY A 228 -1.25 43.50 58.59
CA GLY A 228 -1.39 42.11 58.99
C GLY A 228 -1.90 41.14 57.93
N ALA A 229 -2.10 39.88 58.33
CA ALA A 229 -2.55 38.87 57.38
C ALA A 229 -3.76 38.03 57.78
N ILE A 230 -4.28 37.30 56.80
CA ILE A 230 -5.43 36.43 56.98
C ILE A 230 -5.05 35.03 56.53
N ILE A 231 -5.59 34.04 57.23
CA ILE A 231 -5.27 32.65 56.92
C ILE A 231 -6.51 31.83 56.69
N ILE A 232 -6.67 31.36 55.44
CA ILE A 232 -7.81 30.54 55.08
C ILE A 232 -7.48 29.06 55.26
N GLY A 233 -8.45 28.28 55.74
CA GLY A 233 -8.24 26.86 55.94
C GLY A 233 -9.51 26.08 55.69
N GLN A 234 -9.65 24.95 56.36
CA GLN A 234 -10.85 24.12 56.24
C GLN A 234 -11.65 24.40 57.51
N GLU A 235 -12.59 25.34 57.42
CA GLU A 235 -13.44 25.73 58.55
C GLU A 235 -12.74 26.79 59.41
N SER A 236 -11.47 27.04 59.12
CA SER A 236 -10.72 28.00 59.90
C SER A 236 -10.18 29.21 59.12
N ILE A 237 -10.75 30.37 59.37
CA ILE A 237 -10.30 31.61 58.76
C ILE A 237 -9.93 32.51 59.93
N THR A 238 -8.66 32.90 60.01
CA THR A 238 -8.21 33.71 61.12
C THR A 238 -7.44 34.96 60.71
N TYR A 239 -7.42 35.97 61.58
CA TYR A 239 -6.70 37.22 61.32
C TYR A 239 -5.51 37.27 62.26
N HIS A 240 -4.40 37.85 61.81
CA HIS A 240 -3.20 37.93 62.65
C HIS A 240 -2.44 39.23 62.47
N ASN A 241 -2.52 40.12 63.45
CA ASN A 241 -1.81 41.37 63.32
C ASN A 241 -0.89 41.58 64.52
N GLY A 242 0.04 40.67 64.71
CA GLY A 242 0.96 40.77 65.82
C GLY A 242 0.28 40.50 67.15
N ASP A 243 -0.41 41.51 67.67
CA ASP A 243 -1.10 41.38 68.94
C ASP A 243 -2.56 41.03 68.74
N LYS A 244 -3.11 41.40 67.59
CA LYS A 244 -4.50 41.11 67.30
C LYS A 244 -4.63 39.66 66.86
N TYR A 245 -5.84 39.12 67.00
CA TYR A 245 -6.12 37.74 66.62
C TYR A 245 -7.62 37.50 66.67
N LEU A 246 -8.21 37.19 65.53
CA LEU A 246 -9.63 36.91 65.44
C LEU A 246 -9.74 35.51 64.86
N ALA A 247 -10.93 34.92 64.87
CA ALA A 247 -11.07 33.57 64.36
C ALA A 247 -12.50 33.04 64.26
N ILE A 248 -13.06 33.03 63.05
CA ILE A 248 -14.40 32.52 62.82
C ILE A 248 -14.26 31.10 62.27
N ALA A 249 -15.36 30.38 62.19
CA ALA A 249 -15.35 29.01 61.67
C ALA A 249 -16.65 28.67 60.95
N PRO A 250 -17.06 29.51 59.99
CA PRO A 250 -18.31 29.29 59.24
C PRO A 250 -18.46 27.86 58.75
N PRO A 251 -19.54 27.19 59.16
CA PRO A 251 -19.73 25.82 58.70
C PRO A 251 -19.91 25.77 57.19
N ILE A 252 -20.23 26.92 56.60
CA ILE A 252 -20.44 27.01 55.15
C ILE A 252 -19.21 26.55 54.36
N ILE A 253 -18.02 26.70 54.95
CA ILE A 253 -16.80 26.27 54.29
C ILE A 253 -16.83 24.76 54.29
N LYS A 254 -16.53 24.18 55.44
CA LYS A 254 -16.50 22.74 55.68
C LYS A 254 -16.59 21.80 54.47
N GLN A 255 -17.64 21.98 53.66
CA GLN A 255 -17.90 21.17 52.48
C GLN A 255 -16.77 21.04 51.47
N SER A 256 -16.29 22.18 50.95
CA SER A 256 -15.24 22.17 49.96
C SER A 256 -14.12 23.12 50.37
N THR A 257 -12.94 22.94 49.76
CA THR A 257 -11.78 23.77 50.07
C THR A 257 -11.72 25.08 49.30
N ILE A 258 -11.38 26.16 50.00
CA ILE A 258 -11.26 27.47 49.39
C ILE A 258 -9.88 27.58 48.74
N VAL A 259 -9.88 27.61 47.41
CA VAL A 259 -8.64 27.63 46.66
C VAL A 259 -8.12 28.97 46.12
N CYS A 260 -9.00 29.90 45.78
CA CYS A 260 -8.54 31.19 45.28
C CYS A 260 -9.24 32.36 45.96
N HIS A 261 -8.63 33.54 45.88
CA HIS A 261 -9.20 34.72 46.51
C HIS A 261 -8.79 36.00 45.81
N ASN A 262 -9.54 37.09 46.05
CA ASN A 262 -9.26 38.38 45.45
C ASN A 262 -9.79 39.57 46.25
N ARG A 263 -8.94 40.56 46.43
CA ARG A 263 -9.31 41.77 47.16
C ARG A 263 -10.26 42.61 46.32
N VAL A 264 -11.45 42.89 46.85
CA VAL A 264 -12.44 43.69 46.15
C VAL A 264 -12.25 45.19 46.41
N ASP A 265 -11.95 45.54 47.65
CA ASP A 265 -11.75 46.93 48.01
C ASP A 265 -10.25 47.13 48.20
N PRO A 266 -9.71 48.23 47.67
CA PRO A 266 -8.28 48.55 47.76
C PRO A 266 -7.72 48.60 49.18
N ASN A 267 -8.62 48.54 50.16
CA ASN A 267 -8.23 48.65 51.56
C ASN A 267 -8.42 47.42 52.44
N GLY A 268 -9.08 46.40 51.92
CA GLY A 268 -9.30 45.18 52.70
C GLY A 268 -10.78 44.84 52.68
N SER A 269 -11.52 45.46 53.59
CA SER A 269 -12.97 45.30 53.72
C SER A 269 -13.60 44.07 53.09
N ARG A 270 -13.54 43.96 51.77
CA ARG A 270 -14.13 42.82 51.07
C ARG A 270 -13.14 42.02 50.21
N TYR A 271 -13.30 40.70 50.25
CA TYR A 271 -12.48 39.78 49.48
C TYR A 271 -13.36 38.67 48.92
N LEU A 272 -13.01 38.16 47.74
CA LEU A 272 -13.78 37.08 47.15
C LEU A 272 -13.09 35.77 47.48
N LEU A 273 -13.88 34.73 47.70
CA LEU A 273 -13.32 33.42 48.00
C LEU A 273 -13.82 32.41 46.99
N GLY A 274 -12.94 31.48 46.60
CA GLY A 274 -13.30 30.47 45.63
C GLY A 274 -13.32 29.06 46.19
N ASP A 275 -14.47 28.43 46.02
CA ASP A 275 -14.68 27.08 46.50
C ASP A 275 -14.16 26.09 45.45
N MET A 276 -13.92 24.86 45.86
CA MET A 276 -13.42 23.84 44.94
C MET A 276 -14.59 23.20 44.20
N GLU A 277 -15.80 23.61 44.56
CA GLU A 277 -16.99 23.07 43.93
C GLU A 277 -17.74 24.16 43.17
N GLY A 278 -17.17 25.36 43.20
CA GLY A 278 -17.76 26.47 42.48
C GLY A 278 -18.51 27.49 43.29
N ARG A 279 -18.43 27.40 44.61
CA ARG A 279 -19.12 28.35 45.45
C ARG A 279 -18.34 29.63 45.46
N LEU A 280 -19.05 30.75 45.37
CA LEU A 280 -18.39 32.04 45.43
C LEU A 280 -18.75 32.62 46.80
N PHE A 281 -17.75 33.03 47.57
CA PHE A 281 -17.99 33.61 48.89
C PHE A 281 -17.56 35.06 48.94
N MET A 282 -17.81 35.70 50.08
CA MET A 282 -17.43 37.08 50.30
C MET A 282 -16.90 37.16 51.71
N LEU A 283 -15.69 37.66 51.86
CA LEU A 283 -15.10 37.80 53.17
C LEU A 283 -15.13 39.29 53.48
N LEU A 284 -15.73 39.65 54.61
CA LEU A 284 -15.83 41.05 55.01
C LEU A 284 -15.06 41.27 56.29
N LEU A 285 -14.52 42.48 56.43
CA LEU A 285 -13.78 42.87 57.61
C LEU A 285 -14.42 44.12 58.19
N GLU A 286 -14.95 43.99 59.41
CA GLU A 286 -15.59 45.09 60.14
C GLU A 286 -14.54 46.01 60.75
N LYS A 287 -14.47 47.24 60.27
CA LYS A 287 -13.51 48.22 60.76
C LYS A 287 -14.11 49.00 61.93
N GLU A 288 -13.36 49.08 63.03
CA GLU A 288 -13.82 49.77 64.23
C GLU A 288 -13.08 51.10 64.37
N GLU A 289 -13.78 52.20 64.07
CA GLU A 289 -13.23 53.55 64.26
C GLU A 289 -13.11 53.70 65.74
N GLN A 290 -11.92 53.59 66.28
CA GLN A 290 -11.86 53.78 67.68
C GLN A 290 -12.74 55.05 67.84
N MET A 291 -12.25 56.14 68.40
CA MET A 291 -13.06 57.34 68.55
C MET A 291 -12.13 58.38 68.07
N ASP A 292 -10.94 58.33 68.67
CA ASP A 292 -9.84 59.21 68.40
C ASP A 292 -8.52 58.46 68.21
N GLY A 293 -8.06 58.37 66.96
CA GLY A 293 -6.81 57.71 66.65
C GLY A 293 -6.93 56.23 66.24
N THR A 294 -6.27 55.91 65.12
CA THR A 294 -6.24 54.55 64.57
C THR A 294 -7.59 53.86 64.39
N VAL A 295 -7.56 52.70 63.75
CA VAL A 295 -8.75 51.90 63.48
C VAL A 295 -8.39 50.42 63.55
N THR A 296 -9.16 49.66 64.32
CA THR A 296 -8.92 48.24 64.49
C THR A 296 -9.86 47.39 63.64
N LEU A 297 -9.70 46.07 63.74
CA LEU A 297 -10.55 45.13 63.01
C LEU A 297 -11.46 44.47 64.04
N LYS A 298 -12.71 44.89 64.08
CA LYS A 298 -13.67 44.36 65.03
C LYS A 298 -14.02 42.91 64.76
N ASP A 299 -14.54 42.65 63.56
CA ASP A 299 -14.93 41.29 63.22
C ASP A 299 -14.90 41.02 61.71
N LEU A 300 -15.14 39.75 61.36
CA LEU A 300 -15.17 39.31 59.97
C LEU A 300 -16.14 38.15 59.78
N ARG A 301 -16.88 38.15 58.68
CA ARG A 301 -17.83 37.08 58.40
C ARG A 301 -17.75 36.63 56.96
N VAL A 302 -18.31 35.46 56.69
CA VAL A 302 -18.33 34.88 55.36
C VAL A 302 -19.77 34.84 54.87
N GLU A 303 -19.97 35.16 53.60
CA GLU A 303 -21.31 35.14 53.03
C GLU A 303 -21.29 34.51 51.65
N LEU A 304 -22.05 33.43 51.49
CA LEU A 304 -22.14 32.75 50.21
C LEU A 304 -22.76 33.72 49.23
N LEU A 305 -22.28 33.73 47.99
CA LEU A 305 -22.81 34.62 46.98
C LEU A 305 -23.55 33.84 45.92
N GLY A 306 -22.95 32.73 45.48
CA GLY A 306 -23.57 31.92 44.44
C GLY A 306 -22.65 30.87 43.85
N GLU A 307 -23.00 30.41 42.65
CA GLU A 307 -22.22 29.37 41.97
C GLU A 307 -21.63 29.86 40.64
N THR A 308 -20.38 29.48 40.41
CA THR A 308 -19.71 29.85 39.18
C THR A 308 -19.07 28.58 38.67
N SER A 309 -18.20 28.71 37.66
CA SER A 309 -17.48 27.56 37.14
C SER A 309 -16.40 27.34 38.19
N ILE A 310 -15.90 26.12 38.29
CA ILE A 310 -14.86 25.87 39.26
C ILE A 310 -13.75 26.86 38.94
N ALA A 311 -13.51 27.78 39.86
CA ALA A 311 -12.51 28.81 39.64
C ALA A 311 -11.07 28.45 40.00
N GLU A 312 -10.16 29.00 39.21
CA GLU A 312 -8.73 28.82 39.41
C GLU A 312 -8.27 30.22 39.76
N CYS A 313 -8.70 31.15 38.92
CA CYS A 313 -8.39 32.55 39.07
C CYS A 313 -9.71 33.28 39.35
N LEU A 314 -9.63 34.36 40.10
CA LEU A 314 -10.79 35.18 40.44
C LEU A 314 -10.38 36.65 40.44
N THR A 315 -10.99 37.49 39.60
CA THR A 315 -10.65 38.91 39.58
C THR A 315 -11.83 39.90 39.56
N TYR A 316 -11.90 40.76 40.55
CA TYR A 316 -12.96 41.76 40.61
C TYR A 316 -12.60 42.89 39.65
N LEU A 317 -13.54 43.30 38.81
CA LEU A 317 -13.25 44.36 37.85
C LEU A 317 -13.75 45.73 38.34
N ASP A 318 -15.05 45.95 38.24
CA ASP A 318 -15.65 47.21 38.66
C ASP A 318 -17.15 47.03 38.66
N ASN A 319 -17.86 48.06 39.07
CA ASN A 319 -19.32 48.03 39.06
C ASN A 319 -19.88 46.62 39.32
N GLY A 320 -19.31 45.92 40.30
CA GLY A 320 -19.76 44.58 40.66
C GLY A 320 -19.56 43.47 39.64
N VAL A 321 -18.55 43.62 38.80
CA VAL A 321 -18.27 42.60 37.81
C VAL A 321 -17.03 41.81 38.19
N VAL A 322 -17.08 40.50 37.95
CA VAL A 322 -15.97 39.65 38.28
C VAL A 322 -15.69 38.71 37.14
N PHE A 323 -14.40 38.45 36.92
CA PHE A 323 -13.94 37.53 35.89
C PHE A 323 -13.54 36.24 36.56
N VAL A 324 -14.17 35.14 36.17
CA VAL A 324 -13.86 33.85 36.75
C VAL A 324 -12.99 33.04 35.81
N GLY A 325 -11.73 32.87 36.20
CA GLY A 325 -10.82 32.10 35.38
C GLY A 325 -10.90 30.64 35.74
N SER A 326 -11.30 29.82 34.78
CA SER A 326 -11.43 28.39 35.03
C SER A 326 -10.40 27.52 34.31
N ARG A 327 -10.12 26.38 34.89
CA ARG A 327 -9.18 25.44 34.33
C ARG A 327 -9.93 24.14 33.96
N LEU A 328 -10.97 23.82 34.72
CA LEU A 328 -11.76 22.62 34.50
C LEU A 328 -13.04 22.85 33.71
N GLY A 329 -13.40 24.12 33.54
CA GLY A 329 -14.61 24.44 32.79
C GLY A 329 -14.48 25.80 32.12
N ASP A 330 -15.54 26.25 31.47
CA ASP A 330 -15.49 27.54 30.80
C ASP A 330 -15.20 28.62 31.82
N SER A 331 -14.57 29.70 31.37
CA SER A 331 -14.30 30.82 32.25
C SER A 331 -15.50 31.74 32.06
N GLN A 332 -15.66 32.72 32.94
CA GLN A 332 -16.82 33.58 32.78
C GLN A 332 -16.71 34.97 33.35
N LEU A 333 -17.66 35.80 32.94
CA LEU A 333 -17.74 37.17 33.41
C LEU A 333 -19.04 37.14 34.19
N VAL A 334 -18.96 37.54 35.46
CA VAL A 334 -20.12 37.50 36.33
C VAL A 334 -20.45 38.82 37.03
N LYS A 335 -21.73 39.06 37.24
CA LYS A 335 -22.19 40.27 37.91
C LYS A 335 -22.67 39.93 39.30
N LEU A 336 -22.20 40.70 40.29
CA LEU A 336 -22.60 40.52 41.67
C LEU A 336 -23.70 41.53 41.98
N ASN A 337 -24.93 41.03 42.10
CA ASN A 337 -26.08 41.87 42.41
C ASN A 337 -26.22 42.03 43.91
N VAL A 338 -26.74 43.18 44.32
CA VAL A 338 -26.96 43.50 45.73
C VAL A 338 -28.01 42.58 46.35
N ASP A 339 -29.10 42.37 45.62
CA ASP A 339 -30.19 41.53 46.08
C ASP A 339 -30.14 40.11 45.50
N SER A 340 -30.19 39.13 46.40
CA SER A 340 -30.17 37.73 46.01
C SER A 340 -31.54 37.30 45.50
N ASN A 341 -31.67 37.19 44.19
CA ASN A 341 -32.91 36.79 43.52
C ASN A 341 -33.47 35.45 44.02
N GLU A 342 -34.15 34.76 43.10
CA GLU A 342 -34.73 33.45 43.34
C GLU A 342 -33.66 32.46 43.78
N GLN A 343 -34.05 31.53 44.64
CA GLN A 343 -33.15 30.50 45.17
C GLN A 343 -32.12 31.09 46.12
N GLY A 344 -31.80 32.36 45.93
CA GLY A 344 -30.83 33.02 46.79
C GLY A 344 -29.44 33.08 46.18
N SER A 345 -29.27 33.96 45.20
CA SER A 345 -27.97 34.11 44.55
C SER A 345 -27.75 35.54 44.07
N TYR A 346 -26.64 36.12 44.47
CA TYR A 346 -26.32 37.47 44.03
C TYR A 346 -25.56 37.37 42.72
N VAL A 347 -25.17 36.14 42.37
CA VAL A 347 -24.40 35.86 41.16
C VAL A 347 -25.18 35.56 39.90
N VAL A 348 -24.99 36.40 38.89
CA VAL A 348 -25.64 36.21 37.60
C VAL A 348 -24.60 36.33 36.50
N ALA A 349 -24.40 35.24 35.77
CA ALA A 349 -23.42 35.18 34.69
C ALA A 349 -23.77 36.08 33.53
N MET A 350 -22.75 36.71 32.97
CA MET A 350 -22.90 37.60 31.83
C MET A 350 -22.41 36.90 30.56
N GLU A 351 -21.11 36.70 30.46
CA GLU A 351 -20.50 36.02 29.32
C GLU A 351 -19.83 34.70 29.71
N THR A 352 -19.90 33.73 28.80
CA THR A 352 -19.31 32.42 28.99
C THR A 352 -18.20 32.22 27.95
N PHE A 353 -17.01 31.84 28.42
CA PHE A 353 -15.86 31.65 27.53
C PHE A 353 -15.46 30.20 27.38
N THR A 354 -15.70 29.65 26.21
CA THR A 354 -15.34 28.28 25.94
C THR A 354 -14.00 27.80 26.47
N ASN A 355 -14.00 26.60 27.04
CA ASN A 355 -12.79 25.96 27.53
C ASN A 355 -12.88 24.47 27.21
N LEU A 356 -12.01 23.98 26.35
CA LEU A 356 -12.02 22.57 25.97
C LEU A 356 -11.24 21.73 26.97
N GLY A 357 -10.50 22.38 27.86
CA GLY A 357 -9.71 21.64 28.82
C GLY A 357 -10.33 21.40 30.18
N PRO A 358 -9.96 20.29 30.82
CA PRO A 358 -9.00 19.37 30.22
C PRO A 358 -9.64 18.46 29.20
N ILE A 359 -8.84 18.00 28.25
CA ILE A 359 -9.29 17.08 27.24
C ILE A 359 -8.68 15.76 27.64
N VAL A 360 -9.53 14.84 28.08
CA VAL A 360 -9.11 13.56 28.56
C VAL A 360 -9.13 12.47 27.51
N ASP A 361 -9.87 12.71 26.44
CA ASP A 361 -9.95 11.72 25.38
C ASP A 361 -10.70 12.32 24.21
N MET A 362 -10.56 11.72 23.04
CA MET A 362 -11.27 12.23 21.87
C MET A 362 -11.29 11.23 20.72
N CYS A 363 -12.11 11.49 19.73
CA CYS A 363 -12.17 10.64 18.56
C CYS A 363 -12.54 11.46 17.33
N VAL A 364 -12.03 11.06 16.17
CA VAL A 364 -12.39 11.82 14.99
C VAL A 364 -13.57 11.09 14.41
N VAL A 365 -14.49 11.83 13.84
CA VAL A 365 -15.68 11.23 13.29
C VAL A 365 -16.24 12.11 12.20
N ASP A 366 -16.73 11.48 11.15
CA ASP A 366 -17.33 12.23 10.06
C ASP A 366 -18.84 12.28 10.30
N LEU A 367 -19.23 12.95 11.39
CA LEU A 367 -20.64 13.07 11.76
C LEU A 367 -21.53 13.38 10.58
N GLU A 368 -21.55 14.64 10.16
CA GLU A 368 -22.37 15.11 9.03
C GLU A 368 -22.34 14.20 7.79
N ARG A 369 -21.35 13.32 7.74
CA ARG A 369 -21.18 12.32 6.67
C ARG A 369 -20.77 12.88 5.28
N GLN A 370 -19.45 13.09 5.10
CA GLN A 370 -18.82 13.50 3.84
C GLN A 370 -17.45 14.08 4.01
N GLY A 371 -16.45 13.24 3.89
CA GLY A 371 -15.00 13.60 3.94
C GLY A 371 -14.44 14.74 4.83
N GLN A 372 -15.22 15.30 5.74
CA GLN A 372 -14.75 16.34 6.65
C GLN A 372 -14.78 15.79 8.07
N GLY A 373 -13.61 15.68 8.69
CA GLY A 373 -13.57 15.18 10.05
C GLY A 373 -14.38 16.04 11.00
N GLN A 374 -14.27 15.74 12.28
CA GLN A 374 -14.95 16.47 13.34
C GLN A 374 -14.38 15.83 14.61
N LEU A 375 -14.12 16.65 15.63
CA LEU A 375 -13.58 16.14 16.87
C LEU A 375 -14.65 16.14 17.94
N VAL A 376 -14.71 15.03 18.68
CA VAL A 376 -15.68 14.91 19.76
C VAL A 376 -14.80 14.60 20.97
N THR A 377 -14.87 15.45 21.98
CA THR A 377 -14.03 15.25 23.14
C THR A 377 -14.70 15.10 24.50
N CYS A 378 -13.90 14.61 25.44
CA CYS A 378 -14.30 14.45 26.82
C CYS A 378 -13.49 15.55 27.46
N SER A 379 -14.14 16.69 27.68
CA SER A 379 -13.49 17.86 28.26
C SER A 379 -14.01 18.12 29.64
N GLY A 380 -13.27 18.93 30.38
CA GLY A 380 -13.70 19.29 31.71
C GLY A 380 -13.61 18.18 32.72
N ALA A 381 -14.20 18.41 33.88
CA ALA A 381 -14.20 17.43 34.94
C ALA A 381 -15.22 17.84 35.97
N PHE A 382 -15.63 16.85 36.78
CA PHE A 382 -16.62 17.04 37.84
C PHE A 382 -17.88 17.72 37.33
N LYS A 383 -18.29 18.77 38.05
CA LYS A 383 -19.46 19.53 37.69
C LYS A 383 -19.34 20.16 36.30
N GLU A 384 -18.13 20.53 35.91
CA GLU A 384 -17.90 21.17 34.61
C GLU A 384 -17.81 20.18 33.48
N GLY A 385 -17.92 18.89 33.81
CA GLY A 385 -17.84 17.84 32.81
C GLY A 385 -18.69 18.08 31.59
N SER A 386 -18.26 17.56 30.44
CA SER A 386 -18.98 17.78 29.20
C SER A 386 -18.36 17.10 27.97
N LEU A 387 -19.06 17.19 26.85
CA LEU A 387 -18.61 16.67 25.58
C LEU A 387 -18.55 17.89 24.67
N ARG A 388 -17.59 17.91 23.73
CA ARG A 388 -17.45 19.03 22.81
C ARG A 388 -17.32 18.50 21.40
N ILE A 389 -18.02 19.16 20.48
CA ILE A 389 -17.97 18.81 19.07
C ILE A 389 -17.27 19.97 18.37
N ILE A 390 -16.11 19.70 17.75
CA ILE A 390 -15.30 20.72 17.08
C ILE A 390 -15.26 20.55 15.58
N ARG A 391 -15.83 21.51 14.85
CA ARG A 391 -15.90 21.42 13.41
C ARG A 391 -15.31 22.66 12.75
N ASN A 392 -14.78 22.50 11.55
CA ASN A 392 -14.20 23.61 10.78
C ASN A 392 -15.33 24.20 9.96
N GLY A 393 -15.04 25.27 9.24
CA GLY A 393 -16.05 25.88 8.40
C GLY A 393 -16.35 27.33 8.71
N ILE A 394 -17.21 27.93 7.89
CA ILE A 394 -17.60 29.32 8.07
C ILE A 394 -19.00 29.31 8.63
N GLY A 395 -19.29 30.24 9.54
CA GLY A 395 -20.62 30.29 10.11
C GLY A 395 -21.41 31.51 9.72
N ILE A 396 -22.73 31.35 9.72
CA ILE A 396 -23.64 32.44 9.39
C ILE A 396 -24.64 32.59 10.53
N HIS A 397 -24.97 33.83 10.88
CA HIS A 397 -25.93 34.09 11.93
C HIS A 397 -27.26 34.42 11.28
N GLU A 398 -28.18 33.47 11.34
CA GLU A 398 -29.51 33.63 10.75
C GLU A 398 -30.28 34.77 11.42
N HIS A 399 -30.89 35.66 10.65
CA HIS A 399 -31.63 36.77 11.23
C HIS A 399 -33.10 36.82 10.84
N ALA A 400 -33.51 35.90 9.98
CA ALA A 400 -34.89 35.84 9.55
C ALA A 400 -35.07 34.62 8.69
N SER A 401 -36.29 34.09 8.68
CA SER A 401 -36.62 32.91 7.89
C SER A 401 -38.06 33.02 7.46
N ILE A 402 -38.30 32.97 6.16
CA ILE A 402 -39.64 33.06 5.65
C ILE A 402 -39.92 31.78 4.88
N ASP A 403 -41.17 31.35 4.88
CA ASP A 403 -41.53 30.14 4.17
C ASP A 403 -41.93 30.49 2.73
N LEU A 404 -40.94 30.54 1.84
CA LEU A 404 -41.21 30.81 0.44
C LEU A 404 -40.61 29.65 -0.33
N PRO A 405 -41.44 28.71 -0.76
CA PRO A 405 -40.87 27.58 -1.50
C PRO A 405 -40.78 27.90 -2.97
N GLY A 406 -39.92 27.19 -3.68
CA GLY A 406 -39.80 27.39 -5.11
C GLY A 406 -38.95 28.55 -5.61
N ILE A 407 -38.27 29.27 -4.72
CA ILE A 407 -37.43 30.41 -5.12
C ILE A 407 -36.44 29.94 -6.17
N LYS A 408 -36.48 30.57 -7.34
CA LYS A 408 -35.62 30.18 -8.44
C LYS A 408 -34.54 31.20 -8.73
N GLY A 409 -34.38 32.14 -7.80
CA GLY A 409 -33.37 33.17 -7.97
C GLY A 409 -33.78 34.37 -7.15
N LEU A 410 -32.81 35.23 -6.85
CA LEU A 410 -33.09 36.40 -6.06
C LEU A 410 -32.03 37.49 -6.23
N TRP A 411 -32.47 38.73 -6.32
CA TRP A 411 -31.57 39.86 -6.50
C TRP A 411 -31.77 41.04 -5.54
N PRO A 412 -30.68 41.70 -5.12
CA PRO A 412 -30.75 42.85 -4.20
C PRO A 412 -31.11 44.09 -5.03
N LEU A 413 -31.73 45.09 -4.42
CA LEU A 413 -32.10 46.28 -5.18
C LEU A 413 -32.22 47.61 -4.45
N ARG A 414 -31.89 48.68 -5.15
CA ARG A 414 -31.97 50.05 -4.64
C ARG A 414 -33.22 50.70 -5.23
N SER A 415 -34.24 50.92 -4.40
CA SER A 415 -35.48 51.52 -4.89
C SER A 415 -35.37 53.03 -4.93
N ASP A 416 -34.62 53.58 -3.99
CA ASP A 416 -34.41 55.02 -3.92
C ASP A 416 -33.16 55.40 -4.68
N PRO A 417 -33.31 56.16 -5.77
CA PRO A 417 -32.17 56.59 -6.58
C PRO A 417 -31.10 57.23 -5.73
N ASN A 418 -31.51 57.92 -4.68
CA ASN A 418 -30.55 58.60 -3.83
C ASN A 418 -29.81 57.79 -2.77
N ARG A 419 -30.54 57.10 -1.88
CA ARG A 419 -29.87 56.30 -0.84
C ARG A 419 -28.96 55.21 -1.44
N GLU A 420 -27.91 54.85 -0.71
CA GLU A 420 -26.94 53.86 -1.18
C GLU A 420 -27.12 52.46 -0.61
N THR A 421 -28.16 52.25 0.19
CA THR A 421 -28.40 50.94 0.76
C THR A 421 -29.49 50.21 -0.02
N TYR A 422 -29.58 48.90 0.17
CA TYR A 422 -30.59 48.10 -0.51
C TYR A 422 -31.88 48.22 0.29
N ASP A 423 -33.01 48.18 -0.40
CA ASP A 423 -34.29 48.30 0.26
C ASP A 423 -35.35 47.40 -0.39
N THR A 424 -34.91 46.57 -1.33
CA THR A 424 -35.81 45.68 -2.04
C THR A 424 -35.13 44.36 -2.36
N LEU A 425 -35.90 43.30 -2.40
CA LEU A 425 -35.38 41.98 -2.70
C LEU A 425 -36.31 41.33 -3.69
N VAL A 426 -35.82 41.07 -4.88
CA VAL A 426 -36.63 40.46 -5.91
C VAL A 426 -36.49 38.92 -5.90
N LEU A 427 -37.63 38.24 -5.85
CA LEU A 427 -37.65 36.78 -5.85
C LEU A 427 -38.27 36.19 -7.12
N SER A 428 -37.66 35.13 -7.62
CA SER A 428 -38.17 34.47 -8.81
C SER A 428 -38.83 33.13 -8.46
N PHE A 429 -39.79 32.72 -9.26
CA PHE A 429 -40.48 31.45 -9.04
C PHE A 429 -40.72 30.84 -10.40
N VAL A 430 -41.23 29.61 -10.43
CA VAL A 430 -41.47 28.94 -11.69
C VAL A 430 -41.94 29.89 -12.80
N GLY A 431 -43.01 30.63 -12.57
CA GLY A 431 -43.44 31.51 -13.65
C GLY A 431 -43.77 32.94 -13.26
N GLN A 432 -43.37 33.33 -12.07
CA GLN A 432 -43.66 34.69 -11.62
C GLN A 432 -42.46 35.31 -10.92
N THR A 433 -42.63 36.56 -10.49
CA THR A 433 -41.58 37.27 -9.79
C THR A 433 -42.33 37.96 -8.66
N ARG A 434 -41.74 38.02 -7.47
CA ARG A 434 -42.37 38.68 -6.33
C ARG A 434 -41.40 39.69 -5.71
N VAL A 435 -41.85 40.94 -5.58
CA VAL A 435 -41.00 41.98 -5.04
C VAL A 435 -41.24 42.32 -3.57
N LEU A 436 -40.29 41.94 -2.72
CA LEU A 436 -40.40 42.23 -1.29
C LEU A 436 -39.69 43.55 -1.01
N MET A 437 -40.28 44.38 -0.16
CA MET A 437 -39.71 45.66 0.21
C MET A 437 -39.13 45.53 1.60
N LEU A 438 -38.08 46.27 1.89
CA LEU A 438 -37.44 46.20 3.20
C LEU A 438 -37.62 47.44 4.06
N ASN A 439 -38.39 47.28 5.13
CA ASN A 439 -38.65 48.36 6.08
C ASN A 439 -37.92 47.95 7.33
N GLY A 440 -36.82 48.63 7.66
CA GLY A 440 -36.08 48.25 8.84
C GLY A 440 -35.85 46.74 8.86
N GLU A 441 -36.65 46.02 9.64
CA GLU A 441 -36.52 44.58 9.74
C GLU A 441 -37.74 43.89 9.14
N GLU A 442 -38.72 44.68 8.71
CA GLU A 442 -39.95 44.14 8.14
C GLU A 442 -39.91 43.93 6.63
N VAL A 443 -40.29 42.73 6.21
CA VAL A 443 -40.30 42.39 4.80
C VAL A 443 -41.73 42.05 4.40
N GLU A 444 -42.21 42.66 3.32
CA GLU A 444 -43.56 42.39 2.85
C GLU A 444 -43.69 42.58 1.34
N GLU A 445 -44.64 41.85 0.73
CA GLU A 445 -44.88 41.96 -0.70
C GLU A 445 -45.07 43.42 -1.04
N THR A 446 -44.80 43.77 -2.29
CA THR A 446 -44.94 45.15 -2.78
C THR A 446 -44.87 45.02 -4.28
N GLU A 447 -45.29 46.05 -5.00
CA GLU A 447 -45.19 45.98 -6.45
C GLU A 447 -44.21 47.06 -6.89
N LEU A 448 -43.68 46.91 -8.10
CA LEU A 448 -42.73 47.86 -8.63
C LEU A 448 -43.17 48.19 -10.05
N MET A 449 -43.96 49.24 -10.16
CA MET A 449 -44.51 49.69 -11.44
C MET A 449 -43.86 49.14 -12.71
N GLY A 450 -42.57 49.41 -12.91
CA GLY A 450 -41.92 48.95 -14.13
C GLY A 450 -41.77 47.44 -14.37
N PHE A 451 -41.72 46.65 -13.31
CA PHE A 451 -41.55 45.19 -13.40
C PHE A 451 -42.83 44.41 -13.67
N VAL A 452 -42.70 43.30 -14.40
CA VAL A 452 -43.83 42.42 -14.64
C VAL A 452 -43.69 41.35 -13.54
N ASP A 453 -44.81 40.81 -13.05
CA ASP A 453 -44.74 39.80 -11.99
C ASP A 453 -45.18 38.42 -12.45
N ASP A 454 -45.83 38.37 -13.61
CA ASP A 454 -46.33 37.12 -14.17
C ASP A 454 -45.36 36.46 -15.14
N GLN A 455 -44.09 36.46 -14.78
CA GLN A 455 -43.03 35.86 -15.60
C GLN A 455 -41.82 35.62 -14.71
N GLN A 456 -40.95 34.71 -15.15
CA GLN A 456 -39.77 34.41 -14.36
C GLN A 456 -38.64 35.39 -14.70
N THR A 457 -38.02 35.94 -13.66
CA THR A 457 -36.91 36.88 -13.83
C THR A 457 -35.64 36.08 -13.88
N PHE A 458 -34.74 36.43 -14.79
CA PHE A 458 -33.48 35.72 -14.84
C PHE A 458 -32.41 36.60 -14.25
N PHE A 459 -32.70 37.90 -14.24
CA PHE A 459 -31.81 38.89 -13.67
C PHE A 459 -32.51 40.22 -13.46
N CYS A 460 -32.07 40.95 -12.44
CA CYS A 460 -32.61 42.27 -12.25
C CYS A 460 -31.69 43.01 -11.30
N GLY A 461 -31.79 44.33 -11.28
CA GLY A 461 -30.96 45.15 -10.42
C GLY A 461 -30.78 46.58 -10.91
N ASN A 462 -29.91 47.34 -10.24
CA ASN A 462 -29.65 48.73 -10.61
C ASN A 462 -28.68 48.84 -11.77
N VAL A 463 -28.98 49.71 -12.72
CA VAL A 463 -28.11 49.92 -13.88
C VAL A 463 -27.82 51.41 -14.13
N ALA A 464 -27.03 51.70 -15.17
CA ALA A 464 -26.66 53.06 -15.49
C ALA A 464 -27.81 54.06 -15.69
N HIS A 465 -27.57 55.31 -15.31
CA HIS A 465 -28.52 56.40 -15.46
C HIS A 465 -29.74 56.35 -14.54
N GLN A 466 -29.50 56.09 -13.26
CA GLN A 466 -30.57 55.99 -12.28
C GLN A 466 -31.68 55.11 -12.83
N GLN A 467 -31.28 54.07 -13.55
CA GLN A 467 -32.26 53.15 -14.11
C GLN A 467 -32.23 51.78 -13.41
N LEU A 468 -33.23 50.97 -13.73
CA LEU A 468 -33.41 49.63 -13.17
C LEU A 468 -33.66 48.67 -14.31
N ILE A 469 -33.10 47.48 -14.23
CA ILE A 469 -33.34 46.52 -15.30
C ILE A 469 -33.93 45.20 -14.78
N GLN A 470 -34.80 44.61 -15.58
CA GLN A 470 -35.42 43.34 -15.25
C GLN A 470 -35.46 42.49 -16.51
N ILE A 471 -34.77 41.37 -16.48
CA ILE A 471 -34.77 40.50 -17.64
C ILE A 471 -35.55 39.22 -17.33
N THR A 472 -36.64 39.01 -18.06
CA THR A 472 -37.45 37.82 -17.88
C THR A 472 -37.29 36.97 -19.13
N SER A 473 -37.90 35.80 -19.13
CA SER A 473 -37.81 34.92 -20.30
C SER A 473 -38.45 35.58 -21.53
N ALA A 474 -39.41 36.46 -21.29
CA ALA A 474 -40.12 37.15 -22.37
C ALA A 474 -39.39 38.33 -22.96
N SER A 475 -38.65 39.06 -22.14
CA SER A 475 -37.94 40.23 -22.61
C SER A 475 -37.09 40.88 -21.53
N VAL A 476 -36.33 41.88 -21.93
CA VAL A 476 -35.47 42.64 -21.02
C VAL A 476 -36.12 44.03 -20.98
N ARG A 477 -36.50 44.45 -19.78
CA ARG A 477 -37.15 45.74 -19.60
C ARG A 477 -36.27 46.73 -18.86
N LEU A 478 -36.18 47.96 -19.40
CA LEU A 478 -35.39 49.00 -18.77
C LEU A 478 -36.38 49.92 -18.08
N VAL A 479 -36.18 50.13 -16.78
CA VAL A 479 -37.09 50.95 -15.96
C VAL A 479 -36.48 52.19 -15.33
N SER A 480 -37.23 53.29 -15.35
CA SER A 480 -36.77 54.55 -14.76
C SER A 480 -36.90 54.46 -13.24
N GLN A 481 -36.34 55.43 -12.53
CA GLN A 481 -36.40 55.42 -11.08
C GLN A 481 -37.28 56.49 -10.45
N GLU A 482 -36.84 57.75 -10.49
CA GLU A 482 -37.61 58.85 -9.93
C GLU A 482 -38.90 58.96 -10.73
N PRO A 483 -38.80 59.03 -12.07
CA PRO A 483 -40.02 59.12 -12.87
C PRO A 483 -40.80 57.83 -12.65
N LYS A 484 -40.03 56.73 -12.52
CA LYS A 484 -40.51 55.37 -12.25
C LYS A 484 -41.49 54.68 -13.21
N ALA A 485 -40.96 53.99 -14.21
CA ALA A 485 -41.78 53.27 -15.17
C ALA A 485 -40.96 52.60 -16.27
N LEU A 486 -41.65 51.98 -17.21
CA LEU A 486 -41.01 51.29 -18.32
C LEU A 486 -40.60 52.33 -19.35
N VAL A 487 -39.30 52.48 -19.54
CA VAL A 487 -38.80 53.48 -20.49
C VAL A 487 -38.12 52.89 -21.72
N SER A 488 -38.26 51.58 -21.90
CA SER A 488 -37.64 50.90 -23.03
C SER A 488 -37.78 49.41 -22.81
N GLU A 489 -37.78 48.65 -23.91
CA GLU A 489 -37.91 47.20 -23.82
C GLU A 489 -37.37 46.55 -25.08
N TRP A 490 -36.69 45.41 -24.92
CA TRP A 490 -36.13 44.68 -26.04
C TRP A 490 -36.73 43.29 -26.04
N LYS A 491 -36.89 42.71 -27.23
CA LYS A 491 -37.44 41.38 -27.38
C LYS A 491 -36.86 40.78 -28.65
N GLU A 492 -36.69 39.46 -28.69
CA GLU A 492 -36.18 38.79 -29.86
C GLU A 492 -37.14 39.17 -31.02
N PRO A 493 -36.62 39.35 -32.24
CA PRO A 493 -37.41 39.72 -33.41
C PRO A 493 -38.60 38.85 -33.71
N GLN A 494 -38.72 37.72 -33.01
CA GLN A 494 -39.84 36.83 -33.27
C GLN A 494 -40.56 36.34 -32.01
N ALA A 495 -40.40 37.10 -30.92
CA ALA A 495 -41.05 36.77 -29.66
C ALA A 495 -40.53 35.54 -28.95
N LYS A 496 -39.54 34.87 -29.53
CA LYS A 496 -38.96 33.70 -28.89
C LYS A 496 -38.52 34.08 -27.47
N ASN A 497 -38.56 33.13 -26.54
CA ASN A 497 -38.18 33.41 -25.16
C ASN A 497 -36.70 33.44 -24.88
N ILE A 498 -36.28 34.33 -23.99
CA ILE A 498 -34.88 34.43 -23.60
C ILE A 498 -34.60 33.22 -22.71
N SER A 499 -33.52 32.52 -23.02
CA SER A 499 -33.11 31.32 -22.29
C SER A 499 -32.00 31.50 -21.25
N VAL A 500 -31.04 32.40 -21.50
CA VAL A 500 -29.98 32.64 -20.52
C VAL A 500 -29.77 34.16 -20.44
N ALA A 501 -29.47 34.67 -19.25
CA ALA A 501 -29.32 36.11 -19.09
C ALA A 501 -28.16 36.62 -18.23
N SER A 502 -27.20 37.28 -18.87
CA SER A 502 -26.06 37.87 -18.16
C SER A 502 -26.21 39.38 -18.26
N CYS A 503 -25.79 40.10 -17.23
CA CYS A 503 -25.95 41.55 -17.24
C CYS A 503 -25.24 42.30 -16.13
N ASN A 504 -24.45 43.33 -16.49
CA ASN A 504 -23.76 44.16 -15.48
C ASN A 504 -24.44 45.53 -15.54
N SER A 505 -23.84 46.55 -14.93
CA SER A 505 -24.47 47.87 -14.92
C SER A 505 -24.69 48.55 -16.26
N SER A 506 -23.88 48.25 -17.28
CA SER A 506 -24.07 48.93 -18.56
C SER A 506 -24.28 48.05 -19.79
N GLN A 507 -24.15 46.74 -19.63
CA GLN A 507 -24.34 45.83 -20.75
C GLN A 507 -25.16 44.58 -20.43
N VAL A 508 -25.77 44.04 -21.47
CA VAL A 508 -26.59 42.84 -21.37
C VAL A 508 -26.23 41.90 -22.52
N VAL A 509 -26.20 40.60 -22.22
CA VAL A 509 -25.96 39.60 -23.24
C VAL A 509 -26.93 38.51 -22.89
N VAL A 510 -27.96 38.32 -23.72
CA VAL A 510 -28.93 37.27 -23.46
C VAL A 510 -28.84 36.25 -24.55
N ALA A 511 -29.32 35.05 -24.27
CA ALA A 511 -29.31 34.01 -25.28
C ALA A 511 -30.74 33.53 -25.54
N VAL A 512 -30.99 33.18 -26.80
CA VAL A 512 -32.27 32.65 -27.23
C VAL A 512 -31.85 31.38 -27.94
N GLY A 513 -31.67 30.32 -27.16
CA GLY A 513 -31.25 29.04 -27.69
C GLY A 513 -29.77 29.02 -28.05
N ARG A 514 -29.49 29.35 -29.30
CA ARG A 514 -28.12 29.38 -29.81
C ARG A 514 -27.79 30.83 -30.17
N ALA A 515 -28.82 31.67 -30.18
CA ALA A 515 -28.65 33.07 -30.53
C ALA A 515 -28.12 33.88 -29.35
N LEU A 516 -27.10 34.69 -29.63
CA LEU A 516 -26.52 35.54 -28.60
C LEU A 516 -26.76 36.98 -29.02
N TYR A 517 -27.20 37.81 -28.08
CA TYR A 517 -27.45 39.22 -28.39
C TYR A 517 -26.74 40.15 -27.41
N TYR A 518 -25.91 41.04 -27.95
CA TYR A 518 -25.20 41.98 -27.12
C TYR A 518 -25.95 43.30 -27.16
N LEU A 519 -26.41 43.76 -26.00
CA LEU A 519 -27.13 45.02 -25.92
C LEU A 519 -26.42 45.91 -24.91
N GLN A 520 -26.56 47.22 -25.06
CA GLN A 520 -25.95 48.17 -24.13
C GLN A 520 -27.02 49.04 -23.47
N ILE A 521 -26.76 49.48 -22.25
CA ILE A 521 -27.73 50.28 -21.51
C ILE A 521 -27.51 51.79 -21.59
N HIS A 522 -28.41 52.48 -22.26
CA HIS A 522 -28.32 53.93 -22.38
C HIS A 522 -29.57 54.59 -21.82
N PRO A 523 -29.61 55.92 -21.85
CA PRO A 523 -30.81 56.57 -21.30
C PRO A 523 -32.05 56.18 -22.07
N GLN A 524 -33.11 55.91 -21.32
CA GLN A 524 -34.40 55.52 -21.87
C GLN A 524 -34.36 54.64 -23.12
N GLU A 525 -33.29 53.86 -23.27
CA GLU A 525 -33.21 52.97 -24.42
C GLU A 525 -32.21 51.84 -24.24
N LEU A 526 -32.51 50.70 -24.86
CA LEU A 526 -31.63 49.55 -24.80
C LEU A 526 -31.10 49.44 -26.22
N ARG A 527 -29.79 49.48 -26.39
CA ARG A 527 -29.23 49.42 -27.72
C ARG A 527 -28.62 48.08 -28.08
N GLN A 528 -29.08 47.48 -29.18
CA GLN A 528 -28.56 46.19 -29.60
C GLN A 528 -27.30 46.36 -30.45
N ILE A 529 -26.15 46.31 -29.80
CA ILE A 529 -24.90 46.46 -30.53
C ILE A 529 -24.54 45.32 -31.48
N SER A 530 -24.96 44.09 -31.18
CA SER A 530 -24.63 42.97 -32.07
C SER A 530 -25.33 41.65 -31.75
N HIS A 531 -24.95 40.59 -32.47
CA HIS A 531 -25.55 39.29 -32.25
C HIS A 531 -24.83 38.21 -33.04
N THR A 532 -24.95 36.96 -32.58
CA THR A 532 -24.29 35.82 -33.22
C THR A 532 -24.98 34.51 -32.84
N GLU A 533 -24.71 33.46 -33.61
CA GLU A 533 -25.26 32.16 -33.33
C GLU A 533 -24.13 31.22 -32.95
N MET A 534 -24.17 30.73 -31.71
CA MET A 534 -23.14 29.83 -31.22
C MET A 534 -23.33 28.42 -31.78
N GLU A 535 -22.22 27.74 -32.04
CA GLU A 535 -22.27 26.40 -32.58
C GLU A 535 -23.16 25.45 -31.77
N HIS A 536 -23.57 25.85 -30.56
CA HIS A 536 -24.41 24.97 -29.75
C HIS A 536 -25.34 25.72 -28.80
N GLU A 537 -26.27 24.99 -28.20
CA GLU A 537 -27.22 25.55 -27.25
C GLU A 537 -26.42 26.23 -26.13
N VAL A 538 -26.78 27.46 -25.78
CA VAL A 538 -26.05 28.16 -24.73
C VAL A 538 -26.52 27.61 -23.39
N ALA A 539 -25.57 27.41 -22.49
CA ALA A 539 -25.89 26.87 -21.17
C ALA A 539 -25.76 27.89 -20.04
N CYS A 540 -24.72 28.72 -20.07
CA CYS A 540 -24.53 29.75 -19.06
C CYS A 540 -23.70 30.92 -19.59
N LEU A 541 -23.88 32.09 -18.98
CA LEU A 541 -23.19 33.31 -19.39
C LEU A 541 -22.67 34.21 -18.28
N ASP A 542 -21.60 34.94 -18.60
CA ASP A 542 -21.04 35.91 -17.68
C ASP A 542 -20.34 37.00 -18.47
N ILE A 543 -20.52 38.23 -18.02
CA ILE A 543 -19.85 39.36 -18.65
C ILE A 543 -19.40 40.25 -17.51
N THR A 544 -18.85 39.63 -16.46
CA THR A 544 -18.38 40.42 -15.33
C THR A 544 -17.15 41.22 -15.72
N PRO A 545 -17.24 42.55 -15.61
CA PRO A 545 -16.12 43.45 -15.96
C PRO A 545 -14.99 43.42 -14.91
N LEU A 546 -13.82 42.93 -15.33
CA LEU A 546 -12.68 42.83 -14.45
C LEU A 546 -11.64 43.93 -14.75
N GLY A 547 -10.66 44.05 -13.87
CA GLY A 547 -9.62 45.04 -14.07
C GLY A 547 -10.00 46.48 -13.78
N ASP A 548 -9.06 47.39 -13.95
CA ASP A 548 -9.29 48.82 -13.71
C ASP A 548 -10.12 49.45 -14.81
N SER A 549 -10.67 48.61 -15.69
CA SER A 549 -11.52 49.08 -16.76
C SER A 549 -12.71 49.80 -16.15
N ASN A 550 -13.61 50.33 -16.99
CA ASN A 550 -14.76 51.02 -16.45
C ASN A 550 -16.11 50.45 -16.87
N GLY A 551 -16.67 49.62 -15.99
CA GLY A 551 -17.96 49.00 -16.21
C GLY A 551 -18.22 48.37 -17.56
N LEU A 552 -17.25 48.40 -18.45
CA LEU A 552 -17.46 47.81 -19.76
C LEU A 552 -16.58 46.61 -19.99
N SER A 553 -17.18 45.43 -19.97
CA SER A 553 -16.42 44.23 -20.18
C SER A 553 -16.07 44.06 -21.65
N PRO A 554 -14.80 43.72 -21.94
CA PRO A 554 -14.34 43.51 -23.30
C PRO A 554 -14.55 42.04 -23.60
N LEU A 555 -14.76 41.26 -22.55
CA LEU A 555 -14.93 39.83 -22.72
C LEU A 555 -16.31 39.30 -22.31
N CYS A 556 -16.66 38.15 -22.88
CA CYS A 556 -17.91 37.49 -22.57
C CYS A 556 -17.66 36.00 -22.30
N ALA A 557 -17.83 35.58 -21.06
CA ALA A 557 -17.62 34.17 -20.70
C ALA A 557 -18.91 33.39 -21.02
N ILE A 558 -18.77 32.29 -21.75
CA ILE A 558 -19.94 31.48 -22.12
C ILE A 558 -19.72 30.00 -21.94
N GLY A 559 -20.77 29.31 -21.54
CA GLY A 559 -20.71 27.87 -21.34
C GLY A 559 -21.65 27.20 -22.32
N LEU A 560 -21.18 26.19 -23.04
CA LEU A 560 -22.03 25.53 -24.02
C LEU A 560 -22.60 24.16 -23.66
N TRP A 561 -23.73 23.86 -24.30
CA TRP A 561 -24.50 22.64 -24.10
C TRP A 561 -23.97 21.32 -24.65
N THR A 562 -23.61 21.31 -25.92
CA THR A 562 -23.19 20.08 -26.57
C THR A 562 -21.78 19.53 -26.38
N ASP A 563 -20.77 20.32 -26.72
CA ASP A 563 -19.38 19.88 -26.59
C ASP A 563 -18.86 20.13 -25.19
N ILE A 564 -19.79 20.42 -24.27
CA ILE A 564 -19.46 20.69 -22.88
C ILE A 564 -18.23 21.58 -22.82
N SER A 565 -18.34 22.77 -23.40
CA SER A 565 -17.23 23.68 -23.45
C SER A 565 -17.47 24.99 -22.74
N ALA A 566 -16.37 25.66 -22.41
CA ALA A 566 -16.39 26.96 -21.79
C ALA A 566 -15.54 27.75 -22.77
N ARG A 567 -16.01 28.91 -23.21
CA ARG A 567 -15.21 29.70 -24.13
C ARG A 567 -15.30 31.21 -23.89
N ILE A 568 -14.18 31.87 -24.17
CA ILE A 568 -14.06 33.32 -24.01
C ILE A 568 -14.36 33.99 -25.33
N LEU A 569 -15.12 35.07 -25.31
CA LEU A 569 -15.47 35.77 -26.53
C LEU A 569 -15.23 37.27 -26.43
N LYS A 570 -14.73 37.87 -27.51
CA LYS A 570 -14.51 39.31 -27.50
C LYS A 570 -15.90 39.92 -27.56
N LEU A 571 -16.18 40.86 -26.67
CA LEU A 571 -17.51 41.42 -26.60
C LEU A 571 -18.09 42.04 -27.83
N PRO A 572 -17.47 43.09 -28.37
CA PRO A 572 -18.10 43.66 -29.57
C PRO A 572 -18.49 42.63 -30.64
N SER A 573 -17.50 41.87 -31.13
CA SER A 573 -17.72 40.88 -32.20
C SER A 573 -18.01 39.41 -31.88
N PHE A 574 -18.00 39.02 -30.61
CA PHE A 574 -18.26 37.63 -30.25
C PHE A 574 -17.20 36.72 -30.86
N GLU A 575 -16.04 37.29 -31.15
CA GLU A 575 -14.92 36.55 -31.73
C GLU A 575 -14.34 35.60 -30.69
N LEU A 576 -14.07 34.37 -31.11
CA LEU A 576 -13.52 33.36 -30.21
C LEU A 576 -12.06 33.64 -29.84
N LEU A 577 -11.78 33.64 -28.54
CA LEU A 577 -10.42 33.88 -28.07
C LEU A 577 -9.80 32.65 -27.43
N HIS A 578 -10.65 31.73 -26.98
CA HIS A 578 -10.20 30.50 -26.32
C HIS A 578 -11.37 29.55 -26.13
N LYS A 579 -11.15 28.28 -26.46
CA LYS A 579 -12.20 27.26 -26.33
C LYS A 579 -11.67 26.11 -25.49
N GLU A 580 -12.01 26.10 -24.21
CA GLU A 580 -11.56 25.05 -23.30
C GLU A 580 -12.54 23.87 -23.26
N MET A 581 -12.15 22.77 -23.88
CA MET A 581 -12.98 21.58 -23.89
C MET A 581 -12.82 20.92 -22.53
N LEU A 582 -13.86 20.92 -21.71
CA LEU A 582 -13.74 20.31 -20.39
C LEU A 582 -14.65 19.12 -20.18
N GLY A 583 -14.81 18.75 -18.91
CA GLY A 583 -15.66 17.64 -18.53
C GLY A 583 -15.99 16.69 -19.66
N GLY A 584 -17.26 16.30 -19.78
CA GLY A 584 -17.61 15.39 -20.85
C GLY A 584 -19.07 15.02 -21.01
N GLU A 585 -19.74 14.63 -19.94
CA GLU A 585 -21.14 14.22 -20.01
C GLU A 585 -22.15 15.34 -19.68
N ILE A 586 -21.93 15.98 -18.53
CA ILE A 586 -22.82 17.05 -18.05
C ILE A 586 -22.45 18.44 -18.52
N ILE A 587 -23.46 19.26 -18.78
CA ILE A 587 -23.23 20.62 -19.24
C ILE A 587 -22.91 21.60 -18.09
N PRO A 588 -22.27 22.73 -18.42
CA PRO A 588 -21.93 23.74 -17.43
C PRO A 588 -23.20 24.33 -16.87
N ARG A 589 -23.21 24.63 -15.59
CA ARG A 589 -24.37 25.20 -14.94
C ARG A 589 -24.18 26.69 -14.72
N SER A 590 -22.99 27.01 -14.25
CA SER A 590 -22.66 28.37 -13.91
C SER A 590 -21.26 28.67 -14.45
N ILE A 591 -21.00 29.94 -14.74
CA ILE A 591 -19.70 30.38 -15.25
C ILE A 591 -19.55 31.82 -14.80
N LEU A 592 -18.39 32.16 -14.27
CA LEU A 592 -18.15 33.49 -13.75
C LEU A 592 -16.72 33.98 -13.89
N MET A 593 -16.56 35.29 -14.08
CA MET A 593 -15.26 35.91 -14.20
C MET A 593 -15.06 36.74 -12.94
N THR A 594 -13.88 36.65 -12.34
CA THR A 594 -13.64 37.39 -11.11
C THR A 594 -12.14 37.59 -10.80
N THR A 595 -11.83 38.42 -9.76
CA THR A 595 -10.45 38.77 -9.36
C THR A 595 -10.20 38.41 -7.88
N PHE A 596 -9.09 37.76 -7.54
CA PHE A 596 -9.14 37.39 -6.14
C PHE A 596 -8.27 38.18 -5.18
N GLU A 597 -7.05 38.32 -5.53
CA GLU A 597 -6.25 39.16 -4.75
C GLU A 597 -5.88 40.22 -5.75
N SER A 598 -5.06 39.82 -6.70
CA SER A 598 -4.64 40.67 -7.78
C SER A 598 -4.84 40.00 -9.12
N SER A 599 -5.03 38.71 -9.12
CA SER A 599 -5.17 37.93 -10.35
C SER A 599 -6.62 37.69 -10.74
N HIS A 600 -6.85 37.53 -12.04
CA HIS A 600 -8.17 37.29 -12.60
C HIS A 600 -8.31 35.81 -12.94
N TYR A 601 -9.51 35.27 -12.77
CA TYR A 601 -9.75 33.86 -13.07
C TYR A 601 -11.08 33.70 -13.73
N LEU A 602 -11.31 32.48 -14.21
CA LEU A 602 -12.58 32.12 -14.80
C LEU A 602 -13.00 30.87 -14.03
N LEU A 603 -14.22 30.86 -13.53
CA LEU A 603 -14.72 29.72 -12.79
C LEU A 603 -15.87 29.13 -13.59
N CYS A 604 -15.91 27.80 -13.69
CA CYS A 604 -16.99 27.17 -14.44
C CYS A 604 -17.46 25.93 -13.68
N ALA A 605 -18.75 25.87 -13.38
CA ALA A 605 -19.30 24.75 -12.62
C ALA A 605 -20.23 23.85 -13.42
N LEU A 606 -19.98 22.54 -13.35
CA LEU A 606 -20.80 21.54 -14.03
C LEU A 606 -21.96 21.11 -13.14
N GLY A 607 -22.88 20.31 -13.71
CA GLY A 607 -24.01 19.81 -12.96
C GLY A 607 -23.58 18.66 -12.08
N ASP A 608 -22.28 18.41 -12.08
CA ASP A 608 -21.64 17.35 -11.31
C ASP A 608 -21.25 17.75 -9.91
N GLY A 609 -21.23 19.06 -9.65
CA GLY A 609 -20.78 19.52 -8.35
C GLY A 609 -19.28 19.70 -8.56
N ALA A 610 -18.90 19.60 -9.83
CA ALA A 610 -17.51 19.74 -10.25
C ALA A 610 -17.20 21.20 -10.63
N LEU A 611 -16.03 21.69 -10.24
CA LEU A 611 -15.69 23.06 -10.56
C LEU A 611 -14.32 23.23 -11.21
N PHE A 612 -14.30 23.87 -12.38
CA PHE A 612 -13.03 24.13 -13.05
C PHE A 612 -12.62 25.58 -12.86
N TYR A 613 -11.35 25.82 -12.60
CA TYR A 613 -10.87 27.18 -12.45
C TYR A 613 -9.55 27.44 -13.14
N PHE A 614 -9.54 28.46 -13.99
CA PHE A 614 -8.36 28.82 -14.76
C PHE A 614 -7.94 30.24 -14.47
N GLY A 615 -6.66 30.53 -14.77
CA GLY A 615 -6.16 31.88 -14.64
C GLY A 615 -6.67 32.55 -15.91
N LEU A 616 -7.18 33.78 -15.80
CA LEU A 616 -7.70 34.49 -16.96
C LEU A 616 -6.92 35.76 -17.31
N ASN A 617 -6.65 35.94 -18.60
CA ASN A 617 -5.93 37.14 -19.10
C ASN A 617 -7.03 38.00 -19.69
N ILE A 618 -7.35 39.11 -19.03
CA ILE A 618 -8.44 39.93 -19.53
C ILE A 618 -8.13 40.79 -20.74
N GLU A 619 -6.94 40.60 -21.32
CA GLU A 619 -6.54 41.32 -22.53
C GLU A 619 -6.69 40.37 -23.72
N THR A 620 -5.98 39.25 -23.62
CA THR A 620 -5.97 38.22 -24.66
C THR A 620 -7.17 37.30 -24.53
N GLY A 621 -7.45 36.89 -23.30
CA GLY A 621 -8.57 36.00 -23.04
C GLY A 621 -8.20 34.53 -23.08
N LEU A 622 -6.95 34.19 -22.78
CA LEU A 622 -6.57 32.77 -22.77
C LEU A 622 -6.63 32.27 -21.35
N LEU A 623 -7.12 31.05 -21.18
CA LEU A 623 -7.22 30.45 -19.86
C LEU A 623 -6.00 29.61 -19.56
N SER A 624 -5.41 29.79 -18.38
CA SER A 624 -4.21 29.06 -17.98
C SER A 624 -4.33 28.25 -16.69
N ASP A 625 -3.34 27.39 -16.44
CA ASP A 625 -3.29 26.56 -15.24
C ASP A 625 -4.62 25.93 -14.85
N ARG A 626 -5.18 25.18 -15.78
CA ARG A 626 -6.46 24.53 -15.59
C ARG A 626 -6.46 23.62 -14.37
N LYS A 627 -7.30 23.92 -13.39
CA LYS A 627 -7.40 23.10 -12.18
C LYS A 627 -8.85 22.64 -11.96
N LYS A 628 -9.04 21.62 -11.15
CA LYS A 628 -10.39 21.08 -10.90
C LYS A 628 -10.60 20.58 -9.47
N VAL A 629 -11.75 20.92 -8.90
CA VAL A 629 -12.12 20.47 -7.56
C VAL A 629 -13.54 19.95 -7.64
N THR A 630 -13.95 19.19 -6.63
CA THR A 630 -15.32 18.71 -6.57
C THR A 630 -15.93 19.39 -5.37
N LEU A 631 -16.97 20.18 -5.61
CA LEU A 631 -17.63 20.88 -4.51
C LEU A 631 -18.87 20.14 -4.09
N GLY A 632 -19.10 18.96 -4.66
CA GLY A 632 -20.29 18.25 -4.27
C GLY A 632 -20.89 17.35 -5.32
N THR A 633 -22.22 17.37 -5.41
CA THR A 633 -22.91 16.53 -6.37
C THR A 633 -24.08 17.16 -7.13
N GLN A 634 -24.72 18.18 -6.56
CA GLN A 634 -25.81 18.84 -7.28
C GLN A 634 -25.25 19.92 -8.20
N PRO A 635 -26.04 20.38 -9.16
CA PRO A 635 -25.45 21.43 -10.00
C PRO A 635 -25.02 22.58 -9.07
N THR A 636 -24.05 23.39 -9.49
CA THR A 636 -23.57 24.48 -8.64
C THR A 636 -23.73 25.87 -9.23
N VAL A 637 -24.25 26.80 -8.45
CA VAL A 637 -24.44 28.17 -8.91
C VAL A 637 -23.41 29.09 -8.26
N LEU A 638 -22.73 29.89 -9.07
CA LEU A 638 -21.71 30.80 -8.57
C LEU A 638 -22.19 32.23 -8.48
N ARG A 639 -21.84 32.89 -7.39
CA ARG A 639 -22.26 34.27 -7.14
C ARG A 639 -21.15 34.97 -6.38
N THR A 640 -21.01 36.27 -6.61
CA THR A 640 -19.97 37.02 -5.97
C THR A 640 -20.52 37.90 -4.86
N PHE A 641 -19.65 38.25 -3.91
CA PHE A 641 -20.02 39.09 -2.78
C PHE A 641 -18.74 39.61 -2.13
N ARG A 642 -18.83 40.66 -1.32
CA ARG A 642 -17.64 41.16 -0.64
C ARG A 642 -17.87 41.11 0.87
N SER A 643 -17.07 40.30 1.58
CA SER A 643 -17.23 40.20 3.03
C SER A 643 -16.91 41.55 3.64
N LEU A 644 -15.65 41.79 3.96
CA LEU A 644 -15.26 43.06 4.52
C LEU A 644 -14.65 43.88 3.41
N SER A 645 -13.34 43.77 3.30
CA SER A 645 -12.60 44.49 2.28
C SER A 645 -12.72 43.79 0.94
N THR A 646 -12.05 42.65 0.83
CA THR A 646 -12.02 41.87 -0.39
C THR A 646 -13.37 41.42 -0.92
N THR A 647 -13.30 40.54 -1.92
CA THR A 647 -14.47 39.99 -2.56
C THR A 647 -14.28 38.49 -2.79
N ASN A 648 -15.33 37.71 -2.54
CA ASN A 648 -15.24 36.27 -2.73
C ASN A 648 -16.40 35.78 -3.55
N VAL A 649 -16.40 34.47 -3.80
CA VAL A 649 -17.47 33.85 -4.55
C VAL A 649 -18.21 32.85 -3.67
N PHE A 650 -19.53 32.92 -3.66
CA PHE A 650 -20.37 32.01 -2.87
C PHE A 650 -20.86 30.93 -3.83
N ALA A 651 -20.56 29.68 -3.51
CA ALA A 651 -20.94 28.56 -4.37
C ALA A 651 -22.12 27.78 -3.83
N CYS A 652 -23.30 28.07 -4.35
CA CYS A 652 -24.55 27.42 -3.94
C CYS A 652 -24.68 25.97 -4.36
N SER A 653 -24.99 25.08 -3.40
CA SER A 653 -25.18 23.65 -3.70
C SER A 653 -25.48 22.87 -2.42
N ASP A 654 -25.48 21.54 -2.53
CA ASP A 654 -25.72 20.66 -1.38
C ASP A 654 -24.56 20.79 -0.39
N ARG A 655 -23.43 21.25 -0.89
CA ARG A 655 -22.22 21.47 -0.09
C ARG A 655 -21.80 22.91 -0.34
N PRO A 656 -22.45 23.86 0.33
CA PRO A 656 -22.17 25.30 0.21
C PRO A 656 -20.71 25.67 0.48
N THR A 657 -20.11 26.41 -0.43
CA THR A 657 -18.73 26.79 -0.23
C THR A 657 -18.39 28.23 -0.57
N VAL A 658 -17.52 28.82 0.25
CA VAL A 658 -17.08 30.18 -0.01
C VAL A 658 -15.70 30.03 -0.63
N ILE A 659 -15.52 30.61 -1.80
CA ILE A 659 -14.25 30.56 -2.52
C ILE A 659 -13.54 31.92 -2.48
N TYR A 660 -12.27 31.93 -2.10
CA TYR A 660 -11.50 33.17 -2.07
C TYR A 660 -10.01 32.89 -2.13
N SER A 661 -9.18 33.90 -1.95
CA SER A 661 -7.74 33.71 -2.06
C SER A 661 -6.94 34.12 -0.81
N SER A 662 -5.94 33.33 -0.45
CA SER A 662 -5.14 33.67 0.73
C SER A 662 -3.83 34.30 0.32
N ASN A 663 -2.86 33.50 -0.08
CA ASN A 663 -1.59 34.09 -0.52
C ASN A 663 -1.33 33.68 -1.95
N HIS A 664 -2.35 33.93 -2.76
CA HIS A 664 -2.34 33.58 -4.16
C HIS A 664 -2.81 32.16 -4.36
N LYS A 665 -3.16 31.47 -3.27
CA LYS A 665 -3.64 30.10 -3.39
C LYS A 665 -5.13 30.16 -3.08
N LEU A 666 -5.97 29.62 -3.97
CA LEU A 666 -7.40 29.65 -3.69
C LEU A 666 -7.75 28.85 -2.44
N VAL A 667 -8.86 29.23 -1.81
CA VAL A 667 -9.33 28.56 -0.62
C VAL A 667 -10.78 28.19 -0.80
N PHE A 668 -11.08 26.92 -0.59
CA PHE A 668 -12.45 26.45 -0.68
C PHE A 668 -12.87 26.16 0.76
N SER A 669 -13.71 27.01 1.30
CA SER A 669 -14.17 26.88 2.66
C SER A 669 -15.64 26.46 2.71
N ASN A 670 -15.91 25.44 3.50
CA ASN A 670 -17.27 24.93 3.65
C ASN A 670 -18.09 25.83 4.56
N VAL A 671 -19.36 26.02 4.21
CA VAL A 671 -20.24 26.85 5.03
C VAL A 671 -21.07 25.92 5.92
N ASN A 672 -21.33 26.35 7.14
CA ASN A 672 -22.10 25.50 8.04
C ASN A 672 -23.60 25.74 7.90
N LEU A 673 -24.13 25.30 6.76
CA LEU A 673 -25.54 25.38 6.39
C LEU A 673 -25.86 24.06 5.67
N LYS A 674 -27.13 23.75 5.53
CA LYS A 674 -27.53 22.50 4.88
C LYS A 674 -27.34 22.56 3.37
N GLU A 675 -28.27 23.18 2.67
CA GLU A 675 -28.19 23.29 1.23
C GLU A 675 -28.71 24.66 0.83
N VAL A 676 -28.03 25.29 -0.11
CA VAL A 676 -28.41 26.63 -0.56
C VAL A 676 -28.54 26.64 -2.08
N ASN A 677 -29.76 26.88 -2.56
CA ASN A 677 -30.00 26.92 -3.97
C ASN A 677 -29.55 28.23 -4.60
N TYR A 678 -29.86 29.34 -3.96
CA TYR A 678 -29.47 30.64 -4.46
C TYR A 678 -29.01 31.56 -3.35
N MET A 679 -28.14 32.49 -3.73
CA MET A 679 -27.60 33.42 -2.77
C MET A 679 -27.45 34.78 -3.42
N CYS A 680 -27.30 35.80 -2.59
CA CYS A 680 -27.09 37.16 -3.05
C CYS A 680 -26.75 38.06 -1.86
N PRO A 681 -25.85 39.03 -2.07
CA PRO A 681 -25.47 39.95 -0.99
C PRO A 681 -26.65 40.89 -0.80
N LEU A 682 -26.91 41.28 0.44
CA LEU A 682 -28.02 42.17 0.72
C LEU A 682 -27.53 43.19 1.71
N ASN A 683 -27.58 44.46 1.37
CA ASN A 683 -27.12 45.50 2.27
C ASN A 683 -28.17 46.60 2.51
N SER A 684 -29.15 46.29 3.35
CA SER A 684 -30.20 47.23 3.71
C SER A 684 -29.84 47.78 5.08
N ASP A 685 -30.60 48.75 5.59
CA ASP A 685 -30.29 49.31 6.90
C ASP A 685 -30.76 48.34 7.98
N GLY A 686 -31.78 47.57 7.66
CA GLY A 686 -32.27 46.58 8.62
C GLY A 686 -31.36 45.37 8.62
N TYR A 687 -30.83 45.04 7.44
CA TYR A 687 -29.91 43.91 7.31
C TYR A 687 -28.58 44.36 6.72
N PRO A 688 -27.79 45.11 7.51
CA PRO A 688 -26.47 45.65 7.17
C PRO A 688 -25.48 44.57 6.83
N ASP A 689 -24.82 44.72 5.69
CA ASP A 689 -23.81 43.74 5.26
C ASP A 689 -24.27 42.31 5.48
N SER A 690 -25.29 41.90 4.73
CA SER A 690 -25.79 40.56 4.90
C SER A 690 -25.87 39.72 3.62
N LEU A 691 -26.39 38.51 3.78
CA LEU A 691 -26.56 37.57 2.70
C LEU A 691 -28.01 37.13 2.68
N ALA A 692 -28.60 37.09 1.51
CA ALA A 692 -29.97 36.61 1.40
C ALA A 692 -29.81 35.20 0.85
N LEU A 693 -30.12 34.20 1.66
CA LEU A 693 -29.99 32.81 1.22
C LEU A 693 -31.32 32.13 0.95
N ALA A 694 -31.31 31.17 0.03
CA ALA A 694 -32.52 30.47 -0.29
C ALA A 694 -32.32 29.01 -0.65
N ASN A 695 -33.11 28.12 -0.06
CA ASN A 695 -33.04 26.71 -0.41
C ASN A 695 -34.34 26.39 -1.14
N ASN A 696 -34.75 25.13 -1.11
CA ASN A 696 -35.96 24.68 -1.81
C ASN A 696 -37.29 25.11 -1.19
N SER A 697 -37.26 25.52 0.08
CA SER A 697 -38.51 25.89 0.71
C SER A 697 -38.51 27.21 1.46
N THR A 698 -37.34 27.66 1.92
CA THR A 698 -37.31 28.91 2.67
C THR A 698 -36.27 29.99 2.35
N LEU A 699 -36.70 31.24 2.52
CA LEU A 699 -35.87 32.43 2.32
C LEU A 699 -35.19 32.59 3.66
N THR A 700 -34.05 33.23 3.68
CA THR A 700 -33.33 33.41 4.93
C THR A 700 -32.22 34.44 4.82
N ILE A 701 -32.22 35.40 5.74
CA ILE A 701 -31.21 36.44 5.74
C ILE A 701 -30.33 36.31 6.99
N GLY A 702 -29.03 36.51 6.80
CA GLY A 702 -28.08 36.40 7.90
C GLY A 702 -26.76 37.01 7.49
N THR A 703 -25.72 36.80 8.29
CA THR A 703 -24.42 37.37 7.97
C THR A 703 -23.31 36.35 8.18
N ILE A 704 -22.39 36.29 7.20
CA ILE A 704 -21.23 35.42 7.19
C ILE A 704 -20.25 35.78 8.26
N ASP A 705 -19.53 34.76 8.70
CA ASP A 705 -18.48 34.89 9.70
C ASP A 705 -17.25 35.23 8.84
N GLU A 706 -16.66 36.42 8.98
CA GLU A 706 -15.49 36.89 8.19
C GLU A 706 -14.72 35.85 7.48
N ILE A 707 -14.31 34.98 8.28
CA ILE A 707 -13.57 33.97 7.67
C ILE A 707 -13.49 32.79 8.64
N GLN A 708 -13.44 31.61 8.11
CA GLN A 708 -13.35 30.32 8.83
C GLN A 708 -12.87 30.26 10.31
N LYS A 709 -13.27 29.32 11.16
CA LYS A 709 -12.81 29.24 12.59
C LYS A 709 -13.34 27.98 13.24
N LEU A 710 -12.66 27.33 14.16
CA LEU A 710 -13.30 26.11 14.64
C LEU A 710 -14.55 26.46 15.49
N HIS A 711 -15.68 25.85 15.20
CA HIS A 711 -16.88 26.11 15.96
C HIS A 711 -17.06 25.04 17.01
N ILE A 712 -17.34 25.46 18.23
CA ILE A 712 -17.47 24.54 19.33
C ILE A 712 -18.85 24.27 19.90
N ARG A 713 -19.39 23.11 19.56
CA ARG A 713 -20.69 22.67 20.05
C ARG A 713 -20.40 21.98 21.39
N THR A 714 -21.17 22.31 22.41
CA THR A 714 -20.93 21.70 23.69
C THR A 714 -22.15 21.04 24.35
N VAL A 715 -21.89 19.95 25.06
CA VAL A 715 -22.92 19.16 25.72
C VAL A 715 -22.58 18.94 27.17
N PRO A 716 -23.27 19.64 28.08
CA PRO A 716 -22.97 19.47 29.51
C PRO A 716 -23.21 18.05 29.95
N LEU A 717 -22.43 17.60 30.92
CA LEU A 717 -22.59 16.26 31.46
C LEU A 717 -22.85 16.36 32.97
N TYR A 718 -22.24 17.35 33.60
CA TYR A 718 -22.39 17.55 35.02
C TYR A 718 -21.64 16.50 35.82
N GLU A 719 -20.89 15.66 35.11
CA GLU A 719 -20.06 14.65 35.74
C GLU A 719 -18.85 14.50 34.82
N SER A 720 -17.85 13.77 35.28
CA SER A 720 -16.59 13.56 34.55
C SER A 720 -16.55 12.49 33.46
N PRO A 721 -16.37 12.89 32.18
CA PRO A 721 -16.30 11.95 31.06
C PRO A 721 -14.86 11.44 31.01
N ARG A 722 -14.66 10.13 30.81
CA ARG A 722 -13.32 9.55 30.81
C ARG A 722 -12.80 8.96 29.51
N LYS A 723 -13.68 8.31 28.76
CA LYS A 723 -13.28 7.72 27.48
C LYS A 723 -14.43 7.85 26.51
N ILE A 724 -14.19 7.55 25.24
CA ILE A 724 -15.25 7.68 24.28
C ILE A 724 -14.95 6.92 22.98
N CYS A 725 -16.00 6.32 22.43
CA CYS A 725 -15.89 5.57 21.20
C CYS A 725 -16.96 6.05 20.30
N TYR A 726 -17.07 5.38 19.17
CA TYR A 726 -18.11 5.69 18.24
C TYR A 726 -18.47 4.40 17.55
N GLN A 727 -19.77 4.11 17.51
CA GLN A 727 -20.27 2.91 16.89
C GLN A 727 -21.19 3.33 15.77
N GLU A 728 -20.69 3.21 14.55
CA GLU A 728 -21.43 3.58 13.35
C GLU A 728 -22.80 2.89 13.32
N VAL A 729 -22.80 1.56 13.26
CA VAL A 729 -24.05 0.81 13.20
C VAL A 729 -25.08 1.25 14.22
N SER A 730 -24.65 1.54 15.44
CA SER A 730 -25.57 1.97 16.48
C SER A 730 -25.95 3.43 16.34
N GLN A 731 -25.17 4.16 15.53
CA GLN A 731 -25.41 5.59 15.34
C GLN A 731 -25.25 6.28 16.68
N CYS A 732 -24.18 5.95 17.39
CA CYS A 732 -23.98 6.56 18.71
C CYS A 732 -22.56 6.42 19.25
N PHE A 733 -22.32 7.08 20.39
CA PHE A 733 -21.02 7.05 21.04
C PHE A 733 -21.11 6.36 22.40
N GLY A 734 -20.04 5.68 22.76
CA GLY A 734 -19.98 5.02 24.04
C GLY A 734 -19.07 5.89 24.86
N VAL A 735 -19.48 6.28 26.06
CA VAL A 735 -18.68 7.16 26.91
C VAL A 735 -18.55 6.65 28.35
N LEU A 736 -17.31 6.56 28.85
CA LEU A 736 -17.10 6.12 30.23
C LEU A 736 -17.23 7.34 31.12
N SER A 737 -17.94 7.21 32.23
CA SER A 737 -18.13 8.36 33.10
C SER A 737 -18.08 8.07 34.59
N SER A 738 -17.78 9.11 35.34
CA SER A 738 -17.70 9.02 36.81
C SER A 738 -18.39 10.22 37.46
N ARG A 739 -19.01 9.99 38.61
CA ARG A 739 -19.73 11.04 39.36
C ARG A 739 -19.39 10.94 40.83
N ILE A 740 -19.55 12.05 41.54
CA ILE A 740 -19.23 12.05 42.95
C ILE A 740 -20.42 11.85 43.86
N GLU A 741 -20.46 10.72 44.55
CA GLU A 741 -21.55 10.45 45.47
C GLU A 741 -20.94 10.30 46.86
N VAL A 742 -21.56 10.91 47.85
CA VAL A 742 -21.06 10.81 49.21
C VAL A 742 -21.82 9.74 49.98
N GLN A 743 -21.14 9.13 50.94
CA GLN A 743 -21.72 8.08 51.76
C GLN A 743 -22.86 8.67 52.57
N ASP A 744 -23.91 7.88 52.79
CA ASP A 744 -25.05 8.35 53.56
C ASP A 744 -25.54 7.31 54.57
N THR A 745 -25.90 7.79 55.75
CA THR A 745 -26.39 6.93 56.83
C THR A 745 -27.46 5.97 56.34
N SER A 746 -28.29 6.44 55.40
CA SER A 746 -29.37 5.65 54.85
C SER A 746 -28.93 4.37 54.11
N GLY A 747 -27.80 3.81 54.52
CA GLY A 747 -27.31 2.58 53.90
C GLY A 747 -26.23 2.73 52.85
N GLY A 748 -26.45 3.59 51.86
CA GLY A 748 -25.46 3.77 50.80
C GLY A 748 -24.98 5.19 50.57
N THR A 749 -24.79 5.52 49.30
CA THR A 749 -24.29 6.84 48.89
C THR A 749 -25.29 7.59 48.01
N THR A 750 -25.48 8.89 48.28
CA THR A 750 -26.41 9.68 47.50
C THR A 750 -25.70 10.32 46.33
N ALA A 751 -25.81 11.64 46.20
CA ALA A 751 -25.17 12.35 45.11
C ALA A 751 -25.21 13.84 45.43
N LEU A 752 -24.71 14.66 44.50
CA LEU A 752 -24.68 16.08 44.74
C LEU A 752 -25.47 16.91 43.74
N ARG A 753 -25.88 16.29 42.64
CA ARG A 753 -26.63 17.02 41.62
C ARG A 753 -27.03 16.11 40.48
N PRO A 754 -28.05 16.48 39.73
CA PRO A 754 -28.50 15.66 38.59
C PRO A 754 -27.33 15.60 37.60
N SER A 755 -27.15 14.46 36.92
CA SER A 755 -26.06 14.36 35.96
C SER A 755 -26.44 13.42 34.82
N ALA A 756 -25.69 13.49 33.74
CA ALA A 756 -25.97 12.65 32.58
C ALA A 756 -26.24 11.19 32.92
N SER A 757 -25.56 10.66 33.92
CA SER A 757 -25.76 9.26 34.29
C SER A 757 -27.07 9.04 35.05
N THR A 758 -27.42 10.00 35.90
CA THR A 758 -28.65 9.91 36.69
C THR A 758 -29.90 10.30 35.89
N GLN A 759 -29.93 11.47 35.27
CA GLN A 759 -31.10 11.89 34.51
C GLN A 759 -31.10 11.21 33.12
N ALA A 760 -30.94 9.89 33.08
CA ALA A 760 -30.91 9.15 31.80
C ALA A 760 -32.25 8.54 31.40
N LEU A 761 -32.40 8.25 30.11
CA LEU A 761 -33.64 7.63 29.65
C LEU A 761 -33.63 6.20 30.17
N SER A 762 -32.80 5.36 29.57
CA SER A 762 -32.68 3.98 30.03
C SER A 762 -31.71 4.02 31.20
N SER A 763 -31.50 2.87 31.82
CA SER A 763 -30.62 2.78 32.98
C SER A 763 -30.48 1.31 33.36
N SER A 764 -29.43 0.98 34.11
CA SER A 764 -29.21 -0.38 34.56
C SER A 764 -28.04 -0.39 35.52
N VAL A 765 -27.85 -1.52 36.19
CA VAL A 765 -26.72 -1.65 37.12
C VAL A 765 -26.08 -3.02 37.02
N SER A 766 -24.80 -3.07 37.33
CA SER A 766 -24.05 -4.31 37.27
C SER A 766 -24.67 -5.35 38.22
N SER A 767 -24.94 -6.53 37.66
CA SER A 767 -25.54 -7.63 38.42
C SER A 767 -24.50 -8.69 38.73
N SER A 768 -23.28 -8.47 38.27
CA SER A 768 -22.17 -9.41 38.48
C SER A 768 -21.98 -9.83 39.94
N LYS A 769 -21.52 -11.07 40.12
CA LYS A 769 -21.28 -11.62 41.45
C LYS A 769 -19.82 -12.03 41.56
N LEU A 770 -19.03 -11.71 40.53
CA LEU A 770 -17.62 -12.04 40.49
C LEU A 770 -16.84 -11.66 41.74
N PHE A 771 -17.19 -10.55 42.36
CA PHE A 771 -16.52 -10.15 43.58
C PHE A 771 -17.60 -9.97 44.62
N SER A 772 -17.38 -10.59 45.77
CA SER A 772 -18.33 -10.54 46.88
C SER A 772 -17.96 -11.63 47.87
N SER A 773 -16.66 -11.72 48.17
CA SER A 773 -16.13 -12.71 49.09
C SER A 773 -14.95 -12.13 49.86
N THR A 780 -17.20 4.95 52.54
CA THR A 780 -16.32 4.98 53.70
C THR A 780 -17.09 5.38 54.96
N SER A 781 -16.57 6.38 55.70
CA SER A 781 -17.30 6.86 56.88
C SER A 781 -18.66 7.09 56.38
N PHE A 782 -19.03 8.33 56.43
CA PHE A 782 -20.29 8.82 55.95
C PHE A 782 -19.98 9.97 55.05
N GLY A 783 -19.19 10.86 55.60
CA GLY A 783 -18.77 12.07 54.95
C GLY A 783 -17.86 11.88 53.75
N GLU A 784 -17.15 10.75 53.69
CA GLU A 784 -16.22 10.49 52.60
C GLU A 784 -16.87 10.47 51.20
N GLU A 785 -16.09 10.90 50.20
CA GLU A 785 -16.56 10.92 48.82
C GLU A 785 -16.28 9.57 48.18
N VAL A 786 -17.09 9.20 47.19
CA VAL A 786 -16.94 7.91 46.51
C VAL A 786 -17.16 8.08 45.01
N GLU A 787 -16.38 7.37 44.20
CA GLU A 787 -16.56 7.48 42.76
C GLU A 787 -17.48 6.40 42.22
N VAL A 788 -18.41 6.78 41.35
CA VAL A 788 -19.32 5.82 40.75
C VAL A 788 -19.17 5.93 39.24
N HIS A 789 -18.83 4.82 38.59
CA HIS A 789 -18.66 4.86 37.17
C HIS A 789 -19.85 4.34 36.38
N ASN A 790 -20.02 4.89 35.18
CA ASN A 790 -21.10 4.51 34.30
C ASN A 790 -20.61 4.47 32.88
N LEU A 791 -21.35 3.76 32.04
CA LEU A 791 -21.06 3.67 30.63
C LEU A 791 -22.29 4.27 29.97
N LEU A 792 -22.18 5.50 29.45
CA LEU A 792 -23.30 6.17 28.83
C LEU A 792 -23.42 5.80 27.39
N ILE A 793 -24.61 5.91 26.82
CA ILE A 793 -24.83 5.63 25.42
C ILE A 793 -25.52 6.89 24.91
N ILE A 794 -24.77 7.73 24.20
CA ILE A 794 -25.23 9.00 23.68
C ILE A 794 -25.54 8.96 22.20
N ASP A 795 -26.66 9.55 21.82
CA ASP A 795 -27.04 9.58 20.40
C ASP A 795 -26.16 10.49 19.52
N GLN A 796 -25.73 9.94 18.41
CA GLN A 796 -24.89 10.63 17.45
C GLN A 796 -25.44 11.99 16.97
N HIS A 797 -26.75 12.08 16.79
CA HIS A 797 -27.37 13.31 16.31
C HIS A 797 -27.85 14.25 17.40
N THR A 798 -28.57 13.72 18.39
CA THR A 798 -29.11 14.54 19.47
C THR A 798 -28.20 14.65 20.67
N PHE A 799 -27.27 13.70 20.79
CA PHE A 799 -26.35 13.63 21.90
C PHE A 799 -27.08 13.48 23.21
N GLU A 800 -28.30 12.95 23.20
CA GLU A 800 -28.96 12.76 24.47
C GLU A 800 -28.51 11.38 24.94
N VAL A 801 -28.44 11.18 26.26
CA VAL A 801 -28.01 9.92 26.83
C VAL A 801 -29.09 8.83 26.74
N LEU A 802 -29.01 7.99 25.70
CA LEU A 802 -29.96 6.91 25.48
C LEU A 802 -30.04 5.92 26.64
N HIS A 803 -28.90 5.38 27.03
CA HIS A 803 -28.85 4.41 28.11
C HIS A 803 -27.63 4.67 28.98
N ALA A 804 -27.79 4.45 30.28
CA ALA A 804 -26.71 4.62 31.25
C ALA A 804 -26.57 3.28 31.98
N HIS A 805 -25.35 2.87 32.30
CA HIS A 805 -25.14 1.59 33.00
C HIS A 805 -24.19 1.70 34.18
N GLN A 806 -24.65 1.38 35.37
CA GLN A 806 -23.77 1.50 36.52
C GLN A 806 -22.90 0.26 36.76
N PHE A 807 -21.66 0.47 37.19
CA PHE A 807 -20.75 -0.64 37.45
C PHE A 807 -20.73 -1.00 38.94
N LEU A 808 -20.22 -2.18 39.24
CA LEU A 808 -20.18 -2.64 40.62
C LEU A 808 -19.62 -1.55 41.51
N GLN A 809 -20.09 -1.50 42.75
CA GLN A 809 -19.63 -0.51 43.70
C GLN A 809 -18.10 -0.64 43.72
N ASN A 810 -17.41 0.50 43.80
CA ASN A 810 -15.95 0.53 43.83
C ASN A 810 -15.24 0.15 42.53
N GLU A 811 -15.98 -0.20 41.50
CA GLU A 811 -15.36 -0.57 40.24
C GLU A 811 -15.17 0.64 39.31
N TYR A 812 -13.94 0.94 38.94
CA TYR A 812 -13.66 2.07 38.04
C TYR A 812 -13.52 1.54 36.63
N ALA A 813 -14.11 2.22 35.66
CA ALA A 813 -14.00 1.79 34.26
C ALA A 813 -12.90 2.64 33.67
N LEU A 814 -11.88 2.01 33.11
CA LEU A 814 -10.75 2.74 32.58
C LEU A 814 -10.56 2.72 31.06
N SER A 815 -10.99 1.66 30.40
CA SER A 815 -10.82 1.58 28.95
C SER A 815 -12.08 1.24 28.19
N LEU A 816 -12.19 1.79 26.99
CA LEU A 816 -13.37 1.55 26.18
C LEU A 816 -12.98 1.13 24.77
N VAL A 817 -13.93 0.64 24.01
CA VAL A 817 -13.66 0.23 22.64
C VAL A 817 -14.91 -0.39 22.01
N SER A 818 -15.18 0.03 20.78
CA SER A 818 -16.31 -0.45 20.01
C SER A 818 -15.70 -1.29 18.89
N CYS A 819 -16.19 -2.51 18.71
CA CYS A 819 -15.63 -3.34 17.65
C CYS A 819 -16.27 -4.70 17.54
N LYS A 820 -15.89 -5.42 16.51
CA LYS A 820 -16.36 -6.78 16.27
C LYS A 820 -15.22 -7.71 16.70
N LEU A 821 -15.48 -9.02 16.75
CA LEU A 821 -14.47 -10.00 17.16
C LEU A 821 -14.76 -11.37 16.57
N GLY A 822 -13.72 -12.19 16.42
CA GLY A 822 -13.87 -13.53 15.86
C GLY A 822 -14.78 -13.53 14.64
N LYS A 823 -15.68 -14.51 14.57
CA LYS A 823 -16.61 -14.59 13.45
C LYS A 823 -17.97 -14.02 13.82
N ASP A 824 -18.07 -13.53 15.06
CA ASP A 824 -19.29 -12.92 15.58
C ASP A 824 -19.70 -11.70 14.72
N PRO A 825 -20.94 -11.70 14.21
CA PRO A 825 -21.42 -10.59 13.38
C PRO A 825 -21.68 -9.29 14.10
N ASN A 826 -22.14 -9.40 15.35
CA ASN A 826 -22.48 -8.24 16.16
C ASN A 826 -21.32 -7.31 16.50
N THR A 827 -21.66 -6.06 16.80
CA THR A 827 -20.68 -5.03 17.16
C THR A 827 -20.87 -4.64 18.63
N TYR A 828 -19.95 -5.05 19.48
CA TYR A 828 -20.05 -4.78 20.91
C TYR A 828 -19.36 -3.51 21.40
N PHE A 829 -19.63 -3.20 22.66
CA PHE A 829 -19.04 -2.08 23.38
C PHE A 829 -18.27 -2.82 24.47
N ILE A 830 -16.96 -2.72 24.48
CA ILE A 830 -16.20 -3.45 25.48
C ILE A 830 -15.51 -2.53 26.44
N VAL A 831 -15.68 -2.79 27.74
CA VAL A 831 -15.11 -1.97 28.81
C VAL A 831 -14.13 -2.76 29.69
N GLY A 832 -13.02 -2.12 30.07
CA GLY A 832 -12.05 -2.74 30.94
C GLY A 832 -12.20 -2.02 32.26
N THR A 833 -12.07 -2.73 33.38
CA THR A 833 -12.26 -2.09 34.69
C THR A 833 -11.23 -2.43 35.75
N ALA A 834 -11.46 -1.88 36.95
CA ALA A 834 -10.57 -2.12 38.07
C ALA A 834 -11.27 -1.91 39.43
N MET A 835 -11.05 -2.82 40.35
CA MET A 835 -11.65 -2.67 41.67
C MET A 835 -10.65 -1.87 42.49
N VAL A 836 -10.98 -0.61 42.74
CA VAL A 836 -10.11 0.29 43.46
C VAL A 836 -10.40 0.45 44.95
N TYR A 837 -9.42 0.04 45.76
CA TYR A 837 -9.51 0.15 47.21
C TYR A 837 -8.30 0.97 47.66
N PRO A 838 -8.55 2.08 48.38
CA PRO A 838 -7.53 3.01 48.89
C PRO A 838 -6.42 2.33 49.69
N GLU A 839 -6.76 1.19 50.27
CA GLU A 839 -5.82 0.43 51.07
C GLU A 839 -4.78 -0.31 50.22
N GLU A 840 -5.10 -0.53 48.94
CA GLU A 840 -4.17 -1.20 48.04
C GLU A 840 -3.41 -0.15 47.22
N ALA A 841 -2.15 -0.45 46.88
CA ALA A 841 -1.34 0.47 46.10
C ALA A 841 -1.68 0.36 44.62
N GLU A 842 -2.19 -0.80 44.22
CA GLU A 842 -2.60 -1.03 42.84
C GLU A 842 -3.66 -2.14 42.81
N PRO A 843 -4.65 -2.03 41.92
CA PRO A 843 -5.71 -3.02 41.82
C PRO A 843 -5.19 -4.43 41.69
N LYS A 844 -5.92 -5.38 42.26
CA LYS A 844 -5.52 -6.79 42.19
C LYS A 844 -6.66 -7.52 41.50
N GLN A 845 -7.76 -6.80 41.26
CA GLN A 845 -8.93 -7.38 40.62
C GLN A 845 -9.54 -6.41 39.62
N GLY A 846 -10.24 -6.97 38.64
CA GLY A 846 -10.90 -6.15 37.65
C GLY A 846 -11.53 -7.09 36.65
N ARG A 847 -12.24 -6.55 35.65
CA ARG A 847 -12.85 -7.40 34.63
C ARG A 847 -13.04 -6.73 33.26
N ILE A 848 -13.39 -7.54 32.27
CA ILE A 848 -13.64 -7.08 30.91
C ILE A 848 -15.09 -7.39 30.60
N VAL A 849 -15.96 -6.38 30.67
CA VAL A 849 -17.35 -6.61 30.39
C VAL A 849 -17.65 -6.33 28.91
N VAL A 850 -18.45 -7.18 28.29
CA VAL A 850 -18.80 -7.00 26.89
C VAL A 850 -20.28 -6.70 26.70
N PHE A 851 -20.62 -5.47 26.31
CA PHE A 851 -22.02 -5.11 26.09
C PHE A 851 -22.37 -4.97 24.62
N GLN A 852 -23.66 -4.86 24.36
CA GLN A 852 -24.15 -4.67 23.02
C GLN A 852 -25.36 -3.77 23.11
N TYR A 853 -25.51 -2.90 22.12
CA TYR A 853 -26.65 -2.00 22.09
C TYR A 853 -27.41 -2.33 20.81
N SER A 854 -27.75 -3.62 20.68
CA SER A 854 -28.47 -4.15 19.54
C SER A 854 -29.71 -3.31 19.26
N ASP A 855 -30.20 -2.69 20.32
CA ASP A 855 -31.38 -1.85 20.21
C ASP A 855 -31.86 -1.37 21.58
N GLY A 856 -32.81 -0.44 21.53
CA GLY A 856 -33.43 0.14 22.71
C GLY A 856 -32.58 0.24 23.96
N LYS A 857 -32.14 -0.91 24.49
CA LYS A 857 -31.31 -0.95 25.69
C LYS A 857 -30.02 -1.73 25.50
N LEU A 858 -29.17 -1.67 26.53
CA LEU A 858 -27.89 -2.35 26.53
C LEU A 858 -28.06 -3.76 27.05
N GLN A 859 -27.26 -4.68 26.54
CA GLN A 859 -27.33 -6.08 26.94
C GLN A 859 -25.93 -6.55 27.36
N THR A 860 -25.82 -7.08 28.58
CA THR A 860 -24.53 -7.57 29.09
C THR A 860 -24.23 -8.97 28.59
N VAL A 861 -23.73 -9.06 27.36
CA VAL A 861 -23.38 -10.34 26.74
C VAL A 861 -22.40 -11.24 27.50
N ALA A 862 -21.20 -10.75 27.85
CA ALA A 862 -20.23 -11.58 28.56
C ALA A 862 -19.44 -10.92 29.67
N GLU A 863 -18.59 -11.69 30.32
CA GLU A 863 -17.79 -11.22 31.43
C GLU A 863 -16.51 -12.04 31.53
N LYS A 864 -15.42 -11.39 31.95
CA LYS A 864 -14.12 -12.06 32.08
C LYS A 864 -13.33 -11.49 33.24
N GLU A 865 -13.05 -12.32 34.25
CA GLU A 865 -12.30 -11.84 35.41
C GLU A 865 -10.86 -11.52 35.09
N VAL A 866 -10.31 -10.61 35.89
CA VAL A 866 -8.96 -10.14 35.71
C VAL A 866 -8.41 -9.78 37.08
N LYS A 867 -7.12 -10.01 37.28
CA LYS A 867 -6.48 -9.74 38.57
C LYS A 867 -5.71 -8.42 38.62
N GLY A 868 -6.33 -7.37 38.13
CA GLY A 868 -5.68 -6.07 38.13
C GLY A 868 -6.45 -5.12 37.26
N ALA A 869 -5.91 -3.91 37.10
CA ALA A 869 -6.55 -2.87 36.29
C ALA A 869 -6.36 -3.09 34.82
N VAL A 870 -7.44 -2.87 34.08
CA VAL A 870 -7.39 -2.99 32.61
C VAL A 870 -7.34 -1.54 32.10
N TYR A 871 -6.12 -1.00 32.12
CA TYR A 871 -5.84 0.37 31.71
C TYR A 871 -6.10 0.65 30.25
N SER A 872 -5.70 -0.28 29.40
CA SER A 872 -5.87 -0.11 27.97
C SER A 872 -6.24 -1.40 27.24
N MET A 873 -7.02 -1.25 26.18
CA MET A 873 -7.40 -2.39 25.36
C MET A 873 -7.74 -1.92 23.95
N VAL A 874 -7.40 -2.75 22.98
CA VAL A 874 -7.63 -2.41 21.58
C VAL A 874 -7.97 -3.62 20.72
N GLU A 875 -8.83 -3.41 19.73
CA GLU A 875 -9.20 -4.48 18.80
C GLU A 875 -7.95 -4.83 18.01
N PHE A 876 -7.69 -6.11 17.83
CA PHE A 876 -6.48 -6.55 17.13
C PHE A 876 -6.73 -7.72 16.21
N ASN A 877 -6.80 -7.46 14.90
CA ASN A 877 -7.02 -8.53 13.93
C ASN A 877 -8.07 -9.55 14.36
N GLY A 878 -9.23 -9.07 14.79
CA GLY A 878 -10.26 -9.98 15.21
C GLY A 878 -10.16 -10.35 16.67
N LYS A 879 -8.96 -10.22 17.22
CA LYS A 879 -8.78 -10.54 18.61
C LYS A 879 -8.95 -9.27 19.46
N LEU A 880 -8.79 -9.38 20.78
CA LEU A 880 -8.92 -8.23 21.64
C LEU A 880 -7.66 -8.11 22.44
N LEU A 881 -6.93 -7.01 22.23
CA LEU A 881 -5.68 -6.77 22.94
C LEU A 881 -6.04 -5.95 24.17
N ALA A 882 -5.39 -6.24 25.29
CA ALA A 882 -5.68 -5.51 26.52
C ALA A 882 -4.52 -5.58 27.48
N SER A 883 -4.38 -4.55 28.30
CA SER A 883 -3.33 -4.54 29.28
C SER A 883 -3.89 -4.60 30.69
N ILE A 884 -3.33 -5.44 31.58
CA ILE A 884 -4.00 -5.43 32.86
C ILE A 884 -3.26 -4.61 33.89
N ASN A 885 -2.09 -4.97 34.26
CA ASN A 885 -1.37 -4.22 35.22
C ASN A 885 -0.01 -4.15 34.58
N SER A 886 0.76 -5.19 34.85
CA SER A 886 2.10 -5.34 34.32
C SER A 886 2.06 -6.24 33.09
N THR A 887 0.85 -6.64 32.70
CA THR A 887 0.72 -7.57 31.58
C THR A 887 0.00 -7.09 30.35
N VAL A 888 0.40 -7.64 29.21
CA VAL A 888 -0.24 -7.34 27.94
C VAL A 888 -0.78 -8.70 27.46
N ARG A 889 -2.10 -8.78 27.35
CA ARG A 889 -2.74 -10.02 26.96
C ARG A 889 -3.60 -9.96 25.69
N LEU A 890 -3.63 -11.07 24.97
CA LEU A 890 -4.43 -11.17 23.76
C LEU A 890 -5.52 -12.23 23.97
N TYR A 891 -6.77 -11.78 23.94
CA TYR A 891 -7.92 -12.65 24.15
C TYR A 891 -8.63 -13.02 22.84
N GLU A 892 -9.16 -14.23 22.75
CA GLU A 892 -9.90 -14.67 21.56
C GLU A 892 -11.39 -14.70 21.94
N TRP A 893 -12.25 -14.59 20.94
CA TRP A 893 -13.70 -14.60 21.16
C TRP A 893 -14.27 -15.84 20.47
N THR A 894 -14.71 -16.79 21.29
CA THR A 894 -15.27 -18.05 20.80
C THR A 894 -16.65 -17.89 20.18
N THR A 895 -17.16 -19.00 19.70
CA THR A 895 -18.48 -19.04 19.11
C THR A 895 -19.47 -19.21 20.27
N GLU A 896 -18.92 -19.54 21.42
CA GLU A 896 -19.70 -19.74 22.63
C GLU A 896 -19.77 -18.40 23.38
N LYS A 897 -19.25 -17.37 22.70
CA LYS A 897 -19.18 -16.00 23.23
C LYS A 897 -18.48 -15.80 24.57
N ASP A 898 -17.20 -16.11 24.60
CA ASP A 898 -16.37 -15.94 25.79
C ASP A 898 -15.03 -15.40 25.31
N VAL A 899 -14.33 -14.65 26.16
CA VAL A 899 -13.01 -14.16 25.76
C VAL A 899 -12.05 -15.08 26.49
N ARG A 900 -11.12 -15.69 25.77
CA ARG A 900 -10.15 -16.56 26.42
C ARG A 900 -8.71 -16.24 26.03
N THR A 901 -7.86 -16.20 27.04
CA THR A 901 -6.44 -15.91 26.90
C THR A 901 -5.72 -16.73 25.83
N GLU A 902 -4.95 -16.11 25.02
CA GLU A 902 -4.09 -16.94 24.30
C GLU A 902 -2.81 -16.56 25.02
N CYS A 903 -1.91 -15.77 24.43
CA CYS A 903 -0.61 -15.42 25.02
C CYS A 903 -0.54 -14.15 25.90
N ASN A 904 0.58 -13.96 26.57
CA ASN A 904 0.86 -12.77 27.41
C ASN A 904 2.31 -12.32 27.27
N HIS A 905 2.57 -11.12 27.76
CA HIS A 905 3.90 -10.52 27.78
C HIS A 905 3.94 -9.90 29.17
N TYR A 906 5.02 -10.12 29.91
CA TYR A 906 5.12 -9.63 31.28
C TYR A 906 6.25 -8.65 31.58
N ASN A 907 7.02 -8.29 30.56
CA ASN A 907 8.13 -7.40 30.83
C ASN A 907 7.78 -5.91 30.84
N ASN A 908 7.07 -5.50 31.88
CA ASN A 908 6.66 -4.10 32.04
C ASN A 908 6.48 -3.83 33.51
N ILE A 909 6.50 -2.56 33.89
CA ILE A 909 6.29 -2.18 35.27
C ILE A 909 4.79 -2.00 35.35
N MET A 910 4.25 -1.19 34.44
CA MET A 910 2.83 -0.91 34.34
C MET A 910 2.48 -0.42 32.93
N ALA A 911 1.86 -1.31 32.16
CA ALA A 911 1.46 -1.06 30.78
C ALA A 911 0.18 -0.23 30.68
N LEU A 912 0.35 1.08 30.54
CA LEU A 912 -0.78 2.00 30.45
C LEU A 912 -1.38 2.22 29.08
N TYR A 913 -0.53 2.40 28.07
CA TYR A 913 -1.01 2.71 26.73
C TYR A 913 -0.78 1.66 25.67
N LEU A 914 -1.71 1.56 24.72
CA LEU A 914 -1.64 0.58 23.65
C LEU A 914 -2.06 1.11 22.29
N LYS A 915 -1.27 0.83 21.26
CA LYS A 915 -1.62 1.23 19.90
C LYS A 915 -1.21 0.11 18.98
N THR A 916 -1.99 -0.10 17.93
CA THR A 916 -1.75 -1.17 16.99
C THR A 916 -1.75 -0.75 15.54
N LYS A 917 -0.97 -1.50 14.76
CA LYS A 917 -0.86 -1.32 13.32
C LYS A 917 -0.32 -2.65 12.80
N GLY A 918 -1.15 -3.41 12.11
CA GLY A 918 -0.73 -4.69 11.61
C GLY A 918 -0.54 -5.67 12.75
N ASP A 919 0.52 -6.47 12.72
CA ASP A 919 0.79 -7.42 13.79
C ASP A 919 1.77 -6.82 14.78
N PHE A 920 1.99 -5.51 14.66
CA PHE A 920 2.88 -4.80 15.56
C PHE A 920 2.07 -4.11 16.64
N ILE A 921 2.66 -3.99 17.82
CA ILE A 921 1.96 -3.40 18.95
C ILE A 921 2.86 -2.43 19.70
N LEU A 922 2.32 -1.26 20.05
CA LEU A 922 3.10 -0.27 20.77
C LEU A 922 2.67 -0.14 22.22
N VAL A 923 3.59 -0.41 23.14
CA VAL A 923 3.27 -0.35 24.57
C VAL A 923 3.82 0.87 25.31
N GLY A 924 2.95 1.55 26.06
CA GLY A 924 3.32 2.71 26.82
C GLY A 924 3.24 2.37 28.30
N ASP A 925 4.36 2.40 28.98
CA ASP A 925 4.52 2.05 30.34
C ASP A 925 4.78 3.24 31.22
N LEU A 926 4.43 3.10 32.48
CA LEU A 926 4.60 4.13 33.48
C LEU A 926 5.96 4.82 33.44
N MET A 927 7.02 4.02 33.41
CA MET A 927 8.35 4.58 33.43
C MET A 927 9.42 3.96 32.55
N ARG A 928 9.05 3.01 31.70
CA ARG A 928 10.03 2.36 30.83
C ARG A 928 9.77 2.72 29.37
N SER A 929 9.28 3.95 29.16
CA SER A 929 8.94 4.46 27.83
C SER A 929 8.36 3.40 26.91
N VAL A 930 8.39 3.64 25.60
CA VAL A 930 7.83 2.71 24.64
C VAL A 930 8.62 1.41 24.33
N LEU A 931 7.89 0.39 23.89
CA LEU A 931 8.41 -0.93 23.55
C LEU A 931 7.59 -1.44 22.37
N LEU A 932 8.22 -2.13 21.43
CA LEU A 932 7.52 -2.68 20.27
C LEU A 932 7.44 -4.21 20.30
N LEU A 933 6.21 -4.72 20.25
CA LEU A 933 5.99 -6.17 20.24
C LEU A 933 5.41 -6.53 18.89
N ALA A 934 5.55 -7.81 18.55
CA ALA A 934 5.00 -8.32 17.30
C ALA A 934 4.34 -9.64 17.64
N TYR A 935 3.14 -9.84 17.11
CA TYR A 935 2.40 -11.06 17.32
C TYR A 935 2.88 -12.06 16.29
N LYS A 936 3.44 -13.17 16.74
CA LYS A 936 3.89 -14.21 15.82
C LYS A 936 2.73 -15.18 15.70
N PRO A 937 2.00 -15.14 14.56
CA PRO A 937 0.85 -16.02 14.33
C PRO A 937 1.14 -17.50 14.60
N MET A 938 1.92 -18.12 13.72
CA MET A 938 2.27 -19.53 13.84
C MET A 938 2.66 -19.93 15.25
N GLU A 939 3.43 -19.07 15.92
CA GLU A 939 3.88 -19.35 17.28
C GLU A 939 2.76 -19.31 18.35
N GLY A 940 1.79 -18.42 18.17
CA GLY A 940 0.73 -18.33 19.15
C GLY A 940 1.03 -17.43 20.35
N ASN A 941 2.04 -16.56 20.23
CA ASN A 941 2.35 -15.64 21.32
C ASN A 941 3.03 -14.35 20.83
N PHE A 942 3.67 -13.62 21.75
CA PHE A 942 4.33 -12.35 21.44
C PHE A 942 5.85 -12.43 21.35
N GLU A 943 6.44 -11.49 20.61
CA GLU A 943 7.88 -11.39 20.47
C GLU A 943 8.29 -9.91 20.59
N GLU A 944 9.32 -9.64 21.37
CA GLU A 944 9.82 -8.29 21.54
C GLU A 944 10.69 -7.89 20.35
N ILE A 945 10.26 -6.89 19.59
CA ILE A 945 11.04 -6.46 18.45
C ILE A 945 12.12 -5.47 18.84
N ALA A 946 11.78 -4.49 19.68
CA ALA A 946 12.73 -3.48 20.10
C ALA A 946 12.07 -2.56 21.10
N ARG A 947 12.88 -1.87 21.90
CA ARG A 947 12.37 -0.93 22.89
C ARG A 947 13.29 0.30 23.04
N ASP A 948 12.75 1.38 23.61
CA ASP A 948 13.52 2.59 23.85
C ASP A 948 14.27 2.35 25.14
N PHE A 949 15.59 2.48 25.13
CA PHE A 949 16.33 2.25 26.35
C PHE A 949 16.44 3.43 27.28
N ASN A 950 15.82 4.55 26.93
CA ASN A 950 15.84 5.75 27.78
C ASN A 950 14.55 5.74 28.61
N PRO A 951 14.66 5.93 29.93
CA PRO A 951 13.47 5.93 30.78
C PRO A 951 12.58 7.15 30.48
N ASN A 952 11.28 6.92 30.43
CA ASN A 952 10.32 7.99 30.19
C ASN A 952 8.96 7.73 30.78
N TRP A 953 8.50 8.67 31.59
CA TRP A 953 7.18 8.58 32.19
C TRP A 953 6.17 8.98 31.10
N MET A 954 5.55 7.99 30.46
CA MET A 954 4.60 8.24 29.38
C MET A 954 3.26 8.81 29.80
N SER A 955 2.51 9.31 28.84
CA SER A 955 1.20 9.85 29.12
C SER A 955 0.33 9.59 27.91
N ALA A 956 0.97 9.36 26.78
CA ALA A 956 0.28 9.08 25.53
C ALA A 956 1.28 8.49 24.53
N VAL A 957 0.76 7.81 23.51
CA VAL A 957 1.63 7.13 22.58
C VAL A 957 0.94 6.95 21.23
N GLU A 958 1.71 6.86 20.15
CA GLU A 958 1.11 6.72 18.83
C GLU A 958 2.09 6.18 17.80
N ILE A 959 1.57 5.58 16.72
CA ILE A 959 2.41 5.05 15.66
C ILE A 959 2.31 5.96 14.42
N LEU A 960 3.41 6.61 14.04
CA LEU A 960 3.35 7.48 12.87
C LEU A 960 3.38 6.65 11.61
N ASP A 961 4.02 5.50 11.69
CA ASP A 961 4.09 4.57 10.57
C ASP A 961 4.92 3.37 10.99
N ASP A 962 5.06 2.39 10.11
CA ASP A 962 5.79 1.19 10.46
C ASP A 962 7.09 1.38 11.25
N ASP A 963 7.85 2.42 10.94
CA ASP A 963 9.11 2.62 11.64
C ASP A 963 9.21 3.69 12.72
N ASN A 964 8.25 4.60 12.77
CA ASN A 964 8.32 5.67 13.76
C ASN A 964 7.19 5.70 14.77
N PHE A 965 7.56 5.85 16.04
CA PHE A 965 6.58 5.88 17.12
C PHE A 965 6.71 7.18 17.93
N LEU A 966 5.59 7.86 18.09
CA LEU A 966 5.51 9.15 18.78
C LEU A 966 5.11 8.95 20.22
N GLY A 967 5.75 9.68 21.13
CA GLY A 967 5.45 9.57 22.54
C GLY A 967 5.31 10.92 23.24
N ALA A 968 4.41 11.00 24.22
CA ALA A 968 4.21 12.22 24.99
C ALA A 968 4.59 11.83 26.40
N GLU A 969 5.39 12.65 27.06
CA GLU A 969 5.84 12.30 28.39
C GLU A 969 5.30 13.29 29.43
N ASN A 970 5.32 12.89 30.69
CA ASN A 970 4.77 13.71 31.75
C ASN A 970 5.51 14.99 32.13
N ALA A 971 6.49 15.41 31.33
CA ALA A 971 7.22 16.65 31.63
C ALA A 971 7.05 17.64 30.50
N PHE A 972 5.99 17.40 29.72
CA PHE A 972 5.58 18.23 28.61
C PHE A 972 6.48 18.16 27.38
N ASN A 973 7.03 16.97 27.16
CA ASN A 973 7.90 16.74 26.02
C ASN A 973 7.33 15.70 25.07
N LEU A 974 7.66 15.84 23.78
CA LEU A 974 7.26 14.88 22.75
C LEU A 974 8.55 14.24 22.23
N PHE A 975 8.46 13.01 21.73
CA PHE A 975 9.64 12.38 21.18
C PHE A 975 9.31 11.31 20.17
N VAL A 976 10.29 10.99 19.32
CA VAL A 976 10.10 9.96 18.30
C VAL A 976 11.23 8.94 18.34
N CYS A 977 10.83 7.68 18.29
CA CYS A 977 11.75 6.55 18.30
C CYS A 977 11.58 5.86 16.97
N GLN A 978 12.67 5.35 16.43
CA GLN A 978 12.65 4.72 15.12
C GLN A 978 13.35 3.38 15.21
N LYS A 979 12.94 2.44 14.37
CA LYS A 979 13.59 1.15 14.35
C LYS A 979 14.83 1.38 13.51
N ASP A 980 16.01 1.21 14.12
CA ASP A 980 17.27 1.42 13.42
C ASP A 980 17.23 0.73 12.04
N SER A 981 17.89 1.35 11.07
CA SER A 981 17.93 0.80 9.72
C SER A 981 19.10 -0.16 9.54
N ALA A 982 20.04 -0.12 10.47
CA ALA A 982 21.21 -0.99 10.43
C ALA A 982 20.78 -2.41 10.81
N ALA A 983 19.85 -2.96 10.03
CA ALA A 983 19.30 -4.29 10.25
C ALA A 983 20.36 -5.38 10.13
N THR A 984 21.61 -5.01 10.35
CA THR A 984 22.71 -5.96 10.25
C THR A 984 23.08 -6.67 11.54
N THR A 985 22.30 -6.48 12.60
CA THR A 985 22.62 -7.13 13.87
C THR A 985 21.45 -7.23 14.83
N ASP A 986 21.35 -8.38 15.49
CA ASP A 986 20.31 -8.60 16.46
C ASP A 986 20.72 -8.01 17.80
N GLU A 987 20.70 -6.69 17.82
CA GLU A 987 21.03 -5.87 18.97
C GLU A 987 20.73 -4.47 18.48
N GLU A 988 21.11 -4.23 17.22
CA GLU A 988 20.85 -2.95 16.62
C GLU A 988 19.36 -2.87 16.30
N ARG A 989 18.77 -4.00 15.96
CA ARG A 989 17.33 -4.05 15.67
C ARG A 989 16.58 -4.01 17.00
N GLN A 990 17.23 -4.53 18.03
CA GLN A 990 16.69 -4.56 19.38
C GLN A 990 16.46 -3.14 19.91
N HIS A 991 17.22 -2.18 19.43
CA HIS A 991 17.05 -0.81 19.90
C HIS A 991 16.30 0.03 18.90
N LEU A 992 15.66 1.07 19.42
CA LEU A 992 14.97 2.02 18.58
C LEU A 992 15.41 3.37 19.09
N GLN A 993 16.27 4.01 18.29
CA GLN A 993 16.88 5.30 18.60
C GLN A 993 15.90 6.44 18.78
N GLU A 994 16.16 7.28 19.77
CA GLU A 994 15.30 8.42 19.97
C GLU A 994 15.80 9.37 18.90
N VAL A 995 15.03 9.52 17.84
CA VAL A 995 15.38 10.38 16.73
C VAL A 995 14.70 11.74 16.75
N GLY A 996 13.71 11.92 17.63
CA GLY A 996 13.02 13.20 17.71
C GLY A 996 12.83 13.70 19.14
N LEU A 997 13.17 14.96 19.39
CA LEU A 997 13.03 15.55 20.72
C LEU A 997 12.48 16.96 20.56
N PHE A 998 11.44 17.30 21.31
CA PHE A 998 10.82 18.62 21.20
C PHE A 998 10.07 18.97 22.46
N HIS A 999 10.22 20.19 22.97
CA HIS A 999 9.47 20.54 24.18
C HIS A 999 8.17 21.21 23.77
N LEU A 1000 7.06 20.56 24.11
CA LEU A 1000 5.71 21.03 23.79
C LEU A 1000 5.21 22.05 24.79
N GLY A 1001 5.47 21.82 26.07
CA GLY A 1001 4.93 22.74 27.05
C GLY A 1001 3.44 22.48 27.26
N GLU A 1002 2.99 21.29 26.82
CA GLU A 1002 1.62 20.84 26.95
C GLU A 1002 1.60 19.39 27.42
N PHE A 1003 0.69 19.05 28.33
CA PHE A 1003 0.57 17.68 28.85
C PHE A 1003 -0.45 16.97 27.96
N VAL A 1004 -0.02 15.91 27.29
CA VAL A 1004 -0.91 15.19 26.37
C VAL A 1004 -1.59 13.88 26.84
N ASN A 1005 -2.92 13.83 26.71
CA ASN A 1005 -3.70 12.65 27.12
C ASN A 1005 -4.06 11.76 25.94
N VAL A 1006 -4.24 12.32 24.76
CA VAL A 1006 -4.63 11.52 23.63
C VAL A 1006 -4.04 11.88 22.26
N PHE A 1007 -3.74 10.85 21.47
CA PHE A 1007 -3.23 11.00 20.11
C PHE A 1007 -4.20 10.22 19.27
N CYS A 1008 -4.52 10.69 18.07
CA CYS A 1008 -5.40 9.89 17.21
C CYS A 1008 -5.42 10.35 15.76
N HIS A 1009 -5.02 9.45 14.87
CA HIS A 1009 -4.97 9.73 13.44
C HIS A 1009 -6.25 10.38 12.97
N GLY A 1010 -6.11 11.49 12.26
CA GLY A 1010 -7.27 12.19 11.77
C GLY A 1010 -6.94 13.61 11.34
N SER A 1011 -7.91 14.24 10.68
CA SER A 1011 -7.78 15.60 10.19
C SER A 1011 -9.09 16.37 10.19
N LEU A 1012 -9.08 17.59 10.72
CA LEU A 1012 -10.28 18.42 10.71
C LEU A 1012 -10.37 19.15 9.38
N VAL A 1013 -9.52 18.80 8.42
CA VAL A 1013 -9.54 19.50 7.15
C VAL A 1013 -10.08 18.63 6.01
N MET A 1014 -10.80 19.25 5.08
CA MET A 1014 -11.37 18.53 3.92
C MET A 1014 -10.29 17.83 3.12
N GLN A 1015 -10.69 17.07 2.10
CA GLN A 1015 -9.73 16.37 1.25
C GLN A 1015 -10.42 15.83 0.00
N ASN A 1016 -11.73 16.04 -0.08
CA ASN A 1016 -12.50 15.59 -1.24
C ASN A 1016 -12.38 16.66 -2.34
N LEU A 1017 -11.80 17.79 -1.98
CA LEU A 1017 -11.62 18.89 -2.93
C LEU A 1017 -10.67 18.44 -4.04
N GLY A 1018 -11.22 17.83 -5.08
CA GLY A 1018 -10.40 17.36 -6.18
C GLY A 1018 -9.07 16.77 -5.76
N SER A 1021 -2.12 15.88 -2.82
CA SER A 1021 -1.35 17.11 -2.99
C SER A 1021 -1.03 17.75 -1.64
N THR A 1022 0.03 17.27 -0.99
CA THR A 1022 0.43 17.79 0.31
C THR A 1022 1.93 17.66 0.52
N PRO A 1023 2.55 18.69 1.11
CA PRO A 1023 3.99 18.72 1.39
C PRO A 1023 4.29 17.86 2.60
N THR A 1024 3.23 17.41 3.26
CA THR A 1024 3.34 16.61 4.48
C THR A 1024 2.63 15.29 4.29
N GLN A 1025 3.00 14.30 5.10
CA GLN A 1025 2.39 12.98 5.05
C GLN A 1025 1.95 12.55 6.44
N GLY A 1026 0.68 12.17 6.58
CA GLY A 1026 0.19 11.71 7.87
C GLY A 1026 -0.64 12.78 8.53
N SER A 1027 -1.13 12.53 9.73
CA SER A 1027 -1.92 13.54 10.39
C SER A 1027 -2.40 12.99 11.71
N VAL A 1028 -1.71 13.36 12.78
CA VAL A 1028 -2.06 12.91 14.11
C VAL A 1028 -2.45 14.11 14.95
N LEU A 1029 -3.71 14.15 15.39
CA LEU A 1029 -4.21 15.24 16.24
C LEU A 1029 -3.96 14.84 17.68
N PHE A 1030 -3.93 15.79 18.60
CA PHE A 1030 -3.74 15.43 19.99
C PHE A 1030 -4.37 16.39 21.02
N GLY A 1031 -4.98 15.79 22.05
CA GLY A 1031 -5.64 16.55 23.10
C GLY A 1031 -4.75 16.91 24.27
N THR A 1032 -5.07 18.03 24.90
CA THR A 1032 -4.24 18.55 25.98
C THR A 1032 -4.97 18.91 27.27
N VAL A 1033 -4.26 18.92 28.38
CA VAL A 1033 -4.86 19.28 29.66
C VAL A 1033 -5.33 20.74 29.67
N ASN A 1034 -4.72 21.58 28.87
CA ASN A 1034 -5.08 22.99 28.81
C ASN A 1034 -6.14 23.27 27.77
N GLY A 1035 -6.61 22.22 27.11
CA GLY A 1035 -7.62 22.39 26.08
C GLY A 1035 -7.03 22.67 24.72
N MET A 1036 -5.70 22.63 24.63
CA MET A 1036 -4.99 22.87 23.38
C MET A 1036 -5.07 21.65 22.48
N ILE A 1037 -5.25 21.89 21.19
CA ILE A 1037 -5.33 20.81 20.21
C ILE A 1037 -4.23 20.98 19.19
N GLY A 1038 -3.35 19.98 19.10
CA GLY A 1038 -2.24 20.03 18.17
C GLY A 1038 -2.31 19.05 17.00
N LEU A 1039 -1.34 19.18 16.11
CA LEU A 1039 -1.26 18.33 14.92
C LEU A 1039 0.20 17.94 14.70
N VAL A 1040 0.42 16.77 14.10
CA VAL A 1040 1.77 16.32 13.81
C VAL A 1040 1.81 15.61 12.46
N THR A 1041 2.84 15.91 11.66
CA THR A 1041 2.99 15.23 10.37
C THR A 1041 4.43 14.86 10.13
N SER A 1042 4.68 14.45 8.89
CA SER A 1042 6.00 14.03 8.48
C SER A 1042 6.43 14.80 7.25
N LEU A 1043 7.71 15.13 7.23
CA LEU A 1043 8.28 15.87 6.12
C LEU A 1043 9.38 15.05 5.47
N SER A 1044 9.75 15.44 4.25
CA SER A 1044 10.84 14.79 3.55
C SER A 1044 12.09 15.49 4.07
N GLU A 1045 13.25 14.82 4.05
CA GLU A 1045 14.47 15.45 4.53
C GLU A 1045 14.65 16.80 3.83
N SER A 1046 14.15 16.88 2.60
CA SER A 1046 14.25 18.08 1.82
C SER A 1046 13.59 19.24 2.56
N TRP A 1047 12.26 19.21 2.67
CA TRP A 1047 11.50 20.25 3.36
C TRP A 1047 11.99 20.51 4.78
N TYR A 1048 12.28 19.43 5.50
CA TYR A 1048 12.75 19.58 6.87
C TYR A 1048 13.88 20.59 6.87
N ASN A 1049 14.96 20.25 6.19
CA ASN A 1049 16.14 21.10 6.11
C ASN A 1049 15.83 22.55 5.76
N LEU A 1050 14.98 22.79 4.77
CA LEU A 1050 14.66 24.15 4.44
C LEU A 1050 14.03 24.82 5.66
N LEU A 1051 12.97 24.22 6.19
CA LEU A 1051 12.28 24.76 7.35
C LEU A 1051 13.16 24.92 8.59
N LEU A 1052 14.15 24.06 8.75
CA LEU A 1052 15.04 24.17 9.89
C LEU A 1052 15.90 25.44 9.70
N ASP A 1053 16.28 25.71 8.46
CA ASP A 1053 17.06 26.89 8.16
C ASP A 1053 16.15 28.09 8.42
N MET A 1054 14.95 28.01 7.86
CA MET A 1054 13.96 29.04 8.02
C MET A 1054 13.83 29.45 9.47
N GLN A 1055 13.70 28.46 10.36
CA GLN A 1055 13.54 28.76 11.78
C GLN A 1055 14.70 29.59 12.30
N ASN A 1056 15.91 29.08 12.09
CA ASN A 1056 17.08 29.79 12.55
C ASN A 1056 17.20 31.23 12.04
N ARG A 1057 16.70 31.49 10.83
CA ARG A 1057 16.75 32.83 10.28
C ARG A 1057 15.70 33.68 10.99
N LEU A 1058 14.47 33.17 10.99
CA LEU A 1058 13.33 33.83 11.63
C LEU A 1058 13.66 34.22 13.08
N ASN A 1059 14.34 33.30 13.80
CA ASN A 1059 14.66 33.55 15.18
C ASN A 1059 15.54 34.76 15.37
N LYS A 1060 16.30 35.11 14.33
CA LYS A 1060 17.16 36.28 14.36
C LYS A 1060 16.34 37.55 14.26
N VAL A 1061 15.20 37.47 13.56
CA VAL A 1061 14.31 38.60 13.32
C VAL A 1061 13.07 38.77 14.23
N ILE A 1062 12.45 37.67 14.67
CA ILE A 1062 11.27 37.78 15.52
C ILE A 1062 11.66 38.31 16.87
N LYS A 1063 10.94 39.33 17.33
CA LYS A 1063 11.20 39.89 18.64
C LYS A 1063 10.49 38.96 19.64
N SER A 1064 11.28 38.23 20.45
CA SER A 1064 10.74 37.31 21.44
C SER A 1064 10.32 38.10 22.67
N VAL A 1065 9.07 37.94 23.10
CA VAL A 1065 8.57 38.73 24.24
C VAL A 1065 9.45 38.92 25.47
N GLY A 1066 9.92 37.87 26.10
CA GLY A 1066 10.75 38.11 27.28
C GLY A 1066 12.22 37.95 27.02
N LYS A 1067 12.62 38.07 25.75
CA LYS A 1067 14.02 37.91 25.36
C LYS A 1067 14.43 36.46 25.59
N ILE A 1068 13.46 35.57 25.50
CA ILE A 1068 13.70 34.16 25.67
C ILE A 1068 14.05 33.60 24.28
N GLU A 1069 15.02 32.70 24.24
CA GLU A 1069 15.43 32.10 22.99
C GLU A 1069 14.58 30.89 22.65
N HIS A 1070 13.98 30.95 21.46
CA HIS A 1070 13.16 29.87 20.96
C HIS A 1070 13.85 28.53 21.18
N SER A 1071 15.15 28.47 20.93
CA SER A 1071 15.85 27.22 21.12
C SER A 1071 15.93 26.74 22.56
N PHE A 1072 15.88 27.67 23.50
CA PHE A 1072 15.92 27.28 24.89
C PHE A 1072 14.56 26.63 25.17
N TRP A 1073 13.52 27.37 24.80
CA TRP A 1073 12.14 26.98 24.97
C TRP A 1073 11.83 25.61 24.43
N ARG A 1074 12.23 25.32 23.20
CA ARG A 1074 11.89 24.02 22.64
C ARG A 1074 12.84 22.90 22.98
N SER A 1075 13.74 23.14 23.93
CA SER A 1075 14.70 22.10 24.29
C SER A 1075 14.03 21.06 25.14
N PHE A 1076 14.24 19.79 24.79
CA PHE A 1076 13.69 18.68 25.55
C PHE A 1076 14.17 18.98 26.96
N HIS A 1077 13.32 18.78 27.95
CA HIS A 1077 13.72 19.12 29.31
C HIS A 1077 12.97 18.41 30.42
N THR A 1078 13.73 17.88 31.37
CA THR A 1078 13.16 17.18 32.50
C THR A 1078 14.06 17.47 33.69
N GLU A 1079 13.69 16.97 34.87
CA GLU A 1079 14.48 17.17 36.08
C GLU A 1079 15.76 16.34 35.94
N ARG A 1080 15.82 15.56 34.87
CA ARG A 1080 16.97 14.72 34.60
C ARG A 1080 17.89 15.42 33.59
N LYS A 1081 17.61 15.24 32.30
CA LYS A 1081 18.40 15.84 31.24
C LYS A 1081 17.75 17.03 30.55
N THR A 1082 18.52 17.71 29.71
CA THR A 1082 18.06 18.86 28.95
C THR A 1082 18.82 18.82 27.64
N GLU A 1083 18.09 18.63 26.54
CA GLU A 1083 18.70 18.53 25.23
C GLU A 1083 18.04 19.44 24.21
N PRO A 1084 18.75 19.76 23.15
CA PRO A 1084 18.22 20.61 22.08
C PRO A 1084 17.19 19.83 21.28
N ALA A 1085 16.14 20.51 20.83
CA ALA A 1085 15.15 19.83 20.03
C ALA A 1085 15.86 19.26 18.79
N THR A 1086 15.19 18.37 18.07
CA THR A 1086 15.73 17.76 16.85
C THR A 1086 14.63 16.91 16.26
N GLY A 1087 14.66 16.79 14.94
CA GLY A 1087 13.65 15.99 14.27
C GLY A 1087 12.32 16.69 14.28
N PHE A 1088 12.25 17.81 14.99
CA PHE A 1088 11.01 18.56 15.08
C PHE A 1088 11.11 20.00 14.64
N ILE A 1089 10.04 20.45 13.98
CA ILE A 1089 9.91 21.81 13.49
C ILE A 1089 8.56 22.33 13.95
N ASP A 1090 8.48 23.48 14.61
CA ASP A 1090 7.15 23.95 14.95
C ASP A 1090 6.61 24.94 13.94
N GLY A 1091 5.48 24.58 13.35
CA GLY A 1091 4.86 25.42 12.35
C GLY A 1091 4.36 26.71 12.95
N ASP A 1092 4.32 26.80 14.27
CA ASP A 1092 3.86 28.04 14.86
C ASP A 1092 4.93 29.08 14.49
N LEU A 1093 6.20 28.70 14.67
CA LEU A 1093 7.29 29.56 14.28
C LEU A 1093 7.15 29.79 12.76
N ILE A 1094 7.25 28.73 11.97
CA ILE A 1094 7.14 28.85 10.52
C ILE A 1094 5.93 29.65 10.03
N GLU A 1095 4.78 29.50 10.68
CA GLU A 1095 3.59 30.24 10.24
C GLU A 1095 3.60 31.71 10.64
N SER A 1096 4.41 32.08 11.63
CA SER A 1096 4.44 33.46 12.06
C SER A 1096 5.17 34.30 11.03
N PHE A 1097 5.82 33.62 10.09
CA PHE A 1097 6.53 34.29 9.02
C PHE A 1097 5.60 35.13 8.15
N LEU A 1098 4.39 34.62 7.91
CA LEU A 1098 3.45 35.34 7.08
C LEU A 1098 2.93 36.59 7.76
N ASP A 1099 3.33 36.83 9.00
CA ASP A 1099 2.84 38.01 9.70
C ASP A 1099 3.84 39.11 9.99
N ILE A 1100 4.91 39.17 9.22
CA ILE A 1100 5.90 40.21 9.41
C ILE A 1100 6.01 41.04 8.13
N SER A 1101 6.63 42.22 8.21
CA SER A 1101 6.79 43.10 7.04
C SER A 1101 7.67 42.51 5.94
N ARG A 1102 7.44 42.94 4.70
CA ARG A 1102 8.26 42.45 3.59
C ARG A 1102 9.73 42.71 3.89
N PRO A 1103 10.05 43.88 4.47
CA PRO A 1103 11.45 44.16 4.78
C PRO A 1103 11.99 43.01 5.57
N LYS A 1104 11.42 42.78 6.75
CA LYS A 1104 11.86 41.67 7.61
C LYS A 1104 11.78 40.35 6.85
N MET A 1105 10.74 40.21 6.06
CA MET A 1105 10.53 39.02 5.24
C MET A 1105 11.73 38.87 4.30
N GLN A 1106 12.11 39.96 3.64
CA GLN A 1106 13.25 39.94 2.74
C GLN A 1106 14.54 39.68 3.48
N GLU A 1107 14.62 40.10 4.73
CA GLU A 1107 15.82 39.87 5.47
C GLU A 1107 15.94 38.39 5.81
N VAL A 1108 14.83 37.77 6.20
CA VAL A 1108 14.85 36.36 6.55
C VAL A 1108 15.32 35.52 5.36
N VAL A 1109 15.01 35.98 4.15
CA VAL A 1109 15.38 35.25 2.94
C VAL A 1109 16.77 35.55 2.39
N ALA A 1110 17.32 36.69 2.81
CA ALA A 1110 18.64 37.13 2.36
C ALA A 1110 19.70 36.04 2.22
N ASN A 1111 20.28 35.95 1.03
CA ASN A 1111 21.32 34.98 0.76
C ASN A 1111 20.94 33.53 1.02
N LEU A 1112 19.73 33.17 0.57
CA LEU A 1112 19.25 31.82 0.75
C LEU A 1112 19.13 31.13 -0.61
N GLN A 1113 19.82 30.01 -0.75
CA GLN A 1113 19.76 29.26 -1.99
C GLN A 1113 18.46 28.48 -1.94
N TYR A 1114 17.56 28.77 -2.88
CA TYR A 1114 16.25 28.12 -2.95
C TYR A 1114 16.00 27.36 -4.24
N ASP A 1115 15.46 26.15 -4.10
CA ASP A 1115 15.14 25.28 -5.23
C ASP A 1115 13.63 25.32 -5.48
N ASP A 1116 13.20 26.11 -6.47
CA ASP A 1116 11.78 26.25 -6.79
C ASP A 1116 11.24 25.03 -7.51
N GLY A 1117 12.04 23.97 -7.54
CA GLY A 1117 11.66 22.75 -8.22
C GLY A 1117 12.36 22.62 -9.55
N SER A 1118 12.82 23.76 -10.07
CA SER A 1118 13.52 23.82 -11.34
C SER A 1118 14.87 23.12 -11.27
N GLY A 1119 15.24 22.66 -10.08
CA GLY A 1119 16.52 22.00 -9.93
C GLY A 1119 17.67 22.94 -10.23
N MET A 1120 17.32 24.12 -10.77
CA MET A 1120 18.30 25.17 -11.12
C MET A 1120 18.29 26.26 -10.04
N LYS A 1121 19.26 26.19 -9.13
CA LYS A 1121 19.36 27.15 -8.04
C LYS A 1121 19.13 28.61 -8.43
N ARG A 1122 18.69 29.40 -7.46
CA ARG A 1122 18.38 30.81 -7.64
C ARG A 1122 18.42 31.51 -6.28
N GLU A 1123 18.51 32.84 -6.28
CA GLU A 1123 18.49 33.60 -5.04
C GLU A 1123 17.02 33.60 -4.65
N ALA A 1124 16.74 33.17 -3.41
CA ALA A 1124 15.37 33.09 -2.91
C ALA A 1124 14.71 34.42 -2.62
N THR A 1125 13.45 34.55 -2.99
CA THR A 1125 12.68 35.77 -2.74
C THR A 1125 11.66 35.51 -1.64
N ALA A 1126 11.13 36.59 -1.07
CA ALA A 1126 10.15 36.45 -0.01
C ALA A 1126 8.93 35.69 -0.52
N ASP A 1127 8.56 35.91 -1.78
CA ASP A 1127 7.39 35.23 -2.29
C ASP A 1127 7.59 33.74 -2.39
N ASP A 1128 8.83 33.28 -2.51
CA ASP A 1128 9.07 31.85 -2.57
C ASP A 1128 8.62 31.25 -1.26
N LEU A 1129 9.10 31.85 -0.17
CA LEU A 1129 8.76 31.35 1.15
C LEU A 1129 7.28 31.52 1.46
N ILE A 1130 6.68 32.59 0.94
CA ILE A 1130 5.27 32.82 1.18
C ILE A 1130 4.52 31.63 0.59
N LYS A 1131 4.83 31.26 -0.65
CA LYS A 1131 4.18 30.13 -1.28
C LYS A 1131 4.36 28.86 -0.45
N VAL A 1132 5.58 28.62 0.05
CA VAL A 1132 5.90 27.45 0.85
C VAL A 1132 5.03 27.38 2.11
N VAL A 1133 5.10 28.43 2.93
CA VAL A 1133 4.34 28.47 4.16
C VAL A 1133 2.85 28.44 3.92
N GLU A 1134 2.37 29.16 2.92
CA GLU A 1134 0.94 29.13 2.63
C GLU A 1134 0.51 27.66 2.45
N GLU A 1135 1.31 26.87 1.76
CA GLU A 1135 0.92 25.49 1.59
C GLU A 1135 0.81 24.79 2.96
N LEU A 1136 1.77 25.08 3.83
CA LEU A 1136 1.80 24.48 5.15
C LEU A 1136 0.63 24.85 6.04
N THR A 1137 0.10 26.06 5.88
CA THR A 1137 -1.00 26.45 6.74
C THR A 1137 -2.26 25.66 6.45
N ARG A 1138 -2.32 25.08 5.25
CA ARG A 1138 -3.49 24.31 4.82
C ARG A 1138 -3.68 22.90 5.41
N ILE A 1139 -2.75 22.45 6.25
CA ILE A 1139 -2.89 21.11 6.83
C ILE A 1139 -3.84 21.10 8.03
N HIS A 1140 -4.37 22.26 8.36
CA HIS A 1140 -5.32 22.39 9.45
C HIS A 1140 -6.16 23.66 9.22
N MET B 1 21.03 0.34 -7.86
CA MET B 1 19.82 0.67 -8.66
C MET B 1 18.61 -0.26 -8.71
N SER B 2 18.62 -1.19 -9.67
CA SER B 2 17.55 -2.17 -9.83
C SER B 2 18.24 -3.51 -9.58
N TYR B 3 17.48 -4.48 -9.08
CA TYR B 3 18.02 -5.79 -8.78
C TYR B 3 17.00 -6.85 -9.16
N ASN B 4 17.09 -7.35 -10.39
CA ASN B 4 16.14 -8.38 -10.82
C ASN B 4 16.72 -9.77 -10.82
N TYR B 5 15.86 -10.75 -11.06
CA TYR B 5 16.22 -12.16 -11.06
C TYR B 5 15.29 -12.86 -12.06
N VAL B 6 15.86 -13.57 -13.04
CA VAL B 6 15.07 -14.26 -14.08
C VAL B 6 15.15 -15.76 -13.91
N VAL B 7 14.06 -16.46 -14.14
CA VAL B 7 14.09 -17.91 -13.99
C VAL B 7 13.27 -18.66 -15.00
N THR B 8 13.86 -19.71 -15.53
CA THR B 8 13.15 -20.54 -16.46
C THR B 8 12.14 -21.32 -15.61
N ALA B 9 10.87 -21.26 -16.00
CA ALA B 9 9.82 -21.96 -15.28
C ALA B 9 9.48 -23.21 -16.09
N GLN B 10 9.61 -23.08 -17.41
CA GLN B 10 9.34 -24.12 -18.38
C GLN B 10 10.40 -24.03 -19.49
N LYS B 11 11.17 -25.08 -19.70
CA LYS B 11 12.21 -25.03 -20.72
C LYS B 11 11.60 -24.97 -22.10
N PRO B 12 12.36 -24.44 -23.08
CA PRO B 12 11.94 -24.30 -24.48
C PRO B 12 11.42 -25.63 -24.98
N THR B 13 10.40 -25.60 -25.82
CA THR B 13 9.84 -26.85 -26.33
C THR B 13 9.94 -27.04 -27.84
N ALA B 14 9.87 -25.96 -28.59
CA ALA B 14 9.96 -26.06 -30.03
C ALA B 14 11.29 -26.74 -30.34
N VAL B 15 11.37 -27.42 -31.47
CA VAL B 15 12.61 -28.08 -31.87
C VAL B 15 13.21 -27.38 -33.10
N ASN B 16 14.44 -26.89 -32.95
CA ASN B 16 15.13 -26.17 -34.00
C ASN B 16 15.95 -27.03 -34.94
N GLY B 17 16.53 -28.11 -34.41
CA GLY B 17 17.31 -28.99 -35.25
C GLY B 17 17.41 -30.35 -34.61
N CYS B 18 17.58 -31.39 -35.42
CA CYS B 18 17.73 -32.74 -34.91
C CYS B 18 18.59 -33.55 -35.84
N VAL B 19 19.63 -34.19 -35.30
CA VAL B 19 20.50 -35.00 -36.14
C VAL B 19 20.45 -36.45 -35.66
N THR B 20 21.21 -37.30 -36.34
CA THR B 20 21.23 -38.72 -35.99
C THR B 20 22.63 -39.27 -36.24
N GLY B 21 23.07 -40.21 -35.41
CA GLY B 21 24.39 -40.76 -35.59
C GLY B 21 24.86 -41.73 -34.52
N HIS B 22 26.16 -41.75 -34.26
CA HIS B 22 26.74 -42.65 -33.25
C HIS B 22 27.68 -41.87 -32.32
N PHE B 23 27.06 -41.21 -31.35
CA PHE B 23 27.76 -40.37 -30.38
C PHE B 23 28.06 -41.07 -29.06
N THR B 24 27.07 -41.78 -28.51
CA THR B 24 27.22 -42.49 -27.24
C THR B 24 28.22 -43.62 -27.27
N SER B 25 28.29 -44.31 -28.40
CA SER B 25 29.20 -45.43 -28.56
C SER B 25 29.69 -45.59 -29.98
N ALA B 26 29.01 -46.45 -30.72
CA ALA B 26 29.33 -46.74 -32.12
C ALA B 26 28.30 -47.77 -32.46
N GLU B 27 28.04 -48.63 -31.50
CA GLU B 27 27.04 -49.67 -31.67
C GLU B 27 25.71 -49.10 -31.25
N ASP B 28 25.70 -47.80 -30.96
CA ASP B 28 24.48 -47.14 -30.56
C ASP B 28 23.94 -46.21 -31.64
N LEU B 29 22.63 -46.18 -31.79
CA LEU B 29 22.02 -45.26 -32.74
C LEU B 29 21.54 -44.13 -31.85
N ASN B 30 22.05 -42.94 -32.10
CA ASN B 30 21.69 -41.77 -31.31
C ASN B 30 20.85 -40.75 -32.06
N LEU B 31 20.04 -40.03 -31.30
CA LEU B 31 19.22 -38.96 -31.84
C LEU B 31 19.55 -37.77 -30.96
N LEU B 32 20.10 -36.72 -31.56
CA LEU B 32 20.44 -35.52 -30.83
C LEU B 32 19.53 -34.39 -31.25
N ILE B 33 18.73 -33.88 -30.31
CA ILE B 33 17.80 -32.80 -30.57
C ILE B 33 18.26 -31.47 -29.96
N ALA B 34 17.95 -30.38 -30.65
CA ALA B 34 18.31 -29.07 -30.13
C ALA B 34 17.06 -28.22 -29.88
N LYS B 35 16.93 -27.77 -28.64
CA LYS B 35 15.83 -26.91 -28.22
C LYS B 35 16.39 -25.66 -28.89
N ASN B 36 16.88 -24.74 -28.08
CA ASN B 36 17.45 -23.49 -28.58
C ASN B 36 18.80 -23.64 -27.87
N THR B 37 18.84 -23.50 -26.55
CA THR B 37 20.09 -23.62 -25.82
C THR B 37 20.21 -24.98 -25.20
N ARG B 38 19.28 -25.87 -25.55
CA ARG B 38 19.25 -27.23 -25.02
C ARG B 38 19.67 -28.28 -26.05
N LEU B 39 20.35 -29.32 -25.58
CA LEU B 39 20.78 -30.44 -26.43
C LEU B 39 20.32 -31.72 -25.72
N GLU B 40 19.37 -32.44 -26.32
CA GLU B 40 18.87 -33.69 -25.74
C GLU B 40 19.47 -34.89 -26.48
N ILE B 41 20.04 -35.85 -25.74
CA ILE B 41 20.64 -37.04 -26.33
C ILE B 41 19.92 -38.34 -26.03
N TYR B 42 19.41 -38.99 -27.06
CA TYR B 42 18.70 -40.24 -26.85
C TYR B 42 19.39 -41.40 -27.58
N VAL B 43 18.98 -42.60 -27.24
CA VAL B 43 19.50 -43.80 -27.89
C VAL B 43 18.30 -44.43 -28.59
N VAL B 44 18.43 -44.67 -29.89
CA VAL B 44 17.34 -45.26 -30.64
C VAL B 44 17.25 -46.73 -30.24
N THR B 45 16.09 -47.12 -29.73
CA THR B 45 15.93 -48.50 -29.31
C THR B 45 14.53 -49.03 -29.58
N ALA B 46 14.49 -50.19 -30.22
CA ALA B 46 13.26 -50.89 -30.57
C ALA B 46 11.97 -50.08 -30.44
N GLU B 47 11.49 -49.91 -29.21
CA GLU B 47 10.26 -49.17 -28.94
C GLU B 47 10.39 -47.65 -29.13
N GLY B 48 10.87 -46.96 -28.11
CA GLY B 48 11.00 -45.52 -28.22
C GLY B 48 12.39 -45.01 -27.88
N LEU B 49 12.53 -43.69 -27.84
CA LEU B 49 13.80 -43.06 -27.51
C LEU B 49 14.16 -43.40 -26.06
N ARG B 50 15.45 -43.46 -25.78
CA ARG B 50 15.95 -43.78 -24.45
C ARG B 50 16.80 -42.63 -23.97
N PRO B 51 16.23 -41.79 -23.10
CA PRO B 51 16.91 -40.62 -22.53
C PRO B 51 18.22 -40.95 -21.83
N VAL B 52 19.34 -40.47 -22.36
CA VAL B 52 20.64 -40.71 -21.73
C VAL B 52 21.22 -39.48 -21.04
N LYS B 53 21.20 -38.34 -21.72
CA LYS B 53 21.73 -37.09 -21.16
C LYS B 53 21.20 -35.86 -21.88
N GLU B 54 20.89 -34.82 -21.09
CA GLU B 54 20.40 -33.52 -21.59
C GLU B 54 21.47 -32.48 -21.23
N VAL B 55 21.98 -31.75 -22.21
CA VAL B 55 23.02 -30.77 -21.94
C VAL B 55 22.60 -29.33 -22.23
N GLY B 56 22.94 -28.43 -21.32
CA GLY B 56 22.60 -27.03 -21.52
C GLY B 56 23.83 -26.30 -22.05
N MET B 57 23.63 -25.29 -22.88
CA MET B 57 24.77 -24.55 -23.40
C MET B 57 24.57 -23.05 -23.36
N TYR B 58 25.63 -22.34 -22.98
CA TYR B 58 25.57 -20.90 -22.90
C TYR B 58 25.55 -20.29 -24.30
N GLY B 59 24.42 -20.48 -24.98
CA GLY B 59 24.28 -19.96 -26.32
C GLY B 59 23.16 -20.64 -27.08
N LYS B 60 22.70 -20.00 -28.13
CA LYS B 60 21.64 -20.58 -28.94
C LYS B 60 22.33 -21.46 -29.98
N ILE B 61 21.83 -22.68 -30.16
CA ILE B 61 22.44 -23.59 -31.11
C ILE B 61 22.02 -23.25 -32.54
N ALA B 62 23.00 -22.99 -33.39
CA ALA B 62 22.75 -22.62 -34.78
C ALA B 62 23.22 -23.72 -35.74
N VAL B 63 24.33 -24.37 -35.40
CA VAL B 63 24.86 -25.45 -36.21
C VAL B 63 25.12 -26.65 -35.31
N MET B 64 24.56 -27.81 -35.70
CA MET B 64 24.71 -29.06 -34.96
C MET B 64 24.84 -30.23 -35.94
N GLU B 65 26.04 -30.77 -36.08
CA GLU B 65 26.29 -31.90 -36.98
C GLU B 65 27.32 -32.89 -36.40
N LEU B 66 27.05 -34.17 -36.59
CA LEU B 66 27.95 -35.21 -36.11
C LEU B 66 28.92 -35.54 -37.23
N PHE B 67 30.09 -36.05 -36.87
CA PHE B 67 31.10 -36.42 -37.85
C PHE B 67 32.12 -37.35 -37.17
N ARG B 68 32.63 -38.32 -37.93
CA ARG B 68 33.58 -39.30 -37.41
C ARG B 68 34.94 -39.22 -38.10
N PRO B 69 35.85 -38.42 -37.54
CA PRO B 69 37.21 -38.23 -38.07
C PRO B 69 38.07 -39.50 -38.09
N LYS B 70 39.23 -39.36 -38.71
CA LYS B 70 40.18 -40.46 -38.86
C LYS B 70 40.87 -40.79 -37.54
N GLY B 71 40.68 -42.02 -37.06
CA GLY B 71 41.30 -42.43 -35.82
C GLY B 71 40.48 -42.22 -34.55
N GLU B 72 39.18 -42.08 -34.71
CA GLU B 72 38.30 -41.88 -33.56
C GLU B 72 37.34 -43.04 -33.43
N SER B 73 37.20 -43.54 -32.21
CA SER B 73 36.30 -44.66 -31.95
C SER B 73 34.84 -44.33 -32.25
N LYS B 74 34.42 -43.10 -31.98
CA LYS B 74 33.04 -42.68 -32.23
C LYS B 74 32.91 -41.26 -32.77
N ASP B 75 31.70 -40.93 -33.20
CA ASP B 75 31.39 -39.61 -33.75
C ASP B 75 31.69 -38.49 -32.76
N LEU B 76 32.00 -37.32 -33.32
CA LEU B 76 32.27 -36.12 -32.54
C LEU B 76 31.16 -35.13 -32.88
N LEU B 77 30.88 -34.19 -31.98
CA LEU B 77 29.81 -33.23 -32.22
C LEU B 77 30.25 -31.78 -32.44
N PHE B 78 29.79 -31.19 -33.53
CA PHE B 78 30.12 -29.81 -33.83
C PHE B 78 28.92 -28.92 -33.53
N ILE B 79 29.13 -27.92 -32.70
CA ILE B 79 28.06 -27.00 -32.33
C ILE B 79 28.49 -25.58 -32.64
N LEU B 80 27.53 -24.76 -33.11
CA LEU B 80 27.81 -23.36 -33.41
C LEU B 80 26.74 -22.44 -32.84
N THR B 81 27.16 -21.56 -31.95
CA THR B 81 26.27 -20.60 -31.29
C THR B 81 25.80 -19.52 -32.25
N ALA B 82 24.65 -18.91 -31.96
CA ALA B 82 24.14 -17.82 -32.77
C ALA B 82 25.11 -16.67 -32.51
N LYS B 83 25.77 -16.73 -31.36
CA LYS B 83 26.76 -15.74 -30.97
C LYS B 83 28.14 -16.10 -31.48
N TYR B 84 28.20 -17.08 -32.38
CA TYR B 84 29.45 -17.50 -33.01
C TYR B 84 30.44 -18.33 -32.19
N ASN B 85 29.95 -19.10 -31.22
CA ASN B 85 30.86 -19.95 -30.45
C ASN B 85 30.88 -21.30 -31.13
N ALA B 86 32.08 -21.77 -31.48
CA ALA B 86 32.21 -23.08 -32.14
C ALA B 86 32.99 -24.02 -31.24
N CYS B 87 32.73 -25.31 -31.39
CA CYS B 87 33.42 -26.28 -30.59
C CYS B 87 33.22 -27.70 -31.09
N ILE B 88 34.08 -28.59 -30.60
CA ILE B 88 34.01 -30.02 -30.92
C ILE B 88 33.81 -30.74 -29.58
N LEU B 89 32.77 -31.55 -29.51
CA LEU B 89 32.45 -32.27 -28.28
C LEU B 89 32.57 -33.78 -28.40
N GLU B 90 32.72 -34.42 -27.24
CA GLU B 90 32.83 -35.88 -27.17
C GLU B 90 32.12 -36.38 -25.93
N TYR B 91 31.42 -37.50 -26.09
CA TYR B 91 30.70 -38.15 -25.00
C TYR B 91 31.71 -38.97 -24.16
N LYS B 92 31.60 -38.96 -22.84
CA LYS B 92 32.55 -39.70 -22.01
C LYS B 92 31.96 -40.23 -20.71
N GLN B 93 31.15 -41.27 -20.82
CA GLN B 93 30.50 -41.87 -19.67
C GLN B 93 31.38 -42.81 -18.86
N SER B 94 32.19 -42.24 -17.97
CA SER B 94 33.05 -43.03 -17.11
C SER B 94 32.16 -43.60 -16.03
N GLY B 95 32.14 -44.93 -15.90
CA GLY B 95 31.28 -45.54 -14.91
C GLY B 95 29.86 -45.14 -15.28
N GLU B 96 29.14 -44.56 -14.32
CA GLU B 96 27.77 -44.11 -14.59
C GLU B 96 27.68 -42.60 -14.43
N SER B 97 28.60 -41.88 -15.06
CA SER B 97 28.68 -40.42 -15.03
C SER B 97 29.04 -39.94 -16.43
N ILE B 98 28.17 -39.10 -17.00
CA ILE B 98 28.41 -38.59 -18.34
C ILE B 98 29.21 -37.30 -18.29
N ASP B 99 29.98 -37.04 -19.33
CA ASP B 99 30.78 -35.83 -19.38
C ASP B 99 30.98 -35.46 -20.84
N ILE B 100 30.65 -34.23 -21.19
CA ILE B 100 30.85 -33.79 -22.54
C ILE B 100 32.15 -33.00 -22.50
N ILE B 101 33.20 -33.56 -23.07
CA ILE B 101 34.49 -32.89 -23.07
C ILE B 101 34.61 -32.02 -24.32
N THR B 102 35.39 -30.95 -24.21
CA THR B 102 35.58 -30.06 -25.36
C THR B 102 36.91 -30.38 -26.01
N ARG B 103 36.86 -30.95 -27.21
CA ARG B 103 38.07 -31.31 -27.95
C ARG B 103 38.79 -30.03 -28.41
N ALA B 104 37.99 -29.07 -28.84
CA ALA B 104 38.48 -27.78 -29.30
C ALA B 104 37.31 -26.81 -29.24
N HIS B 105 37.62 -25.52 -29.29
CA HIS B 105 36.58 -24.50 -29.25
C HIS B 105 37.18 -23.17 -29.64
N GLY B 106 36.34 -22.30 -30.18
CA GLY B 106 36.79 -20.99 -30.58
C GLY B 106 35.64 -20.10 -31.03
N ASN B 107 35.81 -18.79 -30.90
CA ASN B 107 34.79 -17.87 -31.33
C ASN B 107 35.16 -17.51 -32.76
N VAL B 108 34.25 -17.77 -33.69
CA VAL B 108 34.52 -17.55 -35.10
C VAL B 108 33.87 -16.36 -35.80
N GLN B 109 33.40 -15.37 -35.05
CA GLN B 109 32.77 -14.21 -35.69
C GLN B 109 33.82 -13.26 -36.29
N ASP B 110 33.44 -12.52 -37.32
CA ASP B 110 34.34 -11.56 -37.97
C ASP B 110 33.83 -10.16 -37.70
N ARG B 111 34.75 -9.23 -37.42
CA ARG B 111 34.39 -7.85 -37.12
C ARG B 111 33.75 -7.11 -38.30
N ILE B 112 33.50 -7.83 -39.39
CA ILE B 112 32.91 -7.20 -40.57
C ILE B 112 31.90 -8.15 -41.22
N GLY B 113 31.63 -7.91 -42.51
CA GLY B 113 30.70 -8.76 -43.22
C GLY B 113 29.31 -8.71 -42.62
N ARG B 114 28.31 -8.66 -43.49
CA ARG B 114 26.93 -8.61 -43.04
C ARG B 114 26.33 -10.00 -42.98
N PRO B 115 25.45 -10.24 -41.98
CA PRO B 115 24.79 -11.53 -41.83
C PRO B 115 24.01 -11.85 -43.11
N SER B 116 24.16 -13.09 -43.58
CA SER B 116 23.47 -13.56 -44.78
C SER B 116 21.98 -13.86 -44.48
N GLU B 117 21.24 -13.90 -45.58
CA GLU B 117 19.74 -13.87 -45.67
C GLU B 117 18.82 -15.06 -45.31
N THR B 118 19.37 -16.22 -45.27
CA THR B 118 18.61 -17.42 -45.09
C THR B 118 19.01 -17.96 -43.77
N GLY B 119 20.25 -17.58 -43.44
CA GLY B 119 20.83 -17.97 -42.18
C GLY B 119 22.26 -18.52 -42.26
N ILE B 120 22.77 -18.84 -41.06
CA ILE B 120 24.11 -19.37 -40.87
C ILE B 120 24.14 -20.81 -41.33
N ILE B 121 25.22 -21.22 -41.98
CA ILE B 121 25.30 -22.59 -42.46
C ILE B 121 26.61 -23.28 -42.13
N GLY B 122 26.50 -24.43 -41.45
CA GLY B 122 27.68 -25.18 -41.09
C GLY B 122 27.70 -26.52 -41.80
N ILE B 123 28.74 -26.72 -42.63
CA ILE B 123 28.89 -27.96 -43.39
C ILE B 123 30.26 -28.59 -43.13
N ILE B 124 30.32 -29.92 -43.24
CA ILE B 124 31.56 -30.66 -42.98
C ILE B 124 31.96 -31.57 -44.15
N ASP B 125 33.25 -31.59 -44.46
CA ASP B 125 33.76 -32.43 -45.55
C ASP B 125 33.32 -33.88 -45.32
N PRO B 126 32.77 -34.53 -46.36
CA PRO B 126 32.32 -35.91 -46.23
C PRO B 126 33.41 -36.85 -45.71
N GLU B 127 34.63 -36.34 -45.62
CA GLU B 127 35.74 -37.15 -45.13
C GLU B 127 36.50 -36.45 -44.00
N CYS B 128 35.91 -35.37 -43.48
CA CYS B 128 36.49 -34.60 -42.39
C CYS B 128 37.77 -33.84 -42.73
N ARG B 129 37.93 -33.42 -43.98
CA ARG B 129 39.13 -32.69 -44.32
C ARG B 129 39.08 -31.33 -43.62
N MET B 130 37.88 -30.79 -43.46
CA MET B 130 37.70 -29.50 -42.79
C MET B 130 36.24 -29.07 -42.61
N ILE B 131 36.05 -27.98 -41.87
CA ILE B 131 34.71 -27.42 -41.60
C ILE B 131 34.53 -26.09 -42.33
N GLY B 132 33.38 -25.94 -43.00
CA GLY B 132 33.09 -24.72 -43.72
C GLY B 132 31.83 -24.06 -43.18
N LEU B 133 31.93 -22.80 -42.77
CA LEU B 133 30.79 -22.08 -42.23
C LEU B 133 30.41 -20.86 -43.08
N ARG B 134 29.13 -20.75 -43.45
CA ARG B 134 28.69 -19.61 -44.25
C ARG B 134 28.04 -18.60 -43.30
N LEU B 135 28.83 -17.64 -42.85
CA LEU B 135 28.34 -16.62 -41.95
C LEU B 135 28.00 -15.32 -42.66
N TYR B 136 28.94 -14.79 -43.43
CA TYR B 136 28.68 -13.53 -44.10
C TYR B 136 28.76 -13.55 -45.63
N ASP B 137 28.07 -12.57 -46.23
CA ASP B 137 28.02 -12.43 -47.68
C ASP B 137 29.41 -12.23 -48.30
N GLY B 138 29.69 -13.03 -49.32
CA GLY B 138 30.97 -12.93 -50.00
C GLY B 138 32.14 -13.49 -49.23
N LEU B 139 31.86 -14.22 -48.16
CA LEU B 139 32.91 -14.82 -47.35
C LEU B 139 32.58 -16.24 -46.95
N PHE B 140 33.57 -17.13 -47.10
CA PHE B 140 33.40 -18.53 -46.75
C PHE B 140 34.42 -18.92 -45.67
N LYS B 141 33.94 -19.19 -44.47
CA LYS B 141 34.81 -19.54 -43.36
C LYS B 141 35.30 -20.96 -43.51
N VAL B 142 36.61 -21.13 -43.48
CA VAL B 142 37.20 -22.46 -43.59
C VAL B 142 37.98 -22.75 -42.31
N ILE B 143 37.64 -23.87 -41.68
CA ILE B 143 38.31 -24.29 -40.46
C ILE B 143 39.12 -25.55 -40.72
N PRO B 144 40.45 -25.41 -40.84
CA PRO B 144 41.33 -26.56 -41.09
C PRO B 144 41.13 -27.59 -39.99
N LEU B 145 40.37 -28.63 -40.32
CA LEU B 145 40.06 -29.68 -39.36
C LEU B 145 41.15 -30.76 -39.44
N ASP B 146 42.14 -30.49 -40.29
CA ASP B 146 43.25 -31.42 -40.47
C ASP B 146 43.93 -31.71 -39.14
N ARG B 147 43.43 -32.73 -38.45
CA ARG B 147 43.98 -33.13 -37.17
C ARG B 147 44.13 -31.95 -36.21
N ASP B 148 44.80 -32.22 -35.10
CA ASP B 148 45.02 -31.23 -34.07
C ASP B 148 44.90 -29.78 -34.49
N ASN B 149 44.08 -29.05 -33.74
CA ASN B 149 43.79 -27.64 -33.91
C ASN B 149 42.76 -27.31 -32.82
N LYS B 150 43.21 -27.37 -31.58
CA LYS B 150 42.36 -27.13 -30.42
C LYS B 150 41.77 -25.72 -30.23
N GLU B 151 42.09 -24.80 -31.14
CA GLU B 151 41.58 -23.44 -31.04
C GLU B 151 40.69 -23.12 -32.24
N LEU B 152 40.57 -24.09 -33.13
CA LEU B 152 39.76 -23.93 -34.33
C LEU B 152 40.04 -22.64 -35.07
N LYS B 153 41.32 -22.38 -35.36
CA LYS B 153 41.69 -21.20 -36.09
C LYS B 153 41.15 -21.41 -37.50
N ALA B 154 40.70 -20.34 -38.14
CA ALA B 154 40.15 -20.48 -39.47
C ALA B 154 40.58 -19.36 -40.40
N PHE B 155 40.11 -19.41 -41.64
CA PHE B 155 40.43 -18.39 -42.63
C PHE B 155 39.28 -18.31 -43.63
N ASN B 156 38.88 -17.08 -43.99
CA ASN B 156 37.80 -16.88 -44.94
C ASN B 156 38.33 -16.86 -46.35
N ILE B 157 37.43 -16.87 -47.32
CA ILE B 157 37.78 -16.84 -48.73
C ILE B 157 36.76 -15.97 -49.46
N ARG B 158 37.25 -15.01 -50.25
CA ARG B 158 36.37 -14.12 -50.99
C ARG B 158 35.39 -14.91 -51.84
N LEU B 159 34.41 -14.21 -52.41
CA LEU B 159 33.41 -14.88 -53.22
C LEU B 159 32.57 -13.86 -53.97
N GLU B 160 32.49 -14.00 -55.29
CA GLU B 160 31.73 -13.08 -56.13
C GLU B 160 30.21 -13.28 -56.01
N GLU B 161 29.78 -14.48 -55.63
CA GLU B 161 28.36 -14.73 -55.50
C GLU B 161 27.94 -14.10 -54.17
N LEU B 162 27.24 -12.98 -54.28
CA LEU B 162 26.78 -12.19 -53.14
C LEU B 162 25.66 -12.79 -52.30
N HIS B 163 24.52 -13.04 -52.94
CA HIS B 163 23.34 -13.60 -52.28
C HIS B 163 23.32 -15.12 -52.36
N VAL B 164 23.92 -15.80 -51.38
CA VAL B 164 23.94 -17.27 -51.37
C VAL B 164 22.78 -17.88 -50.59
N ILE B 165 22.11 -18.85 -51.20
CA ILE B 165 20.96 -19.51 -50.59
C ILE B 165 21.29 -20.67 -49.66
N ASP B 166 21.90 -21.72 -50.20
CA ASP B 166 22.25 -22.88 -49.40
C ASP B 166 23.39 -23.66 -50.03
N VAL B 167 24.47 -23.84 -49.27
CA VAL B 167 25.63 -24.59 -49.75
C VAL B 167 25.55 -26.05 -49.35
N LYS B 168 26.68 -26.76 -49.46
CA LYS B 168 26.74 -28.18 -49.12
C LYS B 168 27.99 -28.79 -49.76
N PHE B 169 28.65 -29.68 -49.04
CA PHE B 169 29.84 -30.33 -49.57
C PHE B 169 29.45 -31.56 -50.38
N LEU B 170 30.13 -31.75 -51.51
CA LEU B 170 29.85 -32.86 -52.39
C LEU B 170 30.57 -34.15 -52.00
N TYR B 171 29.85 -35.28 -52.13
CA TYR B 171 30.42 -36.58 -51.81
C TYR B 171 31.30 -37.05 -52.95
N GLY B 172 32.13 -38.05 -52.68
CA GLY B 172 33.01 -38.60 -53.70
C GLY B 172 33.74 -37.54 -54.51
N CYS B 173 34.78 -36.96 -53.92
CA CYS B 173 35.57 -35.95 -54.61
C CYS B 173 37.03 -35.99 -54.19
N GLN B 174 37.90 -35.80 -55.17
CA GLN B 174 39.34 -35.81 -54.97
C GLN B 174 39.73 -34.84 -53.85
N ALA B 175 39.25 -33.61 -53.96
CA ALA B 175 39.52 -32.58 -52.96
C ALA B 175 38.19 -32.06 -52.43
N PRO B 176 38.20 -31.26 -51.35
CA PRO B 176 36.95 -30.74 -50.79
C PRO B 176 36.15 -30.04 -51.87
N THR B 177 34.95 -30.55 -52.14
CA THR B 177 34.10 -29.97 -53.16
C THR B 177 32.86 -29.35 -52.55
N ILE B 178 32.62 -28.10 -52.89
CA ILE B 178 31.47 -27.35 -52.40
C ILE B 178 30.52 -27.05 -53.55
N CYS B 179 29.22 -27.20 -53.30
CA CYS B 179 28.20 -26.94 -54.31
C CYS B 179 27.09 -26.08 -53.72
N PHE B 180 26.92 -24.87 -54.26
CA PHE B 180 25.90 -23.97 -53.74
C PHE B 180 25.00 -23.36 -54.79
N VAL B 181 23.89 -22.80 -54.33
CA VAL B 181 22.91 -22.14 -55.18
C VAL B 181 22.99 -20.65 -54.90
N TYR B 182 23.67 -19.92 -55.77
CA TYR B 182 23.82 -18.48 -55.57
C TYR B 182 22.83 -17.69 -56.41
N GLN B 183 22.54 -16.47 -55.98
CA GLN B 183 21.61 -15.61 -56.71
C GLN B 183 22.22 -14.23 -56.96
N ASP B 184 21.77 -13.64 -58.06
CA ASP B 184 22.23 -12.33 -58.50
C ASP B 184 21.25 -11.92 -59.62
N PRO B 185 21.53 -10.86 -60.40
CA PRO B 185 20.56 -10.25 -61.40
C PRO B 185 19.80 -10.94 -62.54
N GLN B 186 20.25 -12.07 -63.03
CA GLN B 186 19.60 -12.75 -64.11
C GLN B 186 18.62 -13.77 -63.56
N GLY B 187 19.13 -14.44 -62.50
CA GLY B 187 18.36 -15.46 -61.84
C GLY B 187 19.18 -16.22 -60.78
N ARG B 188 18.66 -17.38 -60.39
CA ARG B 188 19.32 -18.24 -59.40
C ARG B 188 20.17 -19.32 -60.11
N HIS B 189 21.47 -19.33 -59.82
CA HIS B 189 22.37 -20.26 -60.45
C HIS B 189 23.08 -21.22 -59.47
N VAL B 190 23.58 -22.33 -60.01
CA VAL B 190 24.29 -23.34 -59.23
C VAL B 190 25.74 -23.50 -59.70
N LYS B 191 26.67 -23.16 -58.83
CA LYS B 191 28.09 -23.25 -59.15
C LYS B 191 28.77 -24.25 -58.19
N THR B 192 30.06 -24.37 -58.29
CA THR B 192 30.90 -25.25 -57.48
C THR B 192 32.25 -24.53 -57.37
N TYR B 193 33.02 -24.93 -56.45
CA TYR B 193 34.28 -24.42 -56.12
C TYR B 193 34.68 -25.56 -55.24
N GLU B 194 35.92 -25.94 -55.28
CA GLU B 194 36.45 -26.93 -54.38
C GLU B 194 37.24 -26.11 -53.37
N VAL B 195 37.84 -26.70 -52.37
CA VAL B 195 38.58 -25.88 -51.42
C VAL B 195 40.03 -26.29 -51.18
N SER B 196 40.95 -25.32 -51.29
CA SER B 196 42.36 -25.59 -51.08
C SER B 196 42.87 -25.15 -49.71
N LEU B 197 43.14 -26.11 -48.84
CA LEU B 197 43.62 -25.81 -47.52
C LEU B 197 45.10 -25.46 -47.55
N ARG B 198 45.69 -25.51 -48.73
CA ARG B 198 47.11 -25.22 -48.89
C ARG B 198 47.34 -23.79 -49.36
N GLU B 199 46.78 -23.44 -50.50
CA GLU B 199 46.94 -22.09 -51.02
C GLU B 199 45.78 -21.22 -50.56
N LYS B 200 44.75 -21.86 -50.00
CA LYS B 200 43.58 -21.16 -49.49
C LYS B 200 42.86 -20.38 -50.58
N GLU B 201 42.02 -21.08 -51.34
CA GLU B 201 41.30 -20.43 -52.43
C GLU B 201 40.38 -21.45 -53.12
N PHE B 202 39.43 -20.94 -53.90
CA PHE B 202 38.49 -21.79 -54.64
C PHE B 202 39.06 -22.05 -56.02
N ASN B 203 39.72 -23.19 -56.17
CA ASN B 203 40.33 -23.56 -57.44
C ASN B 203 39.39 -23.53 -58.64
N LYS B 204 38.51 -24.51 -58.73
CA LYS B 204 37.58 -24.57 -59.86
C LYS B 204 36.69 -25.80 -59.67
N GLY B 205 35.41 -25.55 -59.40
CA GLY B 205 34.48 -26.64 -59.19
C GLY B 205 34.40 -27.64 -60.31
N PRO B 206 33.80 -28.82 -60.06
CA PRO B 206 33.67 -29.85 -61.08
C PRO B 206 33.28 -29.25 -62.42
N TRP B 207 32.19 -28.49 -62.43
CA TRP B 207 31.76 -27.85 -63.67
C TRP B 207 31.49 -26.36 -63.52
N LYS B 208 30.88 -25.78 -64.55
CA LYS B 208 30.56 -24.36 -64.56
C LYS B 208 29.31 -24.06 -63.75
N GLN B 209 28.17 -24.01 -64.42
CA GLN B 209 26.92 -23.70 -63.76
C GLN B 209 25.71 -24.16 -64.55
N GLU B 210 24.53 -23.81 -64.05
CA GLU B 210 23.26 -24.16 -64.68
C GLU B 210 22.17 -23.17 -64.27
N ASN B 211 21.19 -22.96 -65.14
CA ASN B 211 20.07 -22.07 -64.81
C ASN B 211 19.12 -22.91 -63.97
N VAL B 212 19.08 -22.63 -62.66
CA VAL B 212 18.20 -23.41 -61.80
C VAL B 212 16.82 -22.77 -61.71
N GLU B 213 15.84 -23.59 -61.36
CA GLU B 213 14.45 -23.17 -61.21
C GLU B 213 14.32 -21.83 -60.47
N ALA B 214 13.42 -20.98 -60.98
CA ALA B 214 13.19 -19.66 -60.42
C ALA B 214 13.19 -19.54 -58.89
N GLU B 215 12.99 -20.66 -58.19
CA GLU B 215 12.97 -20.63 -56.74
C GLU B 215 13.75 -21.75 -56.05
N ALA B 216 15.02 -21.89 -56.39
CA ALA B 216 15.83 -22.93 -55.77
C ALA B 216 16.03 -22.53 -54.30
N SER B 217 16.32 -23.50 -53.45
CA SER B 217 16.54 -23.24 -52.02
C SER B 217 17.37 -24.33 -51.34
N MET B 218 16.90 -25.57 -51.39
CA MET B 218 17.60 -26.69 -50.78
C MET B 218 18.66 -27.28 -51.69
N VAL B 219 19.76 -27.74 -51.09
CA VAL B 219 20.86 -28.33 -51.85
C VAL B 219 21.35 -29.61 -51.20
N ILE B 220 20.74 -30.74 -51.58
CA ILE B 220 21.11 -32.03 -51.01
C ILE B 220 22.28 -32.69 -51.75
N ALA B 221 23.39 -32.88 -51.04
CA ALA B 221 24.60 -33.50 -51.59
C ALA B 221 24.49 -35.02 -51.59
N VAL B 222 24.13 -35.58 -52.75
CA VAL B 222 23.95 -37.02 -52.92
C VAL B 222 25.17 -37.88 -52.57
N PRO B 223 24.95 -39.00 -51.87
CA PRO B 223 25.92 -39.99 -51.39
C PRO B 223 27.00 -40.43 -52.38
N GLU B 224 27.24 -41.74 -52.47
CA GLU B 224 28.28 -42.27 -53.35
C GLU B 224 27.81 -43.05 -54.58
N PRO B 225 26.86 -43.98 -54.40
CA PRO B 225 26.41 -44.75 -55.57
C PRO B 225 26.26 -43.80 -56.74
N PHE B 226 25.38 -42.81 -56.59
CA PHE B 226 25.16 -41.80 -57.61
C PHE B 226 26.30 -40.81 -57.39
N GLY B 227 26.00 -39.67 -56.76
CA GLY B 227 27.05 -38.71 -56.48
C GLY B 227 26.80 -37.26 -56.85
N GLY B 228 25.62 -36.96 -57.36
CA GLY B 228 25.32 -35.60 -57.77
C GLY B 228 24.94 -34.62 -56.67
N ALA B 229 23.76 -34.04 -56.83
CA ALA B 229 23.23 -33.06 -55.87
C ALA B 229 21.80 -32.66 -56.23
N ILE B 230 20.84 -33.15 -55.45
CA ILE B 230 19.44 -32.82 -55.69
C ILE B 230 19.23 -31.35 -55.30
N ILE B 231 18.41 -30.65 -56.08
CA ILE B 231 18.08 -29.25 -55.82
C ILE B 231 16.56 -29.12 -55.84
N ILE B 232 16.00 -28.51 -54.80
CA ILE B 232 14.55 -28.37 -54.72
C ILE B 232 14.05 -26.95 -54.49
N GLY B 233 12.94 -26.64 -55.14
CA GLY B 233 12.33 -25.31 -55.02
C GLY B 233 10.84 -25.50 -55.18
N GLN B 234 10.07 -24.41 -55.16
CA GLN B 234 8.62 -24.54 -55.33
C GLN B 234 8.37 -25.13 -56.71
N GLU B 235 7.44 -26.08 -56.79
CA GLU B 235 7.08 -26.75 -58.04
C GLU B 235 8.26 -27.13 -58.96
N SER B 236 9.15 -27.99 -58.45
CA SER B 236 10.31 -28.45 -59.22
C SER B 236 11.39 -29.13 -58.36
N ILE B 237 12.05 -30.12 -58.95
CA ILE B 237 13.13 -30.86 -58.30
C ILE B 237 14.08 -31.35 -59.38
N THR B 238 15.19 -30.66 -59.57
CA THR B 238 16.19 -31.02 -60.59
C THR B 238 17.36 -31.78 -59.99
N TYR B 239 18.29 -32.21 -60.85
CA TYR B 239 19.46 -32.96 -60.41
C TYR B 239 20.68 -32.67 -61.30
N HIS B 240 21.81 -32.35 -60.69
CA HIS B 240 23.04 -32.08 -61.44
C HIS B 240 24.20 -32.86 -60.84
N ASN B 241 24.59 -33.96 -61.48
CA ASN B 241 25.69 -34.76 -60.97
C ASN B 241 27.03 -34.15 -61.34
N GLY B 242 27.57 -34.59 -62.46
CA GLY B 242 28.86 -34.08 -62.94
C GLY B 242 28.75 -33.98 -64.45
N ASP B 243 27.88 -33.07 -64.89
CA ASP B 243 27.61 -32.81 -66.30
C ASP B 243 26.32 -33.51 -66.72
N LYS B 244 25.81 -34.39 -65.86
CA LYS B 244 24.56 -35.07 -66.15
C LYS B 244 23.45 -34.08 -65.79
N TYR B 245 22.20 -34.45 -66.02
CA TYR B 245 21.08 -33.56 -65.71
C TYR B 245 19.76 -34.32 -65.74
N LEU B 246 18.90 -34.08 -64.76
CA LEU B 246 17.61 -34.75 -64.70
C LEU B 246 16.62 -34.01 -63.80
N ALA B 247 15.80 -33.15 -64.40
CA ALA B 247 14.82 -32.40 -63.65
C ALA B 247 13.48 -33.10 -63.72
N ILE B 248 12.59 -32.73 -62.81
CA ILE B 248 11.25 -33.29 -62.74
C ILE B 248 10.32 -32.28 -62.07
N ALA B 249 9.11 -32.16 -62.59
CA ALA B 249 8.14 -31.22 -62.03
C ALA B 249 6.94 -31.93 -61.42
N PRO B 250 7.15 -32.60 -60.28
CA PRO B 250 6.09 -33.34 -59.58
C PRO B 250 4.88 -32.43 -59.34
N PRO B 251 3.75 -32.73 -59.99
CA PRO B 251 2.52 -31.94 -59.85
C PRO B 251 2.08 -31.71 -58.40
N ILE B 252 2.87 -32.17 -57.44
CA ILE B 252 2.51 -31.98 -56.03
C ILE B 252 3.55 -31.19 -55.23
N ILE B 253 3.67 -29.90 -55.53
CA ILE B 253 4.60 -29.02 -54.83
C ILE B 253 4.12 -27.59 -54.97
N LYS B 254 3.19 -27.38 -55.90
CA LYS B 254 2.64 -26.05 -56.15
C LYS B 254 2.01 -25.44 -54.88
N GLN B 255 1.73 -26.29 -53.90
CA GLN B 255 1.13 -25.82 -52.64
C GLN B 255 2.17 -25.12 -51.76
N SER B 256 2.82 -25.90 -50.90
CA SER B 256 3.81 -25.34 -50.00
C SER B 256 5.23 -25.67 -50.41
N THR B 257 6.16 -24.83 -49.95
CA THR B 257 7.59 -25.01 -50.24
C THR B 257 8.11 -26.17 -49.40
N ILE B 258 9.24 -26.72 -49.84
CA ILE B 258 9.85 -27.81 -49.13
C ILE B 258 10.90 -27.23 -48.19
N VAL B 259 10.56 -27.20 -46.90
CA VAL B 259 11.43 -26.65 -45.88
C VAL B 259 12.50 -27.61 -45.41
N CYS B 260 12.15 -28.88 -45.21
CA CYS B 260 13.13 -29.85 -44.74
C CYS B 260 13.25 -31.14 -45.56
N HIS B 261 14.42 -31.78 -45.45
CA HIS B 261 14.71 -33.03 -46.15
C HIS B 261 15.62 -33.87 -45.26
N ASN B 262 15.76 -35.15 -45.60
CA ASN B 262 16.63 -36.05 -44.84
C ASN B 262 16.84 -37.35 -45.60
N ARG B 263 18.09 -37.82 -45.62
CA ARG B 263 18.43 -39.05 -46.30
C ARG B 263 18.04 -40.28 -45.47
N VAL B 264 17.33 -41.21 -46.10
CA VAL B 264 16.90 -42.43 -45.43
C VAL B 264 17.94 -43.55 -45.58
N ASP B 265 18.10 -44.03 -46.81
CA ASP B 265 19.06 -45.10 -47.08
C ASP B 265 20.44 -44.52 -47.40
N PRO B 266 21.46 -45.00 -46.69
CA PRO B 266 22.85 -44.54 -46.87
C PRO B 266 23.24 -44.23 -48.31
N ASN B 267 23.09 -45.21 -49.20
CA ASN B 267 23.44 -45.06 -50.62
C ASN B 267 22.86 -43.82 -51.29
N GLY B 268 21.80 -43.27 -50.70
CA GLY B 268 21.16 -42.10 -51.26
C GLY B 268 19.93 -42.51 -52.04
N SER B 269 19.53 -43.76 -51.88
CA SER B 269 18.37 -44.32 -52.57
C SER B 269 17.06 -43.62 -52.22
N ARG B 270 16.93 -43.12 -51.00
CA ARG B 270 15.68 -42.46 -50.61
C ARG B 270 15.90 -41.23 -49.72
N TYR B 271 14.90 -40.35 -49.71
CA TYR B 271 14.95 -39.13 -48.91
C TYR B 271 13.56 -38.71 -48.44
N LEU B 272 13.50 -38.07 -47.28
CA LEU B 272 12.22 -37.59 -46.75
C LEU B 272 12.17 -36.08 -46.95
N LEU B 273 11.00 -35.59 -47.33
CA LEU B 273 10.81 -34.17 -47.55
C LEU B 273 9.56 -33.71 -46.82
N GLY B 274 9.71 -32.66 -46.01
CA GLY B 274 8.59 -32.12 -45.27
C GLY B 274 8.05 -30.90 -45.99
N ASP B 275 6.72 -30.79 -46.07
CA ASP B 275 6.06 -29.68 -46.74
C ASP B 275 6.26 -28.33 -46.06
N MET B 276 5.14 -27.77 -45.61
CA MET B 276 5.10 -26.48 -44.93
C MET B 276 3.62 -26.36 -44.58
N GLU B 277 2.87 -27.30 -45.12
CA GLU B 277 1.43 -27.43 -44.93
C GLU B 277 1.30 -28.65 -44.01
N GLY B 278 2.43 -29.32 -43.78
CA GLY B 278 2.46 -30.49 -42.92
C GLY B 278 2.45 -31.83 -43.66
N ARG B 279 3.12 -31.90 -44.81
CA ARG B 279 3.16 -33.12 -45.60
C ARG B 279 4.54 -33.78 -45.64
N LEU B 280 4.56 -35.12 -45.64
CA LEU B 280 5.80 -35.88 -45.72
C LEU B 280 5.87 -36.58 -47.10
N PHE B 281 7.05 -36.60 -47.70
CA PHE B 281 7.17 -37.22 -49.01
C PHE B 281 8.17 -38.35 -49.10
N MET B 282 8.70 -38.57 -50.30
CA MET B 282 9.67 -39.63 -50.51
C MET B 282 10.34 -39.49 -51.88
N LEU B 283 11.53 -38.88 -51.89
CA LEU B 283 12.28 -38.68 -53.12
C LEU B 283 13.10 -39.89 -53.52
N LEU B 284 12.48 -40.82 -54.23
CA LEU B 284 13.14 -42.03 -54.68
C LEU B 284 14.10 -41.74 -55.84
N LEU B 285 15.27 -42.38 -55.81
CA LEU B 285 16.27 -42.20 -56.86
C LEU B 285 16.53 -43.49 -57.63
N GLU B 286 15.94 -43.60 -58.82
CA GLU B 286 16.10 -44.77 -59.68
C GLU B 286 17.56 -45.03 -60.04
N LYS B 287 18.07 -46.18 -59.64
CA LYS B 287 19.45 -46.57 -59.94
C LYS B 287 19.50 -47.41 -61.20
N GLU B 288 20.09 -46.85 -62.25
CA GLU B 288 20.19 -47.55 -63.52
C GLU B 288 21.50 -48.31 -63.63
N GLU B 289 21.42 -49.63 -63.49
CA GLU B 289 22.61 -50.47 -63.60
C GLU B 289 22.65 -51.22 -64.93
N GLN B 290 23.73 -51.00 -65.67
CA GLN B 290 23.92 -51.61 -66.98
C GLN B 290 24.71 -52.93 -66.90
N MET B 291 25.09 -53.45 -68.06
CA MET B 291 25.87 -54.69 -68.13
C MET B 291 27.05 -54.60 -67.15
N ASP B 292 28.02 -53.73 -67.46
CA ASP B 292 29.19 -53.52 -66.62
C ASP B 292 29.73 -52.10 -66.72
N GLY B 293 28.97 -51.23 -67.37
CA GLY B 293 29.40 -49.85 -67.51
C GLY B 293 29.22 -49.05 -66.23
N THR B 294 29.34 -49.72 -65.09
CA THR B 294 29.20 -49.14 -63.75
C THR B 294 27.75 -48.78 -63.40
N VAL B 295 27.56 -48.08 -62.29
CA VAL B 295 26.22 -47.69 -61.80
C VAL B 295 25.94 -46.17 -61.87
N THR B 296 24.74 -45.83 -62.32
CA THR B 296 24.32 -44.44 -62.45
C THR B 296 22.83 -44.21 -62.10
N LEU B 297 22.41 -42.95 -62.11
CA LEU B 297 21.04 -42.57 -61.77
C LEU B 297 20.06 -42.59 -62.95
N LYS B 298 19.08 -43.49 -62.86
CA LYS B 298 18.05 -43.63 -63.88
C LYS B 298 16.98 -42.54 -63.87
N ASP B 299 16.15 -42.50 -62.82
CA ASP B 299 15.08 -41.50 -62.73
C ASP B 299 14.83 -41.03 -61.29
N LEU B 300 13.99 -40.01 -61.16
CA LEU B 300 13.64 -39.43 -59.85
C LEU B 300 12.12 -39.35 -59.64
N ARG B 301 11.57 -40.20 -58.80
CA ARG B 301 10.14 -40.12 -58.54
C ARG B 301 9.91 -39.50 -57.17
N VAL B 302 8.74 -38.90 -57.00
CA VAL B 302 8.36 -38.28 -55.73
C VAL B 302 6.99 -38.81 -55.34
N GLU B 303 6.88 -39.32 -54.13
CA GLU B 303 5.62 -39.89 -53.66
C GLU B 303 5.17 -39.33 -52.31
N LEU B 304 3.87 -39.14 -52.16
CA LEU B 304 3.32 -38.63 -50.90
C LEU B 304 3.23 -39.79 -49.92
N LEU B 305 3.65 -39.56 -48.68
CA LEU B 305 3.60 -40.60 -47.68
C LEU B 305 2.50 -40.34 -46.65
N GLY B 306 1.86 -39.19 -46.77
CA GLY B 306 0.81 -38.86 -45.81
C GLY B 306 1.21 -37.57 -45.11
N GLU B 307 0.41 -37.13 -44.13
CA GLU B 307 0.75 -35.88 -43.45
C GLU B 307 1.28 -36.05 -42.03
N THR B 308 2.25 -35.22 -41.70
CA THR B 308 2.87 -35.22 -40.38
C THR B 308 2.25 -34.04 -39.62
N SER B 309 3.11 -33.23 -39.02
CA SER B 309 2.68 -32.04 -38.29
C SER B 309 3.84 -31.09 -38.54
N ILE B 310 3.58 -30.06 -39.34
CA ILE B 310 4.60 -29.06 -39.74
C ILE B 310 5.95 -29.22 -39.08
N ALA B 311 6.93 -29.70 -39.85
CA ALA B 311 8.27 -29.92 -39.31
C ALA B 311 9.34 -28.88 -39.72
N GLU B 312 10.26 -28.63 -38.79
CA GLU B 312 11.35 -27.71 -39.04
C GLU B 312 12.45 -28.64 -39.52
N CYS B 313 12.45 -29.83 -38.93
CA CYS B 313 13.41 -30.86 -39.26
C CYS B 313 12.75 -32.21 -39.04
N LEU B 314 13.41 -33.24 -39.54
CA LEU B 314 12.90 -34.60 -39.40
C LEU B 314 13.99 -35.58 -39.83
N THR B 315 14.14 -36.66 -39.08
CA THR B 315 15.15 -37.66 -39.43
C THR B 315 14.66 -39.09 -39.32
N TYR B 316 15.23 -39.93 -40.16
CA TYR B 316 14.92 -41.35 -40.20
C TYR B 316 15.74 -42.01 -39.11
N LEU B 317 15.08 -42.78 -38.26
CA LEU B 317 15.77 -43.47 -37.18
C LEU B 317 16.17 -44.88 -37.63
N ASP B 318 15.18 -45.76 -37.76
CA ASP B 318 15.42 -47.14 -38.20
C ASP B 318 14.21 -48.02 -37.94
N ASN B 319 13.91 -48.89 -38.90
CA ASN B 319 12.79 -49.82 -38.82
C ASN B 319 11.42 -49.15 -38.99
N GLY B 320 11.38 -48.16 -39.88
CA GLY B 320 10.13 -47.44 -40.16
C GLY B 320 9.75 -46.33 -39.21
N VAL B 321 10.67 -45.92 -38.35
CA VAL B 321 10.40 -44.85 -37.40
C VAL B 321 11.08 -43.55 -37.79
N VAL B 322 10.30 -42.48 -37.87
CA VAL B 322 10.87 -41.18 -38.22
C VAL B 322 10.59 -40.13 -37.18
N PHE B 323 11.62 -39.36 -36.83
CA PHE B 323 11.40 -38.30 -35.85
C PHE B 323 11.00 -37.00 -36.52
N VAL B 324 9.89 -36.42 -36.04
CA VAL B 324 9.41 -35.17 -36.61
C VAL B 324 9.57 -33.97 -35.65
N GLY B 325 10.48 -33.06 -36.00
CA GLY B 325 10.72 -31.88 -35.19
C GLY B 325 9.83 -30.71 -35.61
N SER B 326 8.95 -30.31 -34.70
CA SER B 326 8.04 -29.20 -34.99
C SER B 326 8.39 -27.98 -34.14
N ARG B 327 8.19 -26.80 -34.72
CA ARG B 327 8.44 -25.57 -34.01
C ARG B 327 7.09 -24.87 -33.89
N LEU B 328 6.18 -25.22 -34.80
CA LEU B 328 4.85 -24.63 -34.81
C LEU B 328 3.84 -25.48 -34.08
N GLY B 329 4.18 -26.74 -33.82
CA GLY B 329 3.25 -27.61 -33.13
C GLY B 329 3.96 -28.74 -32.41
N ASP B 330 3.20 -29.73 -31.95
CA ASP B 330 3.79 -30.86 -31.23
C ASP B 330 4.71 -31.75 -32.08
N SER B 331 5.89 -32.05 -31.55
CA SER B 331 6.84 -32.90 -32.23
C SER B 331 6.35 -34.34 -32.14
N GLN B 332 6.76 -35.17 -33.09
CA GLN B 332 6.28 -36.54 -33.07
C GLN B 332 7.19 -37.63 -33.58
N LEU B 333 6.77 -38.85 -33.26
CA LEU B 333 7.46 -40.05 -33.65
C LEU B 333 6.42 -40.73 -34.55
N VAL B 334 6.75 -41.01 -35.80
CA VAL B 334 5.78 -41.66 -36.67
C VAL B 334 6.32 -42.89 -37.39
N LYS B 335 5.43 -43.87 -37.54
CA LYS B 335 5.75 -45.14 -38.20
C LYS B 335 5.31 -45.10 -39.66
N LEU B 336 6.22 -45.49 -40.52
CA LEU B 336 5.97 -45.51 -41.95
C LEU B 336 5.68 -46.94 -42.43
N ASN B 337 4.48 -47.15 -42.97
CA ASN B 337 4.14 -48.46 -43.47
C ASN B 337 4.13 -48.45 -44.98
N VAL B 338 4.44 -49.59 -45.58
CA VAL B 338 4.46 -49.71 -47.02
C VAL B 338 3.05 -50.03 -47.50
N ASP B 339 2.15 -50.21 -46.55
CA ASP B 339 0.77 -50.53 -46.88
C ASP B 339 -0.19 -49.44 -46.43
N SER B 340 -0.21 -48.33 -47.17
CA SER B 340 -1.10 -47.22 -46.84
C SER B 340 -2.52 -47.69 -46.55
N ASN B 341 -2.86 -47.75 -45.27
CA ASN B 341 -4.16 -48.19 -44.78
C ASN B 341 -5.32 -47.38 -45.39
N GLU B 342 -6.35 -47.17 -44.58
CA GLU B 342 -7.51 -46.38 -44.98
C GLU B 342 -6.97 -45.00 -45.29
N GLN B 343 -7.79 -44.16 -45.91
CA GLN B 343 -7.36 -42.80 -46.25
C GLN B 343 -6.08 -42.77 -47.08
N GLY B 344 -5.50 -43.94 -47.34
CA GLY B 344 -4.27 -44.02 -48.12
C GLY B 344 -3.11 -43.31 -47.47
N SER B 345 -3.03 -43.41 -46.14
CA SER B 345 -1.95 -42.76 -45.39
C SER B 345 -0.91 -43.74 -44.91
N TYR B 346 0.31 -43.64 -45.44
CA TYR B 346 1.38 -44.53 -45.06
C TYR B 346 1.86 -44.24 -43.63
N VAL B 347 1.83 -42.98 -43.24
CA VAL B 347 2.28 -42.56 -41.91
C VAL B 347 1.23 -42.67 -40.81
N VAL B 348 1.71 -42.99 -39.61
CA VAL B 348 0.84 -43.10 -38.45
C VAL B 348 1.63 -42.72 -37.20
N ALA B 349 1.03 -41.86 -36.38
CA ALA B 349 1.68 -41.40 -35.17
C ALA B 349 1.94 -42.51 -34.17
N MET B 350 3.05 -42.37 -33.44
CA MET B 350 3.43 -43.34 -32.41
C MET B 350 3.43 -42.67 -31.04
N GLU B 351 3.78 -41.38 -31.03
CA GLU B 351 3.85 -40.59 -29.81
C GLU B 351 3.82 -39.09 -30.13
N THR B 352 3.27 -38.32 -29.21
CA THR B 352 3.17 -36.87 -29.37
C THR B 352 3.99 -36.22 -28.26
N PHE B 353 4.92 -35.34 -28.67
CA PHE B 353 5.75 -34.64 -27.71
C PHE B 353 5.28 -33.20 -27.56
N THR B 354 4.64 -32.94 -26.43
CA THR B 354 4.11 -31.61 -26.13
C THR B 354 5.07 -30.45 -26.43
N ASN B 355 4.56 -29.47 -27.19
CA ASN B 355 5.30 -28.27 -27.55
C ASN B 355 4.42 -27.02 -27.41
N LEU B 356 4.69 -26.21 -26.39
CA LEU B 356 3.92 -24.99 -26.18
C LEU B 356 4.18 -24.07 -27.37
N GLY B 357 4.79 -24.64 -28.41
CA GLY B 357 5.12 -23.93 -29.64
C GLY B 357 5.20 -22.44 -29.47
N PRO B 358 4.92 -21.66 -30.52
CA PRO B 358 4.99 -20.21 -30.31
C PRO B 358 3.89 -19.80 -29.31
N ILE B 359 4.27 -19.13 -28.24
CA ILE B 359 3.27 -18.69 -27.29
C ILE B 359 2.98 -17.24 -27.67
N VAL B 360 1.94 -17.03 -28.47
CA VAL B 360 1.55 -15.70 -28.93
C VAL B 360 0.91 -14.86 -27.82
N ASP B 361 0.21 -15.51 -26.90
CA ASP B 361 -0.42 -14.80 -25.81
C ASP B 361 -0.74 -15.75 -24.67
N MET B 362 -1.02 -15.20 -23.50
CA MET B 362 -1.35 -16.03 -22.35
C MET B 362 -1.93 -15.18 -21.24
N CYS B 363 -2.54 -15.84 -20.28
CA CYS B 363 -3.13 -15.16 -19.14
C CYS B 363 -3.16 -16.12 -17.97
N VAL B 364 -3.14 -15.57 -16.76
CA VAL B 364 -3.17 -16.36 -15.56
C VAL B 364 -4.58 -16.38 -14.98
N VAL B 365 -5.12 -17.57 -14.78
CA VAL B 365 -6.45 -17.70 -14.22
C VAL B 365 -6.42 -18.67 -13.05
N ASP B 366 -7.11 -18.24 -11.97
CA ASP B 366 -7.22 -19.02 -10.78
C ASP B 366 -8.46 -19.80 -10.84
N LEU B 367 -8.34 -20.57 -11.83
CA LEU B 367 -9.18 -21.61 -12.27
C LEU B 367 -9.49 -22.58 -11.12
N GLU B 368 -10.72 -22.85 -10.74
CA GLU B 368 -10.76 -23.80 -9.68
C GLU B 368 -10.17 -23.24 -8.43
N ARG B 369 -10.02 -24.20 -7.57
CA ARG B 369 -9.44 -24.04 -6.28
C ARG B 369 -8.78 -22.69 -6.08
N GLN B 370 -9.35 -21.88 -5.19
CA GLN B 370 -8.78 -20.58 -4.83
C GLN B 370 -7.43 -20.84 -4.13
N GLY B 371 -6.35 -20.58 -4.85
CA GLY B 371 -5.02 -20.79 -4.29
C GLY B 371 -3.87 -20.64 -5.28
N GLN B 372 -3.92 -21.37 -6.38
CA GLN B 372 -2.85 -21.31 -7.38
C GLN B 372 -3.39 -21.14 -8.81
N GLY B 373 -2.69 -20.31 -9.58
CA GLY B 373 -3.10 -20.01 -10.93
C GLY B 373 -2.60 -20.98 -11.98
N GLN B 374 -3.23 -20.90 -13.15
CA GLN B 374 -2.89 -21.75 -14.27
C GLN B 374 -2.68 -20.88 -15.49
N LEU B 375 -1.77 -21.29 -16.36
CA LEU B 375 -1.50 -20.55 -17.58
C LEU B 375 -2.31 -21.14 -18.72
N VAL B 376 -3.15 -20.32 -19.32
CA VAL B 376 -3.96 -20.73 -20.46
C VAL B 376 -3.29 -19.93 -21.56
N THR B 377 -2.64 -20.60 -22.49
CA THR B 377 -1.94 -19.89 -23.52
C THR B 377 -2.49 -20.04 -24.92
N CYS B 378 -2.15 -19.07 -25.76
CA CYS B 378 -2.52 -19.12 -27.16
C CYS B 378 -1.17 -19.54 -27.68
N SER B 379 -1.13 -20.72 -28.29
CA SER B 379 0.13 -21.25 -28.83
C SER B 379 -0.03 -22.10 -30.08
N GLY B 380 1.10 -22.34 -30.74
CA GLY B 380 1.09 -23.09 -31.97
C GLY B 380 0.80 -22.08 -33.06
N ALA B 381 0.25 -22.53 -34.18
CA ALA B 381 -0.10 -21.65 -35.30
C ALA B 381 -0.49 -22.51 -36.48
N PHE B 382 -1.40 -22.00 -37.30
CA PHE B 382 -1.89 -22.70 -38.48
C PHE B 382 -2.73 -23.86 -37.98
N LYS B 383 -2.59 -25.05 -38.58
CA LYS B 383 -3.40 -26.17 -38.11
C LYS B 383 -2.98 -26.64 -36.71
N GLU B 384 -1.83 -26.16 -36.24
CA GLU B 384 -1.35 -26.52 -34.92
C GLU B 384 -1.88 -25.60 -33.82
N GLY B 385 -2.64 -24.60 -34.21
CA GLY B 385 -3.20 -23.67 -33.24
C GLY B 385 -3.88 -24.43 -32.12
N SER B 386 -3.82 -23.87 -30.92
CA SER B 386 -4.43 -24.50 -29.76
C SER B 386 -4.24 -23.63 -28.54
N LEU B 387 -4.87 -24.03 -27.45
CA LEU B 387 -4.73 -23.34 -26.19
C LEU B 387 -4.05 -24.38 -25.32
N ARG B 388 -3.30 -23.94 -24.32
CA ARG B 388 -2.61 -24.85 -23.41
C ARG B 388 -2.91 -24.40 -22.00
N ILE B 389 -3.23 -25.35 -21.12
CA ILE B 389 -3.53 -25.04 -19.73
C ILE B 389 -2.41 -25.62 -18.87
N ILE B 390 -1.53 -24.78 -18.34
CA ILE B 390 -0.40 -25.22 -17.52
C ILE B 390 -0.61 -25.10 -16.02
N ARG B 391 -0.66 -26.22 -15.33
CA ARG B 391 -0.83 -26.24 -13.88
C ARG B 391 0.37 -26.96 -13.29
N ASN B 392 0.64 -26.74 -12.01
CA ASN B 392 1.75 -27.44 -11.38
C ASN B 392 1.24 -28.23 -10.17
N GLY B 393 2.05 -29.17 -9.70
CA GLY B 393 1.66 -29.99 -8.58
C GLY B 393 1.80 -31.44 -8.96
N ILE B 394 1.61 -32.33 -7.98
CA ILE B 394 1.76 -33.76 -8.23
C ILE B 394 0.55 -34.33 -8.94
N GLY B 395 0.81 -35.11 -9.98
CA GLY B 395 -0.27 -35.72 -10.73
C GLY B 395 -0.36 -37.20 -10.41
N ILE B 396 -1.54 -37.77 -10.60
CA ILE B 396 -1.72 -39.19 -10.35
C ILE B 396 -2.41 -39.81 -11.56
N HIS B 397 -2.08 -41.07 -11.83
CA HIS B 397 -2.64 -41.78 -12.97
C HIS B 397 -3.71 -42.77 -12.53
N GLU B 398 -4.84 -42.74 -13.23
CA GLU B 398 -5.98 -43.60 -12.92
C GLU B 398 -5.79 -45.03 -13.43
N HIS B 399 -6.33 -45.99 -12.69
CA HIS B 399 -6.26 -47.41 -13.05
C HIS B 399 -7.60 -48.10 -12.90
N ALA B 400 -8.24 -47.90 -11.74
CA ALA B 400 -9.53 -48.53 -11.49
C ALA B 400 -10.54 -47.57 -10.88
N SER B 401 -11.72 -47.53 -11.48
CA SER B 401 -12.79 -46.67 -11.00
C SER B 401 -13.96 -47.55 -10.57
N ILE B 402 -14.44 -47.36 -9.34
CA ILE B 402 -15.56 -48.15 -8.86
C ILE B 402 -16.48 -47.32 -7.99
N ASP B 403 -17.68 -47.05 -8.50
CA ASP B 403 -18.66 -46.27 -7.77
C ASP B 403 -19.02 -47.03 -6.48
N LEU B 404 -18.58 -46.51 -5.33
CA LEU B 404 -18.88 -47.13 -4.04
C LEU B 404 -19.04 -46.07 -2.97
N PRO B 405 -20.28 -45.63 -2.73
CA PRO B 405 -20.64 -44.60 -1.74
C PRO B 405 -20.41 -44.93 -0.26
N GLY B 406 -20.20 -43.87 0.52
CA GLY B 406 -20.02 -43.97 1.96
C GLY B 406 -18.84 -44.68 2.59
N ILE B 407 -17.62 -44.45 2.08
CA ILE B 407 -16.45 -45.10 2.66
C ILE B 407 -16.01 -44.33 3.90
N LYS B 408 -15.36 -45.03 4.83
CA LYS B 408 -14.90 -44.39 6.06
C LYS B 408 -13.46 -44.74 6.40
N GLY B 409 -12.83 -45.54 5.56
CA GLY B 409 -11.45 -45.93 5.80
C GLY B 409 -11.05 -47.06 4.88
N LEU B 410 -9.75 -47.33 4.79
CA LEU B 410 -9.24 -48.41 3.94
C LEU B 410 -7.78 -48.71 4.26
N TRP B 411 -7.45 -50.00 4.23
CA TRP B 411 -6.10 -50.46 4.54
C TRP B 411 -5.64 -51.63 3.64
N PRO B 412 -4.38 -51.59 3.16
CA PRO B 412 -3.85 -52.66 2.31
C PRO B 412 -3.51 -53.87 3.19
N LEU B 413 -3.33 -55.05 2.60
CA LEU B 413 -3.03 -56.23 3.40
C LEU B 413 -2.57 -57.49 2.65
N ARG B 414 -1.73 -58.29 3.32
CA ARG B 414 -1.22 -59.55 2.77
C ARG B 414 -2.11 -60.70 3.23
N SER B 415 -2.79 -61.33 2.29
CA SER B 415 -3.67 -62.44 2.62
C SER B 415 -2.85 -63.70 2.88
N ASP B 416 -1.84 -63.91 2.04
CA ASP B 416 -0.97 -65.08 2.17
C ASP B 416 0.39 -64.68 2.71
N PRO B 417 0.85 -65.35 3.79
CA PRO B 417 2.13 -65.14 4.47
C PRO B 417 3.36 -65.25 3.58
N ASN B 418 3.24 -65.96 2.45
CA ASN B 418 4.34 -66.15 1.53
C ASN B 418 4.67 -64.89 0.73
N ARG B 419 3.63 -64.28 0.15
CA ARG B 419 3.80 -63.07 -0.65
C ARG B 419 3.95 -61.76 0.11
N GLU B 420 4.86 -60.93 -0.38
CA GLU B 420 5.10 -59.61 0.21
C GLU B 420 4.06 -58.71 -0.43
N THR B 421 3.83 -58.96 -1.73
CA THR B 421 2.87 -58.20 -2.53
C THR B 421 1.46 -58.24 -1.97
N TYR B 422 0.99 -57.11 -1.44
CA TYR B 422 -0.35 -57.01 -0.89
C TYR B 422 -1.34 -57.63 -1.88
N ASP B 423 -2.50 -58.03 -1.39
CA ASP B 423 -3.51 -58.64 -2.27
C ASP B 423 -4.92 -58.45 -1.74
N THR B 424 -5.06 -57.67 -0.68
CA THR B 424 -6.37 -57.41 -0.08
C THR B 424 -6.52 -55.93 0.26
N LEU B 425 -7.76 -55.48 0.38
CA LEU B 425 -8.06 -54.10 0.71
C LEU B 425 -9.38 -53.98 1.47
N VAL B 426 -9.28 -53.73 2.77
CA VAL B 426 -10.45 -53.60 3.62
C VAL B 426 -10.86 -52.15 3.77
N LEU B 427 -12.14 -51.88 3.54
CA LEU B 427 -12.66 -50.54 3.69
C LEU B 427 -13.85 -50.57 4.66
N SER B 428 -13.84 -49.68 5.66
CA SER B 428 -14.92 -49.64 6.64
C SER B 428 -16.04 -48.80 6.06
N PHE B 429 -17.18 -48.89 6.65
CA PHE B 429 -18.37 -48.17 6.33
C PHE B 429 -18.85 -48.28 7.69
N VAL B 430 -18.09 -47.57 8.47
CA VAL B 430 -18.54 -47.61 9.77
C VAL B 430 -20.01 -47.54 9.61
N GLY B 431 -20.52 -48.46 8.93
CA GLY B 431 -21.74 -48.71 9.44
C GLY B 431 -20.78 -49.74 9.98
N GLN B 432 -20.79 -50.72 9.11
CA GLN B 432 -20.13 -52.00 8.96
C GLN B 432 -18.65 -51.97 8.54
N THR B 433 -18.19 -52.96 7.71
CA THR B 433 -16.74 -53.01 7.31
C THR B 433 -16.30 -54.07 6.25
N ARG B 434 -16.97 -54.10 5.09
CA ARG B 434 -16.68 -55.04 4.01
C ARG B 434 -15.20 -55.27 3.73
N VAL B 435 -14.91 -56.22 2.85
CA VAL B 435 -13.53 -56.55 2.51
C VAL B 435 -13.47 -56.85 1.01
N LEU B 436 -12.34 -56.54 0.37
CA LEU B 436 -12.23 -56.77 -1.06
C LEU B 436 -10.99 -57.58 -1.46
N MET B 437 -11.23 -58.71 -2.12
CA MET B 437 -10.14 -59.56 -2.59
C MET B 437 -9.53 -58.95 -3.84
N LEU B 438 -8.21 -58.93 -3.90
CA LEU B 438 -7.51 -58.37 -5.04
C LEU B 438 -6.70 -59.36 -5.86
N ASN B 439 -7.31 -59.84 -6.93
CA ASN B 439 -6.66 -60.77 -7.84
C ASN B 439 -6.55 -60.07 -9.17
N GLY B 440 -5.34 -60.02 -9.71
CA GLY B 440 -5.16 -59.35 -10.98
C GLY B 440 -5.71 -57.93 -10.93
N GLU B 441 -6.94 -57.76 -11.40
CA GLU B 441 -7.58 -56.45 -11.41
C GLU B 441 -9.05 -56.58 -11.03
N GLU B 442 -9.40 -57.72 -10.44
CA GLU B 442 -10.77 -58.01 -10.04
C GLU B 442 -11.09 -57.39 -8.69
N VAL B 443 -12.39 -57.19 -8.44
CA VAL B 443 -12.85 -56.62 -7.19
C VAL B 443 -13.65 -57.64 -6.38
N GLU B 444 -13.48 -58.91 -6.70
CA GLU B 444 -14.19 -59.98 -6.00
C GLU B 444 -14.03 -59.82 -4.49
N GLU B 445 -15.02 -59.22 -3.83
CA GLU B 445 -14.96 -59.05 -2.39
C GLU B 445 -15.16 -60.39 -1.67
N THR B 446 -14.15 -60.81 -0.91
CA THR B 446 -14.24 -62.09 -0.18
C THR B 446 -14.54 -61.94 1.29
N GLU B 447 -13.83 -62.73 2.09
CA GLU B 447 -13.99 -62.75 3.52
C GLU B 447 -12.74 -63.34 4.15
N LEU B 448 -12.56 -63.05 5.44
CA LEU B 448 -11.43 -63.57 6.20
C LEU B 448 -11.99 -64.19 7.47
N MET B 449 -11.50 -65.38 7.83
CA MET B 449 -11.96 -66.06 9.08
C MET B 449 -11.65 -65.15 10.27
N GLY B 450 -10.29 -65.04 10.36
CA GLY B 450 -9.42 -64.30 11.24
C GLY B 450 -10.17 -63.22 11.81
N PHE B 451 -11.12 -63.58 12.54
CA PHE B 451 -12.01 -62.55 13.06
C PHE B 451 -12.09 -61.24 12.36
N VAL B 452 -12.97 -61.31 11.41
CA VAL B 452 -13.45 -60.24 10.61
C VAL B 452 -14.77 -59.89 11.31
N ASP B 453 -15.29 -58.71 11.03
CA ASP B 453 -16.62 -58.36 11.46
C ASP B 453 -17.17 -57.41 10.42
N ASP B 454 -18.26 -56.79 10.86
CA ASP B 454 -19.12 -55.82 10.21
C ASP B 454 -19.81 -55.05 11.27
N GLN B 455 -18.97 -54.55 12.07
CA GLN B 455 -19.25 -53.56 12.93
C GLN B 455 -18.21 -52.65 12.31
N GLN B 456 -17.75 -51.64 13.04
CA GLN B 456 -16.84 -50.66 12.49
C GLN B 456 -15.42 -51.08 12.34
N THR B 457 -14.66 -50.25 11.67
CA THR B 457 -13.26 -50.62 11.62
C THR B 457 -12.32 -49.43 11.59
N PHE B 458 -11.50 -49.30 12.66
CA PHE B 458 -10.55 -48.17 12.82
C PHE B 458 -9.14 -48.47 12.28
N PHE B 459 -8.82 -49.74 12.08
CA PHE B 459 -7.53 -50.15 11.54
C PHE B 459 -7.40 -51.66 11.44
N CYS B 460 -6.62 -52.11 10.47
CA CYS B 460 -6.38 -53.54 10.29
C CYS B 460 -5.20 -53.68 9.35
N GLY B 461 -4.55 -54.83 9.41
CA GLY B 461 -3.41 -55.05 8.54
C GLY B 461 -2.49 -56.08 9.16
N ASN B 462 -1.40 -56.38 8.46
CA ASN B 462 -0.44 -57.36 8.93
C ASN B 462 0.35 -56.93 10.17
N VAL B 463 0.19 -57.72 11.26
CA VAL B 463 0.90 -57.46 12.53
C VAL B 463 1.95 -58.56 12.83
N ALA B 464 2.81 -58.34 13.90
CA ALA B 464 4.05 -59.04 14.44
C ALA B 464 4.08 -60.58 14.82
N HIS B 465 4.78 -61.43 13.99
CA HIS B 465 4.88 -62.91 14.01
C HIS B 465 3.74 -63.32 13.13
N GLN B 466 4.01 -63.53 11.87
CA GLN B 466 3.04 -63.99 10.92
C GLN B 466 1.50 -63.83 11.18
N GLN B 467 0.98 -62.68 11.70
CA GLN B 467 -0.49 -62.43 11.97
C GLN B 467 -1.12 -61.28 11.20
N LEU B 468 -2.38 -60.99 11.61
CA LEU B 468 -3.26 -59.99 11.07
C LEU B 468 -4.05 -59.36 12.21
N ILE B 469 -4.47 -58.11 12.06
CA ILE B 469 -5.24 -57.49 13.14
C ILE B 469 -6.39 -56.69 12.58
N GLN B 470 -7.37 -56.44 13.42
CA GLN B 470 -8.54 -55.67 13.04
C GLN B 470 -9.05 -55.04 14.32
N ILE B 471 -9.27 -53.73 14.29
CA ILE B 471 -9.74 -53.01 15.46
C ILE B 471 -11.01 -52.26 15.12
N THR B 472 -12.09 -52.57 15.85
CA THR B 472 -13.38 -51.94 15.61
C THR B 472 -13.81 -51.12 16.82
N SER B 473 -15.03 -50.61 16.78
CA SER B 473 -15.55 -49.83 17.90
C SER B 473 -15.73 -50.77 19.07
N ALA B 474 -16.01 -52.03 18.76
CA ALA B 474 -16.20 -53.08 19.77
C ALA B 474 -14.90 -53.38 20.51
N SER B 475 -13.83 -53.61 19.74
CA SER B 475 -12.52 -53.89 20.33
C SER B 475 -11.50 -54.42 19.33
N VAL B 476 -10.32 -54.72 19.83
CA VAL B 476 -9.24 -55.25 19.01
C VAL B 476 -9.14 -56.76 19.15
N ARG B 477 -8.92 -57.43 18.02
CA ARG B 477 -8.78 -58.88 18.00
C ARG B 477 -7.70 -59.31 17.03
N LEU B 478 -6.73 -60.06 17.53
CA LEU B 478 -5.64 -60.54 16.70
C LEU B 478 -6.15 -61.70 15.85
N VAL B 479 -5.43 -62.01 14.77
CA VAL B 479 -5.83 -63.10 13.87
C VAL B 479 -4.70 -63.96 13.33
N SER B 480 -4.99 -65.24 13.16
CA SER B 480 -4.05 -66.22 12.64
C SER B 480 -3.89 -66.05 11.13
N GLN B 481 -2.68 -66.24 10.63
CA GLN B 481 -2.41 -66.11 9.19
C GLN B 481 -2.45 -67.42 8.44
N GLU B 482 -1.52 -68.32 8.73
CA GLU B 482 -1.48 -69.62 8.05
C GLU B 482 -2.83 -70.34 8.17
N PRO B 483 -3.24 -70.69 9.40
CA PRO B 483 -4.53 -71.37 9.58
C PRO B 483 -5.74 -70.44 9.42
N LYS B 484 -5.62 -69.23 9.97
CA LYS B 484 -6.67 -68.20 9.89
C LYS B 484 -7.76 -68.30 10.95
N ALA B 485 -7.49 -67.77 12.14
CA ALA B 485 -8.48 -67.81 13.21
C ALA B 485 -8.32 -66.73 14.26
N LEU B 486 -9.43 -66.44 14.94
CA LEU B 486 -9.51 -65.45 16.00
C LEU B 486 -8.68 -65.85 17.22
N VAL B 487 -7.37 -65.87 17.06
CA VAL B 487 -6.45 -66.26 18.12
C VAL B 487 -6.60 -65.52 19.47
N SER B 488 -7.04 -64.27 19.43
CA SER B 488 -7.20 -63.48 20.66
C SER B 488 -8.19 -62.34 20.47
N GLU B 489 -8.62 -61.76 21.59
CA GLU B 489 -9.58 -60.66 21.52
C GLU B 489 -9.57 -59.78 22.78
N TRP B 490 -9.04 -58.57 22.63
CA TRP B 490 -8.97 -57.61 23.74
C TRP B 490 -10.29 -56.83 23.80
N LYS B 491 -10.66 -56.37 24.99
CA LYS B 491 -11.89 -55.61 25.18
C LYS B 491 -11.75 -54.66 26.35
N GLU B 492 -12.60 -53.64 26.37
CA GLU B 492 -12.58 -52.66 27.45
C GLU B 492 -13.31 -53.28 28.64
N PRO B 493 -12.71 -53.19 29.84
CA PRO B 493 -13.28 -53.76 31.07
C PRO B 493 -14.81 -53.86 31.04
N GLN B 494 -15.49 -52.77 31.42
CA GLN B 494 -16.96 -52.78 31.43
C GLN B 494 -17.56 -52.71 30.02
N ALA B 495 -16.92 -53.40 29.09
CA ALA B 495 -17.37 -53.47 27.70
C ALA B 495 -17.86 -52.15 27.08
N LYS B 496 -16.93 -51.22 26.86
CA LYS B 496 -17.25 -49.94 26.24
C LYS B 496 -16.53 -49.81 24.92
N ASN B 497 -17.22 -49.30 23.90
CA ASN B 497 -16.64 -49.12 22.58
C ASN B 497 -15.41 -48.21 22.59
N ILE B 498 -14.44 -48.52 21.73
CA ILE B 498 -13.22 -47.71 21.61
C ILE B 498 -13.48 -46.57 20.61
N SER B 499 -13.19 -45.35 21.05
CA SER B 499 -13.41 -44.14 20.26
C SER B 499 -12.32 -43.79 19.23
N VAL B 500 -11.06 -43.99 19.62
CA VAL B 500 -9.92 -43.72 18.76
C VAL B 500 -8.94 -44.87 18.88
N ALA B 501 -8.36 -45.27 17.75
CA ALA B 501 -7.40 -46.38 17.76
C ALA B 501 -6.21 -46.13 16.86
N SER B 502 -5.05 -46.66 17.27
CA SER B 502 -3.83 -46.52 16.50
C SER B 502 -3.08 -47.81 16.73
N CYS B 503 -2.36 -48.27 15.71
CA CYS B 503 -1.62 -49.52 15.81
C CYS B 503 -0.48 -49.64 14.81
N ASN B 504 0.62 -50.22 15.26
CA ASN B 504 1.78 -50.44 14.39
C ASN B 504 1.99 -51.93 14.18
N SER B 505 3.20 -52.32 13.77
CA SER B 505 3.50 -53.73 13.52
C SER B 505 3.53 -54.58 14.79
N SER B 506 3.97 -53.99 15.90
CA SER B 506 4.05 -54.72 17.16
C SER B 506 3.15 -54.19 18.26
N GLN B 507 3.02 -52.86 18.34
CA GLN B 507 2.20 -52.24 19.38
C GLN B 507 0.81 -51.84 18.95
N VAL B 508 0.01 -51.45 19.94
CA VAL B 508 -1.36 -51.00 19.75
C VAL B 508 -1.75 -50.14 20.93
N VAL B 509 -2.27 -48.96 20.66
CA VAL B 509 -2.71 -48.06 21.72
C VAL B 509 -4.11 -47.60 21.35
N VAL B 510 -5.10 -48.10 22.06
CA VAL B 510 -6.46 -47.70 21.76
C VAL B 510 -6.95 -46.69 22.78
N ALA B 511 -7.84 -45.81 22.32
CA ALA B 511 -8.41 -44.79 23.16
C ALA B 511 -9.87 -45.13 23.38
N VAL B 512 -10.25 -45.26 24.63
CA VAL B 512 -11.63 -45.56 24.97
C VAL B 512 -12.16 -44.33 25.67
N GLY B 513 -12.92 -43.52 24.94
CA GLY B 513 -13.49 -42.31 25.50
C GLY B 513 -12.64 -41.67 26.57
N ARG B 514 -11.52 -41.06 26.17
CA ARG B 514 -10.63 -40.41 27.13
C ARG B 514 -9.75 -41.37 27.94
N ALA B 515 -9.63 -42.61 27.50
CA ALA B 515 -8.81 -43.61 28.20
C ALA B 515 -7.80 -44.28 27.25
N LEU B 516 -6.62 -44.59 27.78
CA LEU B 516 -5.58 -45.23 26.96
C LEU B 516 -5.12 -46.59 27.45
N TYR B 517 -4.93 -47.51 26.50
CA TYR B 517 -4.45 -48.87 26.79
C TYR B 517 -3.37 -49.29 25.80
N TYR B 518 -2.21 -49.64 26.33
CA TYR B 518 -1.07 -50.08 25.54
C TYR B 518 -1.08 -51.61 25.38
N LEU B 519 -1.24 -52.09 24.15
CA LEU B 519 -1.27 -53.53 23.90
C LEU B 519 -0.15 -53.95 22.94
N GLN B 520 0.74 -54.83 23.41
CA GLN B 520 1.82 -55.33 22.56
C GLN B 520 1.37 -56.61 21.88
N ILE B 521 1.61 -56.70 20.58
CA ILE B 521 1.20 -57.89 19.84
C ILE B 521 2.20 -59.02 20.05
N HIS B 522 1.64 -60.21 20.27
CA HIS B 522 2.40 -61.42 20.48
C HIS B 522 1.62 -62.59 19.90
N PRO B 523 2.26 -63.74 19.70
CA PRO B 523 1.54 -64.89 19.13
C PRO B 523 0.28 -65.27 19.89
N GLN B 524 -0.79 -65.48 19.13
CA GLN B 524 -2.10 -65.87 19.65
C GLN B 524 -2.66 -65.05 20.82
N GLU B 525 -1.96 -63.99 21.24
CA GLU B 525 -2.46 -63.16 22.33
C GLU B 525 -2.11 -61.68 22.21
N LEU B 526 -2.97 -60.86 22.81
CA LEU B 526 -2.80 -59.41 22.85
C LEU B 526 -2.46 -59.08 24.32
N ARG B 527 -1.20 -58.77 24.59
CA ARG B 527 -0.75 -58.47 25.94
C ARG B 527 -0.96 -57.00 26.36
N GLN B 528 -1.69 -56.78 27.46
CA GLN B 528 -1.96 -55.42 27.96
C GLN B 528 -0.88 -54.95 28.93
N ILE B 529 -0.16 -53.89 28.55
CA ILE B 529 0.93 -53.39 29.36
C ILE B 529 0.73 -52.07 30.12
N SER B 530 -0.24 -51.26 29.72
CA SER B 530 -0.45 -49.99 30.41
C SER B 530 -1.87 -49.44 30.35
N HIS B 531 -2.12 -48.48 31.24
CA HIS B 531 -3.41 -47.81 31.32
C HIS B 531 -3.20 -46.42 31.89
N THR B 532 -4.04 -45.48 31.47
CA THR B 532 -3.92 -44.12 31.98
C THR B 532 -5.14 -43.29 31.61
N GLU B 533 -5.31 -42.19 32.34
CA GLU B 533 -6.44 -41.30 32.12
C GLU B 533 -5.97 -39.95 31.57
N MET B 534 -6.45 -39.59 30.39
CA MET B 534 -6.07 -38.33 29.81
C MET B 534 -6.97 -37.24 30.38
N GLU B 535 -6.43 -36.03 30.53
CA GLU B 535 -7.18 -34.91 31.09
C GLU B 535 -8.44 -34.57 30.30
N HIS B 536 -8.43 -34.86 29.00
CA HIS B 536 -9.57 -34.56 28.14
C HIS B 536 -9.73 -35.67 27.11
N GLU B 537 -10.95 -35.83 26.60
CA GLU B 537 -11.21 -36.88 25.63
C GLU B 537 -10.12 -36.91 24.58
N VAL B 538 -9.74 -38.11 24.17
CA VAL B 538 -8.71 -38.26 23.15
C VAL B 538 -9.33 -38.09 21.77
N ALA B 539 -8.70 -37.26 20.94
CA ALA B 539 -9.19 -37.01 19.59
C ALA B 539 -8.42 -37.80 18.54
N CYS B 540 -7.15 -38.08 18.82
CA CYS B 540 -6.34 -38.84 17.87
C CYS B 540 -5.08 -39.43 18.50
N LEU B 541 -4.59 -40.50 17.88
CA LEU B 541 -3.40 -41.18 18.37
C LEU B 541 -2.49 -41.62 17.24
N ASP B 542 -1.22 -41.74 17.55
CA ASP B 542 -0.28 -42.24 16.59
C ASP B 542 0.99 -42.69 17.27
N ILE B 543 1.45 -43.88 16.89
CA ILE B 543 2.67 -44.43 17.47
C ILE B 543 3.54 -44.97 16.36
N THR B 544 3.80 -44.15 15.37
CA THR B 544 4.66 -44.60 14.29
C THR B 544 6.08 -44.59 14.85
N PRO B 545 6.82 -45.67 14.63
CA PRO B 545 8.19 -45.75 15.13
C PRO B 545 9.19 -45.16 14.14
N LEU B 546 10.01 -44.23 14.63
CA LEU B 546 11.01 -43.58 13.80
C LEU B 546 12.37 -44.03 14.30
N GLY B 547 13.36 -44.03 13.40
CA GLY B 547 14.69 -44.46 13.78
C GLY B 547 14.82 -45.93 13.48
N ASP B 548 15.75 -46.61 14.16
CA ASP B 548 15.98 -48.03 13.94
C ASP B 548 15.14 -48.97 14.82
N SER B 549 14.91 -48.58 16.07
CA SER B 549 14.11 -49.38 17.01
C SER B 549 13.04 -50.19 16.29
N ASN B 550 13.39 -51.40 15.87
CA ASN B 550 12.45 -52.26 15.14
C ASN B 550 11.06 -52.29 15.74
N GLY B 551 10.08 -52.01 14.89
CA GLY B 551 8.68 -52.00 15.26
C GLY B 551 8.28 -51.65 16.67
N LEU B 552 9.14 -51.01 17.45
CA LEU B 552 8.77 -50.64 18.81
C LEU B 552 9.17 -49.20 19.11
N SER B 553 8.17 -48.31 19.09
CA SER B 553 8.41 -46.91 19.36
C SER B 553 8.34 -46.64 20.85
N PRO B 554 9.17 -45.71 21.34
CA PRO B 554 9.21 -45.34 22.75
C PRO B 554 8.28 -44.18 22.98
N LEU B 555 7.63 -43.72 21.90
CA LEU B 555 6.77 -42.56 21.98
C LEU B 555 5.33 -42.68 21.49
N CYS B 556 4.44 -42.01 22.19
CA CYS B 556 3.04 -41.98 21.82
C CYS B 556 2.65 -40.52 21.63
N ALA B 557 2.13 -40.23 20.44
CA ALA B 557 1.70 -38.88 20.10
C ALA B 557 0.20 -38.84 20.32
N ILE B 558 -0.29 -37.79 20.97
CA ILE B 558 -1.71 -37.69 21.22
C ILE B 558 -2.28 -36.29 21.12
N GLY B 559 -3.53 -36.22 20.65
CA GLY B 559 -4.21 -34.95 20.52
C GLY B 559 -5.46 -35.03 21.37
N LEU B 560 -5.78 -33.94 22.06
CA LEU B 560 -6.96 -33.91 22.94
C LEU B 560 -8.07 -32.92 22.55
N TRP B 561 -9.09 -32.75 23.44
CA TRP B 561 -10.41 -32.10 23.06
C TRP B 561 -11.04 -30.84 23.60
N THR B 562 -10.42 -30.22 24.53
CA THR B 562 -10.94 -29.13 25.21
C THR B 562 -9.82 -28.08 25.14
N ASP B 563 -8.68 -28.55 25.63
CA ASP B 563 -7.48 -27.77 25.68
C ASP B 563 -6.71 -27.75 24.36
N ILE B 564 -7.20 -28.48 23.33
CA ILE B 564 -6.52 -28.51 22.03
C ILE B 564 -5.01 -28.56 22.24
N SER B 565 -4.48 -29.76 22.44
CA SER B 565 -3.06 -29.87 22.66
C SER B 565 -2.44 -31.14 22.11
N ALA B 566 -1.32 -30.97 21.41
CA ALA B 566 -0.62 -32.11 20.87
C ALA B 566 0.48 -32.39 21.88
N ARG B 567 0.38 -33.49 22.59
CA ARG B 567 1.41 -33.82 23.57
C ARG B 567 2.05 -35.17 23.21
N ILE B 568 3.32 -35.32 23.56
CA ILE B 568 4.06 -36.54 23.29
C ILE B 568 4.13 -37.29 24.62
N LEU B 569 4.03 -38.61 24.57
CA LEU B 569 4.09 -39.40 25.79
C LEU B 569 5.11 -40.52 25.70
N LYS B 570 5.82 -40.77 26.81
CA LYS B 570 6.80 -41.84 26.85
C LYS B 570 6.04 -43.15 26.73
N LEU B 571 5.94 -43.66 25.50
CA LEU B 571 5.22 -44.88 25.18
C LEU B 571 5.02 -45.88 26.33
N PRO B 572 6.10 -46.23 27.06
CA PRO B 572 5.99 -47.17 28.18
C PRO B 572 4.87 -46.87 29.18
N SER B 573 5.05 -45.85 30.01
CA SER B 573 4.06 -45.52 31.02
C SER B 573 3.24 -44.24 30.84
N PHE B 574 3.44 -43.52 29.74
CA PHE B 574 2.70 -42.28 29.50
C PHE B 574 3.27 -41.15 30.37
N GLU B 575 4.59 -41.12 30.54
CA GLU B 575 5.26 -40.12 31.37
C GLU B 575 5.28 -38.69 30.82
N LEU B 576 4.21 -38.26 30.14
CA LEU B 576 4.11 -36.89 29.59
C LEU B 576 5.45 -36.15 29.42
N LEU B 577 6.00 -36.16 28.20
CA LEU B 577 7.29 -35.51 27.94
C LEU B 577 7.22 -34.12 27.36
N HIS B 578 6.02 -33.67 27.00
CA HIS B 578 5.86 -32.33 26.43
C HIS B 578 4.47 -32.13 25.84
N LYS B 579 3.85 -31.00 26.16
CA LYS B 579 2.52 -30.68 25.63
C LYS B 579 2.61 -29.33 24.92
N GLU B 580 1.90 -29.20 23.81
CA GLU B 580 1.93 -27.96 23.04
C GLU B 580 0.53 -27.42 22.81
N MET B 581 0.18 -26.37 23.56
CA MET B 581 -1.13 -25.74 23.39
C MET B 581 -1.14 -25.22 21.96
N LEU B 582 -2.11 -25.64 21.16
CA LEU B 582 -2.17 -25.19 19.78
C LEU B 582 -3.58 -24.89 19.36
N GLY B 583 -3.76 -23.84 18.57
CA GLY B 583 -5.09 -23.49 18.11
C GLY B 583 -6.00 -22.96 19.22
N GLY B 584 -7.22 -22.61 18.84
CA GLY B 584 -8.15 -22.07 19.81
C GLY B 584 -9.33 -22.95 20.20
N GLU B 585 -10.31 -23.07 19.31
CA GLU B 585 -11.52 -23.85 19.57
C GLU B 585 -11.72 -25.10 18.70
N ILE B 586 -11.03 -25.18 17.58
CA ILE B 586 -11.14 -26.34 16.70
C ILE B 586 -10.30 -27.46 17.29
N ILE B 587 -10.80 -28.68 17.22
CA ILE B 587 -10.08 -29.81 17.79
C ILE B 587 -9.25 -30.58 16.77
N PRO B 588 -8.14 -31.18 17.22
CA PRO B 588 -7.20 -31.98 16.44
C PRO B 588 -7.90 -33.14 15.71
N ARG B 589 -7.74 -33.20 14.40
CA ARG B 589 -8.37 -34.26 13.61
C ARG B 589 -7.45 -35.46 13.38
N SER B 590 -6.17 -35.18 13.18
CA SER B 590 -5.17 -36.23 12.94
C SER B 590 -3.82 -35.79 13.47
N ILE B 591 -2.96 -36.75 13.75
CA ILE B 591 -1.63 -36.46 14.27
C ILE B 591 -0.74 -37.61 13.81
N LEU B 592 0.50 -37.29 13.46
CA LEU B 592 1.42 -38.29 12.95
C LEU B 592 2.90 -37.96 13.15
N MET B 593 3.72 -39.00 13.22
CA MET B 593 5.15 -38.81 13.37
C MET B 593 5.77 -39.37 12.12
N THR B 594 6.74 -38.66 11.56
CA THR B 594 7.39 -39.12 10.34
C THR B 594 8.85 -38.72 10.29
N THR B 595 9.50 -39.08 9.20
CA THR B 595 10.90 -38.79 8.99
C THR B 595 11.03 -38.37 7.53
N PHE B 596 11.70 -37.25 7.27
CA PHE B 596 11.86 -36.82 5.89
C PHE B 596 13.28 -36.98 5.38
N GLU B 597 14.24 -36.26 5.93
CA GLU B 597 15.61 -36.48 5.47
C GLU B 597 16.10 -37.53 6.46
N SER B 598 16.46 -37.05 7.63
CA SER B 598 16.91 -37.91 8.70
C SER B 598 16.53 -37.08 9.92
N SER B 599 15.60 -36.18 9.68
CA SER B 599 15.06 -35.29 10.71
C SER B 599 13.64 -35.75 10.98
N HIS B 600 13.30 -35.80 12.26
CA HIS B 600 11.99 -36.26 12.69
C HIS B 600 11.03 -35.10 12.96
N TYR B 601 9.79 -35.27 12.53
CA TYR B 601 8.77 -34.25 12.71
C TYR B 601 7.52 -34.79 13.36
N LEU B 602 6.70 -33.89 13.86
CA LEU B 602 5.44 -34.24 14.48
C LEU B 602 4.39 -33.38 13.79
N LEU B 603 3.58 -34.00 12.92
CA LEU B 603 2.54 -33.25 12.25
C LEU B 603 1.26 -33.38 13.07
N CYS B 604 0.32 -32.47 12.84
CA CYS B 604 -0.95 -32.49 13.54
C CYS B 604 -1.92 -31.57 12.84
N ALA B 605 -3.04 -32.14 12.41
CA ALA B 605 -4.04 -31.38 11.70
C ALA B 605 -5.28 -31.09 12.54
N LEU B 606 -5.75 -29.85 12.52
CA LEU B 606 -6.96 -29.50 13.26
C LEU B 606 -8.15 -29.70 12.33
N GLY B 607 -9.35 -29.54 12.87
CA GLY B 607 -10.54 -29.74 12.07
C GLY B 607 -10.77 -28.71 10.99
N ASP B 608 -10.30 -27.49 11.21
CA ASP B 608 -10.51 -26.41 10.24
C ASP B 608 -9.62 -26.48 9.01
N GLY B 609 -8.49 -27.17 9.10
CA GLY B 609 -7.60 -27.26 7.95
C GLY B 609 -6.18 -26.83 8.28
N ALA B 610 -6.00 -26.33 9.49
CA ALA B 610 -4.69 -25.90 9.93
C ALA B 610 -3.83 -27.15 10.13
N LEU B 611 -2.55 -27.03 9.78
CA LEU B 611 -1.60 -28.12 9.94
C LEU B 611 -0.34 -27.60 10.61
N PHE B 612 -0.16 -27.91 11.88
CA PHE B 612 1.04 -27.50 12.58
C PHE B 612 2.06 -28.60 12.36
N TYR B 613 3.33 -28.24 12.40
CA TYR B 613 4.36 -29.23 12.25
C TYR B 613 5.56 -28.75 13.02
N PHE B 614 6.21 -29.67 13.73
CA PHE B 614 7.35 -29.32 14.55
C PHE B 614 8.46 -30.31 14.33
N GLY B 615 9.66 -29.92 14.74
CA GLY B 615 10.79 -30.82 14.63
C GLY B 615 10.64 -31.65 15.89
N LEU B 616 10.95 -32.94 15.81
CA LEU B 616 10.81 -33.79 16.97
C LEU B 616 12.11 -34.43 17.43
N ASN B 617 12.34 -34.42 18.74
CA ASN B 617 13.51 -35.03 19.32
C ASN B 617 13.04 -36.37 19.86
N ILE B 618 13.43 -37.47 19.22
CA ILE B 618 13.00 -38.79 19.67
C ILE B 618 13.69 -39.24 20.94
N GLU B 619 14.60 -38.42 21.43
CA GLU B 619 15.31 -38.72 22.67
C GLU B 619 14.49 -38.14 23.81
N THR B 620 14.33 -36.82 23.82
CA THR B 620 13.57 -36.12 24.86
C THR B 620 12.07 -36.05 24.56
N GLY B 621 11.72 -36.14 23.28
CA GLY B 621 10.34 -36.07 22.90
C GLY B 621 9.85 -34.63 22.87
N LEU B 622 10.80 -33.69 22.90
CA LEU B 622 10.47 -32.26 22.88
C LEU B 622 10.25 -31.75 21.47
N LEU B 623 9.21 -30.92 21.30
CA LEU B 623 8.90 -30.35 19.98
C LEU B 623 9.49 -28.95 19.85
N SER B 624 9.74 -28.53 18.62
CA SER B 624 10.31 -27.20 18.36
C SER B 624 10.19 -26.74 16.92
N ASP B 625 10.49 -25.45 16.70
CA ASP B 625 10.43 -24.84 15.37
C ASP B 625 9.03 -24.97 14.83
N ARG B 626 8.08 -24.58 15.68
CA ARG B 626 6.67 -24.67 15.36
C ARG B 626 6.22 -23.85 14.17
N LYS B 627 6.38 -24.39 12.97
CA LYS B 627 5.94 -23.66 11.78
C LYS B 627 4.46 -23.99 11.61
N LYS B 628 3.74 -23.30 10.74
CA LYS B 628 2.31 -23.57 10.53
C LYS B 628 1.81 -23.27 9.12
N VAL B 629 0.83 -24.03 8.66
CA VAL B 629 0.27 -23.84 7.34
C VAL B 629 -1.22 -24.10 7.34
N THR B 630 -1.87 -23.99 6.19
CA THR B 630 -3.29 -24.24 6.12
C THR B 630 -3.62 -24.88 4.78
N LEU B 631 -4.18 -26.09 4.84
CA LEU B 631 -4.53 -26.82 3.64
C LEU B 631 -6.00 -26.58 3.32
N GLY B 632 -6.76 -27.66 3.22
CA GLY B 632 -8.17 -27.53 2.91
C GLY B 632 -8.92 -26.73 3.97
N THR B 633 -10.23 -26.63 3.80
CA THR B 633 -11.06 -25.90 4.75
C THR B 633 -11.76 -26.91 5.66
N GLN B 634 -11.77 -28.17 5.24
CA GLN B 634 -12.40 -29.23 6.02
C GLN B 634 -11.32 -30.04 6.73
N PRO B 635 -11.72 -30.87 7.71
CA PRO B 635 -10.75 -31.68 8.45
C PRO B 635 -9.71 -32.36 7.57
N THR B 636 -8.58 -32.72 8.16
CA THR B 636 -7.49 -33.35 7.42
C THR B 636 -6.96 -34.64 8.06
N VAL B 637 -6.83 -35.68 7.24
CA VAL B 637 -6.31 -36.99 7.66
C VAL B 637 -4.89 -37.19 7.13
N LEU B 638 -3.97 -37.59 8.00
CA LEU B 638 -2.59 -37.80 7.58
C LEU B 638 -2.19 -39.26 7.52
N ARG B 639 -1.69 -39.69 6.36
CA ARG B 639 -1.26 -41.08 6.15
C ARG B 639 0.09 -41.13 5.46
N THR B 640 0.93 -42.10 5.84
CA THR B 640 2.24 -42.24 5.24
C THR B 640 2.24 -43.24 4.08
N PHE B 641 2.96 -42.90 3.01
CA PHE B 641 3.08 -43.76 1.84
C PHE B 641 4.51 -43.60 1.36
N ARG B 642 4.90 -44.27 0.28
CA ARG B 642 6.28 -44.16 -0.18
C ARG B 642 6.44 -44.11 -1.69
N SER B 643 7.14 -43.09 -2.18
CA SER B 643 7.36 -42.94 -3.62
C SER B 643 8.39 -43.93 -4.15
N LEU B 644 9.66 -43.56 -4.09
CA LEU B 644 10.71 -44.43 -4.58
C LEU B 644 11.45 -45.17 -3.46
N SER B 645 12.07 -44.41 -2.57
CA SER B 645 12.82 -44.99 -1.46
C SER B 645 12.50 -44.18 -0.22
N THR B 646 12.01 -42.98 -0.47
CA THR B 646 11.65 -42.04 0.57
C THR B 646 10.24 -42.29 1.07
N THR B 647 9.85 -41.53 2.09
CA THR B 647 8.53 -41.64 2.68
C THR B 647 7.83 -40.28 2.67
N ASN B 648 6.61 -40.25 2.14
CA ASN B 648 5.86 -39.00 2.08
C ASN B 648 4.55 -39.16 2.82
N VAL B 649 3.94 -38.04 3.17
CA VAL B 649 2.67 -38.07 3.87
C VAL B 649 1.61 -37.46 2.97
N PHE B 650 0.51 -38.19 2.81
CA PHE B 650 -0.61 -37.77 1.98
C PHE B 650 -1.70 -37.24 2.89
N ALA B 651 -2.02 -35.96 2.74
CA ALA B 651 -3.03 -35.33 3.55
C ALA B 651 -4.31 -35.23 2.75
N CYS B 652 -5.38 -35.77 3.31
CA CYS B 652 -6.68 -35.77 2.65
C CYS B 652 -7.58 -34.64 3.14
N SER B 653 -8.18 -33.93 2.20
CA SER B 653 -9.07 -32.82 2.52
C SER B 653 -9.71 -32.34 1.23
N ASP B 654 -10.44 -31.23 1.30
CA ASP B 654 -11.09 -30.69 0.11
C ASP B 654 -10.00 -30.21 -0.85
N ARG B 655 -8.76 -30.23 -0.37
CA ARG B 655 -7.60 -29.83 -1.17
C ARG B 655 -6.46 -30.85 -1.02
N PRO B 656 -6.53 -31.98 -1.74
CA PRO B 656 -5.50 -33.03 -1.70
C PRO B 656 -4.07 -32.49 -1.70
N THR B 657 -3.26 -32.91 -0.75
CA THR B 657 -1.89 -32.42 -0.69
C THR B 657 -0.88 -33.51 -0.33
N VAL B 658 0.36 -33.32 -0.78
CA VAL B 658 1.44 -34.26 -0.50
C VAL B 658 2.61 -33.51 0.11
N ILE B 659 3.04 -33.95 1.29
CA ILE B 659 4.16 -33.30 1.97
C ILE B 659 5.40 -34.13 1.71
N TYR B 660 6.57 -33.50 1.77
CA TYR B 660 7.85 -34.17 1.57
C TYR B 660 8.96 -33.15 1.74
N SER B 661 10.19 -33.48 1.35
CA SER B 661 11.29 -32.55 1.51
C SER B 661 12.11 -32.29 0.26
N SER B 662 12.49 -31.04 0.05
CA SER B 662 13.27 -30.65 -1.12
C SER B 662 14.74 -30.83 -0.78
N ASN B 663 15.17 -30.27 0.35
CA ASN B 663 16.54 -30.41 0.83
C ASN B 663 16.41 -30.69 2.31
N HIS B 664 15.89 -29.71 3.03
CA HIS B 664 15.65 -29.87 4.46
C HIS B 664 14.47 -28.93 4.76
N LYS B 665 13.80 -28.53 3.69
CA LYS B 665 12.64 -27.65 3.76
C LYS B 665 11.48 -28.45 3.17
N LEU B 666 10.38 -28.46 3.89
CA LEU B 666 9.20 -29.18 3.44
C LEU B 666 8.56 -28.55 2.21
N VAL B 667 7.90 -29.40 1.42
CA VAL B 667 7.21 -29.01 0.21
C VAL B 667 5.75 -29.43 0.35
N PHE B 668 4.81 -28.56 -0.01
CA PHE B 668 3.40 -28.91 0.09
C PHE B 668 2.76 -28.89 -1.29
N SER B 669 2.99 -29.94 -2.06
CA SER B 669 2.45 -30.05 -3.41
C SER B 669 0.93 -30.21 -3.53
N ASN B 670 0.37 -29.67 -4.60
CA ASN B 670 -1.06 -29.79 -4.82
C ASN B 670 -1.25 -31.10 -5.55
N VAL B 671 -2.38 -31.74 -5.34
CA VAL B 671 -2.67 -32.97 -6.05
C VAL B 671 -3.79 -32.65 -7.03
N ASN B 672 -3.57 -32.97 -8.30
CA ASN B 672 -4.57 -32.67 -9.31
C ASN B 672 -5.85 -33.49 -9.19
N LEU B 673 -6.46 -33.44 -8.02
CA LEU B 673 -7.71 -34.16 -7.80
C LEU B 673 -8.79 -33.33 -7.16
N LYS B 674 -10.02 -33.69 -7.48
CA LYS B 674 -11.18 -33.00 -6.96
C LYS B 674 -11.23 -33.04 -5.43
N GLU B 675 -10.96 -34.19 -4.84
CA GLU B 675 -11.00 -34.33 -3.38
C GLU B 675 -10.67 -35.74 -2.93
N VAL B 676 -10.26 -35.89 -1.66
CA VAL B 676 -9.92 -37.19 -1.09
C VAL B 676 -10.18 -37.21 0.41
N ASN B 677 -10.93 -38.19 0.89
CA ASN B 677 -11.25 -38.32 2.31
C ASN B 677 -10.34 -39.30 3.03
N TYR B 678 -10.06 -40.42 2.38
CA TYR B 678 -9.19 -41.44 2.96
C TYR B 678 -8.27 -42.01 1.90
N MET B 679 -7.16 -42.57 2.34
CA MET B 679 -6.19 -43.13 1.41
C MET B 679 -5.23 -44.07 2.11
N CYS B 680 -4.61 -44.95 1.33
CA CYS B 680 -3.62 -45.91 1.82
C CYS B 680 -2.81 -46.35 0.61
N PRO B 681 -1.58 -46.86 0.83
CA PRO B 681 -0.67 -47.33 -0.21
C PRO B 681 -0.94 -48.75 -0.71
N LEU B 682 -1.65 -48.87 -1.83
CA LEU B 682 -1.93 -50.18 -2.39
C LEU B 682 -0.67 -50.70 -3.08
N ASN B 683 -0.37 -51.99 -2.92
CA ASN B 683 0.82 -52.58 -3.52
C ASN B 683 0.62 -54.05 -3.93
N SER B 684 -0.16 -54.28 -4.99
CA SER B 684 -0.46 -55.64 -5.44
C SER B 684 0.22 -56.08 -6.74
N ASP B 685 -0.39 -57.09 -7.37
CA ASP B 685 0.11 -57.65 -8.61
C ASP B 685 -0.48 -56.94 -9.82
N GLY B 686 -1.73 -56.53 -9.71
CA GLY B 686 -2.39 -55.83 -10.81
C GLY B 686 -2.15 -54.34 -10.71
N TYR B 687 -1.97 -53.87 -9.48
CA TYR B 687 -1.72 -52.46 -9.22
C TYR B 687 -0.52 -52.37 -8.29
N PRO B 688 0.69 -52.56 -8.83
CA PRO B 688 1.97 -52.52 -8.11
C PRO B 688 2.10 -51.38 -7.08
N ASP B 689 3.22 -50.66 -7.13
CA ASP B 689 3.45 -49.56 -6.20
C ASP B 689 2.46 -48.43 -6.45
N SER B 690 1.26 -48.60 -5.89
CA SER B 690 0.20 -47.63 -6.07
C SER B 690 -0.42 -47.12 -4.78
N LEU B 691 -1.54 -46.43 -4.95
CA LEU B 691 -2.28 -45.86 -3.83
C LEU B 691 -3.76 -46.00 -4.08
N ALA B 692 -4.54 -46.01 -3.00
CA ALA B 692 -5.98 -46.12 -3.09
C ALA B 692 -6.56 -44.95 -2.30
N LEU B 693 -7.63 -44.37 -2.85
CA LEU B 693 -8.29 -43.23 -2.23
C LEU B 693 -9.75 -43.28 -2.63
N ALA B 694 -10.59 -42.51 -1.94
CA ALA B 694 -12.00 -42.51 -2.27
C ALA B 694 -12.79 -41.26 -1.90
N ASN B 695 -13.68 -40.86 -2.79
CA ASN B 695 -14.52 -39.69 -2.57
C ASN B 695 -15.72 -40.19 -1.77
N ASN B 696 -16.75 -39.37 -1.65
CA ASN B 696 -17.94 -39.77 -0.90
C ASN B 696 -18.64 -40.94 -1.58
N SER B 697 -18.30 -41.20 -2.83
CA SER B 697 -18.94 -42.28 -3.56
C SER B 697 -18.08 -42.87 -4.68
N THR B 698 -16.82 -43.11 -4.38
CA THR B 698 -15.93 -43.70 -5.39
C THR B 698 -14.53 -44.02 -4.85
N LEU B 699 -14.16 -45.28 -5.02
CA LEU B 699 -12.88 -45.84 -4.59
C LEU B 699 -12.05 -46.03 -5.85
N THR B 700 -10.79 -45.63 -5.83
CA THR B 700 -9.94 -45.77 -7.00
C THR B 700 -8.49 -46.13 -6.67
N ILE B 701 -7.76 -46.53 -7.71
CA ILE B 701 -6.36 -46.93 -7.56
C ILE B 701 -5.51 -46.34 -8.68
N GLY B 702 -4.31 -45.89 -8.35
CA GLY B 702 -3.43 -45.31 -9.35
C GLY B 702 -2.03 -45.06 -8.82
N THR B 703 -1.16 -44.49 -9.64
CA THR B 703 0.21 -44.21 -9.20
C THR B 703 0.42 -42.69 -9.11
N ILE B 704 1.57 -42.27 -8.57
CA ILE B 704 1.89 -40.85 -8.45
C ILE B 704 3.26 -40.59 -9.08
N ASP B 705 3.59 -39.31 -9.25
CA ASP B 705 4.88 -38.93 -9.83
C ASP B 705 5.81 -38.50 -8.70
N GLU B 706 5.19 -38.04 -7.61
CA GLU B 706 5.88 -37.54 -6.43
C GLU B 706 6.98 -36.55 -6.80
N ILE B 707 6.56 -35.30 -6.94
CA ILE B 707 7.40 -34.16 -7.29
C ILE B 707 6.59 -33.23 -8.20
N GLN B 708 6.56 -31.94 -7.84
CA GLN B 708 5.84 -30.97 -8.64
C GLN B 708 6.46 -30.89 -10.02
N LYS B 709 5.59 -30.80 -11.02
CA LYS B 709 6.00 -30.69 -12.40
C LYS B 709 4.90 -29.85 -13.03
N LEU B 710 5.10 -29.43 -14.27
CA LEU B 710 4.08 -28.65 -14.93
C LEU B 710 3.27 -29.60 -15.80
N HIS B 711 1.98 -29.65 -15.55
CA HIS B 711 1.10 -30.50 -16.33
C HIS B 711 0.51 -29.64 -17.45
N ILE B 712 0.35 -30.25 -18.62
CA ILE B 712 -0.16 -29.51 -19.76
C ILE B 712 -1.40 -30.12 -20.40
N ARG B 713 -2.46 -29.32 -20.46
CA ARG B 713 -3.72 -29.72 -21.05
C ARG B 713 -3.80 -29.07 -22.43
N THR B 714 -3.94 -29.87 -23.48
CA THR B 714 -4.01 -29.33 -24.83
C THR B 714 -5.43 -29.30 -25.38
N VAL B 715 -5.74 -28.28 -26.18
CA VAL B 715 -7.05 -28.11 -26.80
C VAL B 715 -6.87 -27.62 -28.23
N PRO B 716 -6.94 -28.54 -29.20
CA PRO B 716 -6.77 -28.17 -30.62
C PRO B 716 -7.72 -27.09 -31.11
N LEU B 717 -7.23 -26.29 -32.06
CA LEU B 717 -8.03 -25.23 -32.64
C LEU B 717 -7.98 -25.34 -34.15
N TYR B 718 -6.97 -26.06 -34.64
CA TYR B 718 -6.75 -26.28 -36.07
C TYR B 718 -6.58 -24.97 -36.85
N GLU B 719 -6.46 -23.87 -36.12
CA GLU B 719 -6.26 -22.56 -36.72
C GLU B 719 -5.45 -21.71 -35.74
N SER B 720 -4.97 -20.56 -36.20
CA SER B 720 -4.13 -19.66 -35.40
C SER B 720 -4.78 -18.87 -34.27
N PRO B 721 -4.26 -19.03 -33.03
CA PRO B 721 -4.78 -18.31 -31.87
C PRO B 721 -3.94 -17.03 -31.82
N ARG B 722 -4.52 -15.90 -31.42
CA ARG B 722 -3.76 -14.65 -31.39
C ARG B 722 -3.87 -13.92 -30.07
N LYS B 723 -5.09 -13.84 -29.56
CA LYS B 723 -5.31 -13.16 -28.31
C LYS B 723 -6.23 -13.95 -27.42
N ILE B 724 -6.14 -13.65 -26.12
CA ILE B 724 -6.96 -14.33 -25.16
C ILE B 724 -7.08 -13.55 -23.86
N CYS B 725 -8.27 -13.58 -23.29
CA CYS B 725 -8.53 -12.90 -22.03
C CYS B 725 -9.67 -13.69 -21.41
N TYR B 726 -9.79 -13.61 -20.09
CA TYR B 726 -10.81 -14.36 -19.37
C TYR B 726 -11.92 -13.51 -18.80
N GLN B 727 -13.16 -13.87 -19.09
CA GLN B 727 -14.31 -13.11 -18.56
C GLN B 727 -14.96 -13.95 -17.47
N GLU B 728 -14.67 -13.61 -16.22
CA GLU B 728 -15.21 -14.37 -15.09
C GLU B 728 -16.73 -14.47 -15.04
N VAL B 729 -17.42 -13.33 -15.01
CA VAL B 729 -18.88 -13.33 -14.94
C VAL B 729 -19.59 -14.12 -16.05
N SER B 730 -18.84 -14.87 -16.84
CA SER B 730 -19.43 -15.65 -17.92
C SER B 730 -18.83 -17.04 -17.94
N GLN B 731 -17.82 -17.24 -17.09
CA GLN B 731 -17.15 -18.52 -17.00
C GLN B 731 -16.57 -18.93 -18.34
N CYS B 732 -15.90 -18.00 -19.00
CA CYS B 732 -15.31 -18.31 -20.29
C CYS B 732 -14.17 -17.39 -20.71
N PHE B 733 -13.52 -17.75 -21.81
CA PHE B 733 -12.40 -16.99 -22.35
C PHE B 733 -12.79 -16.44 -23.71
N GLY B 734 -12.09 -15.38 -24.10
CA GLY B 734 -12.31 -14.78 -25.40
C GLY B 734 -11.01 -14.97 -26.16
N VAL B 735 -11.09 -15.51 -27.37
CA VAL B 735 -9.91 -15.76 -28.17
C VAL B 735 -10.03 -15.27 -29.61
N LEU B 736 -9.04 -14.50 -30.06
CA LEU B 736 -9.04 -14.02 -31.42
C LEU B 736 -8.27 -15.05 -32.24
N SER B 737 -8.94 -15.62 -33.24
CA SER B 737 -8.32 -16.63 -34.08
C SER B 737 -8.33 -16.25 -35.56
N SER B 738 -7.42 -16.86 -36.30
CA SER B 738 -7.28 -16.59 -37.73
C SER B 738 -7.10 -17.90 -38.49
N ARG B 739 -7.88 -18.07 -39.55
CA ARG B 739 -7.81 -19.26 -40.39
C ARG B 739 -7.49 -18.81 -41.81
N ILE B 740 -6.87 -19.69 -42.60
CA ILE B 740 -6.54 -19.36 -43.99
C ILE B 740 -7.61 -19.95 -44.91
N GLU B 741 -7.86 -19.28 -46.01
CA GLU B 741 -8.82 -19.75 -47.00
C GLU B 741 -8.30 -19.39 -48.39
N VAL B 742 -8.47 -20.32 -49.32
CA VAL B 742 -8.04 -20.10 -50.69
C VAL B 742 -9.17 -19.46 -51.47
N GLN B 743 -8.87 -18.67 -52.50
CA GLN B 743 -9.91 -18.02 -53.29
C GLN B 743 -10.75 -18.99 -54.10
N ASP B 744 -12.00 -18.74 -53.94
CA ASP B 744 -13.16 -19.37 -54.50
C ASP B 744 -13.39 -18.89 -55.91
N THR B 745 -13.98 -19.67 -56.72
CA THR B 745 -14.05 -19.13 -58.01
C THR B 745 -15.26 -18.21 -58.12
N SER B 746 -16.15 -18.54 -57.24
CA SER B 746 -17.43 -17.86 -57.16
C SER B 746 -17.88 -17.62 -55.77
N GLY B 747 -17.26 -16.78 -55.03
CA GLY B 747 -17.85 -16.54 -53.70
C GLY B 747 -16.73 -16.70 -52.74
N GLY B 748 -15.95 -17.61 -53.30
CA GLY B 748 -14.83 -18.09 -52.74
C GLY B 748 -14.05 -17.92 -51.53
N THR B 749 -14.32 -18.94 -50.72
CA THR B 749 -14.11 -18.78 -49.32
C THR B 749 -14.12 -20.15 -49.98
N THR B 750 -13.25 -20.93 -49.58
CA THR B 750 -12.92 -22.12 -50.20
C THR B 750 -12.07 -22.77 -49.13
N ALA B 751 -12.55 -22.81 -47.85
CA ALA B 751 -11.82 -23.32 -46.65
C ALA B 751 -10.81 -24.43 -46.86
N LEU B 752 -9.88 -24.60 -45.90
CA LEU B 752 -8.92 -25.67 -46.13
C LEU B 752 -9.36 -26.88 -45.31
N ARG B 753 -9.68 -26.64 -44.05
CA ARG B 753 -10.11 -27.69 -43.15
C ARG B 753 -11.05 -27.08 -42.13
N PRO B 754 -11.75 -27.92 -41.36
CA PRO B 754 -12.69 -27.47 -40.33
C PRO B 754 -11.87 -26.90 -39.16
N SER B 755 -12.42 -25.91 -38.47
CA SER B 755 -11.70 -25.30 -37.36
C SER B 755 -12.66 -24.90 -36.25
N ALA B 756 -12.11 -24.54 -35.11
CA ALA B 756 -12.91 -24.11 -33.96
C ALA B 756 -13.83 -22.98 -34.39
N SER B 757 -13.34 -22.16 -35.31
CA SER B 757 -14.07 -21.03 -35.82
C SER B 757 -15.23 -21.42 -36.71
N THR B 758 -15.20 -22.63 -37.25
CA THR B 758 -16.26 -23.10 -38.13
C THR B 758 -16.83 -24.42 -37.62
N GLN B 759 -16.94 -24.53 -36.30
CA GLN B 759 -17.47 -25.73 -35.67
C GLN B 759 -18.06 -25.35 -34.33
N ALA B 760 -18.34 -24.07 -34.13
CA ALA B 760 -18.90 -23.59 -32.87
C ALA B 760 -20.42 -23.75 -32.83
N LEU B 761 -20.98 -23.88 -31.63
CA LEU B 761 -22.43 -24.03 -31.49
C LEU B 761 -23.10 -22.85 -32.22
N SER B 762 -23.08 -21.68 -31.60
CA SER B 762 -23.64 -20.49 -32.21
C SER B 762 -22.56 -19.84 -33.09
N SER B 763 -22.99 -19.13 -34.13
CA SER B 763 -22.07 -18.47 -35.04
C SER B 763 -22.71 -17.25 -35.67
N SER B 764 -21.92 -16.18 -35.81
CA SER B 764 -22.41 -14.93 -36.38
C SER B 764 -21.33 -14.28 -37.22
N VAL B 765 -21.69 -13.19 -37.90
CA VAL B 765 -20.77 -12.44 -38.73
C VAL B 765 -21.02 -10.95 -38.59
N SER B 766 -20.08 -10.14 -39.06
CA SER B 766 -20.20 -8.70 -38.96
C SER B 766 -21.13 -8.11 -40.01
N SER B 767 -22.12 -7.38 -39.53
CA SER B 767 -23.09 -6.73 -40.41
C SER B 767 -22.80 -5.24 -40.35
N SER B 768 -21.54 -4.89 -40.61
CA SER B 768 -21.13 -3.49 -40.58
C SER B 768 -21.05 -2.91 -41.97
N LYS B 769 -21.05 -1.60 -42.04
CA LYS B 769 -20.99 -0.88 -43.31
C LYS B 769 -20.25 0.44 -43.07
N LEU B 770 -19.00 0.33 -42.67
CA LEU B 770 -18.18 1.50 -42.40
C LEU B 770 -17.18 1.78 -43.49
N PHE B 771 -17.00 0.82 -44.39
CA PHE B 771 -16.03 1.00 -45.46
C PHE B 771 -16.64 0.88 -46.85
N SER B 772 -16.86 2.05 -47.46
CA SER B 772 -17.45 2.15 -48.81
C SER B 772 -16.36 2.36 -49.86
N SER B 773 -15.37 1.48 -49.87
CA SER B 773 -14.27 1.55 -50.83
C SER B 773 -14.40 0.48 -51.92
N THR B 780 -8.45 -15.21 -61.97
CA THR B 780 -7.49 -14.28 -62.53
C THR B 780 -6.75 -13.60 -61.41
N SER B 781 -7.45 -13.83 -60.34
CA SER B 781 -7.20 -13.55 -58.97
C SER B 781 -7.47 -14.89 -58.29
N PHE B 782 -8.71 -15.36 -58.42
CA PHE B 782 -9.17 -16.63 -57.85
C PHE B 782 -8.11 -17.73 -57.76
N GLY B 783 -7.35 -17.72 -56.66
CA GLY B 783 -6.31 -18.71 -56.45
C GLY B 783 -5.29 -18.31 -55.39
N GLU B 784 -5.65 -17.31 -54.57
CA GLU B 784 -4.79 -16.80 -53.51
C GLU B 784 -5.29 -17.21 -52.12
N GLU B 785 -4.53 -16.87 -51.09
CA GLU B 785 -4.91 -17.17 -49.71
C GLU B 785 -5.40 -15.90 -49.01
N VAL B 786 -6.33 -16.04 -48.07
CA VAL B 786 -6.85 -14.89 -47.36
C VAL B 786 -7.20 -15.21 -45.91
N GLU B 787 -6.61 -14.44 -45.00
CA GLU B 787 -6.89 -14.66 -43.58
C GLU B 787 -8.32 -14.25 -43.23
N VAL B 788 -8.94 -14.99 -42.32
CA VAL B 788 -10.29 -14.66 -41.90
C VAL B 788 -10.26 -14.75 -40.39
N HIS B 789 -10.52 -13.63 -39.72
CA HIS B 789 -10.50 -13.60 -38.27
C HIS B 789 -11.88 -13.61 -37.63
N ASN B 790 -11.91 -13.94 -36.35
CA ASN B 790 -13.15 -13.98 -35.59
C ASN B 790 -12.85 -14.12 -34.12
N LEU B 791 -13.83 -13.80 -33.29
CA LEU B 791 -13.67 -13.90 -31.84
C LEU B 791 -14.34 -15.18 -31.39
N LEU B 792 -13.62 -16.02 -30.64
CA LEU B 792 -14.18 -17.28 -30.15
C LEU B 792 -14.42 -17.20 -28.65
N ILE B 793 -15.52 -17.79 -28.22
CA ILE B 793 -15.85 -17.82 -26.81
C ILE B 793 -15.71 -19.28 -26.39
N ILE B 794 -14.77 -19.56 -25.49
CA ILE B 794 -14.52 -20.92 -25.03
C ILE B 794 -14.96 -21.08 -23.58
N ASP B 795 -15.64 -22.18 -23.27
CA ASP B 795 -16.10 -22.45 -21.92
C ASP B 795 -14.88 -22.87 -21.11
N GLN B 796 -14.69 -22.29 -19.93
CA GLN B 796 -13.53 -22.66 -19.14
C GLN B 796 -13.48 -24.13 -18.75
N HIS B 797 -14.62 -24.67 -18.31
CA HIS B 797 -14.69 -26.06 -17.89
C HIS B 797 -14.61 -27.01 -19.07
N THR B 798 -15.55 -26.88 -20.00
CA THR B 798 -15.61 -27.76 -21.15
C THR B 798 -14.55 -27.48 -22.21
N PHE B 799 -14.24 -26.20 -22.41
CA PHE B 799 -13.27 -25.75 -23.41
C PHE B 799 -13.79 -25.98 -24.83
N GLU B 800 -15.10 -26.12 -24.98
CA GLU B 800 -15.66 -26.32 -26.31
C GLU B 800 -16.07 -24.94 -26.82
N VAL B 801 -15.75 -24.68 -28.08
CA VAL B 801 -16.05 -23.39 -28.70
C VAL B 801 -17.56 -23.13 -28.75
N LEU B 802 -18.05 -22.23 -27.90
CA LEU B 802 -19.47 -21.90 -27.89
C LEU B 802 -19.91 -21.03 -29.07
N HIS B 803 -19.34 -19.83 -29.20
CA HIS B 803 -19.72 -18.94 -30.31
C HIS B 803 -18.51 -18.53 -31.15
N ALA B 804 -18.76 -18.16 -32.40
CA ALA B 804 -17.69 -17.74 -33.29
C ALA B 804 -18.10 -16.56 -34.15
N HIS B 805 -18.00 -15.35 -33.60
CA HIS B 805 -18.34 -14.16 -34.37
C HIS B 805 -17.24 -13.85 -35.38
N GLN B 806 -17.61 -13.85 -36.65
CA GLN B 806 -16.67 -13.59 -37.73
C GLN B 806 -16.58 -12.09 -38.05
N PHE B 807 -15.44 -11.66 -38.60
CA PHE B 807 -15.24 -10.25 -38.92
C PHE B 807 -15.26 -9.96 -40.42
N LEU B 808 -15.42 -8.68 -40.77
CA LEU B 808 -15.50 -8.21 -42.15
C LEU B 808 -14.34 -8.66 -43.04
N GLN B 809 -14.59 -8.63 -44.35
CA GLN B 809 -13.58 -9.02 -45.31
C GLN B 809 -12.33 -8.18 -45.11
N ASN B 810 -11.22 -8.87 -44.89
CA ASN B 810 -9.90 -8.26 -44.66
C ASN B 810 -9.76 -7.57 -43.33
N GLU B 811 -10.61 -7.92 -42.37
CA GLU B 811 -10.52 -7.31 -41.05
C GLU B 811 -9.67 -8.22 -40.16
N TYR B 812 -8.55 -7.66 -39.66
CA TYR B 812 -7.64 -8.38 -38.78
C TYR B 812 -7.86 -7.93 -37.34
N ALA B 813 -8.17 -8.88 -36.47
CA ALA B 813 -8.38 -8.56 -35.06
C ALA B 813 -6.98 -8.55 -34.42
N LEU B 814 -6.63 -7.44 -33.77
CA LEU B 814 -5.30 -7.33 -33.18
C LEU B 814 -5.26 -7.18 -31.67
N SER B 815 -6.30 -6.60 -31.10
CA SER B 815 -6.34 -6.39 -29.65
C SER B 815 -7.62 -6.96 -29.07
N LEU B 816 -7.62 -7.20 -27.77
CA LEU B 816 -8.79 -7.76 -27.12
C LEU B 816 -8.79 -7.55 -25.61
N VAL B 817 -9.93 -7.16 -25.06
CA VAL B 817 -10.04 -6.96 -23.63
C VAL B 817 -11.45 -7.26 -23.14
N SER B 818 -11.53 -7.75 -21.92
CA SER B 818 -12.78 -8.06 -21.28
C SER B 818 -12.83 -7.10 -20.10
N CYS B 819 -13.83 -6.23 -20.04
CA CYS B 819 -13.88 -5.29 -18.92
C CYS B 819 -15.21 -4.56 -18.78
N LYS B 820 -15.26 -3.66 -17.81
CA LYS B 820 -16.43 -2.85 -17.59
C LYS B 820 -16.00 -1.40 -17.78
N LEU B 821 -16.89 -0.58 -18.34
CA LEU B 821 -16.59 0.84 -18.59
C LEU B 821 -17.55 1.78 -17.85
N GLY B 822 -17.22 3.07 -17.90
CA GLY B 822 -18.05 4.08 -17.26
C GLY B 822 -18.85 3.58 -16.07
N LYS B 823 -20.16 3.76 -16.11
CA LYS B 823 -21.02 3.31 -15.02
C LYS B 823 -21.81 2.10 -15.45
N ASP B 824 -21.59 1.71 -16.70
CA ASP B 824 -22.24 0.54 -17.29
C ASP B 824 -21.80 -0.68 -16.47
N PRO B 825 -22.76 -1.39 -15.86
CA PRO B 825 -22.47 -2.57 -15.05
C PRO B 825 -22.10 -3.79 -15.89
N ASN B 826 -22.46 -3.75 -17.17
CA ASN B 826 -22.18 -4.85 -18.08
C ASN B 826 -20.68 -5.07 -18.25
N THR B 827 -20.32 -6.32 -18.56
CA THR B 827 -18.92 -6.67 -18.79
C THR B 827 -18.84 -7.09 -20.25
N TYR B 828 -18.04 -6.36 -21.02
CA TYR B 828 -17.93 -6.65 -22.44
C TYR B 828 -16.60 -7.26 -22.88
N PHE B 829 -16.62 -7.66 -24.15
CA PHE B 829 -15.46 -8.21 -24.84
C PHE B 829 -15.25 -7.15 -25.89
N ILE B 830 -14.12 -6.46 -25.83
CA ILE B 830 -13.82 -5.39 -26.78
C ILE B 830 -12.66 -5.77 -27.72
N VAL B 831 -12.91 -5.65 -29.02
CA VAL B 831 -11.91 -6.02 -30.03
C VAL B 831 -11.39 -4.87 -30.92
N GLY B 832 -10.07 -4.74 -31.00
CA GLY B 832 -9.49 -3.70 -31.83
C GLY B 832 -9.07 -4.34 -33.13
N THR B 833 -9.56 -3.82 -34.25
CA THR B 833 -9.23 -4.38 -35.56
C THR B 833 -8.48 -3.45 -36.51
N ALA B 834 -8.28 -3.94 -37.74
CA ALA B 834 -7.58 -3.22 -38.79
C ALA B 834 -7.88 -3.81 -40.16
N MET B 835 -8.13 -2.94 -41.12
CA MET B 835 -8.41 -3.34 -42.48
C MET B 835 -7.06 -3.43 -43.16
N VAL B 836 -6.62 -4.64 -43.44
CA VAL B 836 -5.32 -4.89 -44.03
C VAL B 836 -5.36 -5.13 -45.54
N TYR B 837 -4.54 -4.38 -46.28
CA TYR B 837 -4.46 -4.52 -47.73
C TYR B 837 -3.01 -4.57 -48.21
N PRO B 838 -2.66 -5.60 -49.01
CA PRO B 838 -1.33 -5.87 -49.59
C PRO B 838 -0.61 -4.67 -50.16
N GLU B 839 -1.35 -3.79 -50.83
CA GLU B 839 -0.78 -2.60 -51.45
C GLU B 839 -0.50 -1.48 -50.46
N GLU B 840 -1.16 -1.52 -49.30
CA GLU B 840 -0.94 -0.49 -48.29
C GLU B 840 0.23 -0.91 -47.39
N ALA B 841 1.09 0.05 -47.06
CA ALA B 841 2.22 -0.25 -46.19
C ALA B 841 1.83 -0.16 -44.71
N GLU B 842 0.63 0.36 -44.45
CA GLU B 842 0.08 0.48 -43.09
C GLU B 842 -1.42 0.74 -43.14
N PRO B 843 -2.20 -0.03 -42.35
CA PRO B 843 -3.65 0.14 -42.33
C PRO B 843 -4.04 1.56 -42.02
N LYS B 844 -5.09 2.03 -42.70
CA LYS B 844 -5.58 3.39 -42.53
C LYS B 844 -7.02 3.39 -42.05
N GLN B 845 -7.51 2.22 -41.68
CA GLN B 845 -8.87 2.09 -41.20
C GLN B 845 -9.07 0.83 -40.39
N GLY B 846 -9.73 0.96 -39.24
CA GLY B 846 -9.98 -0.18 -38.40
C GLY B 846 -11.25 0.07 -37.61
N ARG B 847 -11.55 -0.79 -36.64
CA ARG B 847 -12.74 -0.60 -35.84
C ARG B 847 -12.44 -0.94 -34.39
N ILE B 848 -13.45 -0.80 -33.54
CA ILE B 848 -13.33 -1.17 -32.14
C ILE B 848 -14.72 -1.61 -31.72
N VAL B 849 -15.05 -2.85 -32.08
CA VAL B 849 -16.35 -3.40 -31.75
C VAL B 849 -16.47 -3.78 -30.27
N VAL B 850 -17.66 -3.56 -29.71
CA VAL B 850 -17.93 -3.88 -28.32
C VAL B 850 -19.00 -4.97 -28.30
N PHE B 851 -18.67 -6.13 -27.73
CA PHE B 851 -19.62 -7.22 -27.70
C PHE B 851 -20.17 -7.53 -26.32
N GLN B 852 -21.33 -8.18 -26.30
CA GLN B 852 -22.00 -8.58 -25.08
C GLN B 852 -22.30 -10.06 -25.17
N TYR B 853 -22.04 -10.77 -24.07
CA TYR B 853 -22.25 -12.21 -23.99
C TYR B 853 -22.67 -12.49 -22.55
N SER B 854 -23.92 -12.19 -22.22
CA SER B 854 -24.39 -12.39 -20.86
C SER B 854 -25.32 -13.58 -20.69
N ASP B 855 -25.70 -14.20 -21.80
CA ASP B 855 -26.60 -15.34 -21.72
C ASP B 855 -26.29 -16.46 -22.70
N GLY B 856 -26.81 -16.33 -23.92
CA GLY B 856 -26.60 -17.36 -24.92
C GLY B 856 -25.63 -17.04 -26.03
N LYS B 857 -25.72 -15.83 -26.58
CA LYS B 857 -24.83 -15.48 -27.68
C LYS B 857 -24.17 -14.11 -27.57
N LEU B 858 -23.55 -13.70 -28.67
CA LEU B 858 -22.86 -12.42 -28.78
C LEU B 858 -23.72 -11.34 -29.42
N GLN B 859 -24.00 -10.30 -28.65
CA GLN B 859 -24.78 -9.19 -29.15
C GLN B 859 -23.80 -8.05 -29.36
N THR B 860 -23.76 -7.50 -30.58
CA THR B 860 -22.86 -6.40 -30.89
C THR B 860 -23.46 -5.08 -30.41
N VAL B 861 -22.67 -4.33 -29.64
CA VAL B 861 -23.09 -3.05 -29.10
C VAL B 861 -22.60 -1.89 -29.97
N ALA B 862 -21.57 -1.18 -29.51
CA ALA B 862 -21.02 -0.06 -30.28
C ALA B 862 -19.99 -0.53 -31.31
N GLU B 863 -19.55 0.40 -32.15
CA GLU B 863 -18.54 0.08 -33.17
C GLU B 863 -17.35 1.04 -33.14
N LYS B 864 -17.60 2.33 -33.36
CA LYS B 864 -16.52 3.31 -33.33
C LYS B 864 -15.44 3.13 -34.41
N GLU B 865 -15.49 3.95 -35.44
CA GLU B 865 -14.53 3.87 -36.53
C GLU B 865 -13.20 4.50 -36.13
N VAL B 866 -12.13 4.10 -36.82
CA VAL B 866 -10.78 4.61 -36.56
C VAL B 866 -9.97 4.62 -37.85
N LYS B 867 -8.95 5.48 -37.91
CA LYS B 867 -8.13 5.57 -39.11
C LYS B 867 -6.76 4.92 -38.94
N GLY B 868 -6.77 3.62 -38.63
CA GLY B 868 -5.52 2.90 -38.44
C GLY B 868 -5.77 1.57 -37.72
N ALA B 869 -4.73 0.78 -37.54
CA ALA B 869 -4.86 -0.51 -36.85
C ALA B 869 -4.79 -0.36 -35.34
N VAL B 870 -5.72 -0.97 -34.63
CA VAL B 870 -5.71 -0.89 -33.16
C VAL B 870 -4.83 -2.02 -32.64
N TYR B 871 -3.55 -1.73 -32.46
CA TYR B 871 -2.59 -2.73 -32.01
C TYR B 871 -2.77 -3.17 -30.57
N SER B 872 -3.16 -2.25 -29.70
CA SER B 872 -3.30 -2.60 -28.30
C SER B 872 -4.45 -1.88 -27.62
N MET B 873 -4.91 -2.46 -26.51
CA MET B 873 -6.01 -1.89 -25.71
C MET B 873 -5.88 -2.35 -24.27
N VAL B 874 -6.29 -1.49 -23.34
CA VAL B 874 -6.25 -1.83 -21.94
C VAL B 874 -7.25 -0.95 -21.17
N GLU B 875 -8.01 -1.57 -20.29
CA GLU B 875 -8.98 -0.87 -19.47
C GLU B 875 -8.15 0.15 -18.69
N PHE B 876 -8.72 1.31 -18.37
CA PHE B 876 -7.96 2.33 -17.65
C PHE B 876 -8.88 3.22 -16.84
N ASN B 877 -8.89 3.00 -15.52
CA ASN B 877 -9.73 3.77 -14.61
C ASN B 877 -11.14 3.93 -15.14
N GLY B 878 -11.72 2.82 -15.58
CA GLY B 878 -13.07 2.85 -16.08
C GLY B 878 -13.21 3.33 -17.51
N LYS B 879 -12.09 3.70 -18.13
CA LYS B 879 -12.09 4.14 -19.52
C LYS B 879 -11.40 3.12 -20.39
N LEU B 880 -11.30 3.42 -21.68
CA LEU B 880 -10.65 2.52 -22.64
C LEU B 880 -9.43 3.17 -23.29
N LEU B 881 -8.26 2.68 -22.93
CA LEU B 881 -7.02 3.18 -23.48
C LEU B 881 -6.73 2.37 -24.75
N ALA B 882 -6.41 3.03 -25.85
CA ALA B 882 -6.14 2.32 -27.10
C ALA B 882 -5.03 2.94 -27.92
N SER B 883 -4.42 2.13 -28.80
CA SER B 883 -3.38 2.64 -29.67
C SER B 883 -3.83 2.44 -31.10
N ILE B 884 -3.66 3.48 -31.90
CA ILE B 884 -4.05 3.47 -33.30
C ILE B 884 -2.86 2.87 -34.03
N ASN B 885 -2.04 3.72 -34.61
CA ASN B 885 -0.87 3.27 -35.35
C ASN B 885 0.12 4.07 -34.53
N SER B 886 0.16 5.38 -34.72
CA SER B 886 1.12 6.23 -33.99
C SER B 886 0.45 7.06 -32.92
N THR B 887 -0.81 6.76 -32.65
CA THR B 887 -1.56 7.51 -31.67
C THR B 887 -1.93 6.68 -30.45
N VAL B 888 -1.91 7.31 -29.29
CA VAL B 888 -2.33 6.65 -28.05
C VAL B 888 -3.60 7.42 -27.67
N ARG B 889 -4.74 6.74 -27.69
CA ARG B 889 -6.02 7.38 -27.40
C ARG B 889 -6.75 6.87 -26.17
N LEU B 890 -7.56 7.74 -25.58
CA LEU B 890 -8.33 7.40 -24.40
C LEU B 890 -9.78 7.71 -24.72
N TYR B 891 -10.63 6.68 -24.73
CA TYR B 891 -12.05 6.87 -25.00
C TYR B 891 -12.85 6.85 -23.70
N GLU B 892 -14.08 7.32 -23.77
CA GLU B 892 -14.98 7.31 -22.63
C GLU B 892 -16.22 6.56 -23.04
N TRP B 893 -16.82 5.84 -22.10
CA TRP B 893 -18.01 5.06 -22.35
C TRP B 893 -19.20 5.87 -21.85
N THR B 894 -20.07 6.26 -22.77
CA THR B 894 -21.25 7.06 -22.46
C THR B 894 -22.45 6.23 -22.05
N THR B 895 -23.42 6.90 -21.44
CA THR B 895 -24.67 6.25 -21.05
C THR B 895 -25.28 5.84 -22.37
N GLU B 896 -24.92 6.59 -23.41
CA GLU B 896 -25.40 6.34 -24.76
C GLU B 896 -24.83 5.01 -25.25
N LYS B 897 -23.82 4.50 -24.55
CA LYS B 897 -23.18 3.25 -24.93
C LYS B 897 -22.43 3.43 -26.24
N ASP B 898 -21.45 4.32 -26.22
CA ASP B 898 -20.62 4.58 -27.40
C ASP B 898 -19.31 5.13 -26.87
N VAL B 899 -18.19 4.57 -27.32
CA VAL B 899 -16.91 5.07 -26.84
C VAL B 899 -16.64 6.45 -27.46
N ARG B 900 -16.47 7.46 -26.62
CA ARG B 900 -16.22 8.84 -27.09
C ARG B 900 -14.86 9.37 -26.66
N THR B 901 -14.00 9.55 -27.66
CA THR B 901 -12.63 10.02 -27.47
C THR B 901 -12.41 11.24 -26.56
N GLU B 902 -11.38 11.14 -25.70
CA GLU B 902 -11.01 12.21 -24.75
C GLU B 902 -9.62 12.82 -24.92
N CYS B 903 -8.58 11.99 -25.11
CA CYS B 903 -7.22 12.50 -25.28
C CYS B 903 -6.52 11.82 -26.44
N ASN B 904 -5.39 12.41 -26.82
CA ASN B 904 -4.55 11.89 -27.90
C ASN B 904 -3.09 12.21 -27.66
N HIS B 905 -2.21 11.27 -28.05
CA HIS B 905 -0.77 11.45 -27.96
C HIS B 905 -0.21 10.96 -29.30
N TYR B 906 0.58 11.78 -29.96
CA TYR B 906 1.12 11.42 -31.28
C TYR B 906 2.64 11.25 -31.35
N ASN B 907 3.32 11.59 -30.28
CA ASN B 907 4.76 11.51 -30.30
C ASN B 907 5.40 10.13 -30.25
N ASN B 908 5.16 9.34 -31.29
CA ASN B 908 5.74 8.02 -31.42
C ASN B 908 5.48 7.56 -32.84
N ILE B 909 6.07 6.44 -33.26
CA ILE B 909 5.92 5.94 -34.64
C ILE B 909 4.92 4.81 -34.82
N MET B 910 4.98 3.83 -33.91
CA MET B 910 4.09 2.67 -33.91
C MET B 910 3.88 2.31 -32.47
N ALA B 911 2.79 2.81 -31.89
CA ALA B 911 2.45 2.54 -30.51
C ALA B 911 1.86 1.13 -30.43
N LEU B 912 2.74 0.12 -30.44
CA LEU B 912 2.34 -1.29 -30.42
C LEU B 912 2.00 -1.95 -29.09
N TYR B 913 2.66 -1.52 -28.01
CA TYR B 913 2.45 -2.13 -26.70
C TYR B 913 2.05 -1.21 -25.55
N LEU B 914 1.00 -1.59 -24.84
CA LEU B 914 0.49 -0.79 -23.72
C LEU B 914 0.35 -1.56 -22.39
N LYS B 915 0.64 -0.85 -21.29
CA LYS B 915 0.49 -1.40 -19.95
C LYS B 915 0.06 -0.25 -19.03
N THR B 916 -0.66 -0.57 -17.96
CA THR B 916 -1.16 0.47 -17.07
C THR B 916 -0.94 0.27 -15.58
N LYS B 917 -0.73 1.37 -14.88
CA LYS B 917 -0.54 1.32 -13.43
C LYS B 917 -1.02 2.63 -12.79
N GLY B 918 -2.33 2.73 -12.60
CA GLY B 918 -2.93 3.89 -11.98
C GLY B 918 -2.49 5.27 -12.44
N ASP B 919 -3.07 5.73 -13.55
CA ASP B 919 -2.76 7.04 -14.13
C ASP B 919 -1.48 7.02 -14.97
N PHE B 920 -0.66 5.99 -14.80
CA PHE B 920 0.56 5.88 -15.60
C PHE B 920 0.38 4.92 -16.75
N ILE B 921 1.00 5.26 -17.88
CA ILE B 921 0.89 4.46 -19.09
C ILE B 921 2.26 4.18 -19.68
N LEU B 922 2.61 2.90 -19.82
CA LEU B 922 3.90 2.54 -20.41
C LEU B 922 3.67 2.25 -21.87
N VAL B 923 4.35 2.98 -22.75
CA VAL B 923 4.15 2.75 -24.17
C VAL B 923 5.34 2.08 -24.85
N GLY B 924 5.05 0.99 -25.54
CA GLY B 924 6.10 0.29 -26.26
C GLY B 924 6.01 0.69 -27.71
N ASP B 925 7.07 1.28 -28.22
CA ASP B 925 7.07 1.71 -29.61
C ASP B 925 7.84 0.73 -30.47
N LEU B 926 7.47 0.66 -31.74
CA LEU B 926 8.14 -0.22 -32.67
C LEU B 926 9.66 0.01 -32.73
N MET B 927 10.09 1.26 -32.59
CA MET B 927 11.52 1.60 -32.66
C MET B 927 11.99 2.51 -31.53
N ARG B 928 11.10 3.40 -31.11
CA ARG B 928 11.40 4.39 -30.08
C ARG B 928 11.49 3.91 -28.64
N SER B 929 11.76 2.62 -28.49
CA SER B 929 11.89 2.01 -27.18
C SER B 929 10.62 2.21 -26.36
N VAL B 930 10.78 2.44 -25.06
CA VAL B 930 9.63 2.64 -24.19
C VAL B 930 9.51 4.09 -23.77
N LEU B 931 8.27 4.48 -23.52
CA LEU B 931 7.95 5.83 -23.11
C LEU B 931 6.94 5.75 -21.96
N LEU B 932 7.05 6.70 -21.05
CA LEU B 932 6.15 6.76 -19.90
C LEU B 932 5.21 7.96 -19.90
N LEU B 933 3.92 7.68 -20.07
CA LEU B 933 2.90 8.72 -20.05
C LEU B 933 2.21 8.72 -18.70
N ALA B 934 1.32 9.69 -18.52
CA ALA B 934 0.51 9.83 -17.31
C ALA B 934 -0.73 10.57 -17.76
N TYR B 935 -1.86 10.29 -17.12
CA TYR B 935 -3.10 10.96 -17.47
C TYR B 935 -3.18 12.07 -16.45
N LYS B 936 -3.85 13.16 -16.79
CA LYS B 936 -4.01 14.27 -15.88
C LYS B 936 -5.51 14.51 -15.73
N PRO B 937 -6.12 13.90 -14.72
CA PRO B 937 -7.56 14.04 -14.47
C PRO B 937 -8.04 15.48 -14.45
N MET B 938 -7.14 16.41 -14.17
CA MET B 938 -7.52 17.81 -14.17
C MET B 938 -7.47 18.41 -15.59
N GLU B 939 -6.31 18.30 -16.23
CA GLU B 939 -6.14 18.83 -17.58
C GLU B 939 -6.98 18.10 -18.61
N GLY B 940 -7.22 16.81 -18.37
CA GLY B 940 -8.01 16.03 -19.30
C GLY B 940 -7.21 15.56 -20.51
N ASN B 941 -5.92 15.32 -20.32
CA ASN B 941 -5.04 14.86 -21.40
C ASN B 941 -3.84 14.03 -20.87
N PHE B 942 -2.79 13.77 -21.72
CA PHE B 942 -1.63 12.89 -21.40
C PHE B 942 -0.24 13.40 -21.55
N GLU B 943 0.46 13.83 -20.54
CA GLU B 943 1.77 14.40 -20.73
C GLU B 943 2.95 13.39 -20.58
N GLU B 944 3.96 13.48 -21.44
CA GLU B 944 5.12 12.58 -21.38
C GLU B 944 5.89 12.85 -20.09
N ILE B 945 6.06 11.84 -19.26
CA ILE B 945 6.77 12.05 -18.01
C ILE B 945 8.26 11.89 -18.21
N ALA B 946 8.63 10.80 -18.88
CA ALA B 946 10.01 10.49 -19.17
C ALA B 946 10.05 9.39 -20.21
N ARG B 947 11.20 9.23 -20.87
CA ARG B 947 11.31 8.19 -21.88
C ARG B 947 12.74 7.64 -21.95
N ASP B 948 12.90 6.54 -22.66
CA ASP B 948 14.22 5.92 -22.83
C ASP B 948 14.76 6.55 -24.12
N PHE B 949 15.98 7.06 -24.08
CA PHE B 949 16.51 7.68 -25.28
C PHE B 949 17.35 6.75 -26.14
N ASN B 950 17.53 5.51 -25.68
CA ASN B 950 18.27 4.51 -26.44
C ASN B 950 17.24 3.82 -27.33
N PRO B 951 17.51 3.70 -28.63
CA PRO B 951 16.55 3.04 -29.52
C PRO B 951 16.41 1.56 -29.20
N ASN B 952 15.22 1.02 -29.45
CA ASN B 952 14.94 -0.39 -29.18
C ASN B 952 13.75 -0.90 -29.99
N TRP B 953 13.94 -1.96 -30.76
CA TRP B 953 12.79 -2.52 -31.48
C TRP B 953 12.08 -3.42 -30.48
N MET B 954 11.05 -2.90 -29.85
CA MET B 954 10.31 -3.63 -28.83
C MET B 954 9.49 -4.79 -29.38
N SER B 955 9.26 -5.78 -28.52
CA SER B 955 8.45 -6.93 -28.87
C SER B 955 7.45 -7.20 -27.75
N ALA B 956 7.79 -6.75 -26.55
CA ALA B 956 6.94 -6.96 -25.39
C ALA B 956 7.32 -5.97 -24.29
N VAL B 957 6.34 -5.59 -23.48
CA VAL B 957 6.60 -4.63 -22.39
C VAL B 957 5.83 -4.93 -21.10
N GLU B 958 6.39 -4.48 -19.98
CA GLU B 958 5.73 -4.68 -18.69
C GLU B 958 6.18 -3.66 -17.65
N ILE B 959 5.28 -3.33 -16.73
CA ILE B 959 5.59 -2.38 -15.65
C ILE B 959 5.95 -3.20 -14.41
N LEU B 960 7.22 -3.21 -14.01
CA LEU B 960 7.57 -3.98 -12.83
C LEU B 960 6.85 -3.39 -11.64
N ASP B 961 7.03 -2.10 -11.43
CA ASP B 961 6.39 -1.41 -10.32
C ASP B 961 6.19 0.05 -10.68
N ASP B 962 6.09 0.92 -9.68
CA ASP B 962 5.91 2.34 -9.93
C ASP B 962 7.12 3.05 -10.57
N ASP B 963 8.31 2.48 -10.44
CA ASP B 963 9.48 3.13 -11.00
C ASP B 963 10.34 2.34 -11.99
N ASN B 964 10.15 1.03 -12.06
CA ASN B 964 10.95 0.20 -12.97
C ASN B 964 10.08 -0.39 -14.07
N PHE B 965 10.57 -0.31 -15.30
CA PHE B 965 9.82 -0.83 -16.45
C PHE B 965 10.64 -1.87 -17.21
N LEU B 966 10.04 -3.02 -17.44
CA LEU B 966 10.72 -4.12 -18.11
C LEU B 966 10.45 -4.20 -19.58
N GLY B 967 11.51 -4.42 -20.35
CA GLY B 967 11.31 -4.51 -21.79
C GLY B 967 11.95 -5.72 -22.45
N ALA B 968 11.49 -6.01 -23.66
CA ALA B 968 11.98 -7.11 -24.48
C ALA B 968 12.05 -6.65 -25.93
N GLU B 969 13.23 -6.72 -26.54
CA GLU B 969 13.37 -6.29 -27.92
C GLU B 969 13.69 -7.47 -28.86
N ASN B 970 13.64 -7.24 -30.17
CA ASN B 970 13.84 -8.32 -31.13
C ASN B 970 15.20 -8.95 -31.26
N ALA B 971 16.17 -8.52 -30.47
CA ALA B 971 17.51 -9.10 -30.53
C ALA B 971 17.64 -10.16 -29.42
N PHE B 972 16.52 -10.41 -28.75
CA PHE B 972 16.41 -11.40 -27.67
C PHE B 972 17.02 -11.00 -26.34
N ASN B 973 16.99 -9.70 -26.04
CA ASN B 973 17.52 -9.21 -24.77
C ASN B 973 16.40 -8.67 -23.92
N LEU B 974 16.67 -8.47 -22.64
CA LEU B 974 15.69 -7.89 -21.74
C LEU B 974 16.36 -6.66 -21.15
N PHE B 975 15.58 -5.66 -20.78
CA PHE B 975 16.13 -4.48 -20.16
C PHE B 975 15.09 -3.85 -19.27
N VAL B 976 15.56 -3.15 -18.24
CA VAL B 976 14.66 -2.46 -17.33
C VAL B 976 15.00 -0.99 -17.42
N CYS B 977 14.00 -0.14 -17.19
CA CYS B 977 14.17 1.30 -17.22
C CYS B 977 13.70 1.88 -15.90
N GLN B 978 14.48 2.79 -15.35
CA GLN B 978 14.10 3.41 -14.10
C GLN B 978 13.92 4.92 -14.27
N LYS B 979 13.25 5.53 -13.29
CA LYS B 979 13.02 6.96 -13.28
C LYS B 979 13.84 7.49 -12.11
N ASP B 980 14.03 8.79 -12.04
CA ASP B 980 14.75 9.43 -10.94
C ASP B 980 13.60 10.41 -11.18
N SER B 981 12.91 10.73 -10.09
CA SER B 981 11.78 11.67 -10.06
C SER B 981 12.16 12.84 -9.17
N ALA B 982 12.71 12.56 -8.00
CA ALA B 982 13.10 13.60 -7.05
C ALA B 982 14.39 14.34 -7.41
N ALA B 983 14.89 14.12 -8.63
CA ALA B 983 16.13 14.79 -9.08
C ALA B 983 15.81 16.16 -9.69
N THR B 984 16.75 16.68 -10.48
CA THR B 984 16.58 17.96 -11.15
C THR B 984 15.43 17.87 -12.18
N THR B 985 14.24 17.70 -11.64
CA THR B 985 12.98 17.56 -12.37
C THR B 985 13.01 17.63 -13.90
N ASP B 986 13.51 18.73 -14.45
CA ASP B 986 13.53 18.91 -15.89
C ASP B 986 14.23 17.85 -16.75
N GLU B 987 15.54 17.97 -16.95
CA GLU B 987 16.27 17.04 -17.81
C GLU B 987 16.71 15.72 -17.18
N GLU B 988 16.46 15.56 -15.88
CA GLU B 988 16.87 14.34 -15.21
C GLU B 988 15.67 13.44 -14.91
N ARG B 989 14.51 14.05 -14.65
CA ARG B 989 13.30 13.28 -14.37
C ARG B 989 12.69 12.90 -15.70
N GLN B 990 13.26 13.48 -16.76
CA GLN B 990 12.82 13.25 -18.13
C GLN B 990 13.43 11.97 -18.71
N HIS B 991 14.64 11.65 -18.28
CA HIS B 991 15.36 10.47 -18.75
C HIS B 991 15.10 9.20 -17.93
N LEU B 992 14.90 8.10 -18.64
CA LEU B 992 14.70 6.79 -18.02
C LEU B 992 16.07 6.14 -18.15
N GLN B 993 16.71 5.81 -17.03
CA GLN B 993 18.03 5.18 -17.09
C GLN B 993 17.89 3.66 -17.16
N GLU B 994 18.83 3.02 -17.86
CA GLU B 994 18.79 1.56 -18.06
C GLU B 994 18.80 0.74 -16.77
N VAL B 995 19.94 0.66 -16.10
CA VAL B 995 20.04 -0.11 -14.86
C VAL B 995 19.71 -1.60 -14.96
N GLY B 996 19.44 -2.08 -16.17
CA GLY B 996 19.11 -3.47 -16.38
C GLY B 996 19.31 -3.95 -17.81
N LEU B 997 20.26 -4.87 -17.98
CA LEU B 997 20.59 -5.43 -19.30
C LEU B 997 20.77 -6.93 -19.16
N PHE B 998 20.20 -7.68 -20.09
CA PHE B 998 20.32 -9.13 -20.00
C PHE B 998 19.97 -9.86 -21.28
N HIS B 999 20.89 -10.72 -21.74
CA HIS B 999 20.60 -11.47 -22.94
C HIS B 999 19.83 -12.71 -22.50
N LEU B 1000 18.61 -12.85 -23.02
CA LEU B 1000 17.77 -13.98 -22.66
C LEU B 1000 17.99 -15.11 -23.65
N GLY B 1001 17.95 -14.79 -24.94
CA GLY B 1001 18.14 -15.82 -25.94
C GLY B 1001 16.81 -16.28 -26.51
N GLU B 1002 15.73 -15.66 -26.02
CA GLU B 1002 14.38 -15.98 -26.45
C GLU B 1002 13.70 -14.72 -26.98
N PHE B 1003 12.54 -14.88 -27.61
CA PHE B 1003 11.77 -13.78 -28.16
C PHE B 1003 10.46 -13.69 -27.37
N VAL B 1004 10.38 -12.73 -26.45
CA VAL B 1004 9.19 -12.56 -25.62
C VAL B 1004 7.98 -11.94 -26.31
N ASN B 1005 6.84 -12.64 -26.24
CA ASN B 1005 5.62 -12.14 -26.86
C ASN B 1005 4.65 -11.61 -25.81
N VAL B 1006 4.85 -11.96 -24.55
CA VAL B 1006 3.91 -11.51 -23.55
C VAL B 1006 4.41 -11.49 -22.12
N PHE B 1007 3.97 -10.48 -21.37
CA PHE B 1007 4.33 -10.34 -19.97
C PHE B 1007 3.02 -10.20 -19.24
N CYS B 1008 2.94 -10.79 -18.06
CA CYS B 1008 1.74 -10.69 -17.24
C CYS B 1008 2.01 -11.16 -15.82
N HIS B 1009 1.67 -10.31 -14.85
CA HIS B 1009 1.86 -10.60 -13.44
C HIS B 1009 1.04 -11.82 -13.06
N GLY B 1010 1.61 -12.67 -12.22
CA GLY B 1010 0.93 -13.88 -11.80
C GLY B 1010 1.93 -14.92 -11.36
N SER B 1011 1.46 -15.95 -10.69
CA SER B 1011 2.33 -17.01 -10.20
C SER B 1011 1.69 -18.38 -10.33
N LEU B 1012 2.52 -19.40 -10.52
CA LEU B 1012 2.03 -20.74 -10.66
C LEU B 1012 2.12 -21.56 -9.38
N VAL B 1013 2.83 -21.05 -8.39
CA VAL B 1013 2.95 -21.76 -7.12
C VAL B 1013 2.00 -21.09 -6.12
N MET B 1014 2.29 -21.23 -4.83
CA MET B 1014 1.46 -20.60 -3.80
C MET B 1014 0.12 -21.28 -3.61
N GLN B 1015 -0.59 -20.82 -2.58
CA GLN B 1015 -1.92 -21.29 -2.20
C GLN B 1015 -2.06 -21.00 -0.71
N ASN B 1016 -2.32 -19.73 -0.40
CA ASN B 1016 -2.49 -19.25 0.97
C ASN B 1016 -2.39 -20.31 2.04
N LEU B 1017 -1.17 -20.75 2.33
CA LEU B 1017 -0.96 -21.75 3.36
C LEU B 1017 -0.61 -21.08 4.68
N GLY B 1018 -0.96 -19.81 4.81
CA GLY B 1018 -0.66 -19.07 6.03
C GLY B 1018 0.84 -18.92 6.23
N GLU B 1019 1.59 -19.50 5.31
CA GLU B 1019 3.05 -19.46 5.33
C GLU B 1019 3.49 -18.18 4.66
N THR B 1020 4.75 -17.82 4.86
CA THR B 1020 5.30 -16.61 4.25
C THR B 1020 6.82 -16.64 4.24
N SER B 1021 7.37 -16.20 3.11
CA SER B 1021 8.81 -16.12 2.88
C SER B 1021 9.03 -16.11 1.37
N THR B 1022 9.71 -15.09 0.90
CA THR B 1022 10.01 -14.96 -0.52
C THR B 1022 11.07 -13.89 -0.64
N PRO B 1023 12.36 -14.29 -0.64
CA PRO B 1023 13.50 -13.37 -0.73
C PRO B 1023 13.30 -12.46 -1.94
N THR B 1024 12.29 -12.82 -2.73
CA THR B 1024 11.94 -12.11 -3.94
C THR B 1024 10.61 -11.42 -3.76
N GLN B 1025 10.47 -10.23 -4.35
CA GLN B 1025 9.24 -9.45 -4.29
C GLN B 1025 8.58 -9.26 -5.65
N GLY B 1026 7.33 -9.72 -5.78
CA GLY B 1026 6.63 -9.57 -7.04
C GLY B 1026 6.79 -10.77 -7.95
N SER B 1027 6.07 -10.79 -9.06
CA SER B 1027 6.19 -11.91 -9.96
C SER B 1027 5.56 -11.68 -11.31
N VAL B 1028 6.39 -11.69 -12.34
CA VAL B 1028 5.94 -11.50 -13.71
C VAL B 1028 6.36 -12.70 -14.55
N LEU B 1029 5.45 -13.20 -15.37
CA LEU B 1029 5.73 -14.35 -16.23
C LEU B 1029 5.76 -13.96 -17.70
N PHE B 1030 6.56 -14.65 -18.50
CA PHE B 1030 6.63 -14.35 -19.92
C PHE B 1030 6.64 -15.57 -20.83
N GLY B 1031 5.95 -15.44 -21.97
CA GLY B 1031 5.86 -16.51 -22.95
C GLY B 1031 6.69 -16.20 -24.18
N THR B 1032 7.42 -17.20 -24.66
CA THR B 1032 8.32 -17.07 -25.80
C THR B 1032 7.83 -17.77 -27.05
N VAL B 1033 8.46 -17.43 -28.16
CA VAL B 1033 8.19 -18.05 -29.44
C VAL B 1033 8.57 -19.53 -29.38
N ASN B 1034 9.61 -19.83 -28.59
CA ASN B 1034 10.08 -21.20 -28.42
C ASN B 1034 9.26 -21.97 -27.39
N GLY B 1035 8.21 -21.32 -26.89
CA GLY B 1035 7.33 -21.93 -25.90
C GLY B 1035 8.02 -22.05 -24.56
N MET B 1036 8.99 -21.18 -24.33
CA MET B 1036 9.76 -21.24 -23.11
C MET B 1036 8.99 -21.05 -21.81
N ILE B 1037 8.65 -19.82 -21.46
CA ILE B 1037 7.94 -19.53 -20.20
C ILE B 1037 8.93 -19.21 -19.10
N GLY B 1038 9.14 -17.92 -18.83
CA GLY B 1038 10.08 -17.52 -17.80
C GLY B 1038 9.47 -16.64 -16.72
N LEU B 1039 10.20 -16.48 -15.63
CA LEU B 1039 9.74 -15.67 -14.53
C LEU B 1039 10.76 -14.59 -14.19
N VAL B 1040 10.26 -13.46 -13.69
CA VAL B 1040 11.08 -12.34 -13.29
C VAL B 1040 10.57 -11.76 -11.98
N THR B 1041 11.47 -11.53 -11.04
CA THR B 1041 11.11 -10.93 -9.75
C THR B 1041 12.18 -9.93 -9.36
N SER B 1042 12.09 -9.43 -8.14
CA SER B 1042 13.04 -8.44 -7.68
C SER B 1042 13.63 -8.87 -6.34
N LEU B 1043 14.84 -8.40 -6.05
CA LEU B 1043 15.53 -8.71 -4.80
C LEU B 1043 16.10 -7.44 -4.17
N SER B 1044 16.49 -7.55 -2.91
CA SER B 1044 17.09 -6.43 -2.19
C SER B 1044 18.51 -6.22 -2.71
N GLU B 1045 19.13 -5.08 -2.41
CA GLU B 1045 20.51 -4.88 -2.88
C GLU B 1045 21.36 -5.90 -2.12
N SER B 1046 20.79 -6.44 -1.05
CA SER B 1046 21.45 -7.45 -0.24
C SER B 1046 21.51 -8.79 -0.95
N TRP B 1047 20.35 -9.31 -1.32
CA TRP B 1047 20.34 -10.58 -2.03
C TRP B 1047 21.08 -10.46 -3.34
N TYR B 1048 20.84 -9.37 -4.06
CA TYR B 1048 21.51 -9.19 -5.34
C TYR B 1048 23.00 -9.46 -5.16
N ASN B 1049 23.63 -8.64 -4.33
CA ASN B 1049 25.07 -8.76 -4.10
C ASN B 1049 25.54 -10.19 -3.84
N LEU B 1050 24.89 -10.88 -2.91
CA LEU B 1050 25.27 -12.25 -2.59
C LEU B 1050 25.25 -13.16 -3.83
N LEU B 1051 24.18 -13.07 -4.61
CA LEU B 1051 24.04 -13.90 -5.80
C LEU B 1051 24.94 -13.50 -6.94
N LEU B 1052 25.30 -12.22 -7.04
CA LEU B 1052 26.20 -11.80 -8.12
C LEU B 1052 27.56 -12.40 -7.82
N ASP B 1053 27.92 -12.41 -6.53
CA ASP B 1053 29.16 -13.00 -6.08
C ASP B 1053 29.04 -14.50 -6.37
N MET B 1054 27.91 -15.07 -5.93
CA MET B 1054 27.61 -16.47 -6.14
C MET B 1054 27.89 -16.86 -7.58
N GLN B 1055 27.40 -16.06 -8.52
CA GLN B 1055 27.62 -16.34 -9.93
C GLN B 1055 29.09 -16.31 -10.31
N ASN B 1056 29.82 -15.30 -9.84
CA ASN B 1056 31.23 -15.21 -10.19
C ASN B 1056 31.99 -16.41 -9.64
N ARG B 1057 31.67 -16.82 -8.41
CA ARG B 1057 32.33 -17.97 -7.82
C ARG B 1057 31.92 -19.23 -8.58
N LEU B 1058 30.63 -19.38 -8.82
CA LEU B 1058 30.11 -20.53 -9.51
C LEU B 1058 30.61 -20.64 -10.96
N ASN B 1059 30.77 -19.51 -11.64
CA ASN B 1059 31.24 -19.59 -13.01
C ASN B 1059 32.68 -20.01 -13.10
N LYS B 1060 33.42 -19.85 -12.01
CA LYS B 1060 34.82 -20.23 -12.00
C LYS B 1060 34.97 -21.73 -11.92
N VAL B 1061 34.06 -22.37 -11.20
CA VAL B 1061 34.07 -23.82 -11.04
C VAL B 1061 33.31 -24.52 -12.16
N ILE B 1062 32.02 -24.22 -12.31
CA ILE B 1062 31.19 -24.84 -13.35
C ILE B 1062 31.96 -25.04 -14.66
N LYS B 1063 32.01 -26.28 -15.13
CA LYS B 1063 32.69 -26.55 -16.39
C LYS B 1063 31.65 -26.43 -17.49
N SER B 1064 31.72 -25.33 -18.23
CA SER B 1064 30.81 -25.04 -19.33
C SER B 1064 31.15 -25.86 -20.57
N VAL B 1065 30.12 -26.37 -21.24
CA VAL B 1065 30.33 -27.19 -22.42
C VAL B 1065 31.32 -26.62 -23.45
N GLY B 1066 30.85 -25.98 -24.51
CA GLY B 1066 31.79 -25.45 -25.50
C GLY B 1066 32.86 -24.55 -24.91
N LYS B 1067 32.86 -24.44 -23.58
CA LYS B 1067 33.80 -23.60 -22.85
C LYS B 1067 33.50 -22.12 -23.07
N ILE B 1068 32.22 -21.81 -23.22
CA ILE B 1068 31.73 -20.44 -23.41
C ILE B 1068 31.68 -19.76 -22.05
N GLU B 1069 32.04 -18.49 -21.98
CA GLU B 1069 32.00 -17.77 -20.71
C GLU B 1069 30.59 -17.29 -20.43
N HIS B 1070 30.17 -17.43 -19.18
CA HIS B 1070 28.83 -17.02 -18.77
C HIS B 1070 28.58 -15.54 -19.06
N SER B 1071 29.46 -14.69 -18.52
CA SER B 1071 29.37 -13.27 -18.70
C SER B 1071 29.24 -12.94 -20.18
N PHE B 1072 29.87 -13.74 -21.05
CA PHE B 1072 29.78 -13.51 -22.49
C PHE B 1072 28.40 -13.81 -23.02
N TRP B 1073 27.89 -14.99 -22.64
CA TRP B 1073 26.59 -15.47 -23.05
C TRP B 1073 25.44 -14.55 -22.64
N ARG B 1074 25.42 -14.14 -21.38
CA ARG B 1074 24.34 -13.28 -20.90
C ARG B 1074 24.44 -11.79 -21.15
N SER B 1075 25.55 -11.34 -21.72
CA SER B 1075 25.68 -9.91 -21.94
C SER B 1075 24.87 -9.42 -23.13
N PHE B 1076 24.17 -8.32 -22.91
CA PHE B 1076 23.32 -7.66 -23.89
C PHE B 1076 24.06 -7.60 -25.22
N HIS B 1077 23.40 -8.03 -26.28
CA HIS B 1077 24.02 -8.01 -27.58
C HIS B 1077 22.99 -7.79 -28.66
N THR B 1078 23.34 -6.91 -29.58
CA THR B 1078 22.51 -6.57 -30.71
C THR B 1078 23.53 -6.15 -31.74
N GLU B 1079 23.14 -6.11 -33.01
CA GLU B 1079 24.07 -5.70 -34.06
C GLU B 1079 24.61 -4.32 -33.71
N ARG B 1080 23.87 -3.61 -32.87
CA ARG B 1080 24.26 -2.28 -32.43
C ARG B 1080 25.29 -2.39 -31.31
N LYS B 1081 24.86 -2.12 -30.08
CA LYS B 1081 25.75 -2.18 -28.93
C LYS B 1081 26.01 -3.62 -28.47
N THR B 1082 26.92 -3.76 -27.51
CA THR B 1082 27.29 -5.04 -26.93
C THR B 1082 27.93 -4.76 -25.58
N GLU B 1083 27.14 -4.90 -24.52
CA GLU B 1083 27.62 -4.63 -23.17
C GLU B 1083 27.38 -5.79 -22.19
N PRO B 1084 28.12 -5.79 -21.08
CA PRO B 1084 27.95 -6.84 -20.07
C PRO B 1084 26.61 -6.70 -19.37
N ALA B 1085 26.04 -7.83 -18.94
CA ALA B 1085 24.77 -7.84 -18.23
C ALA B 1085 24.84 -7.13 -16.87
N THR B 1086 23.70 -6.54 -16.48
CA THR B 1086 23.55 -5.82 -15.21
C THR B 1086 22.10 -5.78 -14.73
N GLY B 1087 21.93 -5.72 -13.42
CA GLY B 1087 20.60 -5.65 -12.84
C GLY B 1087 19.90 -6.99 -12.75
N PHE B 1088 20.37 -7.95 -13.54
CA PHE B 1088 19.78 -9.28 -13.55
C PHE B 1088 20.67 -10.36 -12.96
N ILE B 1089 20.04 -11.36 -12.37
CA ILE B 1089 20.76 -12.50 -11.83
C ILE B 1089 20.19 -13.72 -12.53
N ASP B 1090 21.02 -14.45 -13.27
CA ASP B 1090 20.53 -15.64 -13.96
C ASP B 1090 20.23 -16.73 -12.93
N GLY B 1091 18.97 -16.85 -12.55
CA GLY B 1091 18.58 -17.85 -11.57
C GLY B 1091 18.79 -19.28 -12.05
N ASP B 1092 18.90 -19.49 -13.36
CA ASP B 1092 19.12 -20.84 -13.88
C ASP B 1092 20.49 -21.24 -13.40
N LEU B 1093 21.44 -20.31 -13.54
CA LEU B 1093 22.81 -20.56 -13.10
C LEU B 1093 22.84 -20.79 -11.60
N ILE B 1094 22.12 -19.97 -10.85
CA ILE B 1094 22.07 -20.12 -9.40
C ILE B 1094 21.49 -21.48 -9.05
N GLU B 1095 20.38 -21.84 -9.69
CA GLU B 1095 19.74 -23.11 -9.41
C GLU B 1095 20.60 -24.32 -9.74
N SER B 1096 21.58 -24.15 -10.61
CA SER B 1096 22.44 -25.27 -10.98
C SER B 1096 23.41 -25.64 -9.84
N PHE B 1097 23.55 -24.73 -8.88
CA PHE B 1097 24.42 -24.96 -7.75
C PHE B 1097 23.94 -26.19 -6.98
N LEU B 1098 22.63 -26.40 -6.91
CA LEU B 1098 22.09 -27.54 -6.20
C LEU B 1098 22.32 -28.83 -6.95
N ASP B 1099 22.94 -28.73 -8.11
CA ASP B 1099 23.19 -29.90 -8.93
C ASP B 1099 24.66 -30.16 -9.06
N ILE B 1100 25.46 -29.39 -8.31
CA ILE B 1100 26.91 -29.47 -8.31
C ILE B 1100 27.40 -30.41 -7.22
N SER B 1101 28.46 -31.16 -7.52
CA SER B 1101 29.05 -32.11 -6.58
C SER B 1101 29.41 -31.50 -5.24
N ARG B 1102 29.10 -32.22 -4.16
CA ARG B 1102 29.38 -31.75 -2.80
C ARG B 1102 30.75 -31.09 -2.64
N PRO B 1103 31.80 -31.73 -3.17
CA PRO B 1103 33.16 -31.16 -3.07
C PRO B 1103 33.26 -29.90 -3.89
N LYS B 1104 32.59 -29.89 -5.04
CA LYS B 1104 32.61 -28.74 -5.93
C LYS B 1104 31.89 -27.53 -5.36
N MET B 1105 30.87 -27.76 -4.53
CA MET B 1105 30.14 -26.65 -3.90
C MET B 1105 31.12 -26.02 -2.92
N GLN B 1106 32.02 -26.85 -2.41
CA GLN B 1106 33.01 -26.39 -1.46
C GLN B 1106 34.07 -25.55 -2.15
N GLU B 1107 34.39 -25.89 -3.41
CA GLU B 1107 35.36 -25.09 -4.14
C GLU B 1107 34.69 -23.72 -4.16
N VAL B 1108 33.39 -23.72 -4.43
CA VAL B 1108 32.60 -22.49 -4.43
C VAL B 1108 32.44 -22.24 -2.94
N VAL B 1109 31.90 -21.10 -2.53
CA VAL B 1109 31.71 -20.91 -1.08
C VAL B 1109 33.03 -20.77 -0.34
N ALA B 1110 34.11 -21.19 -0.98
CA ALA B 1110 35.44 -21.15 -0.38
C ALA B 1110 35.72 -19.96 0.55
N ASN B 1111 36.52 -19.01 0.09
CA ASN B 1111 36.89 -17.85 0.88
C ASN B 1111 35.73 -16.88 1.06
N LEU B 1112 34.51 -17.40 1.09
CA LEU B 1112 33.33 -16.57 1.25
C LEU B 1112 32.89 -16.51 2.70
N GLN B 1113 32.45 -15.34 3.15
CA GLN B 1113 31.98 -15.17 4.50
C GLN B 1113 30.48 -14.90 4.47
N TYR B 1114 29.70 -15.81 5.04
CA TYR B 1114 28.25 -15.69 5.06
C TYR B 1114 27.71 -15.18 6.38
N ASP B 1115 26.81 -14.21 6.33
CA ASP B 1115 26.24 -13.65 7.53
C ASP B 1115 24.79 -14.03 7.76
N ASP B 1116 24.49 -14.43 9.00
CA ASP B 1116 23.16 -14.83 9.41
C ASP B 1116 22.85 -14.09 10.71
N GLY B 1117 21.77 -13.31 10.71
CA GLY B 1117 21.40 -12.58 11.91
C GLY B 1117 22.54 -11.74 12.49
N SER B 1118 22.69 -11.77 13.81
CA SER B 1118 23.74 -11.01 14.48
C SER B 1118 25.08 -11.73 14.39
N GLY B 1119 26.06 -11.22 15.13
CA GLY B 1119 27.42 -11.78 15.16
C GLY B 1119 27.65 -12.73 14.01
N MET B 1120 27.75 -12.17 12.80
CA MET B 1120 27.96 -12.97 11.60
C MET B 1120 29.38 -12.81 11.08
N LYS B 1121 29.53 -12.81 9.77
CA LYS B 1121 30.83 -12.67 9.14
C LYS B 1121 31.62 -13.98 9.28
N ARG B 1122 30.90 -15.07 9.54
CA ARG B 1122 31.54 -16.37 9.70
C ARG B 1122 31.76 -17.10 8.37
N GLU B 1123 32.43 -18.24 8.45
CA GLU B 1123 32.73 -19.06 7.27
C GLU B 1123 31.45 -19.45 6.55
N ALA B 1124 31.52 -19.51 5.23
CA ALA B 1124 30.37 -19.92 4.43
C ALA B 1124 30.38 -21.43 4.41
N THR B 1125 29.20 -22.03 4.27
CA THR B 1125 29.07 -23.48 4.22
C THR B 1125 28.35 -23.88 2.96
N ALA B 1126 28.58 -25.10 2.51
CA ALA B 1126 27.91 -25.61 1.33
C ALA B 1126 26.44 -25.66 1.71
N ASP B 1127 26.18 -25.96 2.97
CA ASP B 1127 24.82 -26.04 3.46
C ASP B 1127 24.21 -24.66 3.58
N ASP B 1128 25.01 -23.69 3.96
CA ASP B 1128 24.51 -22.32 4.07
C ASP B 1128 23.90 -21.92 2.73
N LEU B 1129 24.65 -22.11 1.64
CA LEU B 1129 24.18 -21.77 0.30
C LEU B 1129 23.05 -22.68 -0.16
N ILE B 1130 23.07 -23.93 0.30
CA ILE B 1130 22.01 -24.87 -0.04
C ILE B 1130 20.70 -24.30 0.45
N LYS B 1131 20.70 -23.81 1.68
CA LYS B 1131 19.50 -23.22 2.27
C LYS B 1131 18.97 -22.09 1.37
N VAL B 1132 19.86 -21.17 1.00
CA VAL B 1132 19.54 -20.03 0.13
C VAL B 1132 19.02 -20.42 -1.24
N VAL B 1133 19.80 -21.19 -1.98
CA VAL B 1133 19.34 -21.57 -3.30
C VAL B 1133 18.04 -22.38 -3.20
N GLU B 1134 17.97 -23.27 -2.22
CA GLU B 1134 16.79 -24.09 -2.03
C GLU B 1134 15.52 -23.25 -1.98
N GLU B 1135 15.63 -22.07 -1.36
CA GLU B 1135 14.50 -21.17 -1.22
C GLU B 1135 14.17 -20.43 -2.52
N LEU B 1136 15.19 -19.99 -3.26
CA LEU B 1136 14.98 -19.27 -4.52
C LEU B 1136 14.32 -20.13 -5.58
N THR B 1137 14.19 -21.42 -5.29
CA THR B 1137 13.57 -22.36 -6.23
C THR B 1137 12.08 -22.42 -6.06
N ARG B 1138 11.58 -22.05 -4.87
CA ARG B 1138 10.15 -22.12 -4.60
C ARG B 1138 9.31 -21.05 -5.30
N ILE B 1139 9.96 -20.17 -6.05
CA ILE B 1139 9.33 -19.07 -6.77
C ILE B 1139 8.45 -19.57 -7.91
N HIS B 1140 8.72 -20.79 -8.36
CA HIS B 1140 7.95 -21.36 -9.46
C HIS B 1140 7.85 -22.87 -9.29
N LEU C 16 9.27 14.11 56.09
CA LEU C 16 7.84 13.81 56.41
C LEU C 16 7.36 12.59 55.64
N ILE C 17 6.50 11.78 56.26
CA ILE C 17 5.97 10.59 55.61
C ILE C 17 4.47 10.70 55.39
N GLU C 18 4.05 10.49 54.15
CA GLU C 18 2.64 10.54 53.80
C GLU C 18 2.34 9.27 53.02
N THR C 19 1.11 8.78 53.09
CA THR C 19 0.77 7.58 52.35
C THR C 19 0.45 7.97 50.92
N GLY C 20 1.05 7.26 49.98
CA GLY C 20 0.84 7.55 48.58
C GLY C 20 -0.62 7.40 48.17
N LEU C 21 -0.83 7.23 46.87
CA LEU C 21 -2.18 7.08 46.37
C LEU C 21 -2.28 5.95 45.37
N ASN C 22 -3.30 5.11 45.56
CA ASN C 22 -3.56 4.00 44.65
C ASN C 22 -3.30 4.47 43.21
N THR C 23 -2.53 3.68 42.46
CA THR C 23 -2.18 4.02 41.08
C THR C 23 -3.32 4.67 40.27
N VAL C 24 -4.46 3.99 40.17
CA VAL C 24 -5.60 4.48 39.41
C VAL C 24 -6.05 5.88 39.86
N GLU C 25 -5.93 6.18 41.15
CA GLU C 25 -6.32 7.49 41.62
C GLU C 25 -5.33 8.50 41.04
N TYR C 26 -4.08 8.07 40.92
CA TYR C 26 -3.01 8.89 40.37
C TYR C 26 -3.24 8.96 38.85
N PHE C 27 -3.41 7.79 38.24
CA PHE C 27 -3.66 7.69 36.81
C PHE C 27 -4.73 8.70 36.45
N THR C 28 -5.88 8.55 37.09
CA THR C 28 -7.02 9.43 36.87
C THR C 28 -6.75 10.92 36.97
N SER C 29 -6.50 11.40 38.18
CA SER C 29 -6.28 12.82 38.40
C SER C 29 -5.14 13.45 37.61
N GLN C 30 -4.24 12.64 37.06
CA GLN C 30 -3.16 13.23 36.29
C GLN C 30 -3.66 13.61 34.90
N GLN C 31 -4.74 12.99 34.45
CA GLN C 31 -5.29 13.34 33.14
C GLN C 31 -6.11 14.62 33.25
N VAL C 32 -6.40 15.03 34.48
CA VAL C 32 -7.19 16.22 34.75
C VAL C 32 -6.29 17.38 35.08
N THR C 33 -5.25 17.07 35.85
CA THR C 33 -4.29 18.06 36.28
C THR C 33 -2.95 17.61 35.75
N GLY C 34 -2.34 18.43 34.89
CA GLY C 34 -1.06 18.09 34.32
C GLY C 34 0.04 17.74 35.32
N THR C 35 -0.13 18.13 36.58
CA THR C 35 0.82 17.83 37.62
C THR C 35 0.99 16.37 37.78
N SER C 36 2.20 16.01 37.73
CA SER C 36 2.46 14.69 38.08
C SER C 36 2.38 14.95 39.58
N SER C 37 2.68 14.05 40.40
CA SER C 37 2.77 14.16 41.83
C SER C 37 3.66 13.02 41.92
N LEU C 38 4.86 13.37 42.10
CA LEU C 38 5.89 12.46 42.27
C LEU C 38 6.60 13.07 43.49
N GLY C 39 7.38 14.09 43.18
CA GLY C 39 8.13 14.84 44.17
C GLY C 39 7.33 14.91 45.47
N LYS C 40 7.41 13.85 46.26
CA LYS C 40 6.73 13.80 47.52
C LYS C 40 7.12 12.54 48.30
N ASN C 41 7.57 12.75 49.53
CA ASN C 41 7.98 11.69 50.44
C ASN C 41 6.79 10.84 50.82
N THR C 42 6.44 9.88 49.98
CA THR C 42 5.30 9.01 50.28
C THR C 42 5.65 7.52 50.29
N ILE C 43 4.85 6.75 51.01
CA ILE C 43 5.03 5.31 51.07
C ILE C 43 3.71 4.80 50.52
N PRO C 44 3.77 3.81 49.62
CA PRO C 44 2.52 3.29 49.06
C PRO C 44 1.60 2.64 50.10
N PRO C 45 0.27 2.78 49.93
CA PRO C 45 -0.71 2.21 50.84
C PRO C 45 -0.60 0.70 51.03
N GLY C 46 -0.77 0.25 52.27
CA GLY C 46 -0.70 -1.17 52.59
C GLY C 46 0.70 -1.68 52.89
N VAL C 47 1.69 -0.80 52.77
CA VAL C 47 3.07 -1.21 53.04
C VAL C 47 3.50 -0.62 54.37
N THR C 48 4.27 -1.38 55.12
CA THR C 48 4.72 -0.88 56.42
C THR C 48 6.26 -0.88 56.50
N GLY C 49 6.80 0.22 57.02
CA GLY C 49 8.24 0.37 57.16
C GLY C 49 8.86 -0.52 58.20
N LEU C 50 9.06 -1.78 57.81
CA LEU C 50 9.62 -2.80 58.69
C LEU C 50 11.06 -2.54 59.11
N LEU C 51 11.34 -1.39 59.69
CA LEU C 51 12.73 -1.11 60.15
C LEU C 51 12.77 -0.28 61.44
N THR C 52 13.29 -0.80 62.57
CA THR C 52 13.21 0.00 63.84
C THR C 52 14.12 -0.55 64.85
N ASN C 53 15.31 -0.84 64.54
CA ASN C 53 15.80 -1.60 65.59
C ASN C 53 15.99 -0.86 66.85
N ALA C 54 14.95 -1.25 67.57
CA ALA C 54 14.61 -0.85 68.88
C ALA C 54 14.26 0.62 68.89
N PRO C 81 1.12 6.88 57.51
CA PRO C 81 2.45 6.29 57.49
C PRO C 81 2.48 4.81 57.91
N LYS C 82 2.77 4.56 59.18
CA LYS C 82 2.86 3.22 59.74
C LYS C 82 4.19 2.57 59.41
N ILE C 83 5.12 2.64 60.37
CA ILE C 83 6.45 2.08 60.21
C ILE C 83 6.56 0.74 60.92
N ALA C 84 6.22 0.71 62.21
CA ALA C 84 6.26 -0.50 63.03
C ALA C 84 7.65 -0.91 63.52
N ILE C 85 7.81 -0.91 64.84
CA ILE C 85 9.08 -1.30 65.47
C ILE C 85 9.26 -2.81 65.40
N VAL C 86 10.43 -3.27 64.97
CA VAL C 86 10.64 -4.71 64.83
C VAL C 86 11.99 -5.25 65.31
N PRO C 87 11.98 -6.49 65.84
CA PRO C 87 13.18 -7.16 66.34
C PRO C 87 14.17 -7.44 65.21
N ALA C 88 15.45 -7.23 65.48
CA ALA C 88 16.47 -7.46 64.48
C ALA C 88 16.37 -8.85 63.86
N ASP C 89 16.26 -9.89 64.69
CA ASP C 89 16.18 -11.24 64.17
C ASP C 89 15.26 -12.14 65.01
N ASP C 90 15.36 -13.44 64.76
CA ASP C 90 14.59 -14.42 65.49
C ASP C 90 15.02 -15.83 65.06
N LYS C 91 15.96 -16.39 65.81
CA LYS C 91 16.48 -17.73 65.54
C LYS C 91 15.44 -18.77 66.00
N THR C 92 14.35 -18.28 66.58
CA THR C 92 13.26 -19.12 67.08
C THR C 92 12.64 -19.97 65.99
N VAL C 93 12.44 -19.38 64.82
CA VAL C 93 11.84 -20.07 63.69
C VAL C 93 12.89 -20.30 62.61
N PRO C 94 12.89 -21.49 62.00
CA PRO C 94 13.85 -21.83 60.95
C PRO C 94 13.64 -20.93 59.73
N GLY C 95 14.65 -20.84 58.86
CA GLY C 95 14.53 -20.00 57.69
C GLY C 95 15.85 -19.46 57.16
N LYS C 96 16.15 -19.74 55.90
CA LYS C 96 17.38 -19.28 55.29
C LYS C 96 17.33 -17.78 55.03
N PRO C 97 18.39 -17.05 55.43
CA PRO C 97 18.45 -15.61 55.23
C PRO C 97 18.54 -15.20 53.76
N ILE C 98 18.02 -14.02 53.46
CA ILE C 98 18.03 -13.49 52.11
C ILE C 98 19.35 -12.78 51.84
N PRO C 99 20.12 -13.24 50.82
CA PRO C 99 21.40 -12.61 50.52
C PRO C 99 21.25 -11.13 50.19
N ASN C 100 22.28 -10.34 50.52
CA ASN C 100 22.22 -8.91 50.24
C ASN C 100 21.85 -8.74 48.77
N PRO C 101 20.97 -7.77 48.48
CA PRO C 101 20.52 -7.51 47.11
C PRO C 101 21.70 -7.19 46.20
N LEU C 102 22.47 -6.18 46.60
CA LEU C 102 23.63 -5.74 45.85
C LEU C 102 24.46 -6.91 45.35
N LEU C 103 24.80 -7.81 46.25
CA LEU C 103 25.60 -8.99 45.93
C LEU C 103 25.06 -9.76 44.74
N GLY C 104 23.92 -9.35 44.20
CA GLY C 104 23.35 -10.03 43.05
C GLY C 104 23.56 -11.54 43.05
N LEU C 105 23.33 -12.19 44.19
CA LEU C 105 23.49 -13.63 44.33
C LEU C 105 22.23 -14.43 44.03
N ASP C 106 22.04 -15.53 44.74
CA ASP C 106 20.86 -16.38 44.54
C ASP C 106 19.79 -16.26 45.61
N SER C 107 18.54 -16.40 45.16
CA SER C 107 17.38 -16.32 46.04
C SER C 107 16.15 -16.84 45.31
N THR C 108 16.35 -17.22 44.05
CA THR C 108 15.30 -17.75 43.18
C THR C 108 13.83 -17.43 43.49
N PRO C 109 13.17 -18.18 44.42
CA PRO C 109 11.78 -17.76 44.60
C PRO C 109 11.72 -16.34 45.15
N SER C 110 11.94 -15.38 44.25
CA SER C 110 11.97 -13.96 44.61
C SER C 110 12.03 -13.12 43.35
N THR C 111 11.69 -11.84 43.47
CA THR C 111 11.74 -10.95 42.32
C THR C 111 12.78 -9.87 42.53
N GLN C 112 13.56 -9.61 41.49
CA GLN C 112 14.63 -8.60 41.56
C GLN C 112 14.24 -7.29 40.90
N THR C 113 14.48 -6.18 41.60
CA THR C 113 14.18 -4.86 41.08
C THR C 113 15.44 -4.00 41.05
N VAL C 114 15.62 -3.27 39.95
CA VAL C 114 16.77 -2.39 39.80
C VAL C 114 16.24 -1.00 39.45
N LEU C 115 16.70 0.01 40.16
CA LEU C 115 16.25 1.37 39.91
C LEU C 115 17.39 2.38 39.93
N ASP C 116 17.54 3.16 38.87
CA ASP C 116 18.60 4.17 38.80
C ASP C 116 18.06 5.58 38.94
N LEU C 117 18.26 6.14 40.13
CA LEU C 117 17.76 7.49 40.45
C LEU C 117 18.13 8.58 39.46
N SER C 118 19.22 8.38 38.73
CA SER C 118 19.68 9.38 37.78
C SER C 118 19.10 9.22 36.38
N GLY C 119 18.13 8.34 36.19
CA GLY C 119 17.61 8.18 34.85
C GLY C 119 18.75 7.56 34.07
N LYS C 120 18.66 7.55 32.75
CA LYS C 120 19.72 6.98 31.92
C LYS C 120 19.66 5.48 31.79
N THR C 121 18.97 4.80 32.70
CA THR C 121 18.82 3.35 32.60
C THR C 121 17.39 2.87 32.92
N LEU C 122 16.86 1.99 32.08
CA LEU C 122 15.51 1.49 32.29
C LEU C 122 15.38 0.78 33.64
N PRO C 123 14.35 1.15 34.43
CA PRO C 123 14.14 0.51 35.72
C PRO C 123 13.59 -0.89 35.39
N SER C 124 13.68 -1.82 36.33
CA SER C 124 13.18 -3.18 36.07
C SER C 124 12.71 -3.92 37.31
N GLY C 125 11.63 -4.66 37.14
CA GLY C 125 11.07 -5.41 38.24
C GLY C 125 9.58 -5.19 38.37
N SER C 126 9.16 -4.83 39.57
CA SER C 126 7.75 -4.65 39.88
C SER C 126 7.45 -3.23 40.33
N TYR C 127 6.24 -2.76 40.03
CA TYR C 127 5.79 -1.42 40.44
C TYR C 127 6.22 -1.14 41.88
N LYS C 128 5.72 -1.93 42.82
CA LYS C 128 6.07 -1.73 44.22
C LYS C 128 7.58 -1.80 44.48
N GLY C 129 8.26 -2.71 43.78
CA GLY C 129 9.69 -2.81 43.97
C GLY C 129 10.35 -1.46 43.68
N VAL C 130 10.02 -0.91 42.51
CA VAL C 130 10.59 0.35 42.10
C VAL C 130 10.17 1.48 43.01
N LYS C 131 8.92 1.46 43.45
CA LYS C 131 8.37 2.48 44.34
C LYS C 131 9.10 2.55 45.68
N LEU C 132 9.29 1.38 46.28
CA LEU C 132 9.96 1.31 47.56
C LEU C 132 11.44 1.62 47.44
N ALA C 133 12.04 1.21 46.32
CA ALA C 133 13.46 1.47 46.10
C ALA C 133 13.74 2.96 46.29
N LYS C 134 12.87 3.80 45.74
CA LYS C 134 13.05 5.24 45.88
C LYS C 134 12.84 5.62 47.33
N PHE C 135 11.62 5.41 47.83
CA PHE C 135 11.31 5.75 49.22
C PHE C 135 12.34 5.18 50.18
N GLY C 136 13.01 4.10 49.75
CA GLY C 136 14.03 3.45 50.57
C GLY C 136 15.32 4.25 50.58
N LYS C 137 15.84 4.58 49.40
CA LYS C 137 17.02 5.38 49.33
C LYS C 137 16.77 6.64 50.17
N GLU C 138 15.66 7.32 49.90
CA GLU C 138 15.42 8.67 50.48
C GLU C 138 15.42 8.80 52.02
N ASN C 139 14.86 7.83 52.62
CA ASN C 139 14.76 7.74 54.03
C ASN C 139 15.79 6.68 54.41
N LEU C 140 16.39 6.61 55.59
CA LEU C 140 17.36 5.50 55.69
C LEU C 140 16.66 4.16 56.05
N MET C 141 15.88 3.61 55.12
CA MET C 141 15.12 2.38 55.37
C MET C 141 15.39 1.25 54.37
N THR C 142 15.47 0.01 54.83
CA THR C 142 15.77 -1.09 53.93
C THR C 142 14.88 -2.32 54.00
N ARG C 143 13.92 -2.33 54.93
CA ARG C 143 13.03 -3.47 55.08
C ARG C 143 11.58 -3.04 54.97
N PHE C 144 10.80 -3.76 54.16
CA PHE C 144 9.39 -3.43 54.00
C PHE C 144 8.47 -4.63 53.96
N ILE C 145 7.30 -4.45 54.56
CA ILE C 145 6.28 -5.48 54.64
C ILE C 145 4.95 -4.99 54.08
N GLU C 146 4.16 -5.93 53.56
CA GLU C 146 2.82 -5.64 53.03
C GLU C 146 2.01 -6.91 53.11
N GLU C 147 0.99 -6.91 53.96
CA GLU C 147 0.14 -8.09 54.09
C GLU C 147 -1.16 -7.78 53.35
N PRO C 148 -1.52 -8.61 52.37
CA PRO C 148 -2.73 -8.46 51.55
C PRO C 148 -4.00 -8.09 52.33
N ARG C 149 -5.08 -7.79 51.60
CA ARG C 149 -6.34 -7.40 52.21
C ARG C 149 -6.92 -8.40 53.19
N GLU C 150 -7.14 -9.63 52.72
CA GLU C 150 -7.73 -10.69 53.55
C GLU C 150 -6.83 -11.22 54.67
N ASN C 151 -6.67 -10.40 55.71
CA ASN C 151 -5.86 -10.75 56.87
C ASN C 151 -6.26 -9.87 58.06
N PRO C 152 -6.61 -10.48 59.21
CA PRO C 152 -7.00 -9.73 60.39
C PRO C 152 -5.81 -9.40 61.31
N ASP C 160 -0.25 -4.66 66.08
CA ASP C 160 1.12 -4.71 66.55
C ASP C 160 1.87 -5.89 65.91
N PHE C 161 1.95 -7.00 66.62
CA PHE C 161 2.63 -8.17 66.09
C PHE C 161 2.55 -9.37 67.00
N LYS C 162 2.63 -10.56 66.40
CA LYS C 162 2.58 -11.83 67.10
C LYS C 162 2.31 -12.91 66.06
N ARG C 163 2.58 -12.58 64.79
CA ARG C 163 2.36 -13.52 63.69
C ARG C 163 2.69 -14.98 64.02
N GLY C 164 1.83 -15.90 63.56
CA GLY C 164 2.15 -17.31 63.77
C GLY C 164 1.22 -18.40 63.25
N ARG C 165 0.14 -18.59 63.94
CA ARG C 165 -0.79 -19.63 63.66
C ARG C 165 -2.14 -19.02 63.51
N ASP C 166 -2.32 -18.07 64.40
CA ASP C 166 -3.51 -17.27 64.48
C ASP C 166 -3.68 -16.48 63.20
N THR C 167 -2.57 -15.96 62.70
CA THR C 167 -2.58 -15.17 61.48
C THR C 167 -2.07 -15.91 60.25
N GLY C 168 -1.87 -17.21 60.38
CA GLY C 168 -1.36 -18.00 59.27
C GLY C 168 -2.36 -18.38 58.18
N GLY C 169 -1.88 -19.08 57.16
CA GLY C 169 -2.73 -19.50 56.06
C GLY C 169 -2.63 -18.62 54.81
N PHE C 170 -1.64 -17.75 54.78
CA PHE C 170 -1.44 -16.85 53.65
C PHE C 170 0.03 -16.54 53.49
N HIS C 171 0.34 -15.55 52.66
CA HIS C 171 1.71 -15.14 52.44
C HIS C 171 1.80 -13.63 52.74
N ARG C 172 2.94 -13.23 53.21
CA ARG C 172 3.28 -11.84 53.52
C ARG C 172 4.54 -11.57 52.76
N ARG C 173 4.42 -10.56 51.99
CA ARG C 173 5.37 -10.00 51.05
C ARG C 173 6.50 -9.22 51.64
N GLU C 174 7.75 -9.65 51.45
CA GLU C 174 8.86 -8.90 52.06
C GLU C 174 9.67 -8.13 51.02
N TYR C 175 10.39 -7.11 51.47
CA TYR C 175 11.23 -6.30 50.60
C TYR C 175 12.56 -5.95 51.27
N SER C 176 13.65 -6.23 50.55
CA SER C 176 15.02 -5.93 50.99
C SER C 176 15.66 -4.93 50.03
N ILE C 177 16.27 -3.85 50.55
CA ILE C 177 16.86 -2.87 49.66
C ILE C 177 18.33 -2.52 49.89
N GLY C 178 19.07 -2.37 48.78
CA GLY C 178 20.49 -2.01 48.82
C GLY C 178 20.83 -0.67 48.13
N TRP C 179 21.90 -0.02 48.58
CA TRP C 179 22.32 1.26 48.03
C TRP C 179 23.28 1.18 46.85
N VAL C 180 24.46 1.77 47.02
CA VAL C 180 25.49 1.83 45.99
C VAL C 180 25.20 3.04 45.10
N GLY C 181 25.18 4.22 45.71
CA GLY C 181 25.12 5.52 45.07
C GLY C 181 23.81 6.09 44.58
N ASP C 182 23.55 5.81 43.33
CA ASP C 182 22.41 6.30 42.60
C ASP C 182 21.63 5.05 42.22
N GLU C 183 22.38 3.98 42.24
CA GLU C 183 21.89 2.64 41.92
C GLU C 183 21.23 1.97 43.14
N VAL C 184 19.94 1.64 43.02
CA VAL C 184 19.19 1.00 44.09
C VAL C 184 18.63 -0.36 43.68
N LYS C 185 18.97 -1.39 44.44
CA LYS C 185 18.51 -2.74 44.15
C LYS C 185 17.55 -3.28 45.22
N VAL C 186 16.60 -4.10 44.77
CA VAL C 186 15.62 -4.69 45.66
C VAL C 186 15.33 -6.16 45.37
N THR C 187 15.27 -6.94 46.44
CA THR C 187 14.93 -8.36 46.34
C THR C 187 13.59 -8.48 47.08
N GLU C 188 12.60 -9.05 46.42
CA GLU C 188 11.30 -9.21 47.06
C GLU C 188 10.88 -10.67 47.06
N TRP C 189 10.26 -11.09 48.15
CA TRP C 189 9.83 -12.47 48.25
C TRP C 189 8.62 -12.69 49.15
N CYS C 190 8.23 -13.94 49.13
CA CYS C 190 7.06 -14.31 49.92
C CYS C 190 7.47 -15.16 51.11
N ASN C 191 6.70 -14.71 52.22
CA ASN C 191 6.96 -15.30 53.53
C ASN C 191 5.62 -15.80 54.05
N PRO C 192 5.65 -16.85 54.85
CA PRO C 192 4.40 -17.40 55.42
C PRO C 192 3.81 -16.49 56.51
N SER C 193 2.48 -16.35 56.52
CA SER C 193 1.76 -15.55 57.52
C SER C 193 2.18 -16.06 58.90
N CYS C 194 2.53 -17.35 58.89
CA CYS C 194 3.03 -18.13 60.03
C CYS C 194 4.12 -17.25 60.66
N SER C 195 5.17 -17.06 59.84
CA SER C 195 6.41 -16.33 60.09
C SER C 195 6.41 -15.09 60.96
N PRO C 196 7.58 -14.73 61.49
CA PRO C 196 7.71 -13.54 62.34
C PRO C 196 8.33 -12.44 61.45
N ILE C 197 8.00 -11.19 61.70
CA ILE C 197 8.59 -10.13 60.89
C ILE C 197 9.74 -9.51 61.69
N THR C 198 10.94 -9.53 61.11
CA THR C 198 12.12 -8.98 61.77
C THR C 198 12.92 -8.08 60.86
N ALA C 199 13.97 -7.47 61.41
CA ALA C 199 14.84 -6.60 60.63
C ALA C 199 15.64 -7.52 59.72
N ALA C 200 16.10 -8.64 60.27
CA ALA C 200 16.87 -9.59 59.50
C ALA C 200 15.92 -10.03 58.41
N ALA C 201 16.47 -10.39 57.25
CA ALA C 201 15.63 -10.81 56.15
C ALA C 201 15.85 -12.25 55.77
N ARG C 202 15.00 -13.14 56.26
CA ARG C 202 15.16 -14.55 55.92
C ARG C 202 13.88 -15.10 55.29
N ARG C 203 13.99 -16.31 54.74
CA ARG C 203 12.85 -16.97 54.14
C ARG C 203 12.41 -18.05 55.12
N PHE C 204 11.68 -17.63 56.14
CA PHE C 204 11.16 -18.53 57.16
C PHE C 204 10.32 -19.67 56.61
N GLU C 205 10.30 -20.77 57.35
CA GLU C 205 9.48 -21.92 56.98
C GLU C 205 8.17 -21.72 57.75
N CYS C 206 7.32 -22.73 57.77
CA CYS C 206 6.07 -22.57 58.48
C CYS C 206 5.84 -23.34 59.76
N THR C 207 5.21 -22.66 60.71
CA THR C 207 4.85 -23.27 61.98
C THR C 207 3.40 -23.73 61.84
N CYS C 208 2.51 -22.86 61.35
CA CYS C 208 1.12 -23.25 61.12
C CYS C 208 1.24 -24.40 60.09
N HIS C 209 0.17 -25.15 59.86
CA HIS C 209 0.26 -26.22 58.88
C HIS C 209 -0.66 -25.84 57.73
N GLN C 210 -1.28 -24.69 57.88
CA GLN C 210 -2.25 -24.17 56.91
C GLN C 210 -1.65 -23.23 55.87
N CYS C 211 -0.56 -22.58 56.26
CA CYS C 211 0.14 -21.63 55.41
C CYS C 211 0.64 -22.27 54.06
N PRO C 212 0.14 -21.78 52.90
CA PRO C 212 0.43 -22.21 51.51
C PRO C 212 1.85 -22.20 50.95
N VAL C 213 2.01 -22.76 49.77
CA VAL C 213 3.33 -22.84 49.11
C VAL C 213 3.57 -21.84 47.95
N THR C 214 2.54 -21.51 47.18
CA THR C 214 2.67 -20.53 46.10
C THR C 214 1.52 -19.57 46.31
N CYS C 215 1.68 -18.28 46.02
CA CYS C 215 0.43 -17.49 46.08
C CYS C 215 0.11 -17.15 44.64
N SER C 216 -0.38 -15.96 44.33
CA SER C 216 -0.57 -15.56 42.94
C SER C 216 0.39 -14.41 42.75
N GLU C 217 1.06 -14.07 43.85
CA GLU C 217 2.07 -13.03 43.87
C GLU C 217 3.42 -13.71 43.98
N CYS C 218 3.40 -14.95 44.45
CA CYS C 218 4.62 -15.73 44.64
C CYS C 218 5.11 -16.35 43.31
N GLU C 219 4.26 -16.41 42.29
CA GLU C 219 4.67 -16.98 41.00
C GLU C 219 5.70 -16.11 40.31
N ARG C 220 6.06 -16.53 39.09
CA ARG C 220 7.04 -15.83 38.27
C ARG C 220 8.21 -15.27 39.06
N ASP C 221 8.46 -15.86 40.23
CA ASP C 221 9.57 -15.44 41.08
C ASP C 221 10.79 -16.29 40.78
N THR C 222 11.93 -15.61 40.60
CA THR C 222 13.20 -16.27 40.31
C THR C 222 14.36 -15.29 40.36
N LYS D 15 20.47 -4.40 -54.89
CA LYS D 15 20.77 -5.70 -54.22
C LYS D 15 19.41 -5.63 -54.89
N LEU D 16 18.66 -6.73 -54.79
CA LEU D 16 17.30 -6.89 -55.33
C LEU D 16 16.58 -5.86 -54.46
N ILE D 17 15.52 -5.27 -55.01
CA ILE D 17 14.75 -4.26 -54.30
C ILE D 17 13.39 -4.95 -54.43
N GLU D 18 12.89 -5.47 -53.32
CA GLU D 18 11.60 -6.14 -53.33
C GLU D 18 10.56 -5.43 -52.49
N THR D 19 9.32 -5.46 -52.98
CA THR D 19 8.20 -4.81 -52.32
C THR D 19 7.87 -5.59 -51.07
N GLY D 20 6.64 -5.56 -50.52
CA GLY D 20 6.76 -6.40 -49.36
C GLY D 20 5.72 -6.84 -48.32
N LEU D 21 5.85 -6.11 -47.21
CA LEU D 21 5.17 -6.25 -45.94
C LEU D 21 4.11 -5.21 -45.66
N ASN D 22 3.16 -5.53 -44.80
CA ASN D 22 2.13 -4.60 -44.38
C ASN D 22 2.03 -4.64 -42.86
N THR D 23 2.94 -3.92 -42.20
CA THR D 23 2.99 -3.86 -40.75
C THR D 23 2.21 -4.97 -40.06
N VAL D 24 0.89 -4.86 -40.01
CA VAL D 24 0.07 -5.88 -39.37
C VAL D 24 0.53 -7.27 -39.79
N GLU D 25 0.66 -7.44 -41.10
CA GLU D 25 1.13 -8.68 -41.68
C GLU D 25 2.39 -9.03 -40.93
N TYR D 26 3.40 -8.17 -41.05
CA TYR D 26 4.70 -8.34 -40.40
C TYR D 26 4.51 -8.58 -38.91
N PHE D 27 3.77 -7.69 -38.26
CA PHE D 27 3.48 -7.77 -36.82
C PHE D 27 3.24 -9.20 -36.34
N THR D 28 2.09 -9.74 -36.70
CA THR D 28 1.72 -11.08 -36.26
C THR D 28 2.73 -12.13 -36.66
N SER D 29 3.30 -11.99 -37.85
CA SER D 29 4.27 -12.96 -38.36
C SER D 29 5.49 -13.13 -37.46
N GLN D 30 6.11 -12.01 -37.07
CA GLN D 30 7.29 -12.03 -36.19
C GLN D 30 6.95 -12.67 -34.86
N GLN D 31 5.67 -12.65 -34.50
CA GLN D 31 5.25 -13.26 -33.24
C GLN D 31 5.27 -14.75 -33.37
N VAL D 32 5.26 -15.24 -34.60
CA VAL D 32 5.27 -16.67 -34.86
C VAL D 32 6.67 -17.16 -35.19
N THR D 33 7.37 -16.40 -36.02
CA THR D 33 8.72 -16.76 -36.41
C THR D 33 9.75 -16.37 -35.36
N GLY D 34 9.58 -15.19 -34.78
CA GLY D 34 10.53 -14.70 -33.79
C GLY D 34 11.70 -14.02 -34.49
N THR D 35 11.62 -13.94 -35.81
CA THR D 35 12.68 -13.33 -36.62
C THR D 35 12.24 -12.06 -37.32
N SER D 36 13.14 -11.09 -37.38
CA SER D 36 12.85 -9.82 -38.04
C SER D 36 13.44 -9.82 -39.46
N SER D 37 12.56 -9.80 -40.46
CA SER D 37 13.01 -9.81 -41.85
C SER D 37 13.69 -8.50 -42.25
N LEU D 38 13.41 -7.42 -41.52
CA LEU D 38 14.02 -6.13 -41.84
C LEU D 38 15.53 -6.21 -41.77
N GLY D 39 16.13 -6.33 -42.96
CA GLY D 39 17.57 -6.42 -43.09
C GLY D 39 17.84 -6.52 -44.57
N LYS D 40 16.77 -6.70 -45.34
CA LYS D 40 16.84 -6.84 -46.80
C LYS D 40 16.72 -5.46 -47.45
N ASN D 41 16.69 -5.45 -48.78
CA ASN D 41 16.55 -4.21 -49.53
C ASN D 41 15.10 -4.15 -49.96
N THR D 42 14.24 -3.68 -49.06
CA THR D 42 12.81 -3.63 -49.33
C THR D 42 12.24 -2.24 -49.53
N ILE D 43 11.14 -2.21 -50.27
CA ILE D 43 10.42 -0.99 -50.56
C ILE D 43 8.99 -1.26 -50.12
N PRO D 44 8.45 -0.37 -49.26
CA PRO D 44 7.07 -0.53 -48.78
C PRO D 44 6.12 -0.66 -49.95
N PRO D 45 4.99 -1.34 -49.75
CA PRO D 45 4.02 -1.51 -50.83
C PRO D 45 3.31 -0.17 -51.08
N GLY D 46 2.87 0.06 -52.31
CA GLY D 46 2.15 1.28 -52.64
C GLY D 46 2.98 2.53 -52.88
N VAL D 47 4.28 2.43 -52.61
CA VAL D 47 5.20 3.54 -52.82
C VAL D 47 5.85 3.36 -54.18
N THR D 48 6.62 4.35 -54.64
CA THR D 48 7.28 4.23 -55.93
C THR D 48 8.49 5.12 -56.05
N GLY D 49 9.64 4.50 -56.32
CA GLY D 49 10.89 5.23 -56.46
C GLY D 49 10.86 6.11 -57.69
N LEU D 50 11.60 7.21 -57.64
CA LEU D 50 11.66 8.13 -58.76
C LEU D 50 13.07 8.48 -59.19
N LEU D 51 13.68 9.44 -58.50
CA LEU D 51 15.03 9.94 -58.80
C LEU D 51 15.67 9.27 -60.02
N THR D 52 15.32 9.75 -61.22
CA THR D 52 15.85 9.18 -62.46
C THR D 52 16.26 10.20 -63.53
N ASN D 53 17.27 9.82 -64.30
CA ASN D 53 17.78 10.68 -65.36
C ASN D 53 18.37 9.84 -66.49
N ALA D 54 17.56 8.96 -67.04
CA ALA D 54 17.99 8.09 -68.14
C ALA D 54 17.37 8.56 -69.46
N ARG D 80 6.26 -5.93 -59.85
CA ARG D 80 6.30 -5.87 -58.40
C ARG D 80 7.09 -4.65 -57.91
N PRO D 81 8.35 -4.51 -58.36
CA PRO D 81 9.14 -3.34 -57.93
C PRO D 81 8.68 -2.10 -58.69
N LYS D 82 8.44 -1.01 -57.95
CA LYS D 82 7.98 0.22 -58.57
C LYS D 82 8.86 1.44 -58.41
N ILE D 83 9.68 1.70 -59.42
CA ILE D 83 10.55 2.88 -59.46
C ILE D 83 10.38 3.42 -60.86
N ALA D 84 9.77 4.59 -60.97
CA ALA D 84 9.51 5.22 -62.28
C ALA D 84 10.52 6.24 -62.79
N ILE D 85 10.87 6.13 -64.08
CA ILE D 85 11.77 7.06 -64.71
C ILE D 85 10.97 8.34 -64.84
N VAL D 86 11.56 9.45 -64.45
CA VAL D 86 10.84 10.72 -64.49
C VAL D 86 11.73 11.93 -64.78
N PRO D 87 11.15 12.96 -65.42
CA PRO D 87 11.88 14.19 -65.76
C PRO D 87 12.09 15.01 -64.50
N ALA D 88 13.06 15.91 -64.52
CA ALA D 88 13.31 16.73 -63.36
C ALA D 88 12.38 17.94 -63.36
N ASP D 89 12.72 18.92 -62.51
CA ASP D 89 12.00 20.17 -62.31
C ASP D 89 10.93 20.59 -63.32
N ASP D 90 9.89 21.23 -62.78
CA ASP D 90 8.76 21.80 -63.52
C ASP D 90 8.23 21.07 -64.75
N LYS D 91 7.10 21.59 -65.24
CA LYS D 91 6.41 21.11 -66.42
C LYS D 91 5.31 22.12 -66.73
N THR D 92 5.67 23.38 -66.56
CA THR D 92 4.79 24.52 -66.80
C THR D 92 3.69 24.63 -65.76
N VAL D 93 4.03 24.31 -64.51
CA VAL D 93 3.06 24.39 -63.43
C VAL D 93 3.71 25.09 -62.25
N PRO D 94 3.05 26.12 -61.70
CA PRO D 94 3.62 26.84 -60.55
C PRO D 94 3.92 25.86 -59.43
N GLY D 95 4.54 26.36 -58.37
CA GLY D 95 4.84 25.50 -57.25
C GLY D 95 6.14 25.87 -56.58
N LYS D 96 6.06 26.36 -55.34
CA LYS D 96 7.24 26.74 -54.60
C LYS D 96 8.05 25.46 -54.38
N PRO D 97 9.31 25.46 -54.83
CA PRO D 97 10.16 24.27 -54.67
C PRO D 97 10.40 23.91 -53.22
N ILE D 98 10.45 22.61 -52.94
CA ILE D 98 10.70 22.11 -51.58
C ILE D 98 12.18 22.27 -51.29
N PRO D 99 12.52 22.84 -50.12
CA PRO D 99 13.92 23.04 -49.74
C PRO D 99 14.68 21.72 -49.79
N ASN D 100 15.92 21.71 -49.34
CA ASN D 100 16.71 20.49 -49.29
C ASN D 100 16.48 19.98 -47.88
N PRO D 101 16.32 18.70 -47.70
CA PRO D 101 15.91 18.29 -46.34
C PRO D 101 16.80 18.77 -45.23
N LEU D 102 17.96 18.26 -45.33
CA LEU D 102 19.13 18.47 -44.54
C LEU D 102 19.55 19.94 -44.27
N LEU D 103 19.01 20.94 -45.00
CA LEU D 103 19.33 22.35 -44.86
C LEU D 103 18.33 23.10 -43.96
N GLY D 104 18.81 23.41 -42.75
CA GLY D 104 17.99 24.05 -41.74
C GLY D 104 17.04 25.11 -42.23
N LEU D 105 15.86 24.68 -42.70
CA LEU D 105 14.82 25.58 -43.20
C LEU D 105 13.87 24.73 -44.03
N ASP D 106 12.62 25.14 -44.13
CA ASP D 106 11.65 24.37 -44.91
C ASP D 106 10.36 25.10 -45.18
N SER D 107 9.33 24.35 -45.55
CA SER D 107 8.00 24.88 -45.83
C SER D 107 7.11 24.50 -44.67
N THR D 108 5.80 24.59 -44.84
CA THR D 108 4.90 24.20 -43.77
C THR D 108 4.24 22.87 -44.08
N PRO D 109 3.03 22.87 -44.69
CA PRO D 109 2.39 21.58 -44.97
C PRO D 109 3.35 20.42 -45.20
N SER D 110 4.02 20.00 -44.12
CA SER D 110 4.97 18.93 -44.14
C SER D 110 5.05 18.38 -42.71
N THR D 111 5.95 17.49 -42.51
CA THR D 111 6.22 16.81 -41.32
C THR D 111 7.59 16.40 -41.85
N GLN D 112 8.63 16.41 -41.01
CA GLN D 112 9.95 15.93 -41.47
C GLN D 112 10.26 14.71 -40.62
N THR D 113 11.16 13.87 -41.14
CA THR D 113 11.58 12.63 -40.47
C THR D 113 13.10 12.64 -40.29
N VAL D 114 13.59 11.80 -39.38
CA VAL D 114 15.02 11.68 -39.12
C VAL D 114 15.39 10.33 -38.51
N LEU D 115 16.50 9.79 -39.00
CA LEU D 115 17.06 8.51 -38.55
C LEU D 115 18.54 8.78 -38.44
N ASP D 116 19.30 7.83 -37.89
CA ASP D 116 20.75 8.04 -37.79
C ASP D 116 21.56 6.84 -38.24
N LEU D 117 20.88 5.71 -38.47
CA LEU D 117 21.53 4.47 -38.92
C LEU D 117 22.65 3.93 -38.02
N SER D 118 23.28 4.82 -37.26
CA SER D 118 24.32 4.40 -36.33
C SER D 118 23.61 3.77 -35.15
N GLY D 119 22.29 3.98 -35.09
CA GLY D 119 21.46 3.44 -34.03
C GLY D 119 21.59 4.08 -32.66
N LYS D 120 22.40 5.12 -32.56
CA LYS D 120 22.64 5.81 -31.31
C LYS D 120 21.47 6.66 -30.82
N THR D 121 20.75 7.27 -31.75
CA THR D 121 19.65 8.14 -31.40
C THR D 121 18.29 7.68 -31.90
N LEU D 122 17.24 8.06 -31.16
CA LEU D 122 15.88 7.67 -31.50
C LEU D 122 15.41 8.34 -32.77
N PRO D 123 14.88 7.56 -33.72
CA PRO D 123 14.38 8.07 -34.99
C PRO D 123 13.05 8.78 -34.70
N SER D 124 12.44 9.43 -35.70
CA SER D 124 11.19 10.12 -35.43
C SER D 124 10.41 10.62 -36.63
N GLY D 125 9.09 10.51 -36.57
CA GLY D 125 8.25 11.06 -37.62
C GLY D 125 7.02 10.21 -37.93
N SER D 126 7.23 9.50 -39.03
CA SER D 126 6.29 8.62 -39.64
C SER D 126 6.91 7.30 -39.94
N TYR D 127 6.07 6.25 -39.86
CA TYR D 127 6.55 4.92 -40.22
C TYR D 127 7.23 5.07 -41.58
N LYS D 128 6.45 5.37 -42.62
CA LYS D 128 6.97 5.53 -43.96
C LYS D 128 8.16 6.47 -44.02
N GLY D 129 8.05 7.58 -43.30
CA GLY D 129 9.15 8.52 -43.29
C GLY D 129 10.44 7.77 -43.03
N VAL D 130 10.48 7.03 -41.93
CA VAL D 130 11.67 6.28 -41.54
C VAL D 130 12.00 5.11 -42.47
N LYS D 131 10.99 4.34 -42.84
CA LYS D 131 11.23 3.22 -43.72
C LYS D 131 11.96 3.76 -44.94
N LEU D 132 11.34 4.73 -45.61
CA LEU D 132 11.92 5.32 -46.80
C LEU D 132 13.26 6.02 -46.57
N ALA D 133 13.61 6.31 -45.32
CA ALA D 133 14.87 6.96 -45.07
C ALA D 133 15.99 5.94 -45.25
N LYS D 134 15.79 4.76 -44.67
CA LYS D 134 16.78 3.69 -44.77
C LYS D 134 16.94 3.29 -46.22
N PHE D 135 15.85 2.87 -46.83
CA PHE D 135 15.86 2.45 -48.22
C PHE D 135 16.48 3.48 -49.16
N GLY D 136 16.32 4.76 -48.81
CA GLY D 136 16.87 5.81 -49.63
C GLY D 136 18.38 5.74 -49.71
N LYS D 137 19.04 5.87 -48.57
CA LYS D 137 20.50 5.84 -48.51
C LYS D 137 21.08 4.56 -49.08
N GLU D 138 20.49 3.41 -48.76
CA GLU D 138 21.01 2.15 -49.24
C GLU D 138 20.76 1.89 -50.73
N ASN D 139 20.29 2.91 -51.44
CA ASN D 139 20.02 2.78 -52.87
C ASN D 139 20.31 4.07 -53.62
N LEU D 140 20.85 5.06 -52.92
CA LEU D 140 21.13 6.37 -53.51
C LEU D 140 19.94 6.71 -54.42
N MET D 141 18.79 6.90 -53.79
CA MET D 141 17.56 7.21 -54.50
C MET D 141 16.68 8.06 -53.56
N THR D 142 16.17 9.17 -54.08
CA THR D 142 15.35 10.07 -53.27
C THR D 142 13.93 10.19 -53.79
N ARG D 143 13.22 11.20 -53.39
CA ARG D 143 11.84 11.46 -53.89
C ARG D 143 11.04 10.26 -54.27
N PHE D 144 10.19 9.89 -53.39
CA PHE D 144 9.40 8.75 -53.61
C PHE D 144 7.95 9.24 -53.63
N ILE D 145 6.97 8.53 -54.13
CA ILE D 145 5.59 9.05 -54.01
C ILE D 145 4.64 7.91 -53.75
N GLU D 146 3.44 8.24 -53.28
CA GLU D 146 2.42 7.24 -53.03
C GLU D 146 1.07 7.89 -53.29
N GLU D 147 0.10 7.12 -53.76
CA GLU D 147 -1.20 7.70 -54.05
C GLU D 147 -2.40 7.08 -53.34
N PRO D 148 -3.09 7.89 -52.53
CA PRO D 148 -4.28 7.53 -51.75
C PRO D 148 -5.33 6.79 -52.57
N ARG D 149 -4.97 5.59 -53.02
CA ARG D 149 -5.83 4.73 -53.82
C ARG D 149 -6.92 5.46 -54.59
N GLU D 150 -6.52 6.50 -55.33
CA GLU D 150 -7.44 7.29 -56.13
C GLU D 150 -8.77 7.51 -55.42
N ILE D 159 0.60 1.41 -67.60
CA ILE D 159 1.98 1.85 -67.40
C ILE D 159 2.04 3.37 -67.53
N ASP D 160 0.86 3.99 -67.48
CA ASP D 160 0.74 5.45 -67.62
C ASP D 160 0.99 6.19 -66.30
N PHE D 161 2.18 6.77 -66.17
CA PHE D 161 2.55 7.50 -64.96
C PHE D 161 2.81 8.99 -65.18
N LYS D 162 1.74 9.74 -65.43
CA LYS D 162 1.80 11.18 -65.64
C LYS D 162 0.44 11.77 -65.30
N ARG D 163 0.15 11.93 -64.02
CA ARG D 163 -1.15 12.46 -63.60
C ARG D 163 -1.44 13.85 -64.15
N GLY D 164 -2.66 14.03 -64.63
CA GLY D 164 -3.07 15.30 -65.18
C GLY D 164 -4.47 15.71 -64.76
N ARG D 165 -5.37 15.83 -65.73
CA ARG D 165 -6.75 16.23 -65.48
C ARG D 165 -7.61 15.08 -64.99
N ASP D 166 -7.54 13.97 -65.70
CA ASP D 166 -8.32 12.78 -65.38
C ASP D 166 -8.01 12.28 -63.97
N THR D 167 -6.94 12.81 -63.40
CA THR D 167 -6.52 12.41 -62.06
C THR D 167 -7.08 13.34 -61.00
N GLY D 168 -7.54 14.46 -61.43
CA GLY D 168 -7.98 15.48 -60.52
C GLY D 168 -8.55 15.15 -59.16
N GLY D 169 -8.02 15.71 -58.08
CA GLY D 169 -8.87 15.56 -56.85
C GLY D 169 -8.33 15.10 -55.53
N PHE D 170 -7.86 13.92 -55.56
CA PHE D 170 -7.25 13.37 -54.46
C PHE D 170 -5.91 14.02 -54.35
N HIS D 171 -5.13 13.75 -53.35
CA HIS D 171 -3.80 14.33 -53.40
C HIS D 171 -2.80 13.20 -53.49
N ARG D 172 -1.53 13.49 -53.36
CA ARG D 172 -0.52 12.42 -53.45
C ARG D 172 0.66 12.75 -52.52
N ARG D 173 1.02 11.82 -51.64
CA ARG D 173 2.11 12.03 -50.70
C ARG D 173 3.48 12.04 -51.40
N GLU D 174 4.30 13.04 -51.09
CA GLU D 174 5.63 13.19 -51.70
C GLU D 174 6.73 13.17 -50.65
N TYR D 175 7.82 12.45 -50.93
CA TYR D 175 8.95 12.40 -49.99
C TYR D 175 10.23 12.96 -50.60
N SER D 176 11.15 13.42 -49.76
CA SER D 176 12.41 14.00 -50.22
C SER D 176 13.47 13.62 -49.18
N ILE D 177 14.52 12.93 -49.61
CA ILE D 177 15.53 12.48 -48.66
C ILE D 177 16.98 12.96 -48.89
N GLY D 178 17.69 13.14 -47.78
CA GLY D 178 19.09 13.57 -47.83
C GLY D 178 19.95 12.75 -46.87
N TRP D 179 21.27 12.72 -47.10
CA TRP D 179 22.18 11.95 -46.26
C TRP D 179 23.34 12.78 -45.74
N VAL D 180 23.81 12.43 -44.54
CA VAL D 180 24.93 13.12 -43.91
C VAL D 180 25.66 12.11 -43.01
N GLY D 181 26.29 11.12 -43.66
CA GLY D 181 26.94 10.06 -42.99
C GLY D 181 25.82 9.05 -42.78
N ASP D 182 25.43 8.91 -41.52
CA ASP D 182 24.41 8.01 -41.00
C ASP D 182 23.12 8.73 -40.74
N GLU D 183 23.24 10.04 -40.60
CA GLU D 183 22.16 10.95 -40.36
C GLU D 183 21.35 11.19 -41.64
N VAL D 184 20.09 10.76 -41.66
CA VAL D 184 19.21 10.92 -42.82
C VAL D 184 18.03 11.82 -42.49
N LYS D 185 17.57 12.61 -43.46
CA LYS D 185 16.42 13.49 -43.24
C LYS D 185 15.39 13.29 -44.34
N VAL D 186 14.12 13.30 -43.97
CA VAL D 186 13.05 13.12 -44.93
C VAL D 186 11.95 14.15 -44.74
N THR D 187 11.36 14.60 -45.85
CA THR D 187 10.28 15.58 -45.83
C THR D 187 9.10 15.10 -46.66
N GLU D 188 7.91 15.14 -46.10
CA GLU D 188 6.73 14.70 -46.84
C GLU D 188 5.67 15.79 -46.89
N TRP D 189 4.77 15.70 -47.86
CA TRP D 189 3.71 16.68 -48.03
C TRP D 189 2.73 16.25 -49.11
N CYS D 190 1.87 16.70 -49.30
CA CYS D 190 0.66 16.52 -50.11
C CYS D 190 0.65 17.67 -51.11
N ASN D 191 0.33 16.89 -52.47
CA ASN D 191 0.60 17.56 -53.73
C ASN D 191 -0.60 17.25 -54.62
N PRO D 192 -1.21 18.30 -55.15
CA PRO D 192 -2.44 18.08 -55.91
C PRO D 192 -2.50 16.88 -56.89
N SER D 193 -3.18 15.81 -56.52
CA SER D 193 -3.25 14.61 -57.36
C SER D 193 -3.28 14.86 -58.86
N CYS D 194 -3.50 16.13 -59.19
CA CYS D 194 -3.57 16.59 -60.56
C CYS D 194 -2.23 17.16 -61.11
N SER D 195 -1.30 17.43 -60.21
CA SER D 195 -0.01 18.00 -60.57
C SER D 195 1.03 17.02 -61.10
N PRO D 196 2.13 17.58 -61.71
CA PRO D 196 3.25 16.84 -62.33
C PRO D 196 4.11 16.06 -61.35
N ILE D 197 4.68 14.95 -61.83
CA ILE D 197 5.54 14.11 -61.02
C ILE D 197 6.99 14.45 -61.32
N THR D 198 7.44 15.59 -60.83
CA THR D 198 8.80 16.05 -61.06
C THR D 198 9.86 15.33 -60.25
N ALA D 199 11.04 15.16 -60.85
CA ALA D 199 12.15 14.49 -60.19
C ALA D 199 12.68 15.42 -59.10
N ALA D 200 12.30 16.69 -59.17
CA ALA D 200 12.73 17.65 -58.18
C ALA D 200 11.57 17.90 -57.23
N ALA D 201 11.89 18.24 -55.98
CA ALA D 201 10.88 18.49 -54.96
C ALA D 201 10.18 19.82 -55.18
N ARG D 202 8.87 19.77 -55.39
CA ARG D 202 8.10 20.99 -55.62
C ARG D 202 6.62 20.85 -55.21
N ARG D 203 6.09 21.83 -54.47
CA ARG D 203 4.68 21.80 -54.06
C ARG D 203 3.86 22.56 -55.10
N PHE D 204 3.40 21.83 -56.11
CA PHE D 204 2.64 22.44 -57.18
C PHE D 204 1.29 22.96 -56.76
N GLU D 205 0.75 23.84 -57.59
CA GLU D 205 -0.57 24.39 -57.35
C GLU D 205 -1.51 23.46 -58.08
N CYS D 206 -2.75 23.40 -57.64
CA CYS D 206 -3.71 22.54 -58.30
C CYS D 206 -4.35 23.24 -59.49
N THR D 207 -4.10 22.68 -60.68
CA THR D 207 -4.65 23.18 -61.94
C THR D 207 -5.92 22.37 -62.33
N CYS D 208 -6.55 21.75 -61.34
CA CYS D 208 -7.77 20.96 -61.49
C CYS D 208 -8.71 21.36 -60.38
N HIS D 209 -9.62 22.30 -60.69
CA HIS D 209 -10.55 22.80 -59.68
C HIS D 209 -11.17 21.75 -58.76
N GLN D 210 -10.79 20.50 -58.97
CA GLN D 210 -11.28 19.38 -58.17
C GLN D 210 -10.34 19.12 -57.00
N CYS D 211 -9.05 18.95 -57.31
CA CYS D 211 -8.04 18.67 -56.30
C CYS D 211 -8.21 19.52 -55.01
N PRO D 212 -8.57 18.86 -53.88
CA PRO D 212 -8.81 19.41 -52.53
C PRO D 212 -7.70 20.18 -51.84
N VAL D 213 -7.92 20.50 -50.56
CA VAL D 213 -6.95 21.26 -49.76
C VAL D 213 -6.29 20.44 -48.68
N THR D 214 -6.89 19.31 -48.33
CA THR D 214 -6.33 18.44 -47.29
C THR D 214 -6.49 16.96 -47.63
N CYS D 215 -5.39 16.32 -48.02
CA CYS D 215 -5.41 14.91 -48.39
C CYS D 215 -5.35 13.96 -47.18
N SER D 216 -5.96 14.39 -46.07
CA SER D 216 -6.06 13.62 -44.82
C SER D 216 -4.75 13.10 -44.18
N GLU D 217 -3.68 13.07 -44.95
CA GLU D 217 -2.39 12.59 -44.48
C GLU D 217 -1.48 13.77 -44.09
N CYS D 218 -1.70 14.93 -44.70
CA CYS D 218 -0.91 16.10 -44.38
C CYS D 218 -1.66 16.98 -43.37
N GLU D 219 -2.76 16.45 -42.83
CA GLU D 219 -3.54 17.19 -41.85
C GLU D 219 -2.64 17.32 -40.62
N ARG D 220 -1.78 16.32 -40.43
CA ARG D 220 -0.82 16.27 -39.34
C ARG D 220 0.19 17.38 -39.54
N ASP D 221 0.70 17.45 -40.77
CA ASP D 221 1.69 18.43 -41.18
C ASP D 221 1.54 19.77 -40.49
N THR D 222 2.66 20.37 -40.12
CA THR D 222 2.65 21.65 -39.45
C THR D 222 4.05 22.11 -39.11
#